data_1XLT
#
_entry.id   1XLT
#
_cell.length_a   95.372
_cell.length_b   171.082
_cell.length_c   203.181
_cell.angle_alpha   90.00
_cell.angle_beta   90.00
_cell.angle_gamma   90.00
#
_symmetry.space_group_name_H-M   'P 21 21 21'
#
loop_
_entity.id
_entity.type
_entity.pdbx_description
1 polymer 'NAD(P) transhydrogenase subunit alpha part 1'
2 polymer 'NAD(P) transhydrogenase subunit beta'
3 branched beta-D-fructofuranose-(2-1)-alpha-D-glucopyranose
4 non-polymer NICOTINAMIDE-ADENINE-DINUCLEOTIDE
5 non-polymer 'SODIUM ION'
6 non-polymer 'NADPH DIHYDRO-NICOTINAMIDE-ADENINE-DINUCLEOTIDE PHOSPHATE'
#
loop_
_entity_poly.entity_id
_entity_poly.type
_entity_poly.pdbx_seq_one_letter_code
_entity_poly.pdbx_strand_id
1 'polypeptide(L)'
;MKIAIPKERRPGEDRVAISPEVVKKLVGLGFEVIVEQGAGVGASITDDALTAAGATIASTAAQALSQADVVWKVQRPMTA
EEGTDEVALIKEGAVLMCHLGALTNRPVVEALTKRKITAYAMELMPRISRAQSMDILSSQSNLAGYRAVIDGAYEFARAF
PMMMTAAGTVPPARVLVFGVGVAGLQAIATAKRLGAVVMATDVRAATKEQVESLGGKFITVDDEAMKTAETAGGYAKEMG
EEFRKKQAEAVLKELVKTDIAITTALIPGKPAPVLITEEMVTKMKPGSVIIDLAVEAGGNCPLSEPGKIVVKHGVKIVGH
TNVPSRVAADASPLFAKNLLNFLTPHVDKDTKTLVMKLEDETVSGTCVTRDGAIVHPALTGQGA
;
A,B,D,E,G,H
2 'polypeptide(L)'
;RHMAGSAEDAAFIMKNASKVIIVPGYGMAVAQAQHALREMADVLKKEGVEVSYAIHPVAGRMPGHMNVLLAEANVPYDEV
FELEEINSSFQTADVAFVIGANDVTNPAAKTDPSSPIYGMPILDVEKAGTVLFIKRSMASGYAGVENELFFRNNTMMLFG
DAKKMTEQIVQAMN
;
C,F,I
#
# COMPACT_ATOMS: atom_id res chain seq x y z
N MET A 1 39.54 1.58 74.08
CA MET A 1 38.66 0.42 73.77
C MET A 1 39.13 -0.28 72.51
N LYS A 2 39.96 -1.31 72.69
CA LYS A 2 40.52 -2.05 71.57
C LYS A 2 39.61 -3.17 71.02
N ILE A 3 39.00 -2.95 69.86
CA ILE A 3 38.17 -3.98 69.26
C ILE A 3 38.99 -4.64 68.16
N ALA A 4 38.87 -5.96 68.03
CA ALA A 4 39.67 -6.68 67.04
C ALA A 4 38.96 -7.82 66.33
N ILE A 5 39.04 -7.79 65.00
CA ILE A 5 38.40 -8.82 64.21
C ILE A 5 39.48 -9.61 63.52
N PRO A 6 39.45 -10.94 63.66
CA PRO A 6 40.48 -11.73 63.00
C PRO A 6 39.94 -12.51 61.82
N LYS A 7 40.86 -13.02 61.00
CA LYS A 7 40.49 -13.81 59.85
C LYS A 7 40.06 -15.18 60.32
N GLU A 8 38.95 -15.67 59.76
CA GLU A 8 38.41 -16.98 60.09
C GLU A 8 39.34 -18.09 59.63
N ARG A 9 39.62 -19.03 60.52
CA ARG A 9 40.53 -20.13 60.24
C ARG A 9 39.86 -21.49 60.06
N ARG A 10 38.61 -21.62 60.50
CA ARG A 10 37.92 -22.89 60.34
C ARG A 10 37.79 -23.09 58.84
N PRO A 11 37.89 -24.34 58.38
CA PRO A 11 37.78 -24.61 56.94
C PRO A 11 36.40 -24.35 56.32
N GLY A 12 36.38 -23.60 55.23
CA GLY A 12 35.11 -23.34 54.57
C GLY A 12 34.35 -22.15 55.11
N GLU A 13 35.07 -21.18 55.63
CA GLU A 13 34.47 -19.96 56.17
C GLU A 13 35.13 -18.82 55.43
N ASP A 14 34.32 -18.10 54.66
CA ASP A 14 34.83 -17.00 53.88
C ASP A 14 34.35 -15.69 54.46
N ARG A 15 33.31 -15.76 55.28
CA ARG A 15 32.75 -14.60 55.92
C ARG A 15 33.67 -13.98 56.95
N VAL A 16 33.61 -12.66 57.08
CA VAL A 16 34.39 -11.94 58.08
C VAL A 16 33.38 -11.27 59.01
N ALA A 17 33.80 -10.97 60.22
CA ALA A 17 32.79 -10.33 61.14
C ALA A 17 33.04 -8.87 61.32
N ILE A 18 32.99 -8.16 60.18
CA ILE A 18 33.30 -6.73 60.10
C ILE A 18 33.03 -6.20 58.71
N SER A 19 32.64 -4.92 58.62
CA SER A 19 32.48 -4.21 57.35
C SER A 19 33.23 -2.87 57.46
N PRO A 20 33.58 -2.23 56.34
CA PRO A 20 34.25 -0.93 56.46
C PRO A 20 33.29 0.12 56.99
N GLU A 21 32.03 0.01 56.62
CA GLU A 21 31.01 0.95 57.05
C GLU A 21 30.97 0.93 58.55
N VAL A 22 31.13 -0.27 59.12
CA VAL A 22 31.10 -0.42 60.56
C VAL A 22 32.37 0.09 61.26
N VAL A 23 33.54 -0.27 60.76
CA VAL A 23 34.76 0.22 61.35
C VAL A 23 34.61 1.73 61.49
N LYS A 24 33.98 2.33 60.49
CA LYS A 24 33.76 3.77 60.44
C LYS A 24 32.84 4.19 61.59
N LYS A 25 31.92 3.31 61.95
CA LYS A 25 31.00 3.61 63.03
C LYS A 25 31.63 3.28 64.36
N LEU A 26 32.39 2.18 64.41
CA LEU A 26 33.03 1.78 65.66
C LEU A 26 34.01 2.85 66.11
N VAL A 27 34.86 3.33 65.22
CA VAL A 27 35.79 4.36 65.63
C VAL A 27 34.91 5.47 66.17
N GLY A 28 33.78 5.69 65.52
CA GLY A 28 32.87 6.73 65.97
C GLY A 28 32.57 6.56 67.45
N LEU A 29 32.11 5.37 67.83
CA LEU A 29 31.79 5.08 69.22
C LEU A 29 33.03 5.25 70.09
N GLY A 30 34.14 5.65 69.49
CA GLY A 30 35.36 5.82 70.27
C GLY A 30 36.09 4.51 70.55
N PHE A 31 36.29 3.73 69.48
CA PHE A 31 36.99 2.45 69.55
C PHE A 31 38.25 2.54 68.71
N GLU A 32 39.05 1.50 68.79
CA GLU A 32 40.28 1.40 68.01
C GLU A 32 40.09 0.04 67.38
N VAL A 33 39.89 0.01 66.06
CA VAL A 33 39.66 -1.23 65.35
C VAL A 33 40.91 -1.85 64.79
N ILE A 34 40.97 -3.18 64.84
CA ILE A 34 42.11 -3.93 64.34
C ILE A 34 41.67 -5.20 63.64
N VAL A 35 42.07 -5.36 62.38
CA VAL A 35 41.74 -6.55 61.61
C VAL A 35 43.06 -7.13 61.13
N GLU A 36 43.12 -8.45 60.97
CA GLU A 36 44.35 -9.07 60.51
C GLU A 36 44.30 -9.24 59.00
N GLN A 37 45.40 -8.92 58.33
CA GLN A 37 45.53 -9.04 56.89
C GLN A 37 44.49 -9.91 56.18
N GLY A 38 43.84 -9.30 55.19
CA GLY A 38 42.83 -9.98 54.40
C GLY A 38 42.00 -10.95 55.20
N ALA A 39 41.31 -10.46 56.21
CA ALA A 39 40.47 -11.30 57.07
C ALA A 39 39.18 -11.57 56.34
N GLY A 40 38.82 -10.61 55.50
CA GLY A 40 37.60 -10.74 54.73
C GLY A 40 37.96 -10.64 53.28
N VAL A 41 39.19 -11.01 52.98
CA VAL A 41 39.60 -10.99 51.59
C VAL A 41 38.67 -11.95 50.85
N GLY A 42 38.00 -12.83 51.60
CA GLY A 42 37.07 -13.78 51.01
C GLY A 42 35.66 -13.20 50.93
N ALA A 43 35.48 -12.02 51.50
CA ALA A 43 34.18 -11.34 51.49
C ALA A 43 34.31 -10.09 50.63
N SER A 44 35.39 -10.06 49.86
CA SER A 44 35.65 -8.97 48.93
C SER A 44 35.89 -7.66 49.66
N ILE A 45 36.28 -7.76 50.94
CA ILE A 45 36.59 -6.61 51.76
C ILE A 45 38.11 -6.55 51.75
N THR A 46 38.64 -5.52 51.10
CA THR A 46 40.08 -5.33 50.98
C THR A 46 40.62 -4.61 52.21
N ASP A 47 41.86 -4.93 52.58
CA ASP A 47 42.49 -4.35 53.75
C ASP A 47 42.53 -2.85 53.69
N ASP A 48 42.84 -2.35 52.49
CA ASP A 48 42.91 -0.88 52.39
C ASP A 48 41.48 -0.29 52.28
N ALA A 49 40.51 -1.14 52.15
CA ALA A 49 39.06 -0.80 52.35
C ALA A 49 38.82 -0.46 53.84
N LEU A 50 39.53 -1.16 54.74
CA LEU A 50 39.43 -0.97 56.18
C LEU A 50 40.37 0.08 56.75
N THR A 51 41.58 0.18 56.18
CA THR A 51 42.54 1.17 56.66
C THR A 51 41.96 2.55 56.39
N ALA A 52 41.05 2.60 55.41
CA ALA A 52 40.40 3.84 55.00
C ALA A 52 39.26 4.19 55.93
N ALA A 53 38.66 3.16 56.51
CA ALA A 53 37.57 3.36 57.43
C ALA A 53 38.18 3.75 58.76
N GLY A 54 39.44 3.37 58.98
CA GLY A 54 40.13 3.72 60.21
C GLY A 54 40.74 2.57 61.00
N ALA A 55 40.34 1.35 60.70
CA ALA A 55 40.86 0.18 61.40
C ALA A 55 42.33 -0.03 61.07
N THR A 56 43.06 -0.62 62.01
CA THR A 56 44.47 -0.88 61.84
C THR A 56 44.69 -2.32 61.42
N ILE A 57 45.66 -2.55 60.54
CA ILE A 57 45.91 -3.91 60.11
C ILE A 57 47.07 -4.55 60.83
N ALA A 58 46.87 -5.80 61.23
CA ALA A 58 47.86 -6.58 61.96
C ALA A 58 48.34 -7.77 61.13
N SER A 59 49.65 -7.94 61.06
CA SER A 59 50.24 -9.04 60.30
C SER A 59 49.70 -10.41 60.70
N THR A 60 49.36 -10.59 61.96
CA THR A 60 48.88 -11.89 62.41
C THR A 60 47.71 -11.81 63.37
N ALA A 61 46.96 -12.90 63.46
CA ALA A 61 45.81 -12.95 64.36
C ALA A 61 46.34 -12.74 65.75
N ALA A 62 47.30 -13.57 66.12
CA ALA A 62 47.93 -13.53 67.41
C ALA A 62 48.22 -12.09 67.84
N GLN A 63 48.60 -11.24 66.89
CA GLN A 63 48.90 -9.85 67.18
C GLN A 63 47.64 -8.98 67.18
N ALA A 64 46.71 -9.31 66.30
CA ALA A 64 45.48 -8.53 66.19
C ALA A 64 44.47 -8.95 67.25
N LEU A 65 44.94 -9.62 68.30
CA LEU A 65 44.05 -10.05 69.38
C LEU A 65 44.69 -9.79 70.72
N SER A 66 46.02 -9.70 70.72
CA SER A 66 46.81 -9.49 71.93
C SER A 66 46.24 -8.47 72.93
N GLN A 67 46.08 -7.23 72.50
CA GLN A 67 45.58 -6.18 73.36
C GLN A 67 44.13 -5.78 73.06
N ALA A 68 43.26 -6.75 72.78
CA ALA A 68 41.87 -6.43 72.46
C ALA A 68 40.90 -6.75 73.60
N ASP A 69 40.10 -5.74 73.98
CA ASP A 69 39.12 -5.85 75.07
C ASP A 69 37.84 -6.56 74.64
N VAL A 70 37.42 -6.29 73.41
CA VAL A 70 36.26 -6.95 72.83
C VAL A 70 36.85 -7.63 71.58
N VAL A 71 36.27 -8.76 71.20
CA VAL A 71 36.74 -9.51 70.05
C VAL A 71 35.56 -10.01 69.24
N TRP A 72 35.51 -9.58 67.98
CA TRP A 72 34.43 -9.94 67.05
C TRP A 72 34.82 -11.05 66.06
N LYS A 73 34.05 -12.12 66.06
CA LYS A 73 34.32 -13.23 65.16
C LYS A 73 33.03 -13.82 64.60
N VAL A 74 33.17 -14.60 63.54
CA VAL A 74 32.01 -15.21 62.91
C VAL A 74 31.72 -16.56 63.55
N GLN A 75 32.71 -17.46 63.52
CA GLN A 75 32.55 -18.77 64.11
C GLN A 75 33.36 -19.00 65.39
N ARG A 76 32.84 -19.91 66.21
CA ARG A 76 33.45 -20.25 67.48
C ARG A 76 34.93 -20.56 67.32
N PRO A 77 35.80 -19.95 68.14
CA PRO A 77 37.25 -20.08 68.17
C PRO A 77 37.74 -21.51 68.16
N MET A 78 38.99 -21.70 67.79
CA MET A 78 39.56 -23.05 67.76
C MET A 78 40.24 -23.32 69.09
N THR A 79 39.93 -24.48 69.66
CA THR A 79 40.52 -24.88 70.92
C THR A 79 41.91 -25.49 70.68
N ALA A 80 42.68 -25.66 71.74
CA ALA A 80 44.02 -26.24 71.61
C ALA A 80 43.87 -27.70 71.23
N GLU A 81 42.68 -28.24 71.47
CA GLU A 81 42.43 -29.62 71.12
C GLU A 81 42.50 -29.62 69.60
N GLU A 82 41.40 -29.17 68.99
CA GLU A 82 41.22 -29.09 67.54
C GLU A 82 42.47 -28.92 66.67
N GLY A 83 43.40 -28.07 67.08
CA GLY A 83 44.59 -27.86 66.28
C GLY A 83 45.36 -26.66 66.77
N THR A 84 44.99 -25.48 66.30
CA THR A 84 45.65 -24.26 66.77
C THR A 84 44.69 -23.69 67.83
N ASP A 85 45.23 -23.35 68.99
CA ASP A 85 44.42 -22.82 70.10
C ASP A 85 44.21 -21.32 70.00
N GLU A 86 43.06 -20.93 69.47
CA GLU A 86 42.76 -19.52 69.31
C GLU A 86 42.44 -18.85 70.63
N VAL A 87 41.63 -19.53 71.45
CA VAL A 87 41.27 -18.98 72.75
C VAL A 87 42.44 -18.30 73.44
N ALA A 88 43.61 -18.94 73.42
CA ALA A 88 44.80 -18.43 74.07
C ALA A 88 45.28 -17.13 73.50
N LEU A 89 44.62 -16.64 72.46
CA LEU A 89 45.05 -15.39 71.86
C LEU A 89 44.26 -14.23 72.42
N ILE A 90 43.04 -14.52 72.87
CA ILE A 90 42.19 -13.48 73.45
C ILE A 90 42.71 -13.13 74.84
N LYS A 91 42.89 -11.84 75.08
CA LYS A 91 43.36 -11.35 76.38
C LYS A 91 42.50 -11.90 77.52
N GLU A 92 43.15 -12.54 78.49
CA GLU A 92 42.45 -13.11 79.65
C GLU A 92 41.46 -12.04 80.09
N GLY A 93 40.24 -12.47 80.40
CA GLY A 93 39.24 -11.50 80.80
C GLY A 93 39.10 -10.48 79.68
N ALA A 94 38.17 -10.76 78.77
CA ALA A 94 37.90 -9.90 77.61
C ALA A 94 36.57 -10.34 77.06
N VAL A 95 36.07 -9.61 76.07
CA VAL A 95 34.78 -9.91 75.48
C VAL A 95 34.86 -10.60 74.13
N LEU A 96 34.04 -11.63 73.95
CA LEU A 96 34.00 -12.39 72.72
C LEU A 96 32.57 -12.41 72.22
N MET A 97 32.38 -11.92 71.00
CA MET A 97 31.06 -11.91 70.38
C MET A 97 31.19 -12.68 69.10
N CYS A 98 30.35 -13.69 68.92
CA CYS A 98 30.40 -14.50 67.71
C CYS A 98 29.40 -15.61 67.79
N HIS A 99 29.27 -16.38 66.71
CA HIS A 99 28.35 -17.51 66.70
C HIS A 99 29.11 -18.66 67.36
N LEU A 100 28.96 -18.73 68.68
CA LEU A 100 29.59 -19.73 69.54
C LEU A 100 29.16 -21.17 69.29
N GLY A 101 27.90 -21.35 68.95
CA GLY A 101 27.40 -22.70 68.75
C GLY A 101 27.58 -23.32 70.11
N ALA A 102 27.30 -22.52 71.12
CA ALA A 102 27.42 -22.91 72.52
C ALA A 102 26.58 -24.08 72.99
N LEU A 103 25.29 -24.08 72.68
CA LEU A 103 24.40 -25.16 73.12
C LEU A 103 24.81 -26.57 72.71
N THR A 104 25.92 -26.70 71.99
CA THR A 104 26.37 -28.01 71.55
C THR A 104 27.88 -28.04 71.37
N ASN A 105 28.57 -27.28 72.21
CA ASN A 105 30.02 -27.19 72.15
C ASN A 105 30.68 -26.77 73.44
N ARG A 106 30.37 -27.49 74.52
CA ARG A 106 30.96 -27.20 75.82
C ARG A 106 32.47 -27.00 75.71
N PRO A 107 33.17 -27.94 75.07
CA PRO A 107 34.62 -27.84 74.92
C PRO A 107 35.11 -26.44 74.66
N VAL A 108 34.33 -25.67 73.91
CA VAL A 108 34.74 -24.29 73.63
C VAL A 108 34.34 -23.38 74.80
N VAL A 109 33.18 -23.68 75.39
CA VAL A 109 32.67 -22.91 76.52
C VAL A 109 33.61 -23.05 77.72
N GLU A 110 34.00 -24.29 78.02
CA GLU A 110 34.91 -24.58 79.12
C GLU A 110 36.24 -23.86 78.88
N ALA A 111 36.91 -24.20 77.77
CA ALA A 111 38.22 -23.63 77.41
C ALA A 111 38.28 -22.11 77.37
N LEU A 112 37.11 -21.48 77.26
CA LEU A 112 36.98 -20.03 77.22
C LEU A 112 36.90 -19.55 78.66
N THR A 113 35.93 -20.11 79.37
CA THR A 113 35.71 -19.81 80.78
C THR A 113 37.05 -19.65 81.52
N LYS A 114 37.83 -20.72 81.50
CA LYS A 114 39.13 -20.74 82.15
C LYS A 114 40.02 -19.53 81.87
N ARG A 115 39.67 -18.72 80.87
CA ARG A 115 40.47 -17.54 80.57
C ARG A 115 39.82 -16.30 81.13
N LYS A 116 38.71 -16.48 81.84
CA LYS A 116 37.98 -15.35 82.41
C LYS A 116 37.39 -14.57 81.23
N ILE A 117 37.20 -15.28 80.12
CA ILE A 117 36.64 -14.70 78.92
C ILE A 117 35.13 -14.70 79.01
N THR A 118 34.52 -13.52 78.85
CA THR A 118 33.08 -13.41 78.89
C THR A 118 32.67 -13.57 77.43
N ALA A 119 31.89 -14.59 77.14
CA ALA A 119 31.51 -14.82 75.75
C ALA A 119 30.02 -14.81 75.54
N TYR A 120 29.58 -14.00 74.58
CA TYR A 120 28.17 -13.89 74.23
C TYR A 120 27.91 -14.72 72.98
N ALA A 121 27.00 -15.70 73.08
CA ALA A 121 26.66 -16.55 71.96
C ALA A 121 25.52 -15.97 71.13
N MET A 122 25.90 -15.14 70.15
CA MET A 122 24.99 -14.45 69.25
C MET A 122 23.82 -15.27 68.71
N GLU A 123 24.02 -16.56 68.49
CA GLU A 123 22.95 -17.40 67.96
C GLU A 123 21.88 -17.59 69.01
N LEU A 124 22.08 -16.93 70.16
CA LEU A 124 21.15 -17.03 71.27
C LEU A 124 20.41 -15.73 71.59
N MET A 125 20.40 -14.79 70.65
CA MET A 125 19.70 -13.53 70.83
C MET A 125 18.24 -13.91 71.02
N PRO A 126 17.58 -13.34 72.03
CA PRO A 126 16.17 -13.69 72.23
C PRO A 126 15.25 -13.19 71.11
N ARG A 127 14.30 -14.03 70.73
CA ARG A 127 13.34 -13.71 69.67
C ARG A 127 12.41 -12.55 69.98
N ILE A 128 12.98 -11.39 70.27
CA ILE A 128 12.13 -10.25 70.57
C ILE A 128 12.18 -9.15 69.51
N SER A 129 11.00 -8.64 69.19
CA SER A 129 10.78 -7.61 68.21
C SER A 129 11.84 -6.54 68.13
N ARG A 130 12.45 -6.20 69.27
CA ARG A 130 13.46 -5.16 69.30
C ARG A 130 14.89 -5.66 69.07
N ALA A 131 15.06 -6.96 69.08
CA ALA A 131 16.37 -7.60 68.92
C ALA A 131 16.75 -7.95 67.49
N GLN A 132 15.79 -7.96 66.61
CA GLN A 132 15.88 -8.18 65.19
C GLN A 132 17.04 -7.55 64.48
N SER A 133 17.39 -6.32 64.73
CA SER A 133 18.57 -5.73 64.07
C SER A 133 19.87 -6.27 64.59
N MET A 134 19.82 -7.31 65.38
CA MET A 134 21.04 -7.87 65.97
C MET A 134 21.03 -9.39 65.90
N ASP A 135 20.04 -9.94 65.22
CA ASP A 135 19.97 -11.39 65.13
C ASP A 135 20.77 -11.88 63.96
N ILE A 136 21.87 -12.59 64.22
CA ILE A 136 22.66 -13.09 63.12
C ILE A 136 21.89 -14.19 62.39
N LEU A 137 21.25 -15.08 63.14
CA LEU A 137 20.50 -16.18 62.55
C LEU A 137 19.65 -15.79 61.37
N SER A 138 18.84 -14.74 61.55
CA SER A 138 17.97 -14.27 60.48
C SER A 138 18.75 -13.58 59.37
N SER A 139 19.63 -12.67 59.73
CA SER A 139 20.40 -11.95 58.73
C SER A 139 21.43 -12.88 58.12
N GLN A 140 21.06 -14.13 57.92
CA GLN A 140 21.97 -15.11 57.33
C GLN A 140 21.09 -16.19 56.76
N SER A 141 20.18 -16.71 57.57
CA SER A 141 19.30 -17.73 57.06
C SER A 141 18.41 -17.08 56.00
N ASN A 142 18.67 -15.80 55.71
CA ASN A 142 17.90 -15.09 54.69
C ASN A 142 18.69 -15.25 53.40
N LEU A 143 19.95 -14.85 53.42
CA LEU A 143 20.80 -15.02 52.27
C LEU A 143 20.82 -16.51 51.91
N ALA A 144 20.60 -17.35 52.90
CA ALA A 144 20.59 -18.79 52.68
C ALA A 144 19.39 -19.26 51.88
N GLY A 145 18.25 -18.62 52.09
CA GLY A 145 17.04 -19.02 51.38
C GLY A 145 17.16 -18.56 49.94
N TYR A 146 18.00 -17.54 49.76
CA TYR A 146 18.27 -17.00 48.45
C TYR A 146 19.14 -18.02 47.73
N ARG A 147 20.32 -18.24 48.28
CA ARG A 147 21.26 -19.18 47.71
C ARG A 147 20.64 -20.54 47.48
N ALA A 148 19.75 -20.98 48.37
CA ALA A 148 19.13 -22.28 48.18
C ALA A 148 18.66 -22.34 46.76
N VAL A 149 17.78 -21.42 46.39
CA VAL A 149 17.23 -21.32 45.04
C VAL A 149 18.34 -21.25 43.97
N ILE A 150 19.32 -20.38 44.14
CA ILE A 150 20.42 -20.31 43.18
C ILE A 150 21.14 -21.66 42.97
N ASP A 151 21.61 -22.30 44.02
CA ASP A 151 22.29 -23.59 43.87
C ASP A 151 21.28 -24.61 43.39
N GLY A 152 20.00 -24.33 43.64
CA GLY A 152 18.95 -25.23 43.21
C GLY A 152 18.82 -25.21 41.70
N ALA A 153 18.90 -24.03 41.12
CA ALA A 153 18.77 -23.87 39.69
C ALA A 153 20.06 -24.26 38.98
N TYR A 154 21.18 -24.02 39.63
CA TYR A 154 22.45 -24.36 39.04
C TYR A 154 22.61 -25.85 38.83
N GLU A 155 21.99 -26.67 39.67
CA GLU A 155 22.10 -28.14 39.54
C GLU A 155 20.91 -28.68 38.78
N PHE A 156 20.03 -27.80 38.36
CA PHE A 156 18.82 -28.22 37.67
C PHE A 156 19.13 -28.22 36.20
N ALA A 157 18.65 -29.25 35.50
CA ALA A 157 18.92 -29.39 34.07
C ALA A 157 17.94 -28.69 33.14
N ARG A 158 16.98 -27.97 33.71
CA ARG A 158 15.99 -27.26 32.91
C ARG A 158 16.07 -25.77 33.20
N ALA A 159 15.13 -25.01 32.68
CA ALA A 159 15.10 -23.58 32.93
C ALA A 159 13.89 -23.34 33.83
N PHE A 160 14.01 -22.33 34.68
CA PHE A 160 12.96 -22.01 35.63
C PHE A 160 11.65 -21.39 35.11
N PRO A 161 11.74 -20.27 34.36
CA PRO A 161 10.55 -19.60 33.83
C PRO A 161 9.79 -20.25 32.71
N MET A 162 8.58 -19.76 32.49
CA MET A 162 7.76 -20.26 31.39
C MET A 162 8.14 -19.37 30.20
N MET A 163 8.37 -19.99 29.04
CA MET A 163 8.70 -19.25 27.81
C MET A 163 7.94 -19.85 26.65
N MET A 164 7.12 -19.04 25.99
CA MET A 164 6.39 -19.53 24.83
C MET A 164 7.29 -19.18 23.65
N THR A 165 7.86 -20.22 23.03
CA THR A 165 8.81 -20.06 21.92
C THR A 165 8.39 -20.71 20.59
N ALA A 166 9.12 -20.35 19.53
CA ALA A 166 8.84 -20.88 18.19
C ALA A 166 9.06 -22.37 18.11
N ALA A 167 9.88 -22.88 19.02
CA ALA A 167 10.20 -24.29 19.08
C ALA A 167 9.32 -25.04 20.09
N GLY A 168 8.27 -24.38 20.56
CA GLY A 168 7.38 -24.99 21.54
C GLY A 168 7.43 -24.15 22.80
N THR A 169 6.62 -24.52 23.80
CA THR A 169 6.60 -23.78 25.04
C THR A 169 7.34 -24.44 26.20
N VAL A 170 8.40 -23.80 26.70
CA VAL A 170 9.17 -24.36 27.83
C VAL A 170 8.45 -24.04 29.14
N PRO A 171 8.04 -25.10 29.88
CA PRO A 171 7.33 -24.87 31.13
C PRO A 171 8.23 -24.52 32.29
N PRO A 172 7.62 -23.93 33.32
CA PRO A 172 8.24 -23.49 34.56
C PRO A 172 8.58 -24.62 35.52
N ALA A 173 9.57 -24.35 36.37
CA ALA A 173 9.97 -25.33 37.36
C ALA A 173 8.87 -25.23 38.38
N ARG A 174 8.87 -26.15 39.31
CA ARG A 174 7.85 -26.14 40.33
C ARG A 174 8.55 -26.43 41.63
N VAL A 175 8.85 -25.38 42.37
CA VAL A 175 9.53 -25.54 43.64
C VAL A 175 8.54 -25.95 44.70
N LEU A 176 9.09 -26.51 45.77
CA LEU A 176 8.31 -26.94 46.91
C LEU A 176 9.27 -26.60 48.02
N VAL A 177 8.86 -25.72 48.91
CA VAL A 177 9.72 -25.35 50.01
C VAL A 177 9.04 -25.65 51.34
N PHE A 178 9.61 -26.64 52.04
CA PHE A 178 9.15 -27.07 53.35
C PHE A 178 9.89 -26.21 54.37
N GLY A 179 9.14 -25.50 55.20
CA GLY A 179 9.75 -24.62 56.18
C GLY A 179 9.66 -23.20 55.68
N VAL A 180 8.68 -22.45 56.18
CA VAL A 180 8.51 -21.08 55.76
C VAL A 180 9.13 -20.14 56.79
N GLY A 181 10.40 -20.36 57.11
CA GLY A 181 11.07 -19.51 58.08
C GLY A 181 11.67 -18.31 57.39
N VAL A 182 12.78 -17.81 57.90
CA VAL A 182 13.40 -16.67 57.25
C VAL A 182 13.85 -17.12 55.87
N ALA A 183 14.59 -18.22 55.81
CA ALA A 183 15.09 -18.76 54.55
C ALA A 183 13.98 -19.23 53.62
N GLY A 184 13.00 -19.95 54.16
CA GLY A 184 11.92 -20.45 53.35
C GLY A 184 11.17 -19.31 52.69
N LEU A 185 11.07 -18.18 53.39
CA LEU A 185 10.38 -17.03 52.84
C LEU A 185 11.12 -16.43 51.68
N GLN A 186 12.44 -16.41 51.75
CA GLN A 186 13.25 -15.85 50.67
C GLN A 186 13.35 -16.87 49.57
N ALA A 187 13.28 -18.13 49.94
CA ALA A 187 13.35 -19.20 48.97
C ALA A 187 12.20 -18.97 48.01
N ILE A 188 11.04 -18.65 48.57
CA ILE A 188 9.87 -18.41 47.78
C ILE A 188 10.04 -17.17 46.92
N ALA A 189 10.55 -16.11 47.52
CA ALA A 189 10.75 -14.87 46.80
C ALA A 189 11.62 -15.11 45.57
N THR A 190 12.84 -15.53 45.82
CA THR A 190 13.78 -15.78 44.75
C THR A 190 13.20 -16.73 43.71
N ALA A 191 12.46 -17.72 44.17
CA ALA A 191 11.87 -18.70 43.26
C ALA A 191 10.89 -18.07 42.28
N LYS A 192 9.98 -17.25 42.77
CA LYS A 192 9.02 -16.61 41.87
C LYS A 192 9.70 -15.58 40.99
N ARG A 193 10.77 -14.96 41.49
CA ARG A 193 11.50 -13.99 40.68
C ARG A 193 11.90 -14.71 39.39
N LEU A 194 12.45 -15.91 39.53
CA LEU A 194 12.85 -16.67 38.36
C LEU A 194 11.68 -17.25 37.58
N GLY A 195 10.46 -16.82 37.87
CA GLY A 195 9.33 -17.32 37.12
C GLY A 195 8.83 -18.71 37.44
N ALA A 196 9.33 -19.33 38.50
CA ALA A 196 8.92 -20.68 38.89
C ALA A 196 7.52 -20.70 39.52
N VAL A 197 6.97 -21.89 39.74
CA VAL A 197 5.66 -22.05 40.38
C VAL A 197 5.88 -22.60 41.78
N VAL A 198 5.76 -21.74 42.78
CA VAL A 198 6.01 -22.10 44.17
C VAL A 198 4.92 -22.73 45.01
N MET A 199 5.32 -23.78 45.73
CA MET A 199 4.47 -24.56 46.62
C MET A 199 5.22 -24.56 47.95
N ALA A 200 4.51 -24.34 49.04
CA ALA A 200 5.17 -24.35 50.33
C ALA A 200 4.24 -24.96 51.37
N THR A 201 4.80 -25.32 52.51
CA THR A 201 4.02 -25.90 53.59
C THR A 201 4.73 -25.64 54.92
N ASP A 202 3.95 -25.56 56.00
CA ASP A 202 4.51 -25.30 57.32
C ASP A 202 3.54 -25.75 58.39
N VAL A 203 4.04 -25.93 59.62
CA VAL A 203 3.18 -26.32 60.72
C VAL A 203 2.51 -25.04 61.20
N ARG A 204 3.22 -23.95 61.41
CA ARG A 204 2.72 -22.86 61.91
C ARG A 204 1.99 -22.11 60.77
N ALA A 205 0.65 -22.22 60.94
CA ALA A 205 -0.23 -21.75 59.87
C ALA A 205 -0.25 -20.23 59.72
N ALA A 206 0.39 -19.52 60.65
CA ALA A 206 0.45 -18.07 60.57
C ALA A 206 1.26 -17.76 59.33
N THR A 207 1.89 -18.81 58.81
CA THR A 207 2.74 -18.75 57.62
C THR A 207 1.95 -18.50 56.35
N LYS A 208 0.94 -19.34 56.12
CA LYS A 208 0.10 -19.25 54.94
C LYS A 208 -0.13 -17.85 54.38
N GLU A 209 -0.77 -16.98 55.16
CA GLU A 209 -1.06 -15.62 54.72
C GLU A 209 0.20 -14.89 54.23
N GLN A 210 1.36 -15.47 54.49
CA GLN A 210 2.65 -14.91 54.08
C GLN A 210 3.09 -15.51 52.74
N VAL A 211 2.89 -16.81 52.61
CA VAL A 211 3.25 -17.51 51.39
C VAL A 211 2.47 -16.92 50.25
N GLU A 212 1.16 -16.83 50.43
CA GLU A 212 0.27 -16.29 49.42
C GLU A 212 0.59 -14.84 49.09
N SER A 213 1.15 -14.12 50.05
CA SER A 213 1.49 -12.71 49.84
C SER A 213 2.73 -12.48 48.97
N LEU A 214 3.53 -13.52 48.79
CA LEU A 214 4.73 -13.43 47.95
C LEU A 214 4.36 -14.03 46.60
N GLY A 215 3.28 -14.82 46.58
CA GLY A 215 2.83 -15.39 45.33
C GLY A 215 2.61 -16.88 45.28
N GLY A 216 3.17 -17.62 46.22
CA GLY A 216 3.01 -19.06 46.21
C GLY A 216 1.66 -19.56 46.71
N LYS A 217 1.56 -20.89 46.83
CA LYS A 217 0.34 -21.54 47.29
C LYS A 217 0.64 -22.47 48.45
N PHE A 218 -0.26 -22.49 49.44
CA PHE A 218 -0.11 -23.33 50.62
C PHE A 218 -0.79 -24.68 50.45
N ILE A 219 -0.04 -25.76 50.65
CA ILE A 219 -0.60 -27.11 50.52
C ILE A 219 -1.64 -27.36 51.61
N THR A 220 -2.92 -27.29 51.24
CA THR A 220 -4.02 -27.46 52.20
C THR A 220 -4.92 -28.71 52.12
N VAL A 221 -5.87 -28.75 53.07
CA VAL A 221 -6.85 -29.83 53.20
C VAL A 221 -8.07 -29.58 52.32
N ASP A 222 -8.89 -30.62 52.16
CA ASP A 222 -10.09 -30.51 51.34
C ASP A 222 -11.35 -30.54 52.20
N ASP A 223 -11.70 -29.40 52.78
CA ASP A 223 -12.88 -29.30 53.64
C ASP A 223 -13.10 -27.88 54.16
N GLU A 242 -4.19 -38.69 62.37
CA GLU A 242 -5.54 -38.81 61.73
C GLU A 242 -5.61 -37.83 60.53
N PHE A 243 -5.98 -36.59 60.81
CA PHE A 243 -6.07 -35.55 59.78
C PHE A 243 -4.61 -35.20 59.51
N ARG A 244 -3.76 -35.60 60.44
CA ARG A 244 -2.31 -35.40 60.39
C ARG A 244 -1.76 -35.94 59.08
N LYS A 245 -2.19 -37.13 58.70
CA LYS A 245 -1.70 -37.73 57.46
C LYS A 245 -2.56 -37.44 56.24
N LYS A 246 -3.79 -36.99 56.43
CA LYS A 246 -4.62 -36.66 55.27
C LYS A 246 -3.90 -35.48 54.61
N GLN A 247 -3.16 -34.75 55.44
CA GLN A 247 -2.37 -33.59 55.02
C GLN A 247 -1.06 -34.08 54.39
N ALA A 248 -0.24 -34.76 55.18
CA ALA A 248 1.04 -35.28 54.71
C ALA A 248 0.92 -36.00 53.36
N GLU A 249 -0.23 -36.61 53.11
CA GLU A 249 -0.47 -37.31 51.85
C GLU A 249 -0.48 -36.39 50.65
N ALA A 250 -1.23 -35.30 50.77
CA ALA A 250 -1.32 -34.31 49.70
C ALA A 250 0.07 -33.79 49.33
N VAL A 251 0.90 -33.57 50.35
CA VAL A 251 2.25 -33.09 50.14
C VAL A 251 2.92 -33.93 49.04
N LEU A 252 2.65 -35.23 49.04
CA LEU A 252 3.21 -36.13 48.03
C LEU A 252 2.55 -35.86 46.69
N LYS A 253 1.25 -35.61 46.72
CA LYS A 253 0.51 -35.33 45.50
C LYS A 253 1.19 -34.19 44.76
N GLU A 254 1.97 -33.39 45.48
CA GLU A 254 2.69 -32.27 44.89
C GLU A 254 4.18 -32.51 44.67
N LEU A 255 4.79 -33.40 45.46
CA LEU A 255 6.21 -33.68 45.32
C LEU A 255 6.52 -34.53 44.08
N VAL A 256 5.49 -35.10 43.47
CA VAL A 256 5.69 -35.90 42.27
C VAL A 256 5.84 -34.97 41.08
N LYS A 257 5.19 -33.80 41.21
CA LYS A 257 5.19 -32.75 40.19
C LYS A 257 6.38 -31.81 40.38
N THR A 258 6.88 -31.75 41.61
CA THR A 258 7.97 -30.86 41.96
C THR A 258 9.27 -31.11 41.22
N ASP A 259 9.99 -30.01 40.97
CA ASP A 259 11.29 -30.01 40.29
C ASP A 259 12.41 -29.69 41.26
N ILE A 260 12.08 -28.93 42.28
CA ILE A 260 13.05 -28.55 43.28
C ILE A 260 12.34 -28.49 44.61
N ALA A 261 12.94 -29.13 45.61
CA ALA A 261 12.40 -29.15 46.96
C ALA A 261 13.40 -28.45 47.85
N ILE A 262 12.97 -27.37 48.49
CA ILE A 262 13.83 -26.62 49.41
C ILE A 262 13.36 -26.89 50.83
N THR A 263 14.20 -27.51 51.65
CA THR A 263 13.83 -27.80 53.04
C THR A 263 14.62 -26.94 54.00
N THR A 264 13.91 -26.31 54.93
CA THR A 264 14.49 -25.43 55.91
C THR A 264 13.95 -25.59 57.32
N ALA A 265 13.17 -26.66 57.53
CA ALA A 265 12.57 -26.93 58.83
C ALA A 265 13.57 -27.25 59.93
N LEU A 266 13.59 -26.40 60.94
CA LEU A 266 14.47 -26.61 62.07
C LEU A 266 13.69 -26.66 63.37
N ILE A 267 14.40 -26.92 64.44
CA ILE A 267 13.85 -27.00 65.78
C ILE A 267 15.02 -26.69 66.70
N PRO A 268 14.87 -25.64 67.53
CA PRO A 268 15.96 -25.26 68.45
C PRO A 268 16.31 -26.37 69.42
N GLY A 269 17.60 -26.67 69.52
CA GLY A 269 18.01 -27.71 70.44
C GLY A 269 18.84 -28.85 69.89
N LYS A 270 18.24 -29.72 69.07
CA LYS A 270 19.02 -30.86 68.58
C LYS A 270 18.85 -31.35 67.12
N PRO A 271 18.14 -32.49 66.88
CA PRO A 271 18.00 -33.00 65.51
C PRO A 271 17.01 -32.25 64.62
N ALA A 272 17.28 -32.23 63.31
CA ALA A 272 16.38 -31.57 62.37
C ALA A 272 15.28 -32.55 62.00
N PRO A 273 14.02 -32.10 61.98
CA PRO A 273 12.92 -32.99 61.63
C PRO A 273 13.10 -33.57 60.23
N VAL A 274 12.38 -34.64 59.93
CA VAL A 274 12.47 -35.24 58.61
C VAL A 274 11.24 -34.90 57.81
N LEU A 275 11.44 -34.24 56.68
CA LEU A 275 10.33 -33.85 55.82
C LEU A 275 10.29 -34.69 54.55
N ILE A 276 11.44 -35.17 54.11
CA ILE A 276 11.45 -36.01 52.93
C ILE A 276 12.15 -37.35 53.17
N THR A 277 11.32 -38.35 53.38
CA THR A 277 11.73 -39.72 53.63
C THR A 277 12.18 -40.35 52.32
N GLU A 278 13.30 -41.06 52.37
CA GLU A 278 13.80 -41.71 51.18
C GLU A 278 12.67 -42.41 50.45
N GLU A 279 11.55 -42.61 51.12
CA GLU A 279 10.43 -43.26 50.46
C GLU A 279 10.07 -42.34 49.31
N MET A 280 9.67 -41.14 49.68
CA MET A 280 9.25 -40.12 48.75
C MET A 280 10.27 -39.75 47.69
N VAL A 281 11.56 -39.79 48.03
CA VAL A 281 12.57 -39.46 47.02
C VAL A 281 12.36 -40.39 45.82
N THR A 282 12.14 -41.65 46.13
CA THR A 282 11.93 -42.66 45.11
C THR A 282 10.72 -42.36 44.22
N LYS A 283 9.76 -41.61 44.77
CA LYS A 283 8.55 -41.25 44.04
C LYS A 283 8.64 -39.95 43.23
N MET A 284 9.80 -39.31 43.25
CA MET A 284 10.01 -38.06 42.52
C MET A 284 10.38 -38.23 41.04
N LYS A 285 10.25 -37.14 40.31
CA LYS A 285 10.55 -37.06 38.88
C LYS A 285 12.06 -37.14 38.69
N PRO A 286 12.52 -37.80 37.62
CA PRO A 286 13.97 -37.88 37.41
C PRO A 286 14.54 -36.51 37.06
N GLY A 287 15.60 -36.12 37.76
CA GLY A 287 16.20 -34.84 37.51
C GLY A 287 15.82 -33.86 38.59
N SER A 288 14.88 -34.26 39.43
CA SER A 288 14.47 -33.41 40.52
C SER A 288 15.72 -33.08 41.31
N VAL A 289 15.65 -32.06 42.15
CA VAL A 289 16.78 -31.64 42.97
C VAL A 289 16.21 -31.20 44.30
N ILE A 290 16.84 -31.69 45.37
CA ILE A 290 16.45 -31.35 46.73
C ILE A 290 17.58 -30.50 47.32
N ILE A 291 17.22 -29.50 48.11
CA ILE A 291 18.20 -28.64 48.75
C ILE A 291 17.91 -28.65 50.24
N ASP A 292 18.74 -29.36 51.00
CA ASP A 292 18.60 -29.48 52.45
C ASP A 292 19.46 -28.45 53.14
N LEU A 293 18.79 -27.51 53.80
CA LEU A 293 19.47 -26.45 54.51
C LEU A 293 19.76 -26.89 55.94
N ALA A 294 18.93 -27.80 56.44
CA ALA A 294 19.09 -28.32 57.78
C ALA A 294 20.09 -29.47 57.78
N VAL A 295 20.73 -29.70 56.64
CA VAL A 295 21.69 -30.79 56.50
C VAL A 295 22.63 -30.97 57.69
N GLU A 296 23.11 -29.88 58.28
CA GLU A 296 24.02 -29.98 59.41
C GLU A 296 23.33 -30.31 60.75
N ALA A 297 22.12 -30.85 60.65
CA ALA A 297 21.32 -31.24 61.79
C ALA A 297 20.58 -32.50 61.33
N GLY A 298 21.24 -33.22 60.42
CA GLY A 298 20.68 -34.45 59.87
C GLY A 298 19.92 -34.21 58.58
N GLY A 299 19.48 -32.96 58.40
CA GLY A 299 18.73 -32.58 57.22
C GLY A 299 17.31 -33.09 57.26
N ASN A 300 16.39 -32.37 56.63
CA ASN A 300 15.00 -32.78 56.60
C ASN A 300 14.86 -33.97 55.65
N CYS A 301 15.99 -34.41 55.13
CA CYS A 301 16.03 -35.57 54.25
C CYS A 301 17.29 -36.37 54.53
N PRO A 302 17.14 -37.62 55.02
CA PRO A 302 18.22 -38.53 55.37
C PRO A 302 19.36 -38.74 54.38
N LEU A 303 19.07 -38.69 53.08
CA LEU A 303 20.14 -38.89 52.10
C LEU A 303 21.01 -37.64 51.93
N SER A 304 20.67 -36.57 52.64
CA SER A 304 21.37 -35.31 52.49
C SER A 304 22.84 -35.22 52.90
N GLU A 305 23.57 -36.33 52.90
CA GLU A 305 25.01 -36.27 53.22
C GLU A 305 25.55 -34.84 53.11
N PRO A 306 26.10 -34.30 54.20
CA PRO A 306 26.68 -32.96 54.32
C PRO A 306 27.96 -32.61 53.60
N GLY A 307 27.88 -31.55 52.81
CA GLY A 307 29.01 -31.04 52.06
C GLY A 307 29.17 -31.71 50.72
N LYS A 308 28.06 -32.18 50.15
CA LYS A 308 28.13 -32.89 48.90
C LYS A 308 26.78 -33.12 48.25
N ILE A 309 26.79 -33.16 46.92
CA ILE A 309 25.56 -33.43 46.20
C ILE A 309 25.62 -34.94 46.26
N VAL A 310 24.46 -35.58 46.25
CA VAL A 310 24.37 -37.02 46.31
C VAL A 310 23.24 -37.39 45.38
N VAL A 311 23.50 -38.32 44.45
CA VAL A 311 22.47 -38.72 43.52
C VAL A 311 21.94 -40.10 43.83
N LYS A 312 20.61 -40.22 43.95
CA LYS A 312 19.92 -41.48 44.23
C LYS A 312 18.49 -41.42 43.71
N HIS A 313 18.01 -42.52 43.14
CA HIS A 313 16.66 -42.56 42.59
C HIS A 313 16.53 -41.47 41.56
N GLY A 314 17.62 -41.25 40.84
CA GLY A 314 17.67 -40.26 39.79
C GLY A 314 17.35 -38.86 40.25
N VAL A 315 17.78 -38.51 41.45
CA VAL A 315 17.53 -37.19 42.02
C VAL A 315 18.78 -36.64 42.67
N LYS A 316 19.00 -35.32 42.57
CA LYS A 316 20.17 -34.72 43.19
C LYS A 316 19.77 -34.24 44.58
N ILE A 317 20.50 -34.71 45.59
CA ILE A 317 20.27 -34.30 46.98
C ILE A 317 21.43 -33.39 47.34
N VAL A 318 21.24 -32.11 47.06
CA VAL A 318 22.25 -31.09 47.30
C VAL A 318 22.26 -30.58 48.75
N GLY A 319 23.30 -30.92 49.50
CA GLY A 319 23.38 -30.45 50.88
C GLY A 319 24.69 -29.76 51.22
N HIS A 320 24.86 -28.53 50.76
CA HIS A 320 26.09 -27.80 51.05
C HIS A 320 26.23 -27.45 52.53
N THR A 321 27.43 -27.10 52.95
CA THR A 321 27.64 -26.76 54.36
C THR A 321 27.89 -25.29 54.58
N ASN A 322 27.34 -24.76 55.66
CA ASN A 322 27.56 -23.34 55.97
C ASN A 322 27.14 -22.52 54.77
N VAL A 323 25.85 -22.59 54.45
CA VAL A 323 25.34 -21.88 53.29
C VAL A 323 25.65 -20.38 53.25
N PRO A 324 25.59 -19.68 54.41
CA PRO A 324 25.88 -18.25 54.43
C PRO A 324 27.20 -17.83 53.82
N SER A 325 28.22 -18.69 53.95
CA SER A 325 29.54 -18.39 53.42
C SER A 325 29.48 -18.32 51.91
N ARG A 326 28.56 -19.10 51.31
CA ARG A 326 28.37 -19.11 49.87
C ARG A 326 27.94 -17.74 49.37
N VAL A 327 27.67 -16.83 50.30
CA VAL A 327 27.25 -15.48 49.95
C VAL A 327 28.13 -14.52 50.71
N ALA A 328 29.33 -14.97 51.04
CA ALA A 328 30.32 -14.20 51.78
C ALA A 328 30.13 -12.69 51.68
N ALA A 329 30.57 -12.12 50.57
CA ALA A 329 30.49 -10.67 50.35
C ALA A 329 29.24 -9.96 50.88
N ASP A 330 28.09 -10.61 50.80
CA ASP A 330 26.84 -10.00 51.27
C ASP A 330 26.56 -10.25 52.76
N ALA A 331 26.70 -11.51 53.19
CA ALA A 331 26.47 -11.91 54.58
C ALA A 331 27.38 -11.19 55.56
N SER A 332 28.68 -11.26 55.36
CA SER A 332 29.61 -10.60 56.26
C SER A 332 29.11 -9.21 56.70
N PRO A 333 28.94 -8.25 55.76
CA PRO A 333 28.47 -6.91 56.11
C PRO A 333 27.26 -6.90 57.05
N LEU A 334 26.44 -7.94 56.94
CA LEU A 334 25.26 -8.07 57.78
C LEU A 334 25.59 -8.69 59.13
N PHE A 335 26.61 -9.54 59.19
CA PHE A 335 26.98 -10.16 60.45
C PHE A 335 27.62 -9.03 61.25
N ALA A 336 28.40 -8.22 60.56
CA ALA A 336 29.09 -7.12 61.24
C ALA A 336 28.14 -6.00 61.63
N LYS A 337 26.96 -5.93 61.00
CA LYS A 337 26.02 -4.87 61.36
C LYS A 337 25.14 -5.38 62.48
N ASN A 338 25.13 -6.69 62.67
CA ASN A 338 24.33 -7.24 63.75
C ASN A 338 25.11 -7.00 65.01
N LEU A 339 26.35 -7.46 65.04
CA LEU A 339 27.18 -7.26 66.21
C LEU A 339 27.12 -5.79 66.61
N LEU A 340 27.25 -4.88 65.65
CA LEU A 340 27.21 -3.46 65.96
C LEU A 340 25.90 -3.04 66.65
N ASN A 341 24.78 -3.50 66.13
CA ASN A 341 23.49 -3.15 66.71
C ASN A 341 23.30 -3.78 68.10
N PHE A 342 24.23 -4.62 68.53
CA PHE A 342 24.09 -5.26 69.84
C PHE A 342 25.03 -4.67 70.84
N LEU A 343 26.18 -4.23 70.38
CA LEU A 343 27.20 -3.65 71.24
C LEU A 343 27.07 -2.13 71.32
N THR A 344 26.39 -1.52 70.37
CA THR A 344 26.27 -0.07 70.39
C THR A 344 25.53 0.43 71.63
N PRO A 345 24.44 -0.23 72.05
CA PRO A 345 23.74 0.27 73.23
C PRO A 345 24.68 0.39 74.42
N HIS A 346 25.30 -0.73 74.77
CA HIS A 346 26.22 -0.81 75.90
C HIS A 346 27.51 0.01 75.79
N VAL A 347 27.48 1.11 75.06
CA VAL A 347 28.67 1.94 74.94
C VAL A 347 28.33 3.33 75.46
N ASP A 348 28.93 3.73 76.58
CA ASP A 348 28.70 5.06 77.10
C ASP A 348 29.25 5.95 76.02
N LYS A 349 28.60 7.09 75.78
CA LYS A 349 29.07 7.96 74.72
C LYS A 349 30.38 8.73 75.02
N ASP A 350 30.38 9.55 76.07
CA ASP A 350 31.56 10.36 76.39
C ASP A 350 32.78 9.74 77.09
N THR A 351 32.56 8.77 77.98
CA THR A 351 33.69 8.13 78.66
C THR A 351 34.26 7.04 77.76
N LYS A 352 33.77 7.02 76.51
CA LYS A 352 34.18 6.05 75.50
C LYS A 352 34.67 4.76 76.15
N THR A 353 33.74 4.12 76.86
CA THR A 353 34.01 2.88 77.55
C THR A 353 32.74 2.05 77.46
N LEU A 354 32.85 0.73 77.57
CA LEU A 354 31.69 -0.15 77.47
C LEU A 354 31.37 -0.93 78.72
N VAL A 355 30.09 -1.26 78.87
CA VAL A 355 29.58 -1.99 80.02
C VAL A 355 28.30 -2.74 79.66
N MET A 356 28.40 -4.05 79.59
CA MET A 356 27.28 -4.87 79.27
C MET A 356 26.30 -4.95 80.44
N LYS A 357 25.24 -4.21 80.28
CA LYS A 357 24.02 -4.03 80.95
C LYS A 357 23.61 -4.95 82.05
N LEU A 358 23.01 -6.08 81.85
CA LEU A 358 22.62 -7.17 82.68
C LEU A 358 21.09 -7.40 82.83
N GLU A 359 20.44 -6.26 82.99
CA GLU A 359 18.99 -6.16 83.06
C GLU A 359 18.46 -6.27 81.62
N ASP A 360 19.36 -6.03 80.67
CA ASP A 360 19.06 -6.09 79.25
C ASP A 360 18.86 -7.54 78.82
N GLU A 361 17.62 -7.91 78.57
CA GLU A 361 17.24 -9.26 78.16
C GLU A 361 18.22 -9.77 77.13
N THR A 362 18.75 -8.83 76.37
CA THR A 362 19.70 -9.08 75.31
C THR A 362 21.02 -9.65 75.83
N VAL A 363 21.61 -8.99 76.83
CA VAL A 363 22.86 -9.48 77.37
C VAL A 363 22.63 -10.69 78.28
N SER A 364 21.36 -10.95 78.58
CA SER A 364 20.95 -12.03 79.46
C SER A 364 20.95 -13.40 78.83
N GLY A 365 20.04 -13.59 77.88
CA GLY A 365 19.87 -14.86 77.20
C GLY A 365 20.90 -15.18 76.14
N THR A 366 21.89 -14.29 76.00
CA THR A 366 22.92 -14.49 75.03
C THR A 366 24.24 -14.93 75.71
N CYS A 367 24.57 -14.35 76.86
CA CYS A 367 25.80 -14.70 77.56
C CYS A 367 25.89 -16.14 78.08
N VAL A 368 26.96 -16.85 77.70
CA VAL A 368 27.20 -18.25 78.07
C VAL A 368 28.28 -18.43 79.15
N THR A 369 29.07 -17.40 79.37
CA THR A 369 30.11 -17.47 80.39
C THR A 369 30.72 -16.09 80.59
N ARG A 370 30.99 -15.76 81.86
CA ARG A 370 31.58 -14.47 82.19
C ARG A 370 32.52 -14.55 83.38
N ASP A 371 33.55 -13.72 83.29
CA ASP A 371 34.60 -13.60 84.29
C ASP A 371 34.94 -14.84 85.10
N GLY A 372 35.03 -15.97 84.41
CA GLY A 372 35.38 -17.22 85.05
C GLY A 372 34.28 -18.26 85.25
N ALA A 373 33.02 -17.86 85.24
CA ALA A 373 31.96 -18.85 85.45
C ALA A 373 30.92 -18.86 84.36
N ILE A 374 30.20 -19.97 84.27
CA ILE A 374 29.16 -20.15 83.25
C ILE A 374 27.79 -19.55 83.62
N VAL A 375 27.69 -18.23 83.49
CA VAL A 375 26.50 -17.44 83.78
C VAL A 375 25.24 -17.84 83.00
N HIS A 376 25.33 -18.84 82.14
CA HIS A 376 24.14 -19.20 81.37
C HIS A 376 23.35 -20.35 81.95
N PRO A 377 22.01 -20.26 81.88
CA PRO A 377 21.12 -21.31 82.40
C PRO A 377 20.87 -22.50 81.43
N ALA A 378 21.61 -22.54 80.32
CA ALA A 378 21.45 -23.62 79.34
C ALA A 378 21.57 -24.97 80.03
N LEU A 379 22.75 -25.56 79.97
CA LEU A 379 23.00 -26.86 80.62
C LEU A 379 23.88 -26.64 81.85
N THR A 380 23.79 -25.44 82.39
CA THR A 380 24.54 -25.02 83.57
C THR A 380 23.72 -23.96 84.31
N GLY A 381 22.50 -24.35 84.66
CA GLY A 381 21.61 -23.44 85.38
C GLY A 381 20.56 -24.26 86.13
N MET B 1 9.11 -47.22 7.16
CA MET B 1 9.60 -45.81 7.29
C MET B 1 10.21 -45.60 8.68
N LYS B 2 11.53 -45.73 8.76
CA LYS B 2 12.23 -45.58 10.02
C LYS B 2 12.97 -44.26 10.21
N ILE B 3 12.72 -43.64 11.36
CA ILE B 3 13.40 -42.41 11.75
C ILE B 3 14.12 -42.83 13.03
N ALA B 4 15.42 -42.64 13.07
CA ALA B 4 16.19 -43.08 14.23
C ALA B 4 17.06 -42.00 14.86
N ILE B 5 16.99 -41.93 16.19
CA ILE B 5 17.77 -40.96 16.95
C ILE B 5 18.80 -41.72 17.78
N PRO B 6 20.09 -41.51 17.51
CA PRO B 6 21.12 -42.20 18.27
C PRO B 6 21.29 -41.52 19.62
N LYS B 7 22.51 -41.58 20.14
CA LYS B 7 22.80 -40.97 21.42
C LYS B 7 24.02 -40.10 21.19
N GLU B 8 24.10 -39.00 21.92
CA GLU B 8 25.21 -38.09 21.78
C GLU B 8 26.49 -38.63 22.39
N ARG B 9 27.51 -38.79 21.54
CA ARG B 9 28.80 -39.32 21.98
C ARG B 9 29.83 -38.22 22.07
N ARG B 10 29.62 -37.11 21.36
CA ARG B 10 30.59 -36.03 21.46
C ARG B 10 30.71 -35.74 22.94
N PRO B 11 31.94 -35.53 23.43
CA PRO B 11 32.17 -35.24 24.84
C PRO B 11 31.36 -34.04 25.34
N GLY B 12 30.76 -34.15 26.52
CA GLY B 12 30.01 -33.04 27.06
C GLY B 12 28.58 -32.84 26.61
N GLU B 13 28.18 -33.48 25.53
CA GLU B 13 26.82 -33.34 25.04
C GLU B 13 25.86 -34.22 25.85
N ASP B 14 24.79 -33.60 26.34
CA ASP B 14 23.80 -34.28 27.18
C ASP B 14 22.40 -34.16 26.64
N ARG B 15 22.25 -33.48 25.52
CA ARG B 15 20.96 -33.32 24.90
C ARG B 15 20.68 -34.51 23.98
N VAL B 16 19.41 -34.81 23.77
CA VAL B 16 19.03 -35.89 22.86
C VAL B 16 18.33 -35.19 21.68
N ALA B 17 18.12 -35.88 20.58
CA ALA B 17 17.45 -35.28 19.43
C ALA B 17 16.03 -35.80 19.33
N ILE B 18 15.29 -35.73 20.44
CA ILE B 18 13.91 -36.23 20.42
C ILE B 18 13.16 -35.95 21.73
N SER B 19 11.85 -36.16 21.71
CA SER B 19 11.01 -35.96 22.88
C SER B 19 9.81 -36.87 22.77
N PRO B 20 9.12 -37.14 23.89
CA PRO B 20 7.94 -38.02 23.81
C PRO B 20 6.85 -37.42 22.93
N GLU B 21 6.72 -36.10 22.94
CA GLU B 21 5.69 -35.47 22.12
C GLU B 21 6.05 -35.71 20.66
N VAL B 22 7.26 -35.29 20.30
CA VAL B 22 7.78 -35.43 18.95
C VAL B 22 7.57 -36.84 18.42
N VAL B 23 7.71 -37.84 19.29
CA VAL B 23 7.50 -39.23 18.89
C VAL B 23 6.12 -39.39 18.26
N LYS B 24 5.09 -39.10 19.05
CA LYS B 24 3.71 -39.22 18.59
C LYS B 24 3.47 -38.48 17.27
N LYS B 25 4.07 -37.30 17.11
CA LYS B 25 3.92 -36.50 15.89
C LYS B 25 4.53 -37.21 14.68
N LEU B 26 5.66 -37.88 14.91
CA LEU B 26 6.34 -38.63 13.88
C LEU B 26 5.54 -39.92 13.68
N VAL B 27 5.26 -40.60 14.78
CA VAL B 27 4.49 -41.84 14.77
C VAL B 27 3.20 -41.63 13.98
N GLY B 28 2.55 -40.50 14.24
CA GLY B 28 1.31 -40.20 13.55
C GLY B 28 1.51 -40.06 12.06
N LEU B 29 2.63 -39.47 11.66
CA LEU B 29 2.93 -39.28 10.24
C LEU B 29 3.39 -40.54 9.50
N GLY B 30 3.18 -41.71 10.11
CA GLY B 30 3.58 -42.96 9.48
C GLY B 30 5.07 -43.25 9.63
N PHE B 31 5.60 -43.02 10.83
CA PHE B 31 7.01 -43.25 11.07
C PHE B 31 7.24 -44.30 12.15
N GLU B 32 8.44 -44.87 12.14
CA GLU B 32 8.86 -45.86 13.12
C GLU B 32 10.01 -45.20 13.90
N VAL B 33 9.78 -44.91 15.17
CA VAL B 33 10.80 -44.26 15.98
C VAL B 33 11.74 -45.23 16.66
N ILE B 34 13.04 -45.00 16.45
CA ILE B 34 14.06 -45.84 17.05
C ILE B 34 15.12 -44.95 17.72
N VAL B 35 15.44 -45.27 18.98
CA VAL B 35 16.43 -44.52 19.75
C VAL B 35 17.21 -45.51 20.62
N GLU B 36 18.53 -45.37 20.71
CA GLU B 36 19.30 -46.30 21.52
C GLU B 36 19.09 -46.06 23.01
N GLN B 37 18.75 -47.12 23.75
CA GLN B 37 18.49 -47.04 25.19
C GLN B 37 19.30 -45.94 25.87
N GLY B 38 18.64 -45.23 26.79
CA GLY B 38 19.29 -44.16 27.52
C GLY B 38 20.06 -43.21 26.63
N ALA B 39 19.39 -42.67 25.62
CA ALA B 39 20.03 -41.74 24.71
C ALA B 39 19.58 -40.36 25.12
N GLY B 40 18.68 -40.31 26.08
CA GLY B 40 18.19 -39.03 26.55
C GLY B 40 18.17 -38.98 28.06
N VAL B 41 18.81 -39.93 28.70
CA VAL B 41 18.85 -39.94 30.15
C VAL B 41 19.48 -38.61 30.64
N GLY B 42 20.42 -38.10 29.86
CA GLY B 42 21.08 -36.87 30.24
C GLY B 42 20.15 -35.68 30.07
N ALA B 43 19.01 -35.94 29.43
CA ALA B 43 18.02 -34.89 29.20
C ALA B 43 16.75 -35.22 29.92
N SER B 44 16.89 -36.00 30.99
CA SER B 44 15.74 -36.38 31.80
C SER B 44 14.65 -37.14 31.09
N ILE B 45 14.94 -37.68 29.91
CA ILE B 45 13.95 -38.46 29.16
C ILE B 45 14.37 -39.92 29.23
N THR B 46 13.49 -40.77 29.74
CA THR B 46 13.80 -42.19 29.86
C THR B 46 13.19 -43.07 28.77
N ASP B 47 13.79 -44.25 28.60
CA ASP B 47 13.31 -45.21 27.63
C ASP B 47 11.80 -45.35 27.77
N ASP B 48 11.32 -45.59 28.99
CA ASP B 48 9.89 -45.74 29.22
C ASP B 48 9.14 -44.62 28.54
N ALA B 49 9.54 -43.39 28.85
CA ALA B 49 8.91 -42.20 28.27
C ALA B 49 8.70 -42.38 26.77
N LEU B 50 9.77 -42.71 26.04
CA LEU B 50 9.66 -42.92 24.61
C LEU B 50 8.64 -44.04 24.30
N THR B 51 9.00 -45.29 24.60
CA THR B 51 8.13 -46.43 24.34
C THR B 51 6.64 -46.24 24.62
N ALA B 52 6.28 -45.28 25.47
CA ALA B 52 4.86 -45.07 25.75
C ALA B 52 4.29 -44.18 24.65
N ALA B 53 5.14 -43.29 24.12
CA ALA B 53 4.72 -42.39 23.06
C ALA B 53 4.55 -43.18 21.76
N GLY B 54 5.28 -44.27 21.64
CA GLY B 54 5.20 -45.11 20.45
C GLY B 54 6.54 -45.52 19.86
N ALA B 55 7.62 -45.13 20.53
CA ALA B 55 8.98 -45.43 20.05
C ALA B 55 9.48 -46.80 20.43
N THR B 56 10.23 -47.43 19.53
CA THR B 56 10.81 -48.74 19.81
C THR B 56 12.22 -48.41 20.27
N ILE B 57 12.84 -49.31 21.05
CA ILE B 57 14.19 -49.03 21.52
C ILE B 57 15.31 -49.98 21.09
N ALA B 58 16.40 -49.38 20.61
CA ALA B 58 17.57 -50.11 20.13
C ALA B 58 18.61 -50.25 21.22
N SER B 59 19.68 -50.97 20.93
CA SER B 59 20.74 -51.20 21.91
C SER B 59 22.07 -50.57 21.54
N THR B 60 22.23 -50.16 20.30
CA THR B 60 23.49 -49.53 19.88
C THR B 60 23.29 -48.47 18.81
N ALA B 61 24.24 -47.55 18.72
CA ALA B 61 24.15 -46.52 17.70
C ALA B 61 23.92 -47.28 16.40
N ALA B 62 24.54 -48.45 16.32
CA ALA B 62 24.46 -49.34 15.17
C ALA B 62 23.08 -49.99 15.07
N GLN B 63 22.78 -50.90 15.95
CA GLN B 63 21.50 -51.61 16.02
C GLN B 63 20.36 -50.64 16.15
N ALA B 64 20.70 -49.35 16.22
CA ALA B 64 19.58 -48.36 16.25
C ALA B 64 19.31 -47.94 14.81
N LEU B 65 20.48 -47.81 14.14
CA LEU B 65 20.50 -47.37 12.76
C LEU B 65 20.20 -48.39 11.72
N SER B 66 21.16 -49.23 11.32
CA SER B 66 21.09 -50.21 10.27
C SER B 66 20.45 -49.72 8.98
N GLN B 67 19.12 -49.77 8.92
CA GLN B 67 18.34 -49.29 7.79
C GLN B 67 17.51 -48.09 8.27
N ALA B 68 18.21 -47.04 8.67
CA ALA B 68 17.55 -45.82 9.14
C ALA B 68 17.33 -44.95 7.92
N ASP B 69 16.07 -44.65 7.63
CA ASP B 69 15.75 -43.86 6.47
C ASP B 69 16.14 -42.43 6.69
N VAL B 70 15.82 -41.91 7.87
CA VAL B 70 16.22 -40.56 8.18
C VAL B 70 16.75 -40.59 9.62
N VAL B 71 17.83 -39.86 9.86
CA VAL B 71 18.45 -39.84 11.18
C VAL B 71 18.37 -38.48 11.88
N TRP B 72 18.22 -38.52 13.20
CA TRP B 72 18.17 -37.29 14.00
C TRP B 72 19.29 -37.26 15.04
N LYS B 73 20.05 -36.17 15.03
CA LYS B 73 21.16 -35.98 15.94
C LYS B 73 21.31 -34.52 16.33
N VAL B 74 21.89 -34.27 17.51
CA VAL B 74 22.05 -32.88 17.91
C VAL B 74 23.38 -32.37 17.37
N GLN B 75 24.45 -33.11 17.59
CA GLN B 75 25.73 -32.68 17.10
C GLN B 75 26.26 -33.54 15.99
N ARG B 76 26.83 -32.92 14.97
CA ARG B 76 27.37 -33.65 13.83
C ARG B 76 28.05 -34.92 14.26
N PRO B 77 27.87 -35.99 13.50
CA PRO B 77 28.47 -37.30 13.79
C PRO B 77 30.02 -37.25 13.83
N MET B 78 30.62 -38.32 14.34
CA MET B 78 32.06 -38.39 14.45
C MET B 78 32.74 -39.18 13.35
N THR B 79 33.71 -38.55 12.70
CA THR B 79 34.50 -39.19 11.65
C THR B 79 35.37 -40.24 12.36
N ALA B 80 36.09 -41.06 11.60
CA ALA B 80 36.92 -42.07 12.23
C ALA B 80 38.20 -41.41 12.73
N GLU B 81 38.57 -40.30 12.11
CA GLU B 81 39.77 -39.59 12.52
C GLU B 81 39.63 -39.11 13.97
N GLU B 82 38.41 -39.22 14.52
CA GLU B 82 38.13 -38.81 15.89
C GLU B 82 38.03 -40.00 16.83
N GLY B 83 38.19 -41.21 16.31
CA GLY B 83 38.16 -42.38 17.18
C GLY B 83 36.88 -43.19 17.26
N THR B 84 35.85 -42.73 16.56
CA THR B 84 34.59 -43.45 16.55
C THR B 84 33.99 -43.10 15.22
N ASP B 85 33.32 -44.04 14.60
CA ASP B 85 32.75 -43.73 13.31
C ASP B 85 31.25 -43.89 13.29
N GLU B 86 30.57 -42.76 13.42
CA GLU B 86 29.12 -42.79 13.42
C GLU B 86 28.58 -42.61 12.02
N VAL B 87 29.27 -41.79 11.22
CA VAL B 87 28.80 -41.58 9.86
C VAL B 87 28.67 -42.96 9.23
N ALA B 88 29.75 -43.73 9.26
CA ALA B 88 29.76 -45.07 8.70
C ALA B 88 28.77 -46.04 9.36
N LEU B 89 27.88 -45.50 10.18
CA LEU B 89 26.87 -46.30 10.87
C LEU B 89 25.54 -45.98 10.22
N ILE B 90 25.52 -44.92 9.44
CA ILE B 90 24.29 -44.49 8.79
C ILE B 90 24.08 -45.15 7.43
N LYS B 91 23.10 -46.05 7.35
CA LYS B 91 22.77 -46.73 6.09
C LYS B 91 23.09 -45.80 4.94
N GLU B 92 23.91 -46.25 4.00
CA GLU B 92 24.24 -45.39 2.87
C GLU B 92 22.95 -44.87 2.24
N GLY B 93 22.93 -43.58 1.91
CA GLY B 93 21.75 -42.98 1.30
C GLY B 93 20.57 -42.74 2.21
N ALA B 94 20.83 -42.22 3.41
CA ALA B 94 19.74 -41.91 4.34
C ALA B 94 19.72 -40.39 4.50
N VAL B 95 18.73 -39.87 5.21
CA VAL B 95 18.61 -38.43 5.41
C VAL B 95 19.12 -37.98 6.78
N LEU B 96 20.17 -37.17 6.79
CA LEU B 96 20.72 -36.70 8.06
C LEU B 96 20.36 -35.27 8.41
N MET B 97 19.74 -35.13 9.58
CA MET B 97 19.33 -33.85 10.11
C MET B 97 20.00 -33.64 11.45
N CYS B 98 20.74 -32.55 11.56
CA CYS B 98 21.46 -32.22 12.77
C CYS B 98 22.18 -30.91 12.55
N HIS B 99 22.95 -30.48 13.53
CA HIS B 99 23.72 -29.27 13.38
C HIS B 99 25.14 -29.76 13.05
N LEU B 100 25.53 -29.54 11.79
CA LEU B 100 26.82 -30.01 11.31
C LEU B 100 27.96 -29.02 11.31
N GLY B 101 27.77 -27.85 11.88
CA GLY B 101 28.86 -26.88 11.85
C GLY B 101 29.41 -26.83 10.43
N ALA B 102 28.59 -27.33 9.51
CA ALA B 102 28.88 -27.43 8.08
C ALA B 102 30.02 -26.61 7.50
N LEU B 103 29.87 -25.29 7.50
CA LEU B 103 30.87 -24.41 6.92
C LEU B 103 32.28 -24.60 7.44
N THR B 104 32.41 -25.17 8.62
CA THR B 104 33.73 -25.35 9.19
C THR B 104 34.27 -26.77 9.09
N ASN B 105 33.41 -27.77 9.21
CA ASN B 105 33.86 -29.16 9.14
C ASN B 105 33.77 -29.83 7.76
N ARG B 106 34.74 -29.55 6.89
CA ARG B 106 34.71 -30.22 5.58
C ARG B 106 34.93 -31.70 5.80
N PRO B 107 36.01 -32.07 6.53
CA PRO B 107 36.28 -33.48 6.79
C PRO B 107 35.04 -34.34 7.01
N VAL B 108 34.14 -33.87 7.85
CA VAL B 108 32.93 -34.63 8.13
C VAL B 108 31.93 -34.61 6.99
N VAL B 109 31.82 -33.47 6.30
CA VAL B 109 30.87 -33.35 5.18
C VAL B 109 31.12 -34.42 4.11
N GLU B 110 32.40 -34.65 3.79
CA GLU B 110 32.78 -35.62 2.77
C GLU B 110 32.54 -37.05 3.21
N ALA B 111 32.75 -37.33 4.49
CA ALA B 111 32.54 -38.67 5.04
C ALA B 111 31.09 -39.11 4.79
N LEU B 112 30.18 -38.14 4.87
CA LEU B 112 28.77 -38.39 4.64
C LEU B 112 28.55 -38.58 3.14
N THR B 113 29.12 -37.65 2.36
CA THR B 113 29.04 -37.67 0.91
C THR B 113 29.53 -38.99 0.33
N LYS B 114 30.61 -39.52 0.91
CA LYS B 114 31.17 -40.79 0.45
C LYS B 114 30.20 -41.94 0.72
N ARG B 115 29.42 -41.82 1.79
CA ARG B 115 28.43 -42.85 2.11
C ARG B 115 27.16 -42.51 1.36
N LYS B 116 27.30 -41.54 0.44
CA LYS B 116 26.20 -41.02 -0.36
C LYS B 116 24.97 -40.83 0.52
N ILE B 117 24.97 -39.69 1.20
CA ILE B 117 23.91 -39.33 2.11
C ILE B 117 23.58 -37.85 1.90
N THR B 118 22.31 -37.51 2.14
CA THR B 118 21.83 -36.14 2.04
C THR B 118 21.89 -35.56 3.46
N ALA B 119 22.76 -34.58 3.64
CA ALA B 119 22.92 -33.95 4.94
C ALA B 119 22.32 -32.57 4.95
N TYR B 120 21.40 -32.36 5.89
CA TYR B 120 20.75 -31.07 6.06
C TYR B 120 21.35 -30.29 7.23
N ALA B 121 22.27 -29.38 6.92
CA ALA B 121 22.94 -28.54 7.90
C ALA B 121 21.98 -27.52 8.52
N MET B 122 21.32 -27.95 9.60
CA MET B 122 20.34 -27.14 10.32
C MET B 122 20.81 -25.76 10.80
N GLU B 123 22.10 -25.59 11.00
CA GLU B 123 22.59 -24.31 11.47
C GLU B 123 22.65 -23.31 10.33
N LEU B 124 22.01 -23.67 9.22
CA LEU B 124 22.02 -22.80 8.05
C LEU B 124 20.60 -22.43 7.65
N MET B 125 19.67 -22.73 8.55
CA MET B 125 18.27 -22.43 8.34
C MET B 125 18.15 -21.02 7.81
N PRO B 126 17.26 -20.82 6.84
CA PRO B 126 17.06 -19.49 6.26
C PRO B 126 16.49 -18.50 7.26
N ARG B 127 17.12 -17.35 7.33
CA ARG B 127 16.69 -16.29 8.23
C ARG B 127 15.32 -15.72 7.84
N ILE B 128 14.38 -16.59 7.45
CA ILE B 128 13.06 -16.11 7.05
C ILE B 128 12.08 -16.06 8.23
N SER B 129 10.78 -16.08 7.97
CA SER B 129 9.80 -16.02 9.07
C SER B 129 9.13 -17.35 9.33
N ARG B 130 8.71 -18.01 8.26
CA ARG B 130 8.09 -19.32 8.42
C ARG B 130 9.08 -20.23 9.14
N ALA B 131 10.37 -19.92 8.97
CA ALA B 131 11.51 -20.74 9.46
C ALA B 131 11.84 -20.73 10.93
N GLN B 132 11.42 -19.69 11.59
CA GLN B 132 11.62 -19.39 13.02
C GLN B 132 11.12 -20.59 13.84
N SER B 133 10.11 -21.26 13.38
CA SER B 133 9.65 -22.54 13.85
C SER B 133 10.76 -23.63 13.85
N MET B 134 11.72 -23.56 12.95
CA MET B 134 12.73 -24.60 12.83
C MET B 134 14.16 -24.09 13.05
N ASP B 135 14.30 -23.00 13.78
CA ASP B 135 15.63 -22.43 14.03
C ASP B 135 16.26 -23.05 15.26
N ILE B 136 17.34 -23.79 15.08
CA ILE B 136 18.00 -24.38 16.23
C ILE B 136 18.92 -23.37 16.87
N LEU B 137 19.44 -22.43 16.07
CA LEU B 137 20.36 -21.45 16.62
C LEU B 137 19.78 -20.59 17.73
N SER B 138 18.56 -20.12 17.53
CA SER B 138 17.96 -19.26 18.53
C SER B 138 17.26 -20.01 19.66
N SER B 139 16.78 -21.23 19.42
CA SER B 139 16.12 -21.95 20.51
C SER B 139 17.15 -22.38 21.56
N GLN B 140 18.36 -22.68 21.12
CA GLN B 140 19.41 -23.10 22.04
C GLN B 140 20.12 -21.89 22.62
N SER B 141 20.55 -20.98 21.76
CA SER B 141 21.23 -19.79 22.25
C SER B 141 20.30 -18.97 23.14
N ASN B 142 19.05 -19.38 23.26
CA ASN B 142 18.12 -18.65 24.12
C ASN B 142 18.45 -19.11 25.54
N LEU B 143 18.24 -20.39 25.80
CA LEU B 143 18.53 -20.97 27.11
C LEU B 143 19.96 -20.60 27.51
N ALA B 144 20.87 -20.60 26.56
CA ALA B 144 22.24 -20.24 26.87
C ALA B 144 22.18 -18.91 27.64
N GLY B 145 21.49 -17.93 27.06
CA GLY B 145 21.36 -16.63 27.69
C GLY B 145 20.87 -16.76 29.12
N TYR B 146 19.82 -17.56 29.33
CA TYR B 146 19.29 -17.78 30.67
C TYR B 146 20.45 -18.30 31.52
N ARG B 147 20.98 -19.46 31.15
CA ARG B 147 22.08 -20.06 31.89
C ARG B 147 23.22 -19.10 32.26
N ALA B 148 23.64 -18.26 31.32
CA ALA B 148 24.71 -17.32 31.58
C ALA B 148 24.52 -16.69 32.94
N VAL B 149 23.31 -16.24 33.22
CA VAL B 149 23.01 -15.62 34.51
C VAL B 149 23.04 -16.66 35.63
N ILE B 150 22.26 -17.72 35.50
CA ILE B 150 22.25 -18.78 36.51
C ILE B 150 23.68 -19.18 36.89
N ASP B 151 24.56 -19.29 35.90
CA ASP B 151 25.95 -19.67 36.15
C ASP B 151 26.74 -18.50 36.67
N GLY B 152 26.42 -17.32 36.20
CA GLY B 152 27.11 -16.16 36.69
C GLY B 152 26.71 -15.93 38.13
N ALA B 153 25.43 -16.14 38.45
CA ALA B 153 24.92 -15.94 39.79
C ALA B 153 25.56 -16.91 40.76
N TYR B 154 25.65 -18.16 40.35
CA TYR B 154 26.24 -19.21 41.15
C TYR B 154 27.67 -18.84 41.59
N GLU B 155 28.50 -18.40 40.65
CA GLU B 155 29.89 -18.04 40.93
C GLU B 155 30.07 -16.68 41.61
N PHE B 156 28.98 -16.07 42.01
CA PHE B 156 29.03 -14.75 42.64
C PHE B 156 28.69 -14.85 44.12
N ALA B 157 29.47 -14.17 44.95
CA ALA B 157 29.19 -14.20 46.38
C ALA B 157 27.84 -13.50 46.58
N ARG B 158 27.86 -12.18 46.66
CA ARG B 158 26.65 -11.37 46.85
C ARG B 158 25.37 -11.84 46.16
N ALA B 159 24.23 -11.57 46.80
CA ALA B 159 22.91 -11.90 46.26
C ALA B 159 22.58 -10.88 45.21
N PHE B 160 21.75 -11.30 44.27
CA PHE B 160 21.31 -10.47 43.15
C PHE B 160 20.33 -9.36 43.52
N PRO B 161 19.12 -9.73 43.96
CA PRO B 161 18.08 -8.78 44.34
C PRO B 161 18.43 -7.86 45.48
N MET B 162 17.65 -6.79 45.64
CA MET B 162 17.85 -5.86 46.74
C MET B 162 16.90 -6.34 47.84
N MET B 163 17.43 -6.63 49.02
CA MET B 163 16.58 -7.14 50.09
C MET B 163 16.42 -6.24 51.31
N MET B 164 15.20 -6.18 51.85
CA MET B 164 14.90 -5.38 53.04
C MET B 164 15.06 -6.26 54.26
N THR B 165 15.98 -5.89 55.13
CA THR B 165 16.26 -6.68 56.32
C THR B 165 16.61 -5.83 57.55
N ALA B 166 16.17 -6.28 58.72
CA ALA B 166 16.43 -5.58 59.96
C ALA B 166 17.90 -5.17 60.11
N ALA B 167 18.78 -5.89 59.45
CA ALA B 167 20.21 -5.61 59.52
C ALA B 167 20.59 -4.48 58.55
N GLY B 168 19.57 -3.92 57.91
CA GLY B 168 19.82 -2.85 56.96
C GLY B 168 19.26 -3.16 55.59
N THR B 169 19.99 -2.75 54.57
CA THR B 169 19.55 -2.97 53.21
C THR B 169 20.66 -3.62 52.42
N VAL B 170 20.29 -4.60 51.60
CA VAL B 170 21.23 -5.31 50.72
C VAL B 170 21.03 -4.72 49.33
N PRO B 171 22.06 -4.06 48.77
CA PRO B 171 21.91 -3.47 47.44
C PRO B 171 21.86 -4.56 46.34
N PRO B 172 21.36 -4.19 45.15
CA PRO B 172 21.29 -5.17 44.07
C PRO B 172 22.61 -5.36 43.35
N ALA B 173 22.63 -6.33 42.45
CA ALA B 173 23.80 -6.64 41.67
C ALA B 173 23.69 -5.92 40.33
N ARG B 174 24.83 -5.44 39.84
CA ARG B 174 24.84 -4.74 38.57
C ARG B 174 25.36 -5.65 37.45
N VAL B 175 24.46 -6.04 36.55
CA VAL B 175 24.82 -6.88 35.42
C VAL B 175 25.04 -6.00 34.18
N LEU B 176 25.87 -6.47 33.26
CA LEU B 176 26.18 -5.74 32.04
C LEU B 176 26.28 -6.80 30.94
N VAL B 177 25.39 -6.73 29.96
CA VAL B 177 25.37 -7.69 28.86
C VAL B 177 25.90 -7.14 27.55
N PHE B 178 26.87 -7.82 26.97
CA PHE B 178 27.45 -7.43 25.69
C PHE B 178 26.78 -8.17 24.54
N GLY B 179 26.42 -7.43 23.50
CA GLY B 179 25.77 -8.05 22.38
C GLY B 179 24.35 -8.36 22.80
N VAL B 180 23.42 -7.75 22.09
CA VAL B 180 22.01 -7.93 22.36
C VAL B 180 21.38 -8.81 21.30
N GLY B 181 21.53 -10.12 21.49
CA GLY B 181 20.96 -11.08 20.57
C GLY B 181 20.01 -11.99 21.32
N VAL B 182 19.53 -13.05 20.67
CA VAL B 182 18.62 -13.96 21.33
C VAL B 182 19.22 -14.30 22.66
N ALA B 183 20.50 -14.69 22.65
CA ALA B 183 21.19 -15.06 23.87
C ALA B 183 21.16 -13.87 24.83
N GLY B 184 21.83 -12.79 24.44
CA GLY B 184 21.89 -11.61 25.26
C GLY B 184 20.59 -11.17 25.90
N LEU B 185 19.56 -10.99 25.08
CA LEU B 185 18.28 -10.57 25.61
C LEU B 185 17.80 -11.44 26.76
N GLN B 186 17.77 -12.74 26.58
CA GLN B 186 17.32 -13.60 27.66
C GLN B 186 18.17 -13.29 28.88
N ALA B 187 19.48 -13.13 28.69
CA ALA B 187 20.33 -12.79 29.81
C ALA B 187 19.66 -11.61 30.51
N ILE B 188 19.76 -10.41 29.92
CA ILE B 188 19.12 -9.21 30.45
C ILE B 188 17.83 -9.51 31.21
N ALA B 189 16.86 -10.10 30.53
CA ALA B 189 15.58 -10.42 31.16
C ALA B 189 15.71 -11.12 32.51
N THR B 190 16.12 -12.38 32.47
CA THR B 190 16.28 -13.13 33.70
C THR B 190 17.13 -12.37 34.70
N ALA B 191 18.24 -11.78 34.26
CA ALA B 191 19.10 -11.02 35.16
C ALA B 191 18.26 -10.01 35.94
N LYS B 192 17.45 -9.24 35.21
CA LYS B 192 16.62 -8.25 35.84
C LYS B 192 15.51 -8.88 36.68
N ARG B 193 14.77 -9.82 36.12
CA ARG B 193 13.73 -10.43 36.91
C ARG B 193 14.28 -10.96 38.24
N LEU B 194 15.60 -11.12 38.31
CA LEU B 194 16.24 -11.63 39.51
C LEU B 194 16.45 -10.52 40.50
N GLY B 195 16.48 -9.30 39.99
CA GLY B 195 16.67 -8.13 40.83
C GLY B 195 17.89 -7.32 40.52
N ALA B 196 18.64 -7.73 39.51
CA ALA B 196 19.84 -7.00 39.14
C ALA B 196 19.46 -5.74 38.39
N VAL B 197 20.41 -4.82 38.32
CA VAL B 197 20.22 -3.58 37.59
C VAL B 197 20.95 -3.88 36.30
N VAL B 198 20.21 -4.48 35.37
CA VAL B 198 20.74 -4.87 34.07
C VAL B 198 21.01 -3.69 33.16
N MET B 199 22.07 -3.80 32.37
CA MET B 199 22.48 -2.77 31.43
C MET B 199 23.24 -3.39 30.27
N ALA B 200 22.76 -3.19 29.05
CA ALA B 200 23.38 -3.78 27.88
C ALA B 200 24.09 -2.81 26.94
N THR B 201 24.83 -3.38 26.00
CA THR B 201 25.55 -2.62 24.98
C THR B 201 25.72 -3.47 23.74
N ASP B 202 25.47 -2.87 22.58
CA ASP B 202 25.61 -3.57 21.31
C ASP B 202 26.03 -2.55 20.26
N VAL B 203 26.73 -3.02 19.23
CA VAL B 203 27.16 -2.14 18.16
C VAL B 203 25.97 -1.70 17.30
N ARG B 204 24.95 -2.55 17.20
CA ARG B 204 23.76 -2.19 16.45
C ARG B 204 22.91 -1.39 17.43
N ALA B 205 22.88 -0.06 17.31
CA ALA B 205 22.08 0.73 18.22
C ALA B 205 20.59 0.52 17.95
N ALA B 206 20.27 -0.42 17.05
CA ALA B 206 18.88 -0.74 16.74
C ALA B 206 18.32 -1.52 17.92
N THR B 207 19.23 -2.00 18.76
CA THR B 207 18.92 -2.79 19.95
C THR B 207 18.52 -1.96 21.18
N LYS B 208 19.05 -0.74 21.29
CA LYS B 208 18.70 0.12 22.42
C LYS B 208 17.23 0.05 22.76
N GLU B 209 16.41 -0.16 21.75
CA GLU B 209 14.97 -0.26 21.91
C GLU B 209 14.55 -1.62 22.43
N GLN B 210 15.28 -2.67 22.06
CA GLN B 210 14.95 -4.01 22.52
C GLN B 210 15.36 -4.10 23.98
N VAL B 211 16.57 -3.63 24.25
CA VAL B 211 17.08 -3.62 25.60
C VAL B 211 16.09 -2.90 26.51
N GLU B 212 15.77 -1.65 26.15
CA GLU B 212 14.85 -0.83 26.93
C GLU B 212 13.53 -1.52 27.11
N SER B 213 13.11 -2.32 26.13
CA SER B 213 11.83 -3.02 26.19
C SER B 213 11.84 -4.15 27.20
N LEU B 214 13.03 -4.48 27.70
CA LEU B 214 13.20 -5.53 28.70
C LEU B 214 13.54 -4.91 30.03
N GLY B 215 13.28 -3.62 30.17
CA GLY B 215 13.58 -2.94 31.42
C GLY B 215 15.05 -2.60 31.48
N GLY B 216 15.79 -3.05 30.49
CA GLY B 216 17.22 -2.80 30.43
C GLY B 216 17.57 -1.35 30.24
N LYS B 217 18.86 -1.07 30.19
CA LYS B 217 19.33 0.29 30.02
C LYS B 217 20.52 0.16 29.09
N PHE B 218 20.41 0.77 27.92
CA PHE B 218 21.46 0.76 26.91
C PHE B 218 22.59 1.70 27.33
N ILE B 219 23.78 1.49 26.78
CA ILE B 219 24.92 2.34 27.11
C ILE B 219 25.28 3.22 25.92
N THR B 220 25.44 4.51 26.21
CA THR B 220 25.79 5.55 25.22
C THR B 220 26.24 6.83 25.95
N GLU B 242 36.86 6.83 15.41
CA GLU B 242 36.86 7.75 16.57
C GLU B 242 35.64 7.59 17.47
N PHE B 243 34.54 7.15 16.90
CA PHE B 243 33.29 6.95 17.65
C PHE B 243 33.56 6.06 18.87
N ARG B 244 34.19 4.90 18.67
CA ARG B 244 34.48 3.98 19.76
C ARG B 244 35.54 4.55 20.70
N LYS B 245 36.15 5.66 20.31
CA LYS B 245 37.17 6.30 21.14
C LYS B 245 36.47 6.64 22.45
N LYS B 246 35.19 6.96 22.34
CA LYS B 246 34.35 7.32 23.49
C LYS B 246 33.36 6.22 23.85
N GLN B 247 32.83 5.51 22.85
CA GLN B 247 31.89 4.43 23.14
C GLN B 247 32.61 3.36 23.98
N ALA B 248 33.70 2.82 23.44
CA ALA B 248 34.47 1.80 24.12
C ALA B 248 34.91 2.33 25.49
N GLU B 249 34.72 3.62 25.70
CA GLU B 249 35.11 4.24 26.96
C GLU B 249 33.90 4.36 27.88
N ALA B 250 32.77 4.83 27.35
CA ALA B 250 31.57 4.97 28.17
C ALA B 250 31.31 3.62 28.85
N VAL B 251 31.75 2.55 28.21
CA VAL B 251 31.59 1.21 28.75
C VAL B 251 32.40 1.07 30.02
N LEU B 252 33.63 1.57 29.98
CA LEU B 252 34.51 1.50 31.14
C LEU B 252 33.76 1.95 32.40
N LYS B 253 33.25 3.17 32.36
CA LYS B 253 32.53 3.73 33.49
C LYS B 253 31.46 2.81 34.07
N GLU B 254 30.91 1.95 33.23
CA GLU B 254 29.89 1.00 33.68
C GLU B 254 30.51 -0.29 34.16
N LEU B 255 31.50 -0.78 33.41
CA LEU B 255 32.15 -2.02 33.76
C LEU B 255 32.84 -1.95 35.11
N VAL B 256 33.31 -0.76 35.47
CA VAL B 256 34.00 -0.59 36.72
C VAL B 256 33.11 -0.77 37.94
N LYS B 257 31.80 -0.67 37.73
CA LYS B 257 30.86 -0.83 38.82
C LYS B 257 29.98 -2.05 38.58
N THR B 258 30.44 -2.95 37.71
CA THR B 258 29.68 -4.15 37.34
C THR B 258 30.07 -5.41 38.08
N ASP B 259 29.08 -6.19 38.49
CA ASP B 259 29.34 -7.43 39.19
C ASP B 259 29.38 -8.64 38.27
N ILE B 260 28.46 -8.70 37.30
CA ILE B 260 28.41 -9.78 36.34
C ILE B 260 28.57 -9.17 34.97
N ALA B 261 29.43 -9.77 34.15
CA ALA B 261 29.68 -9.28 32.80
C ALA B 261 29.46 -10.45 31.89
N ILE B 262 28.31 -10.43 31.21
CA ILE B 262 27.97 -11.49 30.30
C ILE B 262 28.21 -11.03 28.88
N THR B 263 29.08 -11.76 28.17
CA THR B 263 29.42 -11.43 26.79
C THR B 263 28.87 -12.49 25.84
N THR B 264 28.19 -12.09 24.78
CA THR B 264 27.62 -13.06 23.87
C THR B 264 27.82 -12.76 22.38
N ALA B 265 28.72 -11.84 22.07
CA ALA B 265 29.00 -11.43 20.69
C ALA B 265 29.66 -12.55 19.90
N LEU B 266 29.00 -12.95 18.82
CA LEU B 266 29.51 -14.04 18.02
C LEU B 266 29.27 -13.78 16.54
N ILE B 267 30.34 -13.56 15.78
CA ILE B 267 30.20 -13.35 14.34
C ILE B 267 30.88 -14.54 13.68
N PRO B 268 30.08 -15.54 13.27
CA PRO B 268 30.42 -16.82 12.62
C PRO B 268 31.63 -16.88 11.66
N GLY B 269 32.24 -18.06 11.59
CA GLY B 269 33.39 -18.29 10.73
C GLY B 269 34.57 -17.39 11.06
N LYS B 270 34.42 -16.60 12.12
CA LYS B 270 35.44 -15.68 12.57
C LYS B 270 35.62 -15.78 14.10
N PRO B 271 36.78 -15.34 14.61
CA PRO B 271 37.00 -15.40 16.06
C PRO B 271 36.10 -14.32 16.66
N ALA B 272 35.43 -14.65 17.76
CA ALA B 272 34.57 -13.65 18.37
C ALA B 272 35.40 -12.39 18.65
N PRO B 273 34.78 -11.20 18.49
CA PRO B 273 35.43 -9.91 18.72
C PRO B 273 35.64 -9.65 20.18
N VAL B 274 36.75 -9.00 20.49
CA VAL B 274 37.11 -8.66 21.84
C VAL B 274 36.24 -7.54 22.41
N LEU B 275 35.52 -7.86 23.49
CA LEU B 275 34.65 -6.90 24.17
C LEU B 275 35.28 -6.52 25.49
N ILE B 276 35.94 -7.49 26.11
CA ILE B 276 36.60 -7.26 27.38
C ILE B 276 38.05 -7.75 27.31
N THR B 277 38.97 -6.80 27.22
CA THR B 277 40.39 -7.09 27.15
C THR B 277 41.00 -7.20 28.55
N GLU B 278 42.10 -7.95 28.64
CA GLU B 278 42.76 -8.13 29.91
C GLU B 278 42.89 -6.75 30.55
N GLU B 279 43.41 -5.81 29.77
CA GLU B 279 43.58 -4.45 30.25
C GLU B 279 42.36 -4.00 31.06
N MET B 280 41.19 -4.44 30.63
CA MET B 280 39.97 -4.05 31.30
C MET B 280 39.65 -4.85 32.54
N VAL B 281 39.82 -6.17 32.50
CA VAL B 281 39.51 -6.98 33.68
C VAL B 281 40.34 -6.55 34.87
N THR B 282 41.46 -5.86 34.64
CA THR B 282 42.31 -5.40 35.73
C THR B 282 41.72 -4.17 36.40
N LYS B 283 41.02 -3.35 35.61
CA LYS B 283 40.38 -2.13 36.08
C LYS B 283 39.03 -2.35 36.72
N MET B 284 38.62 -3.63 36.80
CA MET B 284 37.32 -4.02 37.35
C MET B 284 37.37 -4.25 38.86
N LYS B 285 36.20 -4.29 39.47
CA LYS B 285 36.06 -4.50 40.91
C LYS B 285 36.21 -5.97 41.24
N PRO B 286 37.12 -6.29 42.18
CA PRO B 286 37.36 -7.68 42.59
C PRO B 286 36.16 -8.42 43.16
N GLY B 287 36.08 -9.70 42.82
CA GLY B 287 34.99 -10.50 43.30
C GLY B 287 34.00 -10.67 42.17
N SER B 288 34.10 -9.79 41.19
CA SER B 288 33.23 -9.80 40.03
C SER B 288 33.41 -11.05 39.18
N VAL B 289 32.45 -11.33 38.31
CA VAL B 289 32.52 -12.49 37.44
C VAL B 289 32.11 -12.18 36.01
N ILE B 290 32.77 -12.84 35.05
CA ILE B 290 32.50 -12.65 33.63
C ILE B 290 32.13 -13.96 32.96
N ILE B 291 31.01 -13.99 32.28
CA ILE B 291 30.60 -15.19 31.57
C ILE B 291 30.90 -14.91 30.09
N ASP B 292 31.75 -15.74 29.50
CA ASP B 292 32.12 -15.56 28.10
C ASP B 292 31.52 -16.66 27.26
N LEU B 293 30.27 -16.48 26.84
CA LEU B 293 29.60 -17.49 26.04
C LEU B 293 30.26 -17.71 24.68
N ALA B 294 31.12 -16.78 24.27
CA ALA B 294 31.81 -16.89 22.99
C ALA B 294 33.18 -17.52 23.25
N VAL B 295 33.32 -18.16 24.39
CA VAL B 295 34.56 -18.78 24.77
C VAL B 295 35.11 -19.66 23.66
N GLU B 296 34.26 -20.49 23.07
CA GLU B 296 34.69 -21.38 22.01
C GLU B 296 35.23 -20.74 20.74
N ALA B 297 34.63 -19.65 20.28
CA ALA B 297 35.09 -18.97 19.07
C ALA B 297 36.13 -17.88 19.37
N GLY B 298 36.87 -18.07 20.46
CA GLY B 298 37.88 -17.10 20.86
C GLY B 298 37.60 -16.50 22.23
N GLY B 299 36.35 -16.08 22.40
CA GLY B 299 35.93 -15.48 23.65
C GLY B 299 36.10 -13.98 23.51
N ASN B 300 35.10 -13.23 23.96
CA ASN B 300 35.15 -11.78 23.88
C ASN B 300 36.12 -11.25 24.94
N CYS B 301 36.82 -12.18 25.58
CA CYS B 301 37.79 -11.86 26.62
C CYS B 301 38.94 -12.86 26.46
N PRO B 302 40.14 -12.36 26.10
CA PRO B 302 41.34 -13.18 25.90
C PRO B 302 41.77 -14.08 27.05
N LEU B 303 41.19 -13.87 28.24
CA LEU B 303 41.56 -14.67 29.39
C LEU B 303 40.67 -15.92 29.52
N SER B 304 39.48 -15.86 28.95
CA SER B 304 38.57 -16.99 29.05
C SER B 304 39.15 -18.21 28.35
N GLU B 305 39.23 -19.32 29.07
CA GLU B 305 39.72 -20.56 28.51
C GLU B 305 38.55 -21.55 28.42
N PRO B 306 38.35 -22.14 27.23
CA PRO B 306 37.23 -23.08 27.07
C PRO B 306 37.26 -24.18 28.11
N GLY B 307 36.10 -24.48 28.71
CA GLY B 307 36.07 -25.56 29.68
C GLY B 307 35.93 -25.20 31.14
N LYS B 308 36.91 -24.48 31.69
CA LYS B 308 36.81 -24.11 33.10
C LYS B 308 36.91 -22.63 33.46
N ILE B 309 36.82 -22.37 34.76
CA ILE B 309 36.86 -21.03 35.32
C ILE B 309 38.28 -20.58 35.60
N VAL B 310 38.64 -19.44 35.06
CA VAL B 310 39.97 -18.88 35.26
C VAL B 310 39.88 -17.66 36.17
N VAL B 311 40.79 -17.57 37.13
CA VAL B 311 40.80 -16.45 38.07
C VAL B 311 42.03 -15.57 37.90
N LYS B 312 41.78 -14.28 37.68
CA LYS B 312 42.86 -13.34 37.52
C LYS B 312 42.37 -11.96 37.89
N HIS B 313 43.25 -11.17 38.47
CA HIS B 313 42.95 -9.80 38.87
C HIS B 313 41.72 -9.76 39.78
N GLY B 314 41.53 -10.84 40.54
CA GLY B 314 40.41 -10.92 41.44
C GLY B 314 39.11 -11.31 40.77
N VAL B 315 39.15 -11.40 39.44
CA VAL B 315 37.98 -11.74 38.65
C VAL B 315 37.92 -13.22 38.22
N LYS B 316 36.71 -13.77 38.21
CA LYS B 316 36.51 -15.15 37.76
C LYS B 316 36.01 -15.03 36.33
N ILE B 317 36.69 -15.67 35.40
CA ILE B 317 36.27 -15.62 34.02
C ILE B 317 35.76 -16.99 33.61
N VAL B 318 34.45 -17.15 33.73
CA VAL B 318 33.76 -18.41 33.42
C VAL B 318 33.56 -18.61 31.91
N GLY B 319 34.13 -19.69 31.38
CA GLY B 319 33.98 -19.99 29.96
C GLY B 319 33.62 -21.44 29.76
N HIS B 320 32.36 -21.77 29.98
CA HIS B 320 31.92 -23.14 29.82
C HIS B 320 31.76 -23.52 28.35
N THR B 321 31.42 -24.78 28.12
CA THR B 321 31.26 -25.27 26.77
C THR B 321 29.94 -25.99 26.59
N ASN B 322 29.33 -25.81 25.41
CA ASN B 322 28.07 -26.45 25.11
C ASN B 322 27.04 -26.05 26.16
N VAL B 323 26.94 -24.75 26.40
CA VAL B 323 26.01 -24.23 27.37
C VAL B 323 24.60 -24.75 27.19
N PRO B 324 24.15 -24.96 25.95
CA PRO B 324 22.77 -25.45 25.94
C PRO B 324 22.63 -26.77 26.67
N SER B 325 23.70 -27.55 26.67
CA SER B 325 23.71 -28.85 27.32
C SER B 325 23.49 -28.67 28.81
N ARG B 326 23.80 -27.47 29.31
CA ARG B 326 23.63 -27.15 30.74
C ARG B 326 22.15 -26.92 31.01
N VAL B 327 21.35 -27.04 29.97
CA VAL B 327 19.91 -26.89 30.08
C VAL B 327 19.33 -28.06 29.30
N ALA B 328 20.22 -29.01 29.04
CA ALA B 328 19.92 -30.21 28.29
C ALA B 328 18.50 -30.74 28.38
N ALA B 329 17.83 -30.58 29.51
CA ALA B 329 16.47 -31.13 29.63
C ALA B 329 15.42 -30.35 28.87
N ASP B 330 15.48 -29.02 29.02
CA ASP B 330 14.53 -28.10 28.40
C ASP B 330 14.89 -27.86 26.94
N ALA B 331 16.20 -27.72 26.70
CA ALA B 331 16.75 -27.47 25.34
C ALA B 331 16.51 -28.59 24.35
N SER B 332 16.32 -29.80 24.87
CA SER B 332 16.10 -30.94 24.02
C SER B 332 14.72 -30.95 23.41
N PRO B 333 13.66 -31.04 24.21
CA PRO B 333 12.35 -31.05 23.56
C PRO B 333 12.15 -29.91 22.55
N LEU B 334 13.01 -28.89 22.63
CA LEU B 334 12.95 -27.76 21.70
C LEU B 334 13.64 -28.18 20.43
N PHE B 335 14.93 -28.48 20.56
CA PHE B 335 15.74 -28.92 19.43
C PHE B 335 15.04 -30.01 18.64
N ALA B 336 14.15 -30.75 19.29
CA ALA B 336 13.38 -31.81 18.62
C ALA B 336 12.40 -31.12 17.68
N LYS B 337 11.54 -30.25 18.23
CA LYS B 337 10.55 -29.53 17.41
C LYS B 337 11.22 -28.82 16.25
N ASN B 338 12.29 -28.08 16.53
CA ASN B 338 13.03 -27.38 15.49
C ASN B 338 13.19 -28.32 14.30
N LEU B 339 13.34 -29.61 14.61
CA LEU B 339 13.47 -30.63 13.60
C LEU B 339 12.06 -31.00 13.11
N LEU B 340 11.31 -31.73 13.94
CA LEU B 340 9.96 -32.16 13.58
C LEU B 340 9.31 -31.14 12.68
N ASN B 341 9.54 -29.86 12.94
CA ASN B 341 8.98 -28.80 12.13
C ASN B 341 9.61 -28.88 10.76
N PHE B 342 10.88 -28.48 10.66
CA PHE B 342 11.59 -28.52 9.39
C PHE B 342 11.31 -29.79 8.59
N LEU B 343 10.83 -30.82 9.24
CA LEU B 343 10.56 -32.06 8.54
C LEU B 343 9.16 -32.27 7.99
N THR B 344 8.15 -32.41 8.85
CA THR B 344 6.78 -32.72 8.40
C THR B 344 6.16 -32.10 7.12
N PRO B 345 6.58 -30.91 6.70
CA PRO B 345 5.94 -30.44 5.48
C PRO B 345 6.14 -31.44 4.34
N HIS B 346 7.29 -32.10 4.37
CA HIS B 346 7.70 -33.08 3.37
C HIS B 346 7.22 -34.50 3.50
N VAL B 347 6.75 -34.89 4.67
CA VAL B 347 6.28 -36.26 4.75
C VAL B 347 4.98 -36.25 3.95
N ASP B 348 5.13 -36.46 2.64
CA ASP B 348 4.02 -36.47 1.69
C ASP B 348 2.68 -36.87 2.32
N LYS B 349 1.61 -36.22 1.88
CA LYS B 349 0.27 -36.48 2.38
C LYS B 349 0.01 -37.94 2.80
N ASP B 350 -0.18 -38.83 1.83
CA ASP B 350 -0.49 -40.22 2.12
C ASP B 350 0.48 -41.30 1.59
N THR B 351 1.22 -40.98 0.53
CA THR B 351 2.17 -41.93 -0.06
C THR B 351 3.10 -42.54 1.00
N LYS B 352 3.22 -41.87 2.14
CA LYS B 352 4.07 -42.31 3.24
C LYS B 352 5.55 -42.37 2.88
N THR B 353 6.06 -41.27 2.41
CA THR B 353 7.50 -41.21 2.12
C THR B 353 7.97 -39.83 2.43
N LEU B 354 9.29 -39.52 2.19
CA LEU B 354 9.65 -38.10 2.20
C LEU B 354 9.74 -37.50 0.83
N VAL B 355 9.84 -36.21 0.69
CA VAL B 355 9.76 -35.47 -0.58
C VAL B 355 10.35 -34.10 -0.38
N MET B 356 11.68 -33.99 -0.53
CA MET B 356 12.27 -32.69 -0.13
C MET B 356 12.11 -31.67 -1.23
N LYS B 357 11.08 -30.84 -1.24
CA LYS B 357 10.86 -29.83 -2.28
C LYS B 357 12.13 -28.98 -2.50
N LEU B 358 12.92 -29.41 -3.47
CA LEU B 358 14.19 -28.77 -3.85
C LEU B 358 14.19 -27.24 -3.95
N GLU B 359 13.05 -26.66 -4.27
CA GLU B 359 12.95 -25.21 -4.42
C GLU B 359 12.62 -24.53 -3.10
N ASP B 360 11.92 -25.27 -2.23
CA ASP B 360 11.52 -24.80 -0.90
C ASP B 360 12.69 -24.08 -0.18
N GLU B 361 12.54 -22.77 -0.02
CA GLU B 361 13.54 -21.91 0.59
C GLU B 361 14.43 -22.54 1.66
N THR B 362 13.83 -23.28 2.60
CA THR B 362 14.60 -23.91 3.67
C THR B 362 15.56 -24.95 3.11
N VAL B 363 15.02 -26.02 2.53
CA VAL B 363 15.82 -27.08 1.94
C VAL B 363 16.98 -26.54 1.09
N SER B 364 16.69 -25.62 0.20
CA SER B 364 17.72 -25.03 -0.66
C SER B 364 18.58 -24.01 0.07
N GLY B 365 18.68 -24.15 1.40
CA GLY B 365 19.48 -23.26 2.21
C GLY B 365 20.17 -24.15 3.23
N THR B 366 19.51 -25.28 3.48
CA THR B 366 19.95 -26.29 4.42
C THR B 366 20.96 -27.28 3.81
N CYS B 367 20.44 -28.23 3.03
CA CYS B 367 21.21 -29.30 2.38
C CYS B 367 22.60 -29.00 1.80
N VAL B 368 23.59 -29.72 2.33
CA VAL B 368 24.98 -29.53 1.94
C VAL B 368 25.50 -30.59 0.96
N THR B 369 24.82 -31.74 0.91
CA THR B 369 25.21 -32.82 0.01
C THR B 369 24.12 -33.87 -0.04
N ARG B 370 23.68 -34.23 -1.25
CA ARG B 370 22.63 -35.23 -1.36
C ARG B 370 22.98 -36.33 -2.36
N ASP B 371 22.36 -37.46 -2.13
CA ASP B 371 22.66 -38.73 -2.78
C ASP B 371 23.77 -38.68 -3.77
N GLY B 372 25.03 -38.54 -3.27
CA GLY B 372 26.17 -38.41 -4.17
C GLY B 372 27.28 -37.52 -3.69
N ALA B 373 27.17 -36.21 -3.96
CA ALA B 373 28.21 -35.28 -3.57
C ALA B 373 27.72 -33.92 -3.06
N ILE B 374 28.65 -33.16 -2.46
CA ILE B 374 28.39 -31.85 -1.89
C ILE B 374 27.58 -30.92 -2.81
N VAL B 375 26.39 -30.53 -2.33
CA VAL B 375 25.46 -29.68 -3.06
C VAL B 375 25.42 -28.21 -2.66
N HIS B 376 25.71 -27.90 -1.40
CA HIS B 376 25.66 -26.51 -0.94
C HIS B 376 26.60 -25.60 -1.73
N PRO B 377 26.20 -24.34 -1.94
CA PRO B 377 27.00 -23.37 -2.68
C PRO B 377 28.38 -23.20 -2.06
N ALA B 378 28.40 -22.65 -0.85
CA ALA B 378 29.61 -22.36 -0.08
C ALA B 378 30.72 -23.43 -0.13
N LEU B 379 30.35 -24.67 -0.41
CA LEU B 379 31.33 -25.75 -0.49
C LEU B 379 31.71 -26.05 -1.94
N THR B 380 30.71 -26.15 -2.81
CA THR B 380 30.95 -26.41 -4.24
C THR B 380 31.66 -27.75 -4.47
N ARG C 1 -12.31 5.03 6.16
CA ARG C 1 -11.50 3.80 5.90
C ARG C 1 -11.66 2.80 7.07
N HIS C 2 -10.90 3.07 8.14
CA HIS C 2 -10.89 2.24 9.35
C HIS C 2 -11.70 2.88 10.46
N MET C 3 -12.23 2.06 11.36
CA MET C 3 -12.99 2.61 12.47
C MET C 3 -11.99 2.94 13.55
N ALA C 4 -12.16 4.08 14.21
CA ALA C 4 -11.27 4.49 15.29
C ALA C 4 -12.12 4.81 16.52
N GLY C 5 -11.59 4.52 17.71
CA GLY C 5 -12.34 4.79 18.93
C GLY C 5 -11.53 5.56 19.96
N SER C 6 -12.10 5.71 21.15
CA SER C 6 -11.44 6.43 22.23
C SER C 6 -11.47 5.55 23.46
N ALA C 7 -10.62 5.88 24.43
CA ALA C 7 -10.56 5.11 25.67
C ALA C 7 -11.93 4.94 26.31
N GLU C 8 -12.85 5.84 25.99
CA GLU C 8 -14.21 5.79 26.54
C GLU C 8 -14.98 4.70 25.85
N ASP C 9 -14.66 4.49 24.58
CA ASP C 9 -15.34 3.47 23.80
C ASP C 9 -14.88 2.05 24.16
N ALA C 10 -13.60 1.91 24.48
CA ALA C 10 -13.07 0.61 24.87
C ALA C 10 -13.63 0.24 26.22
N ALA C 11 -13.69 1.22 27.12
CA ALA C 11 -14.20 0.97 28.45
C ALA C 11 -15.55 0.30 28.34
N PHE C 12 -16.47 0.95 27.62
CA PHE C 12 -17.81 0.41 27.46
C PHE C 12 -17.77 -0.98 26.87
N ILE C 13 -17.12 -1.11 25.72
CA ILE C 13 -17.01 -2.38 25.01
C ILE C 13 -16.57 -3.53 25.90
N MET C 14 -15.59 -3.26 26.76
CA MET C 14 -15.05 -4.29 27.63
C MET C 14 -15.68 -4.42 29.01
N LYS C 15 -16.27 -3.35 29.51
CA LYS C 15 -16.89 -3.44 30.81
C LYS C 15 -18.17 -4.26 30.65
N ASN C 16 -18.64 -4.38 29.40
CA ASN C 16 -19.88 -5.11 29.10
C ASN C 16 -19.69 -6.45 28.41
N ALA C 17 -18.46 -6.85 28.14
CA ALA C 17 -18.20 -8.11 27.46
C ALA C 17 -18.33 -9.33 28.38
N SER C 18 -18.25 -10.52 27.80
CA SER C 18 -18.32 -11.75 28.58
C SER C 18 -16.90 -12.31 28.57
N LYS C 19 -16.46 -12.79 27.42
CA LYS C 19 -15.12 -13.30 27.33
C LYS C 19 -14.27 -12.29 26.58
N VAL C 20 -13.02 -12.17 26.96
CA VAL C 20 -12.11 -11.24 26.33
C VAL C 20 -10.80 -11.99 26.25
N ILE C 21 -10.04 -11.76 25.17
CA ILE C 21 -8.76 -12.41 25.01
C ILE C 21 -7.69 -11.36 24.71
N ILE C 22 -6.83 -11.09 25.68
CA ILE C 22 -5.78 -10.09 25.55
C ILE C 22 -4.64 -10.61 24.74
N VAL C 23 -4.35 -9.92 23.65
CA VAL C 23 -3.27 -10.32 22.78
C VAL C 23 -2.15 -9.33 22.88
N PRO C 24 -1.11 -9.66 23.66
CA PRO C 24 0.07 -8.80 23.86
C PRO C 24 1.12 -8.99 22.79
N GLY C 25 1.71 -7.88 22.36
CA GLY C 25 2.75 -7.89 21.34
C GLY C 25 3.92 -6.99 21.70
N TYR C 26 4.94 -6.97 20.86
CA TYR C 26 6.13 -6.15 21.10
C TYR C 26 5.79 -4.76 21.60
N GLY C 27 4.68 -4.22 21.11
CA GLY C 27 4.23 -2.89 21.49
C GLY C 27 4.15 -2.72 22.99
N MET C 28 3.39 -3.59 23.66
CA MET C 28 3.26 -3.53 25.10
C MET C 28 4.62 -3.59 25.81
N ALA C 29 5.51 -4.41 25.28
CA ALA C 29 6.84 -4.52 25.86
C ALA C 29 7.55 -3.19 25.76
N VAL C 30 7.57 -2.63 24.55
CA VAL C 30 8.21 -1.34 24.29
C VAL C 30 7.63 -0.24 25.16
N ALA C 31 6.36 -0.36 25.51
CA ALA C 31 5.68 0.64 26.33
C ALA C 31 5.76 0.30 27.80
N GLN C 32 5.91 -0.98 28.11
CA GLN C 32 5.97 -1.42 29.50
C GLN C 32 4.59 -1.25 30.12
N ALA C 33 3.59 -1.84 29.47
CA ALA C 33 2.23 -1.74 29.92
C ALA C 33 1.76 -3.02 30.60
N GLN C 34 2.72 -3.87 30.99
CA GLN C 34 2.36 -5.12 31.63
C GLN C 34 1.52 -4.86 32.86
N HIS C 35 1.73 -3.71 33.49
CA HIS C 35 0.98 -3.38 34.70
C HIS C 35 -0.36 -2.73 34.46
N ALA C 36 -0.43 -1.81 33.51
CA ALA C 36 -1.69 -1.16 33.18
C ALA C 36 -2.56 -2.31 32.73
N LEU C 37 -1.97 -3.16 31.90
CA LEU C 37 -2.65 -4.30 31.37
C LEU C 37 -3.23 -5.20 32.46
N ARG C 38 -2.40 -5.73 33.35
CA ARG C 38 -2.91 -6.62 34.41
C ARG C 38 -3.91 -5.89 35.31
N GLU C 39 -3.61 -4.63 35.61
CA GLU C 39 -4.47 -3.77 36.39
C GLU C 39 -5.84 -3.92 35.76
N MET C 40 -5.97 -3.47 34.53
CA MET C 40 -7.23 -3.58 33.77
C MET C 40 -7.86 -4.97 33.87
N ALA C 41 -7.09 -5.99 33.49
CA ALA C 41 -7.51 -7.39 33.51
C ALA C 41 -8.30 -7.72 34.77
N ASP C 42 -7.92 -7.08 35.87
CA ASP C 42 -8.57 -7.28 37.15
C ASP C 42 -9.94 -6.65 37.15
N VAL C 43 -10.01 -5.38 36.78
CA VAL C 43 -11.29 -4.68 36.71
C VAL C 43 -12.26 -5.53 35.92
N LEU C 44 -11.83 -6.02 34.76
CA LEU C 44 -12.68 -6.87 33.94
C LEU C 44 -13.14 -8.04 34.77
N LYS C 45 -12.18 -8.78 35.33
CA LYS C 45 -12.47 -9.95 36.15
C LYS C 45 -13.37 -9.67 37.36
N LYS C 46 -13.47 -8.40 37.74
CA LYS C 46 -14.31 -8.00 38.86
C LYS C 46 -15.75 -7.83 38.39
N GLU C 47 -15.93 -7.64 37.08
CA GLU C 47 -17.25 -7.50 36.49
C GLU C 47 -17.79 -8.83 36.01
N GLY C 48 -17.08 -9.91 36.30
CA GLY C 48 -17.51 -11.24 35.88
C GLY C 48 -17.09 -11.54 34.46
N VAL C 49 -16.17 -10.72 33.96
CA VAL C 49 -15.67 -10.85 32.61
C VAL C 49 -14.61 -11.93 32.55
N GLU C 50 -14.60 -12.72 31.48
CA GLU C 50 -13.59 -13.75 31.33
C GLU C 50 -12.40 -13.20 30.57
N VAL C 51 -11.21 -13.42 31.12
CA VAL C 51 -9.97 -12.93 30.53
C VAL C 51 -8.94 -14.06 30.41
N SER C 52 -8.17 -14.00 29.34
CA SER C 52 -7.11 -14.96 29.08
C SER C 52 -6.18 -14.27 28.10
N TYR C 53 -4.89 -14.51 28.24
CA TYR C 53 -3.89 -13.89 27.37
C TYR C 53 -3.46 -14.86 26.31
N ALA C 54 -3.33 -14.39 25.08
CA ALA C 54 -2.91 -15.26 23.99
C ALA C 54 -1.48 -14.93 23.60
N ILE C 55 -0.55 -15.88 23.73
CA ILE C 55 0.83 -15.58 23.40
C ILE C 55 1.36 -16.26 22.14
N HIS C 56 1.64 -15.47 21.12
CA HIS C 56 2.15 -15.98 19.86
C HIS C 56 3.62 -16.32 20.05
N PRO C 57 4.01 -17.54 19.67
CA PRO C 57 5.37 -18.03 19.79
C PRO C 57 6.44 -16.97 19.58
N VAL C 58 6.23 -16.08 18.62
CA VAL C 58 7.24 -15.05 18.37
C VAL C 58 6.81 -13.60 18.67
N ALA C 59 5.77 -13.44 19.48
CA ALA C 59 5.35 -12.09 19.85
C ALA C 59 6.50 -11.54 20.68
N GLY C 60 6.94 -10.33 20.35
CA GLY C 60 8.04 -9.75 21.08
C GLY C 60 9.26 -9.80 20.18
N ARG C 61 10.44 -9.64 20.76
CA ARG C 61 11.67 -9.67 20.00
C ARG C 61 12.65 -10.68 20.53
N MET C 62 12.18 -11.54 21.44
CA MET C 62 12.98 -12.62 22.01
C MET C 62 12.04 -13.69 22.54
N PRO C 63 12.44 -14.96 22.51
CA PRO C 63 11.59 -16.05 23.01
C PRO C 63 11.07 -15.79 24.43
N GLY C 64 9.76 -15.90 24.63
CA GLY C 64 9.17 -15.63 25.93
C GLY C 64 9.18 -14.15 26.36
N HIS C 65 9.24 -13.23 25.40
CA HIS C 65 9.28 -11.79 25.71
C HIS C 65 8.03 -11.30 26.40
N MET C 66 6.89 -11.79 25.96
CA MET C 66 5.64 -11.39 26.58
C MET C 66 5.57 -11.97 27.98
N ASN C 67 6.14 -13.17 28.15
CA ASN C 67 6.16 -13.90 29.42
C ASN C 67 6.81 -13.21 30.62
N VAL C 68 8.09 -12.87 30.51
CA VAL C 68 8.77 -12.22 31.62
C VAL C 68 7.94 -11.07 32.14
N LEU C 69 7.60 -10.14 31.25
CA LEU C 69 6.82 -8.96 31.63
C LEU C 69 5.47 -9.34 32.21
N LEU C 70 4.77 -10.28 31.61
CA LEU C 70 3.48 -10.67 32.17
C LEU C 70 3.65 -11.26 33.56
N ALA C 71 4.76 -11.98 33.78
CA ALA C 71 5.04 -12.56 35.08
C ALA C 71 5.38 -11.40 36.00
N GLU C 72 6.31 -10.58 35.55
CA GLU C 72 6.74 -9.43 36.31
C GLU C 72 5.56 -8.58 36.73
N ALA C 73 4.47 -8.62 35.96
CA ALA C 73 3.28 -7.84 36.27
C ALA C 73 2.39 -8.66 37.17
N ASN C 74 2.88 -9.83 37.53
CA ASN C 74 2.16 -10.72 38.40
C ASN C 74 0.89 -11.24 37.70
N VAL C 75 1.07 -11.93 36.57
CA VAL C 75 -0.06 -12.48 35.84
C VAL C 75 -0.10 -14.01 35.94
N PRO C 76 -1.21 -14.54 36.47
CA PRO C 76 -1.51 -15.96 36.70
C PRO C 76 -1.20 -16.87 35.51
N TYR C 77 -0.23 -17.77 35.66
CA TYR C 77 0.10 -18.68 34.57
C TYR C 77 -1.12 -19.49 34.08
N ASP C 78 -2.26 -19.42 34.76
CA ASP C 78 -3.40 -20.19 34.30
C ASP C 78 -4.35 -19.30 33.49
N GLU C 79 -3.87 -18.11 33.17
CA GLU C 79 -4.64 -17.16 32.38
C GLU C 79 -3.81 -16.89 31.13
N VAL C 80 -2.65 -17.52 31.05
CA VAL C 80 -1.79 -17.33 29.90
C VAL C 80 -1.74 -18.62 29.09
N PHE C 81 -2.13 -18.54 27.83
CA PHE C 81 -2.17 -19.70 26.93
C PHE C 81 -1.36 -19.48 25.66
N GLU C 82 -1.00 -20.58 24.98
CA GLU C 82 -0.23 -20.48 23.74
C GLU C 82 -1.05 -20.79 22.50
N LEU C 83 -0.69 -20.14 21.39
CA LEU C 83 -1.36 -20.24 20.10
C LEU C 83 -2.20 -21.47 19.82
N GLU C 84 -1.64 -22.65 20.00
CA GLU C 84 -2.36 -23.88 19.71
C GLU C 84 -3.43 -24.31 20.71
N GLU C 85 -3.60 -23.52 21.77
CA GLU C 85 -4.60 -23.86 22.78
C GLU C 85 -5.66 -22.77 22.77
N ILE C 86 -5.23 -21.59 22.39
CA ILE C 86 -6.08 -20.41 22.37
C ILE C 86 -6.90 -20.16 21.10
N ASN C 87 -6.29 -20.23 19.91
CA ASN C 87 -6.99 -19.97 18.64
C ASN C 87 -8.41 -20.53 18.56
N SER C 88 -8.57 -21.73 19.09
CA SER C 88 -9.85 -22.40 19.05
C SER C 88 -10.92 -21.63 19.83
N SER C 89 -10.51 -20.53 20.45
CA SER C 89 -11.43 -19.76 21.28
C SER C 89 -11.98 -18.50 20.68
N PHE C 90 -11.09 -17.62 20.21
CA PHE C 90 -11.46 -16.35 19.65
C PHE C 90 -12.89 -16.30 19.11
N GLN C 91 -13.24 -17.29 18.31
CA GLN C 91 -14.59 -17.35 17.73
C GLN C 91 -15.69 -17.49 18.78
N THR C 92 -15.34 -17.40 20.05
CA THR C 92 -16.32 -17.52 21.12
C THR C 92 -16.09 -16.44 22.16
N ALA C 93 -15.31 -15.43 21.78
CA ALA C 93 -14.99 -14.33 22.66
C ALA C 93 -15.49 -13.01 22.10
N ASP C 94 -16.18 -12.24 22.94
CA ASP C 94 -16.72 -10.94 22.52
C ASP C 94 -15.69 -9.92 22.10
N VAL C 95 -14.48 -9.99 22.66
CA VAL C 95 -13.45 -9.01 22.34
C VAL C 95 -12.05 -9.59 22.23
N ALA C 96 -11.24 -8.97 21.37
CA ALA C 96 -9.87 -9.41 21.17
C ALA C 96 -8.94 -8.22 21.37
N PHE C 97 -8.67 -7.91 22.64
CA PHE C 97 -7.82 -6.79 23.02
C PHE C 97 -6.39 -7.01 22.54
N VAL C 98 -6.04 -6.42 21.41
CA VAL C 98 -4.71 -6.57 20.85
C VAL C 98 -3.92 -5.32 21.15
N ILE C 99 -3.07 -5.41 22.16
CA ILE C 99 -2.24 -4.31 22.62
C ILE C 99 -0.76 -4.41 22.24
N GLY C 100 -0.34 -3.52 21.34
CA GLY C 100 1.04 -3.49 20.90
C GLY C 100 1.42 -4.61 19.95
N ALA C 101 0.44 -5.35 19.44
CA ALA C 101 0.75 -6.44 18.52
C ALA C 101 0.20 -6.20 17.13
N ASN C 102 0.93 -6.72 16.15
CA ASN C 102 0.55 -6.61 14.74
C ASN C 102 0.84 -7.92 14.01
N ASP C 103 2.04 -8.07 13.48
CA ASP C 103 2.42 -9.27 12.74
C ASP C 103 1.80 -10.54 13.29
N VAL C 104 1.82 -10.71 14.61
CA VAL C 104 1.27 -11.91 15.19
C VAL C 104 -0.22 -12.04 14.95
N THR C 105 -0.83 -11.03 14.34
CA THR C 105 -2.26 -11.13 14.07
C THR C 105 -2.64 -11.12 12.59
N ASN C 106 -1.69 -10.72 11.75
CA ASN C 106 -1.89 -10.60 10.31
C ASN C 106 -2.40 -11.85 9.62
N PRO C 107 -3.54 -11.76 8.91
CA PRO C 107 -4.09 -12.93 8.23
C PRO C 107 -3.42 -13.17 6.89
N ALA C 108 -2.63 -12.19 6.44
CA ALA C 108 -1.93 -12.29 5.17
C ALA C 108 -1.07 -13.57 5.13
N ALA C 109 -0.38 -13.84 6.22
CA ALA C 109 0.45 -15.03 6.41
C ALA C 109 -0.28 -16.36 6.37
N LYS C 110 -1.58 -16.33 6.08
CA LYS C 110 -2.37 -17.57 5.82
C LYS C 110 -2.82 -17.59 4.36
N THR C 111 -2.72 -16.47 3.67
CA THR C 111 -3.16 -16.19 2.32
C THR C 111 -2.04 -15.97 1.32
N ASP C 112 -2.05 -14.83 0.58
CA ASP C 112 -1.02 -14.53 -0.42
C ASP C 112 0.41 -14.97 -0.10
N PRO C 113 0.87 -16.06 -0.75
CA PRO C 113 2.21 -16.65 -0.60
C PRO C 113 3.37 -15.72 -0.87
N SER C 114 3.07 -14.50 -1.28
CA SER C 114 4.12 -13.54 -1.57
C SER C 114 4.58 -12.83 -0.29
N SER C 115 3.63 -12.58 0.62
CA SER C 115 3.89 -11.89 1.89
C SER C 115 5.01 -12.53 2.72
N PRO C 116 5.92 -11.69 3.27
CA PRO C 116 7.08 -12.02 4.10
C PRO C 116 6.82 -12.80 5.39
N ILE C 117 5.54 -13.06 5.69
CA ILE C 117 5.18 -13.81 6.88
C ILE C 117 4.37 -15.05 6.49
N TYR C 118 4.08 -15.17 5.20
CA TYR C 118 3.33 -16.30 4.70
C TYR C 118 3.92 -17.56 5.31
N GLY C 119 3.05 -18.51 5.64
CA GLY C 119 3.51 -19.77 6.23
C GLY C 119 3.48 -19.75 7.74
N MET C 120 3.73 -18.59 8.35
CA MET C 120 3.70 -18.45 9.80
C MET C 120 2.29 -18.56 10.36
N PRO C 121 2.13 -19.24 11.51
CA PRO C 121 0.80 -19.37 12.10
C PRO C 121 0.49 -18.04 12.70
N ILE C 122 -0.77 -17.79 12.98
CA ILE C 122 -1.16 -16.53 13.58
C ILE C 122 -2.33 -16.74 14.53
N LEU C 123 -2.68 -15.72 15.31
CA LEU C 123 -3.80 -15.85 16.20
C LEU C 123 -5.04 -15.36 15.47
N ASP C 124 -5.97 -16.28 15.23
CA ASP C 124 -7.22 -15.99 14.56
C ASP C 124 -8.02 -14.97 15.35
N VAL C 125 -7.53 -13.75 15.43
CA VAL C 125 -8.24 -12.75 16.19
C VAL C 125 -9.51 -12.30 15.52
N GLU C 126 -9.51 -12.29 14.18
CA GLU C 126 -10.67 -11.82 13.44
C GLU C 126 -11.90 -12.72 13.56
N LYS C 127 -11.95 -13.52 14.61
CA LYS C 127 -13.09 -14.39 14.83
C LYS C 127 -13.86 -13.94 16.04
N ALA C 128 -13.26 -13.05 16.82
CA ALA C 128 -13.91 -12.52 18.00
C ALA C 128 -14.93 -11.46 17.58
N GLY C 129 -16.06 -11.43 18.26
CA GLY C 129 -17.09 -10.46 17.94
C GLY C 129 -16.54 -9.14 17.43
N THR C 130 -15.74 -8.46 18.24
CA THR C 130 -15.16 -7.20 17.82
C THR C 130 -13.67 -7.22 18.19
N VAL C 131 -12.82 -6.71 17.29
CA VAL C 131 -11.37 -6.68 17.49
C VAL C 131 -10.90 -5.25 17.70
N LEU C 132 -9.98 -5.06 18.66
CA LEU C 132 -9.42 -3.75 18.99
C LEU C 132 -7.91 -3.78 18.88
N PHE C 133 -7.32 -2.73 18.32
CA PHE C 133 -5.87 -2.66 18.18
C PHE C 133 -5.38 -1.42 18.92
N ILE C 134 -4.45 -1.61 19.86
CA ILE C 134 -3.96 -0.48 20.64
C ILE C 134 -2.52 -0.16 20.33
N LYS C 135 -2.29 0.46 19.18
CA LYS C 135 -0.94 0.85 18.78
C LYS C 135 -0.95 2.36 18.70
N ARG C 136 0.13 2.94 18.20
CA ARG C 136 0.21 4.40 18.08
C ARG C 136 -0.26 4.87 16.72
N SER C 137 0.55 4.59 15.70
CA SER C 137 0.23 4.99 14.35
C SER C 137 -0.45 3.85 13.58
N MET C 138 -0.40 3.91 12.26
CA MET C 138 -0.99 2.88 11.42
C MET C 138 0.15 2.07 10.82
N ALA C 139 1.35 2.32 11.32
CA ALA C 139 2.53 1.62 10.83
C ALA C 139 2.39 0.12 11.05
N SER C 140 3.31 -0.62 10.46
CA SER C 140 3.32 -2.08 10.57
C SER C 140 4.40 -2.50 11.56
N GLY C 141 4.66 -3.80 11.62
CA GLY C 141 5.65 -4.29 12.56
C GLY C 141 7.01 -4.57 11.97
N TYR C 142 7.55 -5.72 12.35
CA TYR C 142 8.85 -6.16 11.87
C TYR C 142 8.69 -6.51 10.41
N ALA C 143 7.73 -7.38 10.09
CA ALA C 143 7.50 -7.78 8.72
C ALA C 143 7.13 -6.59 7.85
N GLY C 144 6.95 -5.43 8.47
CA GLY C 144 6.61 -4.23 7.73
C GLY C 144 5.48 -4.40 6.73
N VAL C 145 4.66 -5.41 6.93
CA VAL C 145 3.57 -5.65 6.02
C VAL C 145 2.29 -5.06 6.56
N GLU C 146 1.50 -4.46 5.68
CA GLU C 146 0.24 -3.87 6.08
C GLU C 146 -0.67 -4.96 6.58
N ASN C 147 -1.39 -4.66 7.66
CA ASN C 147 -2.31 -5.62 8.26
C ASN C 147 -3.69 -5.38 7.73
N GLU C 148 -4.20 -6.37 7.01
CA GLU C 148 -5.53 -6.28 6.40
C GLU C 148 -6.65 -6.13 7.42
N LEU C 149 -6.41 -6.58 8.64
CA LEU C 149 -7.43 -6.52 9.69
C LEU C 149 -7.90 -5.13 10.12
N PHE C 150 -7.04 -4.13 10.01
CA PHE C 150 -7.40 -2.78 10.44
C PHE C 150 -8.69 -2.24 9.80
N PHE C 151 -9.04 -2.76 8.63
CA PHE C 151 -10.21 -2.28 7.92
C PHE C 151 -11.33 -3.28 7.83
N ARG C 152 -11.79 -3.78 8.97
CA ARG C 152 -12.88 -4.74 8.94
C ARG C 152 -14.03 -4.18 9.75
N ASN C 153 -15.23 -4.67 9.45
CA ASN C 153 -16.45 -4.23 10.10
C ASN C 153 -16.54 -4.67 11.56
N ASN C 154 -15.44 -5.12 12.14
CA ASN C 154 -15.45 -5.53 13.54
C ASN C 154 -14.12 -5.13 14.16
N THR C 155 -13.41 -4.23 13.48
CA THR C 155 -12.13 -3.78 13.96
C THR C 155 -12.12 -2.28 14.24
N MET C 156 -11.84 -1.92 15.47
CA MET C 156 -11.77 -0.54 15.85
C MET C 156 -10.32 -0.31 16.23
N MET C 157 -9.80 0.87 15.96
CA MET C 157 -8.43 1.17 16.33
C MET C 157 -8.54 2.01 17.60
N LEU C 158 -7.51 1.95 18.44
CA LEU C 158 -7.47 2.71 19.67
C LEU C 158 -6.09 3.29 19.70
N PHE C 159 -5.86 4.31 18.90
CA PHE C 159 -4.55 4.93 18.84
C PHE C 159 -4.02 5.54 20.15
N GLY C 160 -2.77 5.21 20.47
CA GLY C 160 -2.15 5.74 21.67
C GLY C 160 -0.91 4.95 22.05
N ASP C 161 -0.38 5.21 23.24
CA ASP C 161 0.78 4.48 23.71
C ASP C 161 0.21 3.32 24.51
N ALA C 162 0.70 2.12 24.22
CA ALA C 162 0.24 0.90 24.87
C ALA C 162 -0.12 1.13 26.32
N LYS C 163 0.74 1.81 27.06
CA LYS C 163 0.50 2.08 28.46
C LYS C 163 -0.50 3.22 28.66
N LYS C 164 -0.18 4.38 28.13
CA LYS C 164 -1.07 5.53 28.31
C LYS C 164 -2.53 5.26 27.95
N MET C 165 -2.77 4.31 27.05
CA MET C 165 -4.13 3.98 26.64
C MET C 165 -4.85 3.05 27.63
N THR C 166 -4.14 2.00 28.04
CA THR C 166 -4.68 1.04 28.98
C THR C 166 -4.99 1.73 30.29
N GLU C 167 -4.15 2.71 30.64
CA GLU C 167 -4.35 3.47 31.87
C GLU C 167 -5.63 4.30 31.79
N GLN C 168 -5.88 4.88 30.61
CA GLN C 168 -7.07 5.69 30.39
C GLN C 168 -8.33 4.84 30.27
N ILE C 169 -8.19 3.58 29.91
CA ILE C 169 -9.33 2.70 29.80
C ILE C 169 -9.71 2.22 31.18
N VAL C 170 -8.70 1.83 31.97
CA VAL C 170 -8.95 1.37 33.32
C VAL C 170 -9.65 2.52 34.04
N GLN C 171 -9.08 3.71 33.85
CA GLN C 171 -9.57 4.98 34.42
C GLN C 171 -11.05 5.20 34.10
N ALA C 172 -11.39 5.05 32.82
CA ALA C 172 -12.76 5.21 32.30
C ALA C 172 -13.73 4.19 32.88
N MET C 173 -13.25 2.96 33.04
CA MET C 173 -14.07 1.88 33.56
C MET C 173 -14.43 2.12 35.02
N ASN C 174 -13.54 2.76 35.75
CA ASN C 174 -13.72 3.04 37.17
C ASN C 174 -14.58 4.27 37.45
N MET D 1 -7.66 40.86 -0.73
CA MET D 1 -6.47 41.64 -1.16
C MET D 1 -6.74 42.42 -2.45
N LYS D 2 -5.69 43.01 -3.03
CA LYS D 2 -5.79 43.79 -4.26
C LYS D 2 -4.51 43.65 -5.11
N ILE D 3 -4.48 42.63 -5.96
CA ILE D 3 -3.31 42.37 -6.81
C ILE D 3 -3.59 42.57 -8.31
N ALA D 4 -2.68 43.26 -8.98
CA ALA D 4 -2.81 43.50 -10.40
C ALA D 4 -1.47 43.29 -11.08
N ILE D 5 -1.50 43.15 -12.40
CA ILE D 5 -0.27 42.92 -13.15
C ILE D 5 -0.08 43.92 -14.28
N PRO D 6 1.17 44.41 -14.45
CA PRO D 6 1.54 45.39 -15.47
C PRO D 6 2.02 44.69 -16.74
N LYS D 7 2.59 45.48 -17.66
CA LYS D 7 3.11 44.94 -18.91
C LYS D 7 4.62 45.12 -18.97
N GLU D 8 5.33 44.06 -19.31
CA GLU D 8 6.77 44.18 -19.41
C GLU D 8 7.05 45.19 -20.51
N ARG D 9 7.77 46.25 -20.16
CA ARG D 9 8.06 47.29 -21.13
C ARG D 9 9.51 47.31 -21.59
N ARG D 10 10.34 46.44 -21.04
CA ARG D 10 11.72 46.41 -21.50
C ARG D 10 11.76 45.91 -22.94
N PRO D 11 12.75 46.34 -23.71
CA PRO D 11 12.85 45.90 -25.10
C PRO D 11 12.89 44.39 -25.18
N GLY D 12 12.13 43.82 -26.10
CA GLY D 12 12.13 42.38 -26.27
C GLY D 12 11.55 41.58 -25.13
N GLU D 13 10.32 41.90 -24.73
CA GLU D 13 9.67 41.17 -23.65
C GLU D 13 8.23 40.87 -24.00
N ASP D 14 7.99 39.70 -24.56
CA ASP D 14 6.63 39.31 -24.94
C ASP D 14 5.94 38.52 -23.84
N ARG D 15 6.64 38.25 -22.74
CA ARG D 15 6.08 37.48 -21.62
C ARG D 15 5.30 38.37 -20.64
N VAL D 16 4.52 37.73 -19.75
CA VAL D 16 3.75 38.47 -18.74
C VAL D 16 3.32 37.60 -17.54
N ALA D 17 3.74 38.02 -16.35
CA ALA D 17 3.44 37.31 -15.11
C ALA D 17 1.96 37.31 -14.75
N ILE D 18 1.16 36.56 -15.49
CA ILE D 18 -0.28 36.45 -15.25
C ILE D 18 -0.96 35.75 -16.41
N SER D 19 -1.72 34.69 -16.11
CA SER D 19 -2.46 33.91 -17.11
C SER D 19 -3.88 33.62 -16.63
N PRO D 20 -4.88 33.69 -17.53
CA PRO D 20 -6.30 33.46 -17.27
C PRO D 20 -6.61 32.38 -16.25
N GLU D 21 -5.75 31.39 -16.15
CA GLU D 21 -5.93 30.29 -15.19
C GLU D 21 -5.45 30.73 -13.79
N VAL D 22 -4.31 31.41 -13.76
CA VAL D 22 -3.73 31.92 -12.52
C VAL D 22 -4.65 33.01 -11.97
N VAL D 23 -5.25 33.79 -12.86
CA VAL D 23 -6.17 34.86 -12.44
C VAL D 23 -7.24 34.23 -11.56
N LYS D 24 -8.13 33.44 -12.16
CA LYS D 24 -9.20 32.79 -11.43
C LYS D 24 -8.63 32.12 -10.17
N LYS D 25 -7.48 31.46 -10.30
CA LYS D 25 -6.89 30.81 -9.13
C LYS D 25 -6.34 31.85 -8.17
N LEU D 26 -6.68 33.12 -8.42
CA LEU D 26 -6.27 34.22 -7.56
C LEU D 26 -7.55 34.95 -7.20
N VAL D 27 -8.38 35.20 -8.20
CA VAL D 27 -9.67 35.86 -8.03
C VAL D 27 -10.55 34.95 -7.17
N GLY D 28 -10.20 33.67 -7.15
CA GLY D 28 -10.94 32.73 -6.35
C GLY D 28 -10.35 32.72 -4.96
N LEU D 29 -9.02 32.82 -4.89
CA LEU D 29 -8.34 32.84 -3.61
C LEU D 29 -8.77 34.11 -2.89
N GLY D 30 -9.49 34.97 -3.62
CA GLY D 30 -9.99 36.20 -3.04
C GLY D 30 -9.18 37.47 -3.25
N PHE D 31 -8.76 37.71 -4.48
CA PHE D 31 -7.98 38.91 -4.78
C PHE D 31 -8.77 39.73 -5.80
N GLU D 32 -8.18 40.84 -6.21
CA GLU D 32 -8.78 41.70 -7.20
C GLU D 32 -7.69 41.82 -8.24
N VAL D 33 -7.69 40.86 -9.17
CA VAL D 33 -6.68 40.82 -10.22
C VAL D 33 -6.96 41.81 -11.33
N ILE D 34 -6.02 42.74 -11.54
CA ILE D 34 -6.15 43.75 -12.59
C ILE D 34 -4.90 43.76 -13.45
N VAL D 35 -5.05 43.95 -14.75
CA VAL D 35 -3.88 43.95 -15.64
C VAL D 35 -3.87 45.11 -16.63
N GLU D 36 -2.68 45.62 -16.93
CA GLU D 36 -2.51 46.73 -17.87
C GLU D 36 -3.06 46.30 -19.22
N GLN D 37 -3.69 47.23 -19.92
CA GLN D 37 -4.26 46.96 -21.23
C GLN D 37 -3.21 46.36 -22.18
N GLY D 38 -3.48 45.14 -22.66
CA GLY D 38 -2.58 44.46 -23.59
C GLY D 38 -1.19 44.20 -23.03
N ALA D 39 -1.13 43.88 -21.74
CA ALA D 39 0.12 43.60 -21.04
C ALA D 39 0.66 42.19 -21.32
N GLY D 40 -0.18 41.38 -21.94
CA GLY D 40 0.20 40.02 -22.28
C GLY D 40 -0.32 39.70 -23.65
N VAL D 41 0.01 40.55 -24.62
CA VAL D 41 -0.43 40.33 -25.99
C VAL D 41 0.61 39.48 -26.70
N GLY D 42 1.88 39.72 -26.40
CA GLY D 42 2.95 38.96 -27.01
C GLY D 42 3.04 37.55 -26.43
N ALA D 43 2.17 37.27 -25.47
CA ALA D 43 2.10 35.96 -24.82
C ALA D 43 0.87 35.26 -25.37
N SER D 44 0.05 36.02 -26.08
CA SER D 44 -1.18 35.57 -26.72
C SER D 44 -2.36 35.38 -25.77
N ILE D 45 -2.54 36.33 -24.85
CA ILE D 45 -3.64 36.29 -23.90
C ILE D 45 -4.44 37.57 -24.07
N THR D 46 -5.67 37.46 -24.57
CA THR D 46 -6.51 38.65 -24.78
C THR D 46 -7.09 39.25 -23.51
N ASP D 47 -7.02 40.58 -23.41
CA ASP D 47 -7.55 41.29 -22.26
C ASP D 47 -8.90 40.69 -21.91
N ASP D 48 -9.68 40.39 -22.94
CA ASP D 48 -10.99 39.81 -22.73
C ASP D 48 -10.87 38.53 -21.89
N ALA D 49 -9.86 37.71 -22.19
CA ALA D 49 -9.63 36.47 -21.47
C ALA D 49 -9.44 36.73 -19.99
N LEU D 50 -8.38 37.45 -19.64
CA LEU D 50 -8.10 37.75 -18.23
C LEU D 50 -9.38 38.11 -17.51
N THR D 51 -10.11 39.07 -18.09
CA THR D 51 -11.37 39.55 -17.55
C THR D 51 -12.45 38.48 -17.41
N ALA D 52 -12.73 37.79 -18.50
CA ALA D 52 -13.75 36.75 -18.50
C ALA D 52 -13.43 35.65 -17.49
N ALA D 53 -12.24 35.69 -16.91
CA ALA D 53 -11.84 34.69 -15.92
C ALA D 53 -11.58 35.34 -14.56
N GLY D 54 -12.49 36.22 -14.16
CA GLY D 54 -12.39 36.90 -12.87
C GLY D 54 -11.55 38.17 -12.79
N ALA D 55 -10.60 38.33 -13.71
CA ALA D 55 -9.75 39.51 -13.71
C ALA D 55 -10.52 40.78 -14.07
N THR D 56 -9.79 41.86 -14.23
CA THR D 56 -10.38 43.15 -14.56
C THR D 56 -9.39 44.06 -15.26
N ILE D 57 -9.57 44.24 -16.56
CA ILE D 57 -8.75 45.19 -17.40
C ILE D 57 -8.78 46.66 -16.85
N ALA D 58 -7.75 47.42 -17.02
CA ALA D 58 -7.38 48.82 -16.57
C ALA D 58 -6.67 49.46 -17.79
N SER D 59 -6.60 50.74 -17.89
CA SER D 59 -6.05 51.41 -19.10
C SER D 59 -4.58 51.34 -19.25
N THR D 60 -3.94 51.67 -18.11
CA THR D 60 -2.54 52.10 -18.28
C THR D 60 -1.69 51.58 -17.16
N ALA D 61 -0.46 52.05 -17.27
CA ALA D 61 0.57 51.72 -16.30
C ALA D 61 0.09 52.03 -14.89
N ALA D 62 -0.16 53.31 -14.63
CA ALA D 62 -0.63 53.76 -13.31
C ALA D 62 -1.89 53.03 -12.89
N GLN D 63 -2.93 53.14 -13.71
CA GLN D 63 -4.21 52.48 -13.45
C GLN D 63 -4.02 51.11 -12.78
N ALA D 64 -3.01 50.38 -13.26
CA ALA D 64 -2.69 49.07 -12.72
C ALA D 64 -2.20 49.15 -11.28
N LEU D 65 -0.89 49.38 -11.12
CA LEU D 65 -0.26 49.47 -9.81
C LEU D 65 -0.90 50.49 -8.87
N SER D 66 -0.96 51.74 -9.34
CA SER D 66 -1.52 52.87 -8.60
C SER D 66 -2.23 52.56 -7.28
N GLN D 67 -3.29 51.71 -7.28
CA GLN D 67 -4.09 51.50 -6.09
C GLN D 67 -4.22 50.12 -5.57
N ALA D 68 -3.15 49.33 -5.31
CA ALA D 68 -3.17 47.93 -4.98
C ALA D 68 -1.89 47.67 -4.15
N ASP D 69 -1.83 46.46 -3.73
CA ASP D 69 -1.06 45.84 -2.71
C ASP D 69 0.15 45.10 -3.21
N VAL D 70 -0.12 44.04 -3.93
CA VAL D 70 0.95 43.14 -4.37
C VAL D 70 1.08 43.24 -5.88
N VAL D 71 2.31 43.44 -6.35
CA VAL D 71 2.56 43.60 -7.77
C VAL D 71 3.31 42.45 -8.42
N TRP D 72 2.67 41.85 -9.44
CA TRP D 72 3.25 40.74 -10.16
C TRP D 72 3.84 41.19 -11.50
N LYS D 73 5.16 41.15 -11.59
CA LYS D 73 5.85 41.56 -12.81
C LYS D 73 6.89 40.51 -13.18
N VAL D 74 7.17 40.31 -14.46
CA VAL D 74 8.16 39.32 -14.89
C VAL D 74 9.56 39.82 -14.56
N GLN D 75 10.09 40.67 -15.44
CA GLN D 75 11.42 41.24 -15.26
C GLN D 75 11.36 42.52 -14.40
N ARG D 76 12.53 42.98 -13.95
CA ARG D 76 12.64 44.17 -13.10
C ARG D 76 11.66 45.32 -13.34
N PRO D 77 11.55 46.23 -12.35
CA PRO D 77 10.68 47.41 -12.39
C PRO D 77 11.52 48.65 -12.70
N MET D 78 11.28 49.26 -13.87
CA MET D 78 12.04 50.44 -14.31
C MET D 78 12.07 51.63 -13.34
N THR D 79 13.19 52.35 -13.38
CA THR D 79 13.39 53.54 -12.55
C THR D 79 13.34 54.79 -13.44
N ALA D 80 13.62 55.95 -12.84
CA ALA D 80 13.64 57.21 -13.57
C ALA D 80 15.00 57.26 -14.26
N GLU D 81 16.04 56.88 -13.50
CA GLU D 81 17.42 56.83 -14.01
C GLU D 81 17.46 55.95 -15.25
N GLU D 82 16.40 55.16 -15.43
CA GLU D 82 16.25 54.24 -16.55
C GLU D 82 15.63 54.95 -17.76
N GLY D 83 14.35 55.28 -17.66
CA GLY D 83 13.65 55.94 -18.73
C GLY D 83 12.36 56.47 -18.16
N THR D 84 11.47 55.54 -17.81
CA THR D 84 10.18 55.85 -17.19
C THR D 84 10.26 55.22 -15.81
N ASP D 85 9.99 55.99 -14.75
CA ASP D 85 10.07 55.42 -13.41
C ASP D 85 8.84 54.60 -13.06
N GLU D 86 9.06 53.32 -12.84
CA GLU D 86 8.00 52.40 -12.49
C GLU D 86 8.02 52.20 -10.98
N VAL D 87 9.23 52.08 -10.44
CA VAL D 87 9.41 51.88 -9.01
C VAL D 87 8.61 52.87 -8.18
N ALA D 88 8.31 54.03 -8.76
CA ALA D 88 7.52 55.03 -8.04
C ALA D 88 6.05 55.02 -8.46
N LEU D 89 5.74 54.41 -9.60
CA LEU D 89 4.35 54.36 -10.06
C LEU D 89 3.65 53.43 -9.08
N ILE D 90 4.32 52.32 -8.77
CA ILE D 90 3.79 51.35 -7.82
C ILE D 90 3.49 52.10 -6.52
N LYS D 91 2.43 51.72 -5.84
CA LYS D 91 2.07 52.33 -4.58
C LYS D 91 2.88 51.84 -3.41
N GLU D 92 3.86 52.69 -3.02
CA GLU D 92 4.62 52.50 -1.77
C GLU D 92 3.70 51.75 -0.79
N GLY D 93 4.35 51.17 0.22
CA GLY D 93 3.61 50.37 1.19
C GLY D 93 2.75 49.31 0.48
N ALA D 94 3.44 48.30 -0.09
CA ALA D 94 2.81 47.19 -0.81
C ALA D 94 3.88 46.12 -1.08
N VAL D 95 3.50 45.04 -1.75
CA VAL D 95 4.47 43.99 -2.06
C VAL D 95 4.59 43.74 -3.57
N LEU D 96 5.80 43.38 -3.99
CA LEU D 96 6.06 43.08 -5.38
C LEU D 96 7.05 41.93 -5.51
N MET D 97 6.55 40.81 -5.98
CA MET D 97 7.38 39.64 -6.19
C MET D 97 7.53 39.51 -7.70
N CYS D 98 8.75 39.21 -8.12
CA CYS D 98 9.05 39.09 -9.54
C CYS D 98 10.54 38.92 -9.65
N HIS D 99 11.04 38.95 -10.87
CA HIS D 99 12.47 38.83 -11.09
C HIS D 99 13.03 40.21 -10.77
N LEU D 100 14.31 40.28 -10.41
CA LEU D 100 14.94 41.56 -10.08
C LEU D 100 16.44 41.48 -10.31
N GLY D 101 16.90 40.32 -10.76
CA GLY D 101 18.32 40.15 -11.00
C GLY D 101 19.16 40.79 -9.91
N ALA D 102 18.59 40.90 -8.72
CA ALA D 102 19.18 41.49 -7.52
C ALA D 102 20.67 41.49 -7.40
N LEU D 103 21.27 40.38 -7.74
CA LEU D 103 22.69 40.21 -7.69
C LEU D 103 23.50 41.16 -8.53
N THR D 104 22.81 41.87 -9.42
CA THR D 104 23.44 42.88 -10.25
C THR D 104 22.63 44.12 -10.47
N ASN D 105 21.59 44.35 -9.65
CA ASN D 105 20.83 45.61 -9.89
C ASN D 105 20.69 46.44 -8.66
N ARG D 106 21.82 46.63 -7.95
CA ARG D 106 21.73 47.26 -6.64
C ARG D 106 20.86 48.51 -6.60
N PRO D 107 21.14 49.49 -7.46
CA PRO D 107 20.37 50.75 -7.50
C PRO D 107 18.86 50.62 -7.32
N VAL D 108 18.21 49.87 -8.20
CA VAL D 108 16.77 49.68 -8.16
C VAL D 108 16.25 49.22 -6.81
N VAL D 109 16.91 48.19 -6.26
CA VAL D 109 16.49 47.65 -4.97
C VAL D 109 16.34 48.80 -3.97
N GLU D 110 17.26 49.74 -4.02
CA GLU D 110 17.25 50.87 -3.11
C GLU D 110 16.21 51.90 -3.53
N ALA D 111 15.85 51.90 -4.81
CA ALA D 111 14.83 52.80 -5.32
C ALA D 111 13.50 52.31 -4.76
N LEU D 112 13.31 50.99 -4.76
CA LEU D 112 12.11 50.34 -4.21
C LEU D 112 12.11 50.52 -2.68
N THR D 113 13.31 50.30 -2.14
CA THR D 113 13.60 50.47 -0.71
C THR D 113 12.99 51.79 -0.24
N LYS D 114 13.30 52.86 -0.91
CA LYS D 114 12.88 54.20 -0.41
C LYS D 114 11.38 54.36 -0.40
N ARG D 115 10.67 53.57 -1.22
CA ARG D 115 9.25 53.51 -1.38
C ARG D 115 8.53 52.61 -0.40
N LYS D 116 9.27 51.98 0.50
CA LYS D 116 8.64 51.21 1.58
C LYS D 116 7.91 50.03 1.05
N ILE D 117 8.60 49.36 0.08
CA ILE D 117 7.91 48.19 -0.51
C ILE D 117 8.64 46.93 -0.15
N THR D 118 7.83 45.90 0.06
CA THR D 118 8.40 44.56 0.37
C THR D 118 8.63 43.88 -0.98
N ALA D 119 9.88 43.63 -1.35
CA ALA D 119 10.17 43.02 -2.65
C ALA D 119 10.95 41.71 -2.57
N TYR D 120 10.40 40.67 -3.22
CA TYR D 120 11.00 39.33 -3.23
C TYR D 120 11.75 38.98 -4.52
N ALA D 121 13.05 38.68 -4.37
CA ALA D 121 13.94 38.32 -5.48
C ALA D 121 13.77 36.90 -5.98
N MET D 122 12.70 36.69 -6.76
CA MET D 122 12.35 35.39 -7.31
C MET D 122 13.49 34.54 -7.89
N GLU D 123 14.39 35.16 -8.65
CA GLU D 123 15.51 34.44 -9.26
C GLU D 123 16.45 33.92 -8.20
N LEU D 124 16.02 34.06 -6.95
CA LEU D 124 16.81 33.64 -5.80
C LEU D 124 16.12 32.52 -5.00
N MET D 125 15.25 31.76 -5.66
CA MET D 125 14.55 30.65 -5.03
C MET D 125 15.65 29.74 -4.52
N PRO D 126 15.46 29.16 -3.32
CA PRO D 126 16.47 28.26 -2.75
C PRO D 126 16.35 26.88 -3.37
N ARG D 127 17.49 26.32 -3.75
CA ARG D 127 17.54 24.99 -4.38
C ARG D 127 16.90 23.81 -3.62
N ILE D 128 15.85 24.08 -2.87
CA ILE D 128 15.21 22.99 -2.16
C ILE D 128 14.14 22.38 -3.05
N SER D 129 14.16 21.09 -3.21
CA SER D 129 13.16 20.31 -3.88
C SER D 129 11.76 20.44 -3.33
N ARG D 130 11.55 21.12 -2.23
CA ARG D 130 10.31 21.63 -1.71
C ARG D 130 9.74 22.83 -2.52
N ALA D 131 10.59 23.45 -3.32
CA ALA D 131 10.22 24.59 -4.14
C ALA D 131 10.70 24.53 -5.58
N GLN D 132 10.15 23.58 -6.34
CA GLN D 132 10.49 23.45 -7.74
C GLN D 132 9.31 24.12 -8.48
N SER D 133 8.18 24.20 -7.79
CA SER D 133 7.00 24.81 -8.38
C SER D 133 7.12 26.30 -8.51
N MET D 134 7.83 26.91 -7.55
CA MET D 134 8.02 28.36 -7.51
C MET D 134 9.29 28.85 -8.23
N ASP D 135 10.22 27.93 -8.43
CA ASP D 135 11.46 28.28 -9.10
C ASP D 135 11.15 28.60 -10.56
N ILE D 136 11.03 29.89 -10.88
CA ILE D 136 10.74 30.30 -12.26
C ILE D 136 12.00 30.11 -13.09
N LEU D 137 13.13 30.01 -12.40
CA LEU D 137 14.42 29.84 -13.04
C LEU D 137 14.42 28.64 -13.97
N SER D 138 13.85 27.53 -13.51
CA SER D 138 13.77 26.29 -14.30
C SER D 138 12.56 26.29 -15.21
N SER D 139 11.48 26.92 -14.75
CA SER D 139 10.25 27.02 -15.50
C SER D 139 10.56 27.51 -16.89
N GLN D 140 11.35 28.57 -16.96
CA GLN D 140 11.75 29.16 -18.22
C GLN D 140 12.96 28.43 -18.82
N SER D 141 14.01 28.32 -18.01
CA SER D 141 15.23 27.64 -18.42
C SER D 141 14.96 26.36 -19.20
N ASN D 142 13.78 25.78 -18.98
CA ASN D 142 13.39 24.55 -19.67
C ASN D 142 13.07 24.87 -21.11
N LEU D 143 12.12 25.77 -21.31
CA LEU D 143 11.71 26.16 -22.65
C LEU D 143 12.92 26.61 -23.48
N ALA D 144 13.84 27.31 -22.85
CA ALA D 144 15.03 27.78 -23.53
C ALA D 144 15.68 26.64 -24.27
N GLY D 145 15.99 25.57 -23.56
CA GLY D 145 16.64 24.41 -24.18
C GLY D 145 15.92 23.85 -25.38
N TYR D 146 14.60 23.98 -25.39
CA TYR D 146 13.79 23.51 -26.50
C TYR D 146 14.01 24.46 -27.68
N ARG D 147 13.69 25.72 -27.43
CA ARG D 147 13.85 26.78 -28.41
C ARG D 147 15.19 26.65 -29.10
N ALA D 148 16.25 26.50 -28.31
CA ALA D 148 17.61 26.37 -28.83
C ALA D 148 17.69 25.47 -30.05
N VAL D 149 17.05 24.30 -29.96
CA VAL D 149 17.04 23.32 -31.04
C VAL D 149 16.17 23.85 -32.15
N ILE D 150 15.01 24.37 -31.81
CA ILE D 150 14.17 24.93 -32.84
C ILE D 150 14.98 25.95 -33.64
N ASP D 151 15.58 26.94 -32.97
CA ASP D 151 16.36 27.97 -33.67
C ASP D 151 17.60 27.41 -34.34
N GLY D 152 18.11 26.30 -33.84
CA GLY D 152 19.30 25.73 -34.45
C GLY D 152 18.99 25.02 -35.74
N ALA D 153 17.85 24.33 -35.78
CA ALA D 153 17.42 23.59 -36.96
C ALA D 153 16.99 24.58 -38.02
N TYR D 154 16.47 25.70 -37.55
CA TYR D 154 16.00 26.78 -38.41
C TYR D 154 17.20 27.37 -39.12
N GLU D 155 18.21 27.77 -38.37
CA GLU D 155 19.42 28.33 -38.93
C GLU D 155 20.31 27.24 -39.53
N PHE D 156 19.78 26.06 -39.79
CA PHE D 156 20.60 24.96 -40.33
C PHE D 156 20.23 24.52 -41.76
N ALA D 157 21.20 24.68 -42.65
CA ALA D 157 21.02 24.35 -44.07
C ALA D 157 20.85 22.88 -44.40
N ARG D 158 20.65 22.06 -43.35
CA ARG D 158 20.47 20.62 -43.52
C ARG D 158 19.31 20.15 -42.66
N ALA D 159 18.83 18.96 -42.97
CA ALA D 159 17.73 18.40 -42.22
C ALA D 159 18.35 17.50 -41.18
N PHE D 160 17.70 17.48 -40.01
CA PHE D 160 18.12 16.71 -38.85
C PHE D 160 17.99 15.20 -38.98
N PRO D 161 16.76 14.72 -39.23
CA PRO D 161 16.47 13.30 -39.34
C PRO D 161 17.14 12.57 -40.48
N MET D 162 17.61 11.36 -40.18
CA MET D 162 18.23 10.50 -41.16
C MET D 162 17.09 10.01 -42.05
N MET D 163 17.31 9.97 -43.35
CA MET D 163 16.27 9.52 -44.25
C MET D 163 16.81 8.82 -45.48
N MET D 164 16.60 7.51 -45.53
CA MET D 164 17.03 6.72 -46.68
C MET D 164 16.02 7.11 -47.76
N THR D 165 16.50 7.61 -48.89
CA THR D 165 15.59 8.01 -49.97
C THR D 165 16.09 7.55 -51.34
N ALA D 166 15.23 7.70 -52.34
CA ALA D 166 15.56 7.31 -53.71
C ALA D 166 16.83 7.98 -54.18
N ALA D 167 16.94 9.28 -53.89
CA ALA D 167 18.09 10.08 -54.28
C ALA D 167 19.32 9.84 -53.45
N GLY D 168 19.14 9.30 -52.26
CA GLY D 168 20.29 9.05 -51.42
C GLY D 168 19.90 9.09 -49.96
N THR D 169 20.89 8.81 -49.12
CA THR D 169 20.66 8.79 -47.69
C THR D 169 20.91 10.13 -47.05
N VAL D 170 19.88 10.92 -46.81
CA VAL D 170 20.13 12.19 -46.17
C VAL D 170 20.48 11.84 -44.72
N PRO D 171 21.70 12.18 -44.30
CA PRO D 171 22.23 11.94 -42.96
C PRO D 171 21.63 12.79 -41.85
N PRO D 172 21.60 12.24 -40.62
CA PRO D 172 21.07 12.91 -39.45
C PRO D 172 22.08 13.97 -39.03
N ALA D 173 21.62 15.00 -38.34
CA ALA D 173 22.53 16.04 -37.90
C ALA D 173 23.17 15.57 -36.60
N ARG D 174 24.39 15.99 -36.35
CA ARG D 174 25.07 15.60 -35.12
C ARG D 174 24.98 16.78 -34.17
N VAL D 175 24.20 16.64 -33.09
CA VAL D 175 24.08 17.72 -32.16
C VAL D 175 25.17 17.51 -31.12
N LEU D 176 25.16 18.31 -30.07
CA LEU D 176 26.14 18.24 -29.00
C LEU D 176 25.74 19.36 -28.07
N VAL D 177 25.23 19.03 -26.90
CA VAL D 177 24.83 20.06 -25.96
C VAL D 177 25.84 20.17 -24.82
N PHE D 178 26.29 21.40 -24.56
CA PHE D 178 27.25 21.69 -23.51
C PHE D 178 26.50 22.14 -22.29
N GLY D 179 26.53 21.31 -21.26
CA GLY D 179 25.83 21.61 -20.04
C GLY D 179 24.53 20.84 -20.07
N VAL D 180 24.36 19.94 -19.11
CA VAL D 180 23.15 19.16 -19.06
C VAL D 180 22.30 19.45 -17.83
N GLY D 181 21.62 20.59 -17.87
CA GLY D 181 20.75 20.99 -16.78
C GLY D 181 19.35 21.10 -17.37
N VAL D 182 18.45 21.77 -16.66
CA VAL D 182 17.07 21.96 -17.11
C VAL D 182 16.96 22.11 -18.63
N ALA D 183 17.83 22.95 -19.19
CA ALA D 183 17.88 23.26 -20.62
C ALA D 183 18.61 22.23 -21.47
N GLY D 184 19.79 21.81 -21.04
CA GLY D 184 20.56 20.84 -21.81
C GLY D 184 19.85 19.50 -21.98
N LEU D 185 18.87 19.24 -21.13
CA LEU D 185 18.11 17.99 -21.20
C LEU D 185 17.05 18.18 -22.26
N GLN D 186 16.34 19.30 -22.14
CA GLN D 186 15.29 19.65 -23.05
C GLN D 186 15.87 19.75 -24.44
N ALA D 187 17.10 20.24 -24.52
CA ALA D 187 17.77 20.36 -25.80
C ALA D 187 18.03 18.96 -26.33
N ILE D 188 18.49 18.06 -25.47
CA ILE D 188 18.75 16.68 -25.88
C ILE D 188 17.45 16.01 -26.32
N ALA D 189 16.42 16.17 -25.50
CA ALA D 189 15.12 15.60 -25.80
C ALA D 189 14.69 16.01 -27.20
N THR D 190 14.69 17.32 -27.44
CA THR D 190 14.28 17.91 -28.71
C THR D 190 15.16 17.56 -29.89
N ALA D 191 16.47 17.69 -29.74
CA ALA D 191 17.36 17.37 -30.84
C ALA D 191 17.19 15.90 -31.20
N LYS D 192 16.64 15.12 -30.26
CA LYS D 192 16.41 13.69 -30.46
C LYS D 192 15.15 13.40 -31.27
N ARG D 193 14.05 14.06 -30.91
CA ARG D 193 12.83 13.87 -31.65
C ARG D 193 13.13 14.01 -33.13
N LEU D 194 13.65 15.16 -33.53
CA LEU D 194 13.96 15.40 -34.95
C LEU D 194 14.93 14.38 -35.56
N GLY D 195 15.27 13.33 -34.82
CA GLY D 195 16.14 12.31 -35.34
C GLY D 195 17.62 12.58 -35.40
N ALA D 196 18.13 13.50 -34.59
CA ALA D 196 19.56 13.81 -34.59
C ALA D 196 20.37 12.85 -33.73
N VAL D 197 21.69 12.91 -33.84
CA VAL D 197 22.56 12.06 -33.05
C VAL D 197 23.16 12.93 -31.95
N VAL D 198 22.54 12.90 -30.77
CA VAL D 198 23.00 13.73 -29.66
C VAL D 198 24.19 13.20 -28.85
N MET D 199 24.96 14.14 -28.30
CA MET D 199 26.13 13.92 -27.48
C MET D 199 26.07 15.03 -26.46
N ALA D 200 26.64 14.81 -25.28
CA ALA D 200 26.62 15.83 -24.26
C ALA D 200 27.82 15.66 -23.34
N THR D 201 27.98 16.62 -22.44
CA THR D 201 29.07 16.56 -21.49
C THR D 201 28.68 17.43 -20.33
N ASP D 202 29.34 17.23 -19.19
CA ASP D 202 29.05 18.02 -18.01
C ASP D 202 30.05 17.76 -16.87
N VAL D 203 30.17 18.74 -15.97
CA VAL D 203 31.08 18.63 -14.84
C VAL D 203 30.45 17.79 -13.75
N ARG D 204 29.14 17.89 -13.64
CA ARG D 204 28.40 17.15 -12.63
C ARG D 204 28.04 15.74 -13.10
N ALA D 205 28.98 14.80 -12.97
CA ALA D 205 28.77 13.40 -13.38
C ALA D 205 27.42 12.86 -12.91
N ALA D 206 26.82 13.58 -11.98
CA ALA D 206 25.51 13.23 -11.45
C ALA D 206 24.55 13.66 -12.56
N THR D 207 24.91 13.34 -13.80
CA THR D 207 24.11 13.75 -14.94
C THR D 207 24.16 12.83 -16.17
N LYS D 208 25.25 12.06 -16.33
CA LYS D 208 25.39 11.17 -17.49
C LYS D 208 24.34 10.08 -17.58
N GLU D 209 23.62 9.81 -16.49
CA GLU D 209 22.60 8.77 -16.54
C GLU D 209 21.30 9.39 -17.05
N GLN D 210 21.30 10.70 -17.25
CA GLN D 210 20.13 11.40 -17.74
C GLN D 210 20.29 11.55 -19.24
N VAL D 211 21.51 11.80 -19.68
CA VAL D 211 21.79 11.95 -21.10
C VAL D 211 21.54 10.62 -21.78
N GLU D 212 21.56 9.54 -21.02
CA GLU D 212 21.34 8.22 -21.59
C GLU D 212 19.90 7.77 -21.43
N SER D 213 19.19 8.37 -20.49
CA SER D 213 17.79 8.04 -20.28
C SER D 213 17.00 8.76 -21.36
N LEU D 214 17.69 9.64 -22.08
CA LEU D 214 17.08 10.40 -23.15
C LEU D 214 17.61 9.87 -24.47
N GLY D 215 18.62 9.00 -24.38
CA GLY D 215 19.17 8.40 -25.58
C GLY D 215 20.56 8.86 -25.94
N GLY D 216 20.88 10.11 -25.60
CA GLY D 216 22.18 10.69 -25.92
C GLY D 216 23.41 10.00 -25.34
N LYS D 217 24.50 10.05 -26.10
CA LYS D 217 25.78 9.46 -25.71
C LYS D 217 26.66 10.47 -24.97
N PHE D 218 27.03 10.16 -23.72
CA PHE D 218 27.86 11.04 -22.90
C PHE D 218 29.33 11.04 -23.33
N ILE D 219 29.93 12.23 -23.31
CA ILE D 219 31.35 12.46 -23.67
C ILE D 219 32.07 12.79 -22.35
N THR D 220 32.56 11.72 -21.82
CA THR D 220 33.24 11.63 -20.53
C THR D 220 34.65 12.17 -20.57
N VAL D 221 34.90 13.50 -20.37
CA VAL D 221 36.24 13.84 -19.97
C VAL D 221 36.29 14.06 -18.43
N ASP D 222 37.18 13.16 -17.91
CA ASP D 222 37.30 12.50 -16.69
C ASP D 222 36.50 13.04 -15.52
N ASP D 223 35.96 12.01 -14.77
CA ASP D 223 35.00 11.96 -13.71
C ASP D 223 35.20 10.97 -12.61
N GLU D 224 36.43 10.89 -12.04
CA GLU D 224 36.66 10.05 -10.91
C GLU D 224 36.12 10.48 -9.59
N ALA D 225 36.88 10.61 -8.52
CA ALA D 225 36.25 10.91 -7.23
C ALA D 225 35.94 12.32 -6.92
N MET D 226 37.00 13.00 -6.44
CA MET D 226 36.95 14.43 -6.05
C MET D 226 37.09 15.25 -7.32
N LYS D 227 36.82 14.44 -8.35
CA LYS D 227 36.92 14.85 -9.74
C LYS D 227 35.70 15.65 -10.17
N THR D 228 34.55 15.01 -10.13
CA THR D 228 33.30 15.66 -10.54
C THR D 228 32.22 15.68 -9.47
N ALA D 229 32.63 15.64 -8.20
CA ALA D 229 31.68 15.71 -7.10
C ALA D 229 31.51 17.21 -6.88
N GLU D 230 30.89 17.86 -7.87
CA GLU D 230 30.66 19.31 -7.88
C GLU D 230 29.19 19.72 -7.93
N THR D 231 28.29 18.83 -7.48
CA THR D 231 26.87 19.13 -7.50
C THR D 231 26.51 19.90 -6.22
N ALA D 232 27.52 20.53 -5.61
CA ALA D 232 27.36 21.30 -4.38
C ALA D 232 25.94 21.84 -4.19
N GLY D 233 25.18 21.20 -3.30
CA GLY D 233 23.82 21.61 -3.01
C GLY D 233 23.01 22.11 -4.18
N GLY D 234 22.78 21.23 -5.17
CA GLY D 234 22.02 21.62 -6.34
C GLY D 234 22.88 21.73 -7.57
N TYR D 235 23.52 22.89 -7.76
CA TYR D 235 24.39 23.11 -8.93
C TYR D 235 25.89 23.17 -8.67
N ALA D 236 26.66 23.31 -9.75
CA ALA D 236 28.12 23.35 -9.67
C ALA D 236 28.78 24.72 -9.65
N LYS D 237 30.04 24.71 -9.21
CA LYS D 237 30.87 25.90 -9.10
C LYS D 237 32.08 25.73 -10.01
N GLU D 238 32.87 26.78 -10.16
CA GLU D 238 34.06 26.74 -11.03
C GLU D 238 34.90 25.47 -10.94
N MET D 239 35.66 25.20 -12.01
CA MET D 239 36.50 24.00 -12.10
C MET D 239 38.00 24.30 -12.15
N GLY D 240 38.42 25.19 -13.04
CA GLY D 240 39.84 25.53 -13.13
C GLY D 240 40.51 25.24 -14.45
N GLU D 241 41.16 26.26 -15.02
CA GLU D 241 41.86 26.16 -16.31
C GLU D 241 42.53 24.84 -16.63
N GLU D 242 42.88 24.02 -15.64
CA GLU D 242 43.50 22.75 -15.97
C GLU D 242 42.45 21.82 -16.56
N PHE D 243 41.30 21.74 -15.87
CA PHE D 243 40.20 20.89 -16.34
C PHE D 243 39.82 21.37 -17.74
N ARG D 244 39.45 22.63 -17.82
CA ARG D 244 39.05 23.27 -19.07
C ARG D 244 39.95 22.92 -20.25
N LYS D 245 41.27 23.06 -20.06
CA LYS D 245 42.18 22.77 -21.16
C LYS D 245 42.24 21.27 -21.44
N LYS D 246 41.61 20.48 -20.56
CA LYS D 246 41.55 19.01 -20.73
C LYS D 246 40.21 18.59 -21.35
N GLN D 247 39.20 19.17 -20.76
CA GLN D 247 37.80 19.18 -21.05
C GLN D 247 37.62 19.35 -22.56
N ALA D 248 37.87 20.59 -23.02
CA ALA D 248 37.68 20.83 -24.48
C ALA D 248 38.78 20.13 -25.24
N GLU D 249 39.61 19.39 -24.52
CA GLU D 249 40.71 18.69 -25.17
C GLU D 249 40.14 17.50 -25.94
N ALA D 250 39.48 16.59 -25.22
CA ALA D 250 38.93 15.40 -25.83
C ALA D 250 37.47 15.50 -26.24
N VAL D 251 36.97 16.71 -26.48
CA VAL D 251 35.60 16.87 -26.94
C VAL D 251 35.70 17.40 -28.36
N LEU D 252 36.92 17.63 -28.80
CA LEU D 252 37.16 18.12 -30.15
C LEU D 252 37.02 16.92 -31.06
N LYS D 253 37.30 15.75 -30.50
CA LYS D 253 37.22 14.50 -31.23
C LYS D 253 35.77 14.19 -31.56
N GLU D 254 34.90 15.17 -31.34
CA GLU D 254 33.48 15.02 -31.62
C GLU D 254 32.89 16.25 -32.30
N LEU D 255 33.18 17.42 -31.74
CA LEU D 255 32.70 18.71 -32.23
C LEU D 255 33.15 19.01 -33.68
N VAL D 256 34.31 18.48 -34.05
CA VAL D 256 34.84 18.66 -35.37
C VAL D 256 33.87 17.98 -36.34
N LYS D 257 32.88 17.30 -35.77
CA LYS D 257 31.85 16.60 -36.54
C LYS D 257 30.47 17.17 -36.21
N THR D 258 30.35 17.78 -35.04
CA THR D 258 29.07 18.34 -34.63
C THR D 258 28.62 19.36 -35.66
N ASP D 259 27.36 19.25 -36.07
CA ASP D 259 26.76 20.15 -37.05
C ASP D 259 26.05 21.25 -36.28
N ILE D 260 25.55 20.92 -35.10
CA ILE D 260 24.90 21.90 -34.26
C ILE D 260 25.32 21.63 -32.82
N ALA D 261 26.00 22.60 -32.24
CA ALA D 261 26.49 22.52 -30.86
C ALA D 261 25.82 23.57 -29.98
N ILE D 262 25.09 23.13 -28.96
CA ILE D 262 24.41 24.04 -28.05
C ILE D 262 25.21 24.22 -26.77
N THR D 263 25.28 25.45 -26.27
CA THR D 263 26.01 25.74 -25.04
C THR D 263 25.04 26.38 -24.05
N THR D 264 24.93 25.74 -22.89
CA THR D 264 23.98 26.14 -21.87
C THR D 264 24.54 26.23 -20.44
N ALA D 265 25.85 26.08 -20.31
CA ALA D 265 26.51 26.10 -19.00
C ALA D 265 26.64 27.45 -18.32
N LEU D 266 26.41 27.44 -17.01
CA LEU D 266 26.53 28.61 -16.14
C LEU D 266 27.14 28.13 -14.80
N ILE D 267 27.48 29.09 -13.93
CA ILE D 267 28.04 28.82 -12.59
C ILE D 267 27.68 29.99 -11.68
N PRO D 268 26.39 30.10 -11.30
CA PRO D 268 25.87 31.18 -10.44
C PRO D 268 26.90 32.04 -9.71
N GLY D 269 26.61 33.33 -9.61
CA GLY D 269 27.51 34.24 -8.94
C GLY D 269 28.76 34.65 -9.72
N LYS D 270 29.14 33.86 -10.71
CA LYS D 270 30.33 34.17 -11.51
C LYS D 270 30.00 34.32 -12.99
N PRO D 271 31.02 34.62 -13.82
CA PRO D 271 30.82 34.79 -15.27
C PRO D 271 30.71 33.44 -15.96
N ALA D 272 29.74 33.31 -16.85
CA ALA D 272 29.52 32.07 -17.57
C ALA D 272 30.84 31.51 -18.09
N PRO D 273 31.07 30.21 -17.91
CA PRO D 273 32.27 29.46 -18.32
C PRO D 273 32.45 29.26 -19.82
N VAL D 274 33.64 29.59 -20.32
CA VAL D 274 33.96 29.44 -21.74
C VAL D 274 34.17 27.97 -22.07
N LEU D 275 33.51 27.49 -23.13
CA LEU D 275 33.59 26.10 -23.55
C LEU D 275 33.95 25.90 -25.02
N ILE D 276 33.58 26.85 -25.87
CA ILE D 276 33.92 26.76 -27.29
C ILE D 276 34.75 27.98 -27.62
N THR D 277 36.02 27.77 -27.98
CA THR D 277 36.90 28.88 -28.29
C THR D 277 37.22 28.99 -29.77
N GLU D 278 37.48 30.22 -30.22
CA GLU D 278 37.82 30.47 -31.61
C GLU D 278 38.75 29.42 -32.20
N GLU D 279 39.67 28.90 -31.39
CA GLU D 279 40.61 27.89 -31.89
C GLU D 279 39.85 26.63 -32.28
N MET D 280 38.74 26.39 -31.59
CA MET D 280 37.91 25.21 -31.86
C MET D 280 36.91 25.56 -32.97
N VAL D 281 36.29 26.73 -32.85
CA VAL D 281 35.32 27.23 -33.84
C VAL D 281 36.01 27.38 -35.20
N THR D 282 37.24 26.89 -35.28
CA THR D 282 38.01 26.99 -36.50
C THR D 282 38.39 25.60 -37.00
N LYS D 283 37.92 24.59 -36.29
CA LYS D 283 38.16 23.20 -36.67
C LYS D 283 36.78 22.63 -37.00
N MET D 284 35.75 23.42 -36.63
CA MET D 284 34.33 23.08 -36.87
C MET D 284 33.94 23.19 -38.34
N LYS D 285 33.52 22.07 -38.94
CA LYS D 285 33.11 22.06 -40.35
C LYS D 285 32.12 23.20 -40.64
N PRO D 286 32.32 23.92 -41.76
CA PRO D 286 31.44 25.03 -42.15
C PRO D 286 29.95 24.71 -42.25
N GLY D 287 29.13 25.70 -41.91
CA GLY D 287 27.69 25.50 -41.97
C GLY D 287 27.15 25.27 -40.58
N SER D 288 28.03 24.84 -39.69
CA SER D 288 27.65 24.56 -38.32
C SER D 288 26.92 25.73 -37.66
N VAL D 289 26.29 25.44 -36.54
CA VAL D 289 25.55 26.45 -35.81
C VAL D 289 25.80 26.26 -34.33
N ILE D 290 25.99 27.36 -33.62
CA ILE D 290 26.22 27.30 -32.19
C ILE D 290 25.25 28.25 -31.50
N ILE D 291 24.35 27.69 -30.70
CA ILE D 291 23.38 28.52 -29.98
C ILE D 291 23.81 28.69 -28.54
N ASP D 292 24.59 29.74 -28.28
CA ASP D 292 25.08 30.05 -26.95
C ASP D 292 23.92 30.60 -26.12
N LEU D 293 23.38 29.77 -25.23
CA LEU D 293 22.26 30.15 -24.38
C LEU D 293 22.77 30.97 -23.21
N ALA D 294 24.08 30.91 -23.01
CA ALA D 294 24.72 31.64 -21.92
C ALA D 294 25.35 32.94 -22.42
N VAL D 295 24.89 33.42 -23.57
CA VAL D 295 25.38 34.66 -24.17
C VAL D 295 25.29 35.89 -23.26
N GLU D 296 24.18 36.01 -22.52
CA GLU D 296 23.96 37.14 -21.61
C GLU D 296 24.85 37.16 -20.37
N ALA D 297 25.48 36.02 -20.08
CA ALA D 297 26.33 35.94 -18.91
C ALA D 297 27.78 35.79 -19.34
N GLY D 298 28.06 36.16 -20.58
CA GLY D 298 29.42 36.05 -21.09
C GLY D 298 29.53 34.97 -22.15
N GLY D 299 28.49 34.14 -22.24
CA GLY D 299 28.47 33.09 -23.23
C GLY D 299 29.57 32.08 -23.06
N ASN D 300 29.32 30.89 -23.59
CA ASN D 300 30.26 29.79 -23.53
C ASN D 300 31.17 29.89 -24.75
N CYS D 301 31.04 31.01 -25.45
CA CYS D 301 31.85 31.29 -26.63
C CYS D 301 32.13 32.78 -26.80
N PRO D 302 33.41 33.17 -26.70
CA PRO D 302 33.83 34.55 -26.85
C PRO D 302 33.29 35.25 -28.10
N LEU D 303 32.87 34.46 -29.09
CA LEU D 303 32.33 35.02 -30.32
C LEU D 303 30.86 35.41 -30.18
N SER D 304 30.14 34.73 -29.30
CA SER D 304 28.74 35.04 -29.09
C SER D 304 28.61 36.55 -28.93
N GLU D 305 27.42 37.09 -29.20
CA GLU D 305 27.18 38.52 -29.06
C GLU D 305 25.72 38.79 -28.73
N PRO D 306 25.43 39.19 -27.48
CA PRO D 306 24.07 39.47 -27.05
C PRO D 306 23.21 40.23 -28.02
N GLY D 307 22.26 39.54 -28.66
CA GLY D 307 21.39 40.22 -29.58
C GLY D 307 21.33 39.65 -30.98
N LYS D 308 22.47 39.32 -31.58
CA LYS D 308 22.45 38.79 -32.94
C LYS D 308 23.26 37.54 -33.23
N ILE D 309 23.05 37.02 -34.44
CA ILE D 309 23.73 35.83 -34.94
C ILE D 309 25.00 36.33 -35.61
N VAL D 310 26.12 35.72 -35.27
CA VAL D 310 27.40 36.09 -35.86
C VAL D 310 27.94 34.95 -36.69
N VAL D 311 28.38 35.25 -37.90
CA VAL D 311 28.96 34.19 -38.70
C VAL D 311 30.43 34.48 -38.61
N LYS D 312 31.23 33.45 -38.44
CA LYS D 312 32.67 33.62 -38.33
C LYS D 312 33.31 32.27 -38.56
N HIS D 313 34.38 32.24 -39.34
CA HIS D 313 35.07 30.99 -39.63
C HIS D 313 34.08 29.98 -40.26
N GLY D 314 33.04 30.52 -40.90
CA GLY D 314 32.02 29.71 -41.55
C GLY D 314 30.86 29.25 -40.68
N VAL D 315 30.94 29.56 -39.39
CA VAL D 315 29.95 29.14 -38.41
C VAL D 315 28.99 30.23 -37.92
N LYS D 316 27.75 29.86 -37.66
CA LYS D 316 26.78 30.83 -37.15
C LYS D 316 26.76 30.77 -35.64
N ILE D 317 26.84 31.91 -34.99
CA ILE D 317 26.84 31.93 -33.53
C ILE D 317 25.62 32.68 -33.04
N VAL D 318 24.50 31.96 -32.98
CA VAL D 318 23.27 32.55 -32.52
C VAL D 318 23.48 33.00 -31.08
N GLY D 319 23.05 34.22 -30.78
CA GLY D 319 23.19 34.76 -29.44
C GLY D 319 21.95 35.52 -29.03
N HIS D 320 20.78 34.97 -29.34
CA HIS D 320 19.56 35.67 -28.99
C HIS D 320 19.50 35.88 -27.49
N THR D 321 18.89 36.98 -27.11
CA THR D 321 18.70 37.31 -25.72
C THR D 321 17.26 36.98 -25.42
N ASN D 322 16.99 36.63 -24.18
CA ASN D 322 15.65 36.29 -23.75
C ASN D 322 14.99 35.17 -24.53
N VAL D 323 15.66 34.02 -24.62
CA VAL D 323 15.09 32.88 -25.34
C VAL D 323 13.67 32.63 -24.84
N PRO D 324 13.47 32.62 -23.51
CA PRO D 324 12.13 32.39 -22.97
C PRO D 324 11.07 33.26 -23.65
N SER D 325 11.47 34.44 -24.11
CA SER D 325 10.51 35.32 -24.77
C SER D 325 10.35 34.92 -26.23
N ARG D 326 10.99 33.83 -26.62
CA ARG D 326 10.87 33.33 -27.99
C ARG D 326 9.91 32.13 -27.94
N VAL D 327 9.25 32.00 -26.79
CA VAL D 327 8.29 30.95 -26.54
C VAL D 327 7.30 31.57 -25.58
N ALA D 328 7.38 32.90 -25.46
CA ALA D 328 6.54 33.69 -24.58
C ALA D 328 5.09 33.26 -24.45
N ALA D 329 4.60 32.39 -25.33
CA ALA D 329 3.22 31.96 -25.24
C ALA D 329 3.03 30.84 -24.20
N ASP D 330 3.93 29.86 -24.21
CA ASP D 330 3.87 28.77 -23.24
C ASP D 330 4.60 29.29 -21.99
N ALA D 331 5.71 29.97 -22.23
CA ALA D 331 6.56 30.54 -21.19
C ALA D 331 5.91 31.46 -20.17
N SER D 332 4.84 32.15 -20.53
CA SER D 332 4.20 33.06 -19.59
C SER D 332 3.38 32.38 -18.52
N PRO D 333 2.34 31.61 -18.92
CA PRO D 333 1.51 30.92 -17.93
C PRO D 333 2.27 30.12 -16.87
N LEU D 334 3.46 29.63 -17.21
CA LEU D 334 4.25 28.89 -16.24
C LEU D 334 4.82 29.89 -15.25
N PHE D 335 5.43 30.95 -15.75
CA PHE D 335 5.98 31.98 -14.88
C PHE D 335 4.82 32.49 -14.03
N ALA D 336 3.64 32.57 -14.64
CA ALA D 336 2.42 33.02 -13.98
C ALA D 336 2.11 32.18 -12.74
N LYS D 337 2.31 30.88 -12.85
CA LYS D 337 2.05 29.97 -11.75
C LYS D 337 3.21 29.96 -10.75
N ASN D 338 4.44 29.95 -11.25
CA ASN D 338 5.61 29.94 -10.37
C ASN D 338 5.43 31.03 -9.32
N LEU D 339 4.68 32.06 -9.66
CA LEU D 339 4.41 33.15 -8.71
C LEU D 339 3.30 32.71 -7.75
N LEU D 340 2.17 32.28 -8.30
CA LEU D 340 1.01 31.81 -7.49
C LEU D 340 1.42 30.67 -6.53
N ASN D 341 2.36 29.91 -7.00
CA ASN D 341 2.97 28.82 -6.29
C ASN D 341 4.05 29.23 -5.29
N PHE D 342 3.96 30.35 -4.68
CA PHE D 342 4.86 30.95 -3.65
C PHE D 342 3.92 31.71 -2.69
N LEU D 343 3.04 32.47 -3.39
CA LEU D 343 2.20 33.40 -2.57
C LEU D 343 1.06 32.70 -1.86
N THR D 344 0.48 31.73 -2.57
CA THR D 344 -0.66 30.93 -2.09
C THR D 344 -0.45 30.27 -0.71
N PRO D 345 0.81 29.95 -0.37
CA PRO D 345 1.03 29.32 0.94
C PRO D 345 0.70 30.32 2.05
N HIS D 346 1.41 31.42 2.05
CA HIS D 346 1.38 32.54 2.96
C HIS D 346 0.08 33.37 2.90
N VAL D 347 -0.92 32.84 2.21
CA VAL D 347 -2.27 33.43 2.10
C VAL D 347 -3.16 32.71 3.15
N ASP D 348 -4.20 33.37 3.58
CA ASP D 348 -5.14 33.02 4.59
C ASP D 348 -6.17 32.00 4.23
N LYS D 349 -6.95 31.51 5.20
CA LYS D 349 -8.08 30.67 4.71
C LYS D 349 -9.29 31.59 4.63
N ASP D 350 -9.35 32.43 5.69
CA ASP D 350 -10.44 33.28 6.03
C ASP D 350 -10.17 34.79 5.98
N THR D 351 -9.15 35.15 6.70
CA THR D 351 -8.72 36.38 7.25
C THR D 351 -8.18 37.44 6.36
N LYS D 352 -8.69 37.47 5.11
CA LYS D 352 -8.30 38.38 4.08
C LYS D 352 -7.04 39.17 4.28
N THR D 353 -5.89 38.66 3.95
CA THR D 353 -4.54 39.13 4.04
C THR D 353 -3.48 38.15 3.57
N LEU D 354 -2.34 38.66 3.10
CA LEU D 354 -1.24 37.70 2.82
C LEU D 354 -0.18 37.91 3.91
N VAL D 355 0.87 37.07 3.99
CA VAL D 355 1.97 37.26 4.94
C VAL D 355 3.09 36.21 4.83
N MET D 356 4.28 36.62 4.41
CA MET D 356 5.41 35.70 4.29
C MET D 356 6.04 35.42 5.66
N LYS D 357 5.84 34.19 6.13
CA LYS D 357 6.30 33.75 7.43
C LYS D 357 7.74 34.02 7.92
N LEU D 358 8.62 34.52 7.06
CA LEU D 358 10.01 34.81 7.46
C LEU D 358 10.78 33.59 7.98
N GLU D 359 10.05 32.64 8.55
CA GLU D 359 10.65 31.42 9.06
C GLU D 359 11.00 30.64 7.80
N ASP D 360 10.04 30.63 6.88
CA ASP D 360 10.13 29.94 5.59
C ASP D 360 11.23 30.50 4.69
N GLU D 361 12.24 29.67 4.42
CA GLU D 361 13.34 30.10 3.57
C GLU D 361 12.89 30.34 2.15
N THR D 362 11.58 30.25 1.96
CA THR D 362 10.97 30.49 0.66
C THR D 362 10.78 32.01 0.65
N VAL D 363 11.28 32.65 1.69
CA VAL D 363 11.20 34.09 1.87
C VAL D 363 12.61 34.52 2.29
N SER D 364 13.25 33.69 3.10
CA SER D 364 14.60 33.94 3.58
C SER D 364 15.58 34.32 2.49
N GLY D 365 15.56 33.57 1.38
CA GLY D 365 16.46 33.84 0.28
C GLY D 365 15.79 34.65 -0.81
N THR D 366 14.46 34.57 -0.85
CA THR D 366 13.68 35.30 -1.83
C THR D 366 13.10 36.57 -1.20
N CYS D 367 13.99 37.51 -0.90
CA CYS D 367 13.60 38.77 -0.28
C CYS D 367 14.84 39.65 -0.13
N VAL D 368 14.76 40.87 -0.65
CA VAL D 368 15.88 41.81 -0.59
C VAL D 368 15.57 43.12 0.15
N THR D 369 14.36 43.63 -0.03
CA THR D 369 13.95 44.86 0.66
C THR D 369 12.60 44.66 1.27
N ARG D 370 12.55 44.58 2.56
CA ARG D 370 11.21 44.53 3.20
C ARG D 370 11.04 45.70 4.11
N ASP D 371 10.14 46.63 3.81
CA ASP D 371 9.76 47.64 4.82
C ASP D 371 10.90 48.53 5.23
N GLY D 372 12.02 48.47 4.48
CA GLY D 372 13.04 49.48 4.72
C GLY D 372 14.40 49.22 4.21
N ALA D 373 14.76 47.95 3.94
CA ALA D 373 16.25 47.75 3.77
C ALA D 373 16.64 46.56 2.95
N ILE D 374 17.95 46.53 2.79
CA ILE D 374 18.81 45.41 2.45
C ILE D 374 18.71 44.34 3.50
N VAL D 375 17.46 43.84 3.53
CA VAL D 375 16.94 42.89 4.47
C VAL D 375 17.64 41.60 4.12
N HIS D 376 18.01 41.47 2.85
CA HIS D 376 18.66 40.24 2.40
C HIS D 376 20.15 40.28 2.71
N PRO D 377 20.66 39.21 3.34
CA PRO D 377 22.07 39.11 3.69
C PRO D 377 22.99 38.81 2.51
N ALA D 378 22.63 39.32 1.34
CA ALA D 378 23.41 39.13 0.13
C ALA D 378 24.25 40.36 -0.16
N MET E 1 33.91 14.69 -73.60
CA MET E 1 33.49 14.24 -72.24
C MET E 1 33.73 15.30 -71.20
N LYS E 2 33.22 16.50 -71.49
CA LYS E 2 33.34 17.61 -70.58
C LYS E 2 31.96 17.90 -69.97
N ILE E 3 31.90 17.83 -68.65
CA ILE E 3 30.66 18.11 -67.90
C ILE E 3 30.97 19.28 -66.99
N ALA E 4 30.13 20.30 -67.03
CA ALA E 4 30.34 21.48 -66.21
C ALA E 4 29.14 21.85 -65.36
N ILE E 5 29.42 22.31 -64.14
CA ILE E 5 28.39 22.73 -63.20
C ILE E 5 28.66 24.17 -62.80
N PRO E 6 27.74 25.08 -63.13
CA PRO E 6 27.89 26.49 -62.81
C PRO E 6 27.11 26.81 -61.53
N LYS E 7 27.38 27.98 -60.95
CA LYS E 7 26.69 28.41 -59.75
C LYS E 7 25.36 29.03 -60.12
N GLU E 8 24.29 28.67 -59.42
CA GLU E 8 22.97 29.25 -59.72
C GLU E 8 23.07 30.76 -59.60
N ARG E 9 22.23 31.46 -60.35
CA ARG E 9 22.26 32.92 -60.32
C ARG E 9 20.91 33.46 -59.89
N ARG E 10 19.86 32.79 -60.35
CA ARG E 10 18.52 33.20 -59.99
C ARG E 10 18.57 33.70 -58.55
N PRO E 11 17.78 34.73 -58.24
CA PRO E 11 17.72 35.31 -56.90
C PRO E 11 17.17 34.36 -55.84
N GLY E 12 17.98 34.06 -54.82
CA GLY E 12 17.51 33.19 -53.75
C GLY E 12 17.92 31.73 -53.84
N GLU E 13 18.45 31.33 -54.98
CA GLU E 13 18.88 29.97 -55.18
C GLU E 13 20.25 29.71 -54.59
N ASP E 14 20.32 28.79 -53.63
CA ASP E 14 21.56 28.42 -52.98
C ASP E 14 21.97 26.99 -53.31
N ARG E 15 21.12 26.27 -54.03
CA ARG E 15 21.41 24.89 -54.39
C ARG E 15 22.54 24.80 -55.42
N VAL E 16 23.00 23.59 -55.71
CA VAL E 16 24.06 23.44 -56.70
C VAL E 16 24.05 22.00 -57.24
N ALA E 17 23.75 21.86 -58.52
CA ALA E 17 23.68 20.55 -59.13
C ALA E 17 25.02 19.81 -59.05
N ILE E 18 25.45 19.45 -57.84
CA ILE E 18 26.70 18.72 -57.69
C ILE E 18 27.06 18.43 -56.23
N SER E 19 27.79 17.34 -56.04
CA SER E 19 28.23 16.90 -54.72
C SER E 19 29.56 16.18 -54.91
N PRO E 20 30.50 16.39 -53.98
CA PRO E 20 31.82 15.76 -54.07
C PRO E 20 31.69 14.24 -54.24
N GLU E 21 30.56 13.71 -53.82
CA GLU E 21 30.33 12.28 -53.91
C GLU E 21 29.92 11.91 -55.32
N VAL E 22 29.26 12.84 -56.02
CA VAL E 22 28.83 12.62 -57.40
C VAL E 22 29.98 12.98 -58.32
N VAL E 23 30.87 13.84 -57.83
CA VAL E 23 32.02 14.29 -58.61
C VAL E 23 32.97 13.17 -58.99
N LYS E 24 33.64 12.61 -58.00
CA LYS E 24 34.57 11.53 -58.26
C LYS E 24 33.85 10.40 -58.98
N LYS E 25 32.55 10.27 -58.68
CA LYS E 25 31.76 9.23 -59.31
C LYS E 25 31.68 9.44 -60.82
N LEU E 26 31.65 10.71 -61.24
CA LEU E 26 31.59 11.05 -62.65
C LEU E 26 32.92 10.73 -63.29
N VAL E 27 34.01 11.06 -62.59
CA VAL E 27 35.35 10.77 -63.08
C VAL E 27 35.46 9.26 -63.40
N GLY E 28 34.71 8.47 -62.63
CA GLY E 28 34.71 7.03 -62.82
C GLY E 28 33.93 6.63 -64.05
N LEU E 29 33.35 7.62 -64.73
CA LEU E 29 32.59 7.40 -65.96
C LEU E 29 33.34 8.08 -67.08
N GLY E 30 34.57 8.49 -66.75
CA GLY E 30 35.44 9.14 -67.71
C GLY E 30 35.07 10.56 -68.07
N PHE E 31 34.84 11.39 -67.06
CA PHE E 31 34.47 12.77 -67.33
C PHE E 31 35.54 13.76 -66.89
N GLU E 32 35.39 14.95 -67.43
CA GLU E 32 36.23 16.08 -67.11
C GLU E 32 35.17 16.94 -66.42
N VAL E 33 35.19 16.98 -65.10
CA VAL E 33 34.20 17.75 -64.36
C VAL E 33 34.76 19.09 -63.88
N ILE E 34 34.29 20.15 -64.53
CA ILE E 34 34.70 21.51 -64.24
C ILE E 34 33.52 22.17 -63.55
N VAL E 35 33.76 22.85 -62.43
CA VAL E 35 32.71 23.53 -61.67
C VAL E 35 33.05 24.99 -61.44
N GLU E 36 32.05 25.88 -61.52
CA GLU E 36 32.30 27.31 -61.30
C GLU E 36 32.83 27.48 -59.88
N GLN E 37 33.98 28.12 -59.72
CA GLN E 37 34.55 28.33 -58.40
C GLN E 37 33.65 29.21 -57.54
N GLY E 38 33.31 28.71 -56.35
CA GLY E 38 32.45 29.47 -55.46
C GLY E 38 30.98 29.14 -55.67
N ALA E 39 30.72 28.10 -56.46
CA ALA E 39 29.35 27.67 -56.77
C ALA E 39 28.74 26.80 -55.70
N GLY E 40 29.57 26.29 -54.79
CA GLY E 40 29.06 25.42 -53.74
C GLY E 40 28.94 26.00 -52.35
N VAL E 41 29.38 27.23 -52.18
CA VAL E 41 29.31 27.81 -50.86
C VAL E 41 27.90 27.88 -50.27
N GLY E 42 26.89 28.02 -51.12
CA GLY E 42 25.53 28.11 -50.61
C GLY E 42 25.00 26.82 -50.00
N ALA E 43 25.53 25.70 -50.47
CA ALA E 43 25.13 24.39 -49.99
C ALA E 43 26.29 23.70 -49.29
N SER E 44 27.18 24.50 -48.71
CA SER E 44 28.34 24.03 -47.97
C SER E 44 29.27 23.07 -48.70
N ILE E 45 29.32 23.17 -50.02
CA ILE E 45 30.21 22.31 -50.80
C ILE E 45 31.37 23.23 -51.17
N THR E 46 32.47 23.12 -50.41
CA THR E 46 33.62 23.98 -50.66
C THR E 46 34.23 23.72 -52.01
N ASP E 47 35.09 24.63 -52.42
CA ASP E 47 35.78 24.50 -53.69
C ASP E 47 36.86 23.44 -53.49
N ASP E 48 37.61 23.56 -52.41
CA ASP E 48 38.68 22.60 -52.11
C ASP E 48 38.11 21.18 -52.05
N ALA E 49 37.20 20.93 -51.11
CA ALA E 49 36.58 19.62 -50.94
C ALA E 49 36.12 19.07 -52.28
N LEU E 50 35.62 19.98 -53.10
CA LEU E 50 35.13 19.64 -54.43
C LEU E 50 36.30 19.25 -55.32
N THR E 51 37.24 20.17 -55.53
CA THR E 51 38.40 19.90 -56.38
C THR E 51 39.28 18.83 -55.76
N ALA E 52 38.92 18.38 -54.57
CA ALA E 52 39.66 17.35 -53.88
C ALA E 52 39.24 15.98 -54.35
N ALA E 53 38.02 15.88 -54.87
CA ALA E 53 37.49 14.63 -55.38
C ALA E 53 37.57 14.53 -56.90
N GLY E 54 38.66 15.03 -57.48
CA GLY E 54 38.84 14.96 -58.93
C GLY E 54 38.28 16.04 -59.83
N ALA E 55 37.64 17.05 -59.25
CA ALA E 55 37.06 18.12 -60.06
C ALA E 55 38.01 19.29 -60.26
N THR E 56 37.74 20.07 -61.31
CA THR E 56 38.55 21.24 -61.63
C THR E 56 37.63 22.46 -61.46
N ILE E 57 38.20 23.58 -61.05
CA ILE E 57 37.44 24.81 -60.86
C ILE E 57 37.59 25.78 -62.03
N ALA E 58 36.59 26.62 -62.22
CA ALA E 58 36.60 27.59 -63.30
C ALA E 58 36.25 28.97 -62.78
N SER E 59 37.20 29.89 -62.88
CA SER E 59 37.01 31.25 -62.40
C SER E 59 35.63 31.86 -62.69
N THR E 60 35.21 31.86 -63.95
CA THR E 60 33.90 32.43 -64.26
C THR E 60 32.90 31.40 -64.78
N ALA E 61 31.66 31.84 -64.96
CA ALA E 61 30.59 30.98 -65.47
C ALA E 61 30.95 30.40 -66.83
N ALA E 62 31.28 31.30 -67.75
CA ALA E 62 31.62 30.91 -69.11
C ALA E 62 32.86 30.04 -69.16
N GLN E 63 33.94 30.47 -68.52
CA GLN E 63 35.24 29.77 -68.45
C GLN E 63 35.04 28.45 -67.75
N ALA E 64 33.97 28.35 -66.98
CA ALA E 64 33.54 26.97 -66.56
C ALA E 64 33.00 26.15 -67.71
N LEU E 65 32.18 26.76 -68.56
CA LEU E 65 31.52 26.18 -69.69
C LEU E 65 32.24 25.93 -70.94
N SER E 66 32.22 26.89 -71.80
CA SER E 66 32.75 27.04 -73.11
C SER E 66 32.98 25.66 -73.82
N GLN E 67 33.75 24.77 -73.33
CA GLN E 67 34.21 23.44 -73.78
C GLN E 67 33.39 22.28 -73.17
N ALA E 68 32.20 22.62 -72.72
CA ALA E 68 31.27 21.70 -72.06
C ALA E 68 30.43 20.86 -73.02
N ASP E 69 30.27 19.59 -72.68
CA ASP E 69 29.47 18.65 -73.47
C ASP E 69 28.18 18.39 -72.70
N VAL E 70 28.32 18.29 -71.37
CA VAL E 70 27.19 18.04 -70.48
C VAL E 70 27.15 19.15 -69.43
N VAL E 71 25.99 19.82 -69.31
CA VAL E 71 25.86 20.87 -68.32
C VAL E 71 24.70 20.65 -67.36
N TRP E 72 25.04 20.61 -66.07
CA TRP E 72 24.09 20.38 -64.96
C TRP E 72 23.74 21.68 -64.26
N LYS E 73 22.46 21.89 -64.03
CA LYS E 73 22.03 23.11 -63.38
C LYS E 73 20.78 22.70 -62.61
N VAL E 74 20.22 23.60 -61.82
CA VAL E 74 19.01 23.25 -61.09
C VAL E 74 17.91 24.25 -61.45
N GLN E 75 18.31 25.43 -61.89
CA GLN E 75 17.35 26.44 -62.27
C GLN E 75 17.46 26.63 -63.77
N ARG E 76 16.37 27.01 -64.43
CA ARG E 76 16.45 27.22 -65.85
C ARG E 76 17.47 28.34 -66.01
N PRO E 77 18.27 28.32 -67.09
CA PRO E 77 19.26 29.37 -67.28
C PRO E 77 18.57 30.68 -67.68
N MET E 78 19.16 31.80 -67.27
CA MET E 78 18.59 33.09 -67.59
C MET E 78 18.76 33.46 -69.05
N THR E 79 17.68 33.93 -69.65
CA THR E 79 17.70 34.35 -71.04
C THR E 79 18.29 35.75 -71.09
N ALA E 80 18.35 36.33 -72.30
CA ALA E 80 18.89 37.67 -72.47
C ALA E 80 18.00 38.72 -71.81
N GLU E 81 16.70 38.59 -72.00
CA GLU E 81 15.72 39.53 -71.42
C GLU E 81 15.86 39.58 -69.91
N GLU E 82 15.76 38.40 -69.30
CA GLU E 82 15.87 38.25 -67.86
C GLU E 82 17.09 38.97 -67.32
N GLY E 83 18.08 39.16 -68.18
CA GLY E 83 19.30 39.83 -67.78
C GLY E 83 20.48 39.12 -68.41
N THR E 84 21.54 38.91 -67.64
CA THR E 84 22.73 38.23 -68.15
C THR E 84 22.36 36.88 -68.77
N ASP E 85 22.37 36.83 -70.10
CA ASP E 85 22.02 35.62 -70.85
C ASP E 85 23.01 34.47 -70.62
N GLU E 86 22.46 33.31 -70.25
CA GLU E 86 23.26 32.12 -69.99
C GLU E 86 23.18 31.08 -71.10
N VAL E 87 22.00 30.90 -71.69
CA VAL E 87 21.85 29.93 -72.77
C VAL E 87 22.94 30.13 -73.84
N ALA E 88 23.74 31.18 -73.64
CA ALA E 88 24.81 31.52 -74.57
C ALA E 88 26.19 31.07 -74.14
N LEU E 89 26.44 30.94 -72.84
CA LEU E 89 27.78 30.52 -72.40
C LEU E 89 27.95 29.04 -72.68
N ILE E 90 26.82 28.38 -72.87
CA ILE E 90 26.78 26.94 -73.13
C ILE E 90 27.14 26.56 -74.57
N LYS E 91 28.30 25.91 -74.73
CA LYS E 91 28.78 25.46 -76.03
C LYS E 91 27.63 24.98 -76.90
N GLU E 92 27.71 25.31 -78.19
CA GLU E 92 26.67 24.91 -79.14
C GLU E 92 26.83 23.44 -79.44
N GLY E 93 25.73 22.76 -79.69
CA GLY E 93 25.79 21.34 -79.96
C GLY E 93 26.26 20.63 -78.71
N ALA E 94 25.39 20.58 -77.71
CA ALA E 94 25.70 19.94 -76.44
C ALA E 94 24.43 19.42 -75.77
N VAL E 95 24.50 19.18 -74.47
CA VAL E 95 23.37 18.65 -73.71
C VAL E 95 23.25 19.21 -72.29
N LEU E 96 22.04 19.62 -71.93
CA LEU E 96 21.77 20.19 -70.62
C LEU E 96 20.57 19.56 -69.94
N MET E 97 20.67 19.39 -68.63
CA MET E 97 19.59 18.81 -67.85
C MET E 97 19.42 19.61 -66.56
N CYS E 98 18.21 19.55 -66.00
CA CYS E 98 17.89 20.25 -64.77
C CYS E 98 16.40 20.44 -64.71
N HIS E 99 15.99 21.55 -64.14
CA HIS E 99 14.59 21.85 -64.07
C HIS E 99 14.54 22.96 -65.11
N LEU E 100 13.48 23.01 -65.90
CA LEU E 100 13.38 24.03 -66.93
C LEU E 100 12.09 24.79 -66.88
N GLY E 101 11.10 24.23 -66.19
CA GLY E 101 9.80 24.86 -66.14
C GLY E 101 9.43 24.87 -67.61
N ALA E 102 9.80 23.78 -68.26
CA ALA E 102 9.56 23.57 -69.67
C ALA E 102 8.15 23.96 -70.06
N LEU E 103 7.17 23.43 -69.35
CA LEU E 103 5.80 23.74 -69.71
C LEU E 103 5.25 25.05 -69.14
N THR E 104 6.08 26.08 -69.16
CA THR E 104 5.71 27.42 -68.70
C THR E 104 6.75 28.43 -69.19
N ASN E 105 7.88 27.94 -69.68
CA ASN E 105 8.94 28.81 -70.17
C ASN E 105 9.34 28.60 -71.62
N ARG E 106 8.36 28.71 -72.51
CA ARG E 106 8.58 28.57 -73.95
C ARG E 106 9.90 29.23 -74.42
N PRO E 107 10.14 30.50 -74.02
CA PRO E 107 11.33 31.27 -74.40
C PRO E 107 12.66 30.54 -74.26
N VAL E 108 12.92 30.01 -73.07
CA VAL E 108 14.15 29.27 -72.80
C VAL E 108 14.23 28.09 -73.77
N VAL E 109 13.08 27.46 -74.01
CA VAL E 109 12.99 26.31 -74.89
C VAL E 109 13.60 26.65 -76.25
N GLU E 110 13.09 27.69 -76.89
CA GLU E 110 13.60 28.14 -78.19
C GLU E 110 15.08 28.52 -78.09
N ALA E 111 15.46 29.07 -76.94
CA ALA E 111 16.82 29.52 -76.66
C ALA E 111 17.94 28.50 -76.94
N LEU E 112 17.92 27.38 -76.22
CA LEU E 112 18.95 26.36 -76.42
C LEU E 112 18.64 25.65 -77.73
N THR E 113 17.39 25.79 -78.18
CA THR E 113 16.93 25.20 -79.43
C THR E 113 17.64 25.90 -80.59
N LYS E 114 17.88 27.20 -80.42
CA LYS E 114 18.55 28.01 -81.43
C LYS E 114 20.07 27.91 -81.33
N ARG E 115 20.53 27.41 -80.19
CA ARG E 115 21.96 27.24 -79.93
C ARG E 115 22.40 25.83 -80.29
N LYS E 116 21.45 25.05 -80.80
CA LYS E 116 21.73 23.68 -81.16
C LYS E 116 22.21 23.00 -79.87
N ILE E 117 21.29 22.79 -78.93
CA ILE E 117 21.60 22.15 -77.66
C ILE E 117 20.44 21.25 -77.27
N THR E 118 20.76 20.02 -76.87
CA THR E 118 19.72 19.09 -76.45
C THR E 118 19.47 19.39 -74.99
N ALA E 119 18.21 19.52 -74.61
CA ALA E 119 17.87 19.82 -73.23
C ALA E 119 16.87 18.83 -72.67
N TYR E 120 17.14 18.32 -71.47
CA TYR E 120 16.25 17.37 -70.80
C TYR E 120 15.64 18.08 -69.61
N ALA E 121 14.33 17.94 -69.40
CA ALA E 121 13.67 18.64 -68.29
C ALA E 121 13.26 17.74 -67.12
N MET E 122 14.14 17.64 -66.12
CA MET E 122 13.88 16.80 -64.96
C MET E 122 12.49 16.98 -64.35
N GLU E 123 11.99 18.21 -64.29
CA GLU E 123 10.66 18.44 -63.70
C GLU E 123 9.60 17.56 -64.35
N LEU E 124 9.96 16.94 -65.46
CA LEU E 124 9.05 16.06 -66.18
C LEU E 124 9.61 14.65 -66.12
N MET E 125 9.54 14.02 -64.95
CA MET E 125 10.07 12.68 -64.85
C MET E 125 8.97 11.65 -64.94
N PRO E 126 9.08 10.77 -65.95
CA PRO E 126 8.09 9.71 -66.18
C PRO E 126 7.91 8.92 -64.91
N ARG E 127 6.77 9.14 -64.27
CA ARG E 127 6.48 8.45 -63.03
C ARG E 127 6.46 6.91 -63.15
N ILE E 128 7.65 6.30 -63.16
CA ILE E 128 7.75 4.84 -63.23
C ILE E 128 8.75 4.32 -62.20
N SER E 129 8.33 3.34 -61.41
CA SER E 129 9.17 2.75 -60.35
C SER E 129 10.68 2.83 -60.52
N ARG E 130 11.19 2.41 -61.67
CA ARG E 130 12.63 2.41 -61.95
C ARG E 130 13.28 3.80 -61.98
N ALA E 131 12.54 4.82 -62.28
CA ALA E 131 12.92 6.23 -62.59
C ALA E 131 12.72 7.10 -61.39
N GLN E 132 11.98 6.48 -60.44
CA GLN E 132 11.94 7.08 -59.11
C GLN E 132 13.23 7.42 -58.45
N SER E 133 14.33 6.77 -58.70
CA SER E 133 15.61 7.40 -58.25
C SER E 133 15.62 8.91 -58.66
N MET E 134 15.53 9.30 -59.94
CA MET E 134 15.73 10.66 -60.44
C MET E 134 14.51 11.58 -60.39
N ASP E 135 13.50 11.21 -59.64
CA ASP E 135 12.33 12.06 -59.57
C ASP E 135 12.61 13.31 -58.71
N ILE E 136 13.52 14.16 -59.18
CA ILE E 136 13.91 15.39 -58.46
C ILE E 136 12.76 16.14 -57.80
N LEU E 137 11.54 15.86 -58.23
CA LEU E 137 10.39 16.53 -57.64
C LEU E 137 10.27 16.06 -56.21
N SER E 138 10.49 14.77 -56.01
CA SER E 138 10.39 14.17 -54.68
C SER E 138 11.47 14.71 -53.75
N SER E 139 12.72 14.35 -54.05
CA SER E 139 13.84 14.76 -53.23
C SER E 139 13.66 16.13 -52.63
N GLN E 140 13.28 17.11 -53.45
CA GLN E 140 13.10 18.49 -52.99
C GLN E 140 11.77 18.74 -52.26
N SER E 141 10.65 18.32 -52.84
CA SER E 141 9.34 18.50 -52.20
C SER E 141 9.32 17.86 -50.82
N ASN E 142 10.17 16.84 -50.67
CA ASN E 142 10.30 16.08 -49.45
C ASN E 142 10.91 16.90 -48.33
N LEU E 143 12.02 17.56 -48.64
CA LEU E 143 12.71 18.40 -47.68
C LEU E 143 11.82 19.60 -47.48
N ALA E 144 11.32 20.15 -48.57
CA ALA E 144 10.44 21.29 -48.48
C ALA E 144 9.39 20.90 -47.45
N GLY E 145 9.08 19.60 -47.39
CA GLY E 145 8.11 19.11 -46.42
C GLY E 145 8.65 19.26 -45.02
N TYR E 146 9.85 18.74 -44.80
CA TYR E 146 10.50 18.83 -43.51
C TYR E 146 10.55 20.30 -43.09
N ARG E 147 11.21 21.14 -43.89
CA ARG E 147 11.33 22.58 -43.62
C ARG E 147 10.06 23.23 -43.07
N ALA E 148 8.95 23.03 -43.76
CA ALA E 148 7.69 23.60 -43.35
C ALA E 148 7.56 23.64 -41.84
N VAL E 149 7.74 22.49 -41.20
CA VAL E 149 7.63 22.40 -39.75
C VAL E 149 8.73 23.22 -39.04
N ILE E 150 9.98 23.00 -39.40
CA ILE E 150 11.07 23.75 -38.79
C ILE E 150 10.79 25.26 -38.87
N ASP E 151 10.08 25.71 -39.91
CA ASP E 151 9.76 27.14 -40.03
C ASP E 151 8.56 27.50 -39.19
N GLY E 152 7.50 26.71 -39.30
CA GLY E 152 6.31 27.00 -38.54
C GLY E 152 6.64 27.00 -37.07
N ALA E 153 7.44 26.01 -36.67
CA ALA E 153 7.84 25.85 -35.28
C ALA E 153 8.66 27.04 -34.81
N TYR E 154 9.44 27.60 -35.72
CA TYR E 154 10.25 28.78 -35.41
C TYR E 154 9.29 29.91 -35.05
N GLU E 155 8.48 30.31 -36.03
CA GLU E 155 7.49 31.39 -35.90
C GLU E 155 6.47 31.19 -34.77
N PHE E 156 6.38 29.97 -34.26
CA PHE E 156 5.41 29.66 -33.22
C PHE E 156 5.79 30.09 -31.81
N ALA E 157 4.97 30.96 -31.24
CA ALA E 157 5.20 31.48 -29.91
C ALA E 157 5.11 30.39 -28.83
N ARG E 158 5.04 29.13 -29.24
CA ARG E 158 4.97 28.01 -28.28
C ARG E 158 5.81 26.80 -28.67
N ALA E 159 5.84 25.81 -27.76
CA ALA E 159 6.58 24.59 -27.99
C ALA E 159 5.65 23.53 -28.58
N PHE E 160 6.20 22.63 -29.38
CA PHE E 160 5.42 21.59 -30.02
C PHE E 160 5.00 20.44 -29.12
N PRO E 161 5.97 19.72 -28.53
CA PRO E 161 5.72 18.58 -27.66
C PRO E 161 5.22 18.89 -26.28
N MET E 162 4.58 17.90 -25.68
CA MET E 162 4.07 18.00 -24.32
C MET E 162 5.27 17.89 -23.39
N MET E 163 5.42 18.89 -22.54
CA MET E 163 6.54 18.91 -21.58
C MET E 163 5.94 19.03 -20.19
N MET E 164 6.61 18.44 -19.22
CA MET E 164 6.14 18.43 -17.83
C MET E 164 7.13 18.98 -16.81
N THR E 165 6.87 20.19 -16.33
CA THR E 165 7.72 20.84 -15.34
C THR E 165 7.05 20.86 -13.98
N ALA E 166 7.77 21.42 -13.01
CA ALA E 166 7.27 21.56 -11.65
C ALA E 166 6.19 22.63 -11.73
N ALA E 167 6.22 23.37 -12.82
CA ALA E 167 5.24 24.42 -13.05
C ALA E 167 3.93 23.77 -13.46
N GLY E 168 4.04 22.58 -14.05
CA GLY E 168 2.86 21.87 -14.48
C GLY E 168 3.03 21.35 -15.89
N THR E 169 1.92 21.13 -16.57
CA THR E 169 1.97 20.60 -17.93
C THR E 169 1.32 21.53 -18.94
N VAL E 170 1.58 21.24 -20.21
CA VAL E 170 1.06 22.02 -21.31
C VAL E 170 0.83 21.14 -22.53
N PRO E 171 -0.40 21.15 -23.07
CA PRO E 171 -0.69 20.32 -24.24
C PRO E 171 0.27 20.57 -25.41
N PRO E 172 0.47 19.56 -26.25
CA PRO E 172 1.37 19.74 -27.39
C PRO E 172 0.63 20.51 -28.50
N ALA E 173 1.39 20.93 -29.50
CA ALA E 173 0.81 21.65 -30.60
C ALA E 173 0.01 20.73 -31.51
N ARG E 174 -1.01 21.29 -32.12
CA ARG E 174 -1.84 20.57 -33.06
C ARG E 174 -1.47 21.18 -34.39
N VAL E 175 -1.10 20.34 -35.34
CA VAL E 175 -0.70 20.75 -36.68
C VAL E 175 -1.76 20.25 -37.64
N LEU E 176 -1.94 20.91 -38.77
CA LEU E 176 -2.93 20.43 -39.71
C LEU E 176 -2.30 20.51 -41.10
N VAL E 177 -2.01 19.35 -41.66
CA VAL E 177 -1.39 19.34 -42.97
C VAL E 177 -2.47 19.19 -44.05
N PHE E 178 -2.47 20.13 -44.99
CA PHE E 178 -3.40 20.11 -46.10
C PHE E 178 -2.64 19.57 -47.29
N GLY E 179 -3.08 18.43 -47.81
CA GLY E 179 -2.38 17.90 -48.95
C GLY E 179 -1.33 16.92 -48.50
N VAL E 180 -1.75 15.67 -48.47
CA VAL E 180 -0.90 14.58 -48.07
C VAL E 180 -0.12 14.01 -49.25
N GLY E 181 0.51 14.91 -50.00
CA GLY E 181 1.34 14.52 -51.13
C GLY E 181 2.67 14.07 -50.55
N VAL E 182 3.79 14.44 -51.13
CA VAL E 182 5.05 14.01 -50.56
C VAL E 182 5.50 15.03 -49.56
N ALA E 183 5.33 16.30 -49.91
CA ALA E 183 5.72 17.36 -48.98
C ALA E 183 4.83 17.20 -47.76
N GLY E 184 3.59 16.81 -48.00
CA GLY E 184 2.64 16.64 -46.91
C GLY E 184 3.02 15.57 -45.89
N LEU E 185 3.41 14.39 -46.36
CA LEU E 185 3.79 13.29 -45.48
C LEU E 185 5.01 13.62 -44.67
N GLN E 186 6.09 14.01 -45.33
CA GLN E 186 7.35 14.35 -44.65
C GLN E 186 7.07 15.40 -43.61
N ALA E 187 6.11 16.27 -43.89
CA ALA E 187 5.73 17.30 -42.95
C ALA E 187 4.91 16.68 -41.82
N ILE E 188 4.19 15.60 -42.14
CA ILE E 188 3.36 14.88 -41.15
C ILE E 188 4.33 14.22 -40.19
N ALA E 189 5.25 13.48 -40.79
CA ALA E 189 6.28 12.75 -40.10
C ALA E 189 7.12 13.63 -39.19
N THR E 190 7.31 14.89 -39.56
CA THR E 190 8.11 15.76 -38.73
C THR E 190 7.25 16.45 -37.69
N ALA E 191 6.13 16.99 -38.10
CA ALA E 191 5.29 17.64 -37.11
C ALA E 191 5.09 16.60 -36.01
N LYS E 192 5.05 15.34 -36.43
CA LYS E 192 4.84 14.25 -35.51
C LYS E 192 5.98 14.04 -34.53
N ARG E 193 7.10 13.53 -35.03
CA ARG E 193 8.26 13.28 -34.17
C ARG E 193 8.55 14.43 -33.24
N LEU E 194 8.15 15.64 -33.63
CA LEU E 194 8.40 16.79 -32.80
C LEU E 194 7.44 16.83 -31.62
N GLY E 195 6.76 15.72 -31.36
CA GLY E 195 5.85 15.63 -30.24
C GLY E 195 4.47 16.20 -30.43
N ALA E 196 4.25 16.91 -31.52
CA ALA E 196 2.95 17.50 -31.76
C ALA E 196 1.84 16.47 -31.96
N VAL E 197 0.72 16.96 -32.49
CA VAL E 197 -0.44 16.14 -32.79
C VAL E 197 -0.87 16.46 -34.24
N VAL E 198 -0.50 15.60 -35.17
CA VAL E 198 -0.82 15.84 -36.57
C VAL E 198 -2.24 15.47 -37.00
N MET E 199 -2.77 16.28 -37.91
CA MET E 199 -4.11 16.12 -38.46
C MET E 199 -3.97 16.47 -39.92
N ALA E 200 -4.12 15.47 -40.78
CA ALA E 200 -3.98 15.68 -42.22
C ALA E 200 -5.25 15.52 -43.02
N THR E 201 -5.30 16.22 -44.14
CA THR E 201 -6.45 16.13 -45.03
C THR E 201 -5.99 16.21 -46.47
N ASP E 202 -6.71 15.51 -47.32
CA ASP E 202 -6.40 15.47 -48.73
C ASP E 202 -7.70 15.06 -49.38
N VAL E 203 -7.73 15.08 -50.70
CA VAL E 203 -8.93 14.66 -51.39
C VAL E 203 -8.76 13.16 -51.56
N ARG E 204 -7.67 12.78 -52.21
CA ARG E 204 -7.36 11.38 -52.46
C ARG E 204 -7.71 10.54 -51.25
N ALA E 205 -8.87 9.90 -51.30
CA ALA E 205 -9.30 9.04 -50.20
C ALA E 205 -8.14 8.08 -49.92
N ALA E 206 -7.46 7.67 -50.99
CA ALA E 206 -6.32 6.77 -50.92
C ALA E 206 -5.33 7.20 -49.85
N THR E 207 -5.19 8.52 -49.74
CA THR E 207 -4.30 9.14 -48.78
C THR E 207 -4.48 8.73 -47.31
N LYS E 208 -5.72 8.50 -46.90
CA LYS E 208 -5.99 8.10 -45.52
C LYS E 208 -5.04 6.98 -45.08
N GLU E 209 -4.84 6.02 -45.97
CA GLU E 209 -3.96 4.88 -45.69
C GLU E 209 -2.62 5.39 -45.16
N GLN E 210 -1.86 6.09 -46.02
CA GLN E 210 -0.56 6.63 -45.65
C GLN E 210 -0.60 7.50 -44.40
N VAL E 211 -1.43 8.53 -44.42
CA VAL E 211 -1.55 9.44 -43.29
C VAL E 211 -1.46 8.75 -41.95
N GLU E 212 -2.02 7.56 -41.84
CA GLU E 212 -1.98 6.87 -40.57
C GLU E 212 -0.76 5.99 -40.37
N SER E 213 -0.27 5.40 -41.45
CA SER E 213 0.91 4.57 -41.33
C SER E 213 1.97 5.45 -40.66
N LEU E 214 1.75 6.76 -40.68
CA LEU E 214 2.67 7.72 -40.09
C LEU E 214 2.23 8.30 -38.75
N GLY E 215 1.19 7.71 -38.16
CA GLY E 215 0.73 8.17 -36.87
C GLY E 215 -0.22 9.36 -36.88
N GLY E 216 -0.60 9.80 -38.08
CA GLY E 216 -1.49 10.95 -38.21
C GLY E 216 -2.93 10.58 -38.52
N LYS E 217 -3.87 11.29 -37.89
CA LYS E 217 -5.30 11.08 -38.06
C LYS E 217 -5.78 11.79 -39.32
N PHE E 218 -6.55 11.08 -40.15
CA PHE E 218 -7.07 11.65 -41.38
C PHE E 218 -8.34 12.45 -41.11
N ILE E 219 -8.76 13.27 -42.06
CA ILE E 219 -9.97 14.08 -41.89
C ILE E 219 -11.10 13.75 -42.87
N THR E 220 -11.26 12.48 -43.19
CA THR E 220 -12.37 12.09 -44.07
C THR E 220 -13.60 12.42 -43.25
N VAL E 221 -13.45 12.19 -41.95
CA VAL E 221 -14.49 12.42 -40.95
C VAL E 221 -15.73 13.11 -41.54
N GLU E 241 -21.55 18.09 -55.28
CA GLU E 241 -20.71 18.74 -54.23
C GLU E 241 -21.36 18.66 -52.85
N GLU E 242 -22.48 17.95 -52.78
CA GLU E 242 -23.22 17.77 -51.54
C GLU E 242 -22.29 17.32 -50.41
N PHE E 243 -21.28 16.53 -50.77
CA PHE E 243 -20.29 15.98 -49.84
C PHE E 243 -19.27 17.04 -49.42
N ARG E 244 -18.68 17.71 -50.41
CA ARG E 244 -17.66 18.75 -50.18
C ARG E 244 -18.02 19.71 -49.04
N LYS E 245 -19.32 19.88 -48.81
CA LYS E 245 -19.82 20.77 -47.78
C LYS E 245 -19.68 20.17 -46.38
N LYS E 246 -19.96 18.87 -46.25
CA LYS E 246 -19.85 18.22 -44.95
C LYS E 246 -18.44 17.72 -44.66
N GLN E 247 -17.51 18.10 -45.53
CA GLN E 247 -16.12 17.71 -45.37
C GLN E 247 -15.38 18.96 -44.90
N ALA E 248 -15.55 20.03 -45.66
CA ALA E 248 -14.95 21.30 -45.33
C ALA E 248 -15.63 21.81 -44.06
N GLU E 249 -16.66 21.07 -43.64
CA GLU E 249 -17.42 21.38 -42.43
C GLU E 249 -16.59 20.84 -41.27
N ALA E 250 -16.13 19.61 -41.47
CA ALA E 250 -15.31 18.94 -40.49
C ALA E 250 -14.04 19.73 -40.28
N VAL E 251 -13.39 20.10 -41.38
CA VAL E 251 -12.15 20.86 -41.32
C VAL E 251 -12.22 22.07 -40.39
N LEU E 252 -13.11 23.04 -40.65
CA LEU E 252 -13.21 24.21 -39.78
C LEU E 252 -13.32 23.84 -38.28
N LYS E 253 -13.70 22.59 -38.00
CA LYS E 253 -13.81 22.13 -36.62
C LYS E 253 -12.38 21.91 -36.09
N GLU E 254 -11.56 21.24 -36.87
CA GLU E 254 -10.19 21.01 -36.45
C GLU E 254 -9.31 22.25 -36.61
N LEU E 255 -9.57 23.05 -37.64
CA LEU E 255 -8.76 24.25 -37.88
C LEU E 255 -8.98 25.38 -36.87
N VAL E 256 -10.09 25.36 -36.15
CA VAL E 256 -10.33 26.42 -35.18
C VAL E 256 -9.55 26.16 -33.91
N LYS E 257 -8.92 25.00 -33.82
CA LYS E 257 -8.14 24.67 -32.64
C LYS E 257 -6.70 24.30 -32.99
N THR E 258 -6.39 24.32 -34.28
CA THR E 258 -5.04 24.01 -34.74
C THR E 258 -4.14 25.23 -34.49
N ASP E 259 -2.84 25.00 -34.42
CA ASP E 259 -1.89 26.08 -34.15
C ASP E 259 -0.97 26.32 -35.34
N ILE E 260 -0.83 25.29 -36.17
CA ILE E 260 0.01 25.38 -37.34
C ILE E 260 -0.62 24.56 -38.44
N ALA E 261 -1.06 25.23 -39.50
CA ALA E 261 -1.65 24.54 -40.61
C ALA E 261 -0.63 24.64 -41.72
N ILE E 262 -0.38 23.55 -42.40
CA ILE E 262 0.59 23.55 -43.47
C ILE E 262 -0.10 23.04 -44.71
N THR E 263 -0.06 23.84 -45.78
CA THR E 263 -0.69 23.49 -47.05
C THR E 263 0.38 23.06 -48.04
N THR E 264 0.05 22.08 -48.87
CA THR E 264 0.99 21.53 -49.83
C THR E 264 0.42 21.23 -51.21
N ALA E 265 -0.89 21.46 -51.40
CA ALA E 265 -1.58 21.21 -52.68
C ALA E 265 -1.01 22.03 -53.83
N LEU E 266 -0.18 21.41 -54.65
CA LEU E 266 0.45 22.11 -55.75
C LEU E 266 0.22 21.47 -57.11
N ILE E 267 -0.93 21.74 -57.73
CA ILE E 267 -1.23 21.19 -59.05
C ILE E 267 -0.49 22.04 -60.10
N PRO E 268 0.28 21.40 -61.01
CA PRO E 268 1.02 22.12 -62.06
C PRO E 268 0.11 22.83 -63.06
N GLY E 269 0.67 23.80 -63.78
CA GLY E 269 -0.12 24.55 -64.74
C GLY E 269 -1.22 25.31 -64.02
N LYS E 270 -2.32 24.63 -63.71
CA LYS E 270 -3.41 25.29 -63.01
C LYS E 270 -2.80 25.76 -61.69
N PRO E 271 -3.08 27.00 -61.27
CA PRO E 271 -2.50 27.48 -60.02
C PRO E 271 -3.09 26.88 -58.73
N ALA E 272 -2.31 26.99 -57.66
CA ALA E 272 -2.66 26.50 -56.34
C ALA E 272 -4.14 26.55 -56.03
N PRO E 273 -4.73 25.37 -55.79
CA PRO E 273 -6.16 25.21 -55.48
C PRO E 273 -6.51 25.64 -54.07
N VAL E 274 -6.85 26.91 -53.90
CA VAL E 274 -7.23 27.46 -52.61
C VAL E 274 -7.81 26.40 -51.65
N LEU E 275 -7.25 26.35 -50.45
CA LEU E 275 -7.68 25.41 -49.43
C LEU E 275 -8.01 26.10 -48.12
N ILE E 276 -7.53 27.33 -47.95
CA ILE E 276 -7.82 28.07 -46.74
C ILE E 276 -8.16 29.50 -47.11
N THR E 277 -9.45 29.78 -47.19
CA THR E 277 -9.93 31.12 -47.55
C THR E 277 -9.73 32.09 -46.41
N GLU E 278 -9.75 33.37 -46.73
CA GLU E 278 -9.56 34.39 -45.69
C GLU E 278 -10.64 34.27 -44.63
N GLU E 279 -11.75 33.66 -44.99
CA GLU E 279 -12.84 33.53 -44.03
C GLU E 279 -12.35 32.73 -42.84
N MET E 280 -11.85 31.54 -43.13
CA MET E 280 -11.36 30.63 -42.10
C MET E 280 -10.24 31.27 -41.28
N VAL E 281 -9.27 31.89 -41.97
CA VAL E 281 -8.17 32.51 -41.26
C VAL E 281 -8.72 33.40 -40.16
N THR E 282 -9.94 33.87 -40.34
CA THR E 282 -10.55 34.75 -39.34
C THR E 282 -11.06 33.93 -38.15
N LYS E 283 -11.31 32.65 -38.38
CA LYS E 283 -11.82 31.75 -37.34
C LYS E 283 -10.72 30.97 -36.60
N MET E 284 -9.46 31.19 -36.98
CA MET E 284 -8.37 30.48 -36.31
C MET E 284 -8.10 31.18 -34.99
N LYS E 285 -7.41 30.51 -34.09
CA LYS E 285 -7.11 31.15 -32.83
C LYS E 285 -5.80 31.93 -32.94
N PRO E 286 -5.75 33.13 -32.37
CA PRO E 286 -4.59 34.04 -32.37
C PRO E 286 -3.27 33.42 -31.94
N GLY E 287 -2.19 33.81 -32.61
CA GLY E 287 -0.88 33.29 -32.29
C GLY E 287 -0.52 32.10 -33.16
N SER E 288 -1.43 31.72 -34.04
CA SER E 288 -1.23 30.58 -34.93
C SER E 288 -0.25 30.89 -36.03
N VAL E 289 -0.21 30.02 -37.05
CA VAL E 289 0.71 30.21 -38.17
C VAL E 289 0.38 29.30 -39.34
N ILE E 290 0.48 29.84 -40.56
CA ILE E 290 0.21 29.08 -41.77
C ILE E 290 1.43 29.02 -42.68
N ILE E 291 1.89 27.81 -42.96
CA ILE E 291 3.01 27.64 -43.87
C ILE E 291 2.42 27.23 -45.21
N ASP E 292 2.37 28.17 -46.14
CA ASP E 292 1.80 27.95 -47.48
C ASP E 292 2.93 27.66 -48.47
N LEU E 293 3.06 26.41 -48.91
CA LEU E 293 4.13 26.06 -49.84
C LEU E 293 3.81 26.33 -51.29
N ALA E 294 2.54 26.58 -51.51
CA ALA E 294 2.00 26.89 -52.89
C ALA E 294 2.16 28.39 -53.20
N VAL E 295 2.65 29.13 -52.23
CA VAL E 295 2.85 30.57 -52.40
C VAL E 295 3.41 30.97 -53.73
N GLU E 296 4.41 30.28 -54.19
CA GLU E 296 5.08 30.67 -55.44
C GLU E 296 4.14 30.56 -56.62
N ALA E 297 3.35 29.52 -56.57
CA ALA E 297 2.39 29.17 -57.67
C ALA E 297 0.95 29.27 -57.28
N GLY E 298 0.59 30.43 -56.68
CA GLY E 298 -0.82 30.60 -56.29
C GLY E 298 -1.02 30.91 -54.83
N GLY E 299 -0.97 29.83 -54.04
CA GLY E 299 -1.12 29.95 -52.60
C GLY E 299 -2.42 29.31 -52.13
N ASN E 300 -2.32 28.21 -51.40
CA ASN E 300 -3.50 27.51 -50.92
C ASN E 300 -4.33 28.42 -49.99
N CYS E 301 -3.76 29.58 -49.66
CA CYS E 301 -4.41 30.60 -48.83
C CYS E 301 -3.99 31.93 -49.44
N PRO E 302 -4.91 32.60 -50.15
CA PRO E 302 -4.66 33.89 -50.80
C PRO E 302 -3.74 34.87 -50.07
N LEU E 303 -4.07 35.15 -48.81
CA LEU E 303 -3.32 36.09 -47.98
C LEU E 303 -1.82 35.89 -47.92
N SER E 304 -1.33 34.71 -48.32
CA SER E 304 0.10 34.49 -48.30
C SER E 304 0.69 35.25 -49.48
N GLU E 305 1.90 35.75 -49.31
CA GLU E 305 2.53 36.52 -50.36
C GLU E 305 3.97 36.11 -50.55
N PRO E 306 4.33 35.66 -51.76
CA PRO E 306 5.67 35.22 -52.14
C PRO E 306 6.82 35.92 -51.42
N GLY E 307 7.59 35.13 -50.69
CA GLY E 307 8.73 35.65 -49.96
C GLY E 307 8.39 36.64 -48.86
N LYS E 308 7.36 36.37 -48.06
CA LYS E 308 7.01 37.28 -46.98
C LYS E 308 6.02 36.74 -45.94
N ILE E 309 6.34 37.00 -44.67
CA ILE E 309 5.46 36.59 -43.59
C ILE E 309 4.52 37.75 -43.36
N VAL E 310 3.23 37.53 -43.62
CA VAL E 310 2.23 38.56 -43.43
C VAL E 310 1.42 38.17 -42.20
N VAL E 311 1.05 39.15 -41.38
CA VAL E 311 0.30 38.89 -40.16
C VAL E 311 -0.98 39.68 -39.97
N LYS E 312 -2.12 39.07 -40.33
CA LYS E 312 -3.40 39.72 -40.12
C LYS E 312 -4.34 38.68 -39.55
N HIS E 313 -5.34 39.13 -38.78
CA HIS E 313 -6.30 38.23 -38.15
C HIS E 313 -5.58 37.51 -37.01
N GLY E 314 -4.40 38.04 -36.67
CA GLY E 314 -3.61 37.47 -35.60
C GLY E 314 -2.81 36.25 -36.01
N VAL E 315 -2.98 35.85 -37.26
CA VAL E 315 -2.28 34.68 -37.73
C VAL E 315 -1.10 35.15 -38.60
N LYS E 316 0.12 34.75 -38.19
CA LYS E 316 1.25 34.81 -39.13
C LYS E 316 1.00 33.81 -40.28
N ILE E 317 0.99 34.34 -41.49
CA ILE E 317 0.86 33.68 -42.76
C ILE E 317 2.18 33.59 -43.50
N VAL E 318 3.08 32.69 -43.10
CA VAL E 318 4.39 32.51 -43.69
C VAL E 318 4.33 31.94 -45.10
N GLY E 319 5.02 32.58 -46.03
CA GLY E 319 5.03 32.11 -47.39
C GLY E 319 6.39 32.26 -48.04
N HIS E 320 7.38 31.51 -47.59
CA HIS E 320 8.72 31.63 -48.15
C HIS E 320 8.88 31.19 -49.61
N THR E 321 9.90 31.74 -50.25
CA THR E 321 10.19 31.47 -51.64
C THR E 321 11.31 30.46 -51.80
N ASN E 322 11.11 29.46 -52.64
CA ASN E 322 12.16 28.49 -52.89
C ASN E 322 12.55 27.75 -51.59
N VAL E 323 11.61 26.98 -51.05
CA VAL E 323 11.81 26.25 -49.81
C VAL E 323 12.95 25.23 -49.84
N PRO E 324 13.13 24.54 -50.96
CA PRO E 324 14.22 23.56 -50.97
C PRO E 324 15.54 24.23 -50.64
N SER E 325 15.75 25.42 -51.19
CA SER E 325 16.97 26.14 -50.95
C SER E 325 17.14 26.37 -49.44
N ARG E 326 16.03 26.44 -48.72
CA ARG E 326 16.09 26.63 -47.26
C ARG E 326 16.62 25.37 -46.59
N VAL E 327 17.06 24.42 -47.41
CA VAL E 327 17.62 23.14 -46.96
C VAL E 327 18.81 22.84 -47.84
N ALA E 328 19.09 23.78 -48.73
CA ALA E 328 20.18 23.72 -49.70
C ALA E 328 21.33 22.75 -49.40
N ALA E 329 21.84 22.75 -48.17
CA ALA E 329 22.97 21.87 -47.85
C ALA E 329 22.66 20.41 -48.09
N ASP E 330 21.43 20.03 -47.80
CA ASP E 330 21.03 18.64 -47.99
C ASP E 330 20.43 18.45 -49.37
N ALA E 331 19.48 19.30 -49.72
CA ALA E 331 18.81 19.24 -51.01
C ALA E 331 19.75 19.26 -52.20
N SER E 332 20.97 19.75 -52.01
CA SER E 332 21.95 19.83 -53.08
C SER E 332 22.61 18.51 -53.44
N PRO E 333 23.21 17.81 -52.46
CA PRO E 333 23.81 16.57 -52.91
C PRO E 333 22.73 15.59 -53.39
N LEU E 334 21.52 15.75 -52.89
CA LEU E 334 20.41 14.88 -53.29
C LEU E 334 20.19 15.09 -54.78
N PHE E 335 19.72 16.29 -55.10
CA PHE E 335 19.46 16.70 -56.45
C PHE E 335 20.63 16.19 -57.31
N ALA E 336 21.84 16.54 -56.92
CA ALA E 336 23.03 16.12 -57.64
C ALA E 336 23.01 14.65 -58.03
N LYS E 337 22.50 13.80 -57.15
CA LYS E 337 22.44 12.36 -57.48
C LYS E 337 21.30 12.06 -58.44
N ASN E 338 20.16 12.71 -58.21
CA ASN E 338 19.02 12.52 -59.08
C ASN E 338 19.49 12.53 -60.50
N LEU E 339 20.37 13.46 -60.83
CA LEU E 339 20.90 13.53 -62.20
C LEU E 339 21.83 12.40 -62.57
N LEU E 340 22.84 12.17 -61.72
CA LEU E 340 23.84 11.12 -61.94
C LEU E 340 23.18 9.77 -62.20
N ASN E 341 22.02 9.56 -61.59
CA ASN E 341 21.33 8.31 -61.80
C ASN E 341 20.72 8.44 -63.20
N PHE E 342 19.95 9.50 -63.42
CA PHE E 342 19.35 9.74 -64.73
C PHE E 342 20.38 9.79 -65.84
N LEU E 343 21.65 10.00 -65.49
CA LEU E 343 22.68 10.07 -66.53
C LEU E 343 23.60 8.85 -66.62
N THR E 344 23.89 8.20 -65.50
CA THR E 344 24.80 7.04 -65.56
C THR E 344 24.37 5.92 -66.53
N PRO E 345 23.07 5.80 -66.83
CA PRO E 345 22.67 4.73 -67.76
C PRO E 345 23.31 4.86 -69.15
N HIS E 346 22.97 5.94 -69.83
CA HIS E 346 23.41 6.22 -71.19
C HIS E 346 24.83 6.69 -71.38
N VAL E 347 25.78 6.04 -70.75
CA VAL E 347 27.19 6.42 -70.87
C VAL E 347 28.00 5.24 -71.33
N ASP E 348 27.88 5.05 -72.57
CA ASP E 348 28.46 3.94 -73.28
C ASP E 348 29.45 3.23 -72.38
N LYS E 349 30.06 2.13 -73.07
CA LYS E 349 30.92 1.59 -72.03
C LYS E 349 32.39 1.80 -72.37
N ASP E 350 32.97 2.48 -73.32
CA ASP E 350 34.42 2.73 -73.40
C ASP E 350 34.75 3.93 -74.32
N THR E 351 33.86 4.10 -75.26
CA THR E 351 33.59 5.20 -76.14
C THR E 351 33.53 6.53 -75.40
N LYS E 352 33.28 6.44 -74.12
CA LYS E 352 33.33 7.56 -73.17
C LYS E 352 32.51 8.68 -73.75
N THR E 353 31.33 8.21 -74.20
CA THR E 353 30.33 9.03 -74.85
C THR E 353 28.95 8.86 -74.27
N LEU E 354 28.16 9.91 -74.47
CA LEU E 354 26.74 10.01 -74.21
C LEU E 354 26.04 9.32 -75.41
N VAL E 355 25.03 8.54 -75.01
CA VAL E 355 24.23 7.69 -75.91
C VAL E 355 22.83 7.46 -75.43
N MET E 356 22.14 8.55 -75.04
CA MET E 356 20.79 8.49 -74.46
C MET E 356 19.83 7.67 -75.37
N LYS E 357 19.79 6.33 -75.25
CA LYS E 357 18.93 5.48 -76.09
C LYS E 357 17.50 6.02 -76.14
N LEU E 358 17.21 6.76 -77.20
CA LEU E 358 15.92 7.41 -77.41
C LEU E 358 14.65 6.63 -77.03
N GLU E 359 14.72 5.29 -77.04
CA GLU E 359 13.56 4.49 -76.67
C GLU E 359 13.26 4.72 -75.19
N ASP E 360 14.33 4.73 -74.40
CA ASP E 360 14.24 4.93 -72.96
C ASP E 360 13.28 6.08 -72.70
N GLU E 361 12.09 5.75 -72.21
CA GLU E 361 11.07 6.73 -71.91
C GLU E 361 11.65 7.85 -71.07
N THR E 362 12.72 7.54 -70.35
CA THR E 362 13.39 8.52 -69.51
C THR E 362 13.83 9.66 -70.41
N VAL E 363 14.62 9.31 -71.42
CA VAL E 363 15.15 10.26 -72.39
C VAL E 363 14.00 10.83 -73.21
N SER E 364 12.99 10.00 -73.44
CA SER E 364 11.80 10.38 -74.20
C SER E 364 10.97 11.47 -73.54
N GLY E 365 10.45 11.19 -72.34
CA GLY E 365 9.62 12.15 -71.64
C GLY E 365 10.38 13.36 -71.12
N THR E 366 11.60 13.13 -70.64
CA THR E 366 12.41 14.20 -70.10
C THR E 366 13.35 14.72 -71.17
N CYS E 367 12.79 15.43 -72.14
CA CYS E 367 13.58 16.02 -73.25
C CYS E 367 12.66 16.95 -74.03
N VAL E 368 13.14 18.14 -74.33
CA VAL E 368 12.31 19.10 -75.05
C VAL E 368 12.97 19.73 -76.27
N THR E 369 14.20 19.30 -76.58
CA THR E 369 14.87 19.85 -77.75
C THR E 369 16.13 19.06 -78.09
N ARG E 370 16.14 18.46 -79.27
CA ARG E 370 17.30 17.68 -79.71
C ARG E 370 17.99 18.48 -80.82
N ASP E 371 19.31 18.35 -80.91
CA ASP E 371 20.11 19.07 -81.91
C ASP E 371 19.33 19.50 -83.14
N GLY E 372 18.79 20.72 -83.08
CA GLY E 372 18.00 21.23 -84.18
C GLY E 372 16.76 21.98 -83.70
N ALA E 373 15.82 21.27 -83.07
CA ALA E 373 14.60 21.92 -82.58
C ALA E 373 13.79 21.14 -81.54
N ILE E 374 12.72 21.77 -81.06
CA ILE E 374 11.82 21.20 -80.06
C ILE E 374 11.32 19.81 -80.46
N VAL E 375 11.38 18.87 -79.53
CA VAL E 375 10.96 17.49 -79.78
C VAL E 375 9.70 17.12 -78.99
N HIS E 376 9.51 17.77 -77.84
CA HIS E 376 8.37 17.47 -76.99
C HIS E 376 7.03 17.77 -77.65
N PRO E 377 5.98 17.02 -77.25
CA PRO E 377 4.62 17.18 -77.77
C PRO E 377 4.03 18.57 -77.50
N ALA E 378 4.17 19.03 -76.25
CA ALA E 378 3.66 20.32 -75.83
C ALA E 378 4.71 21.43 -76.04
N HIS F 2 3.13 -19.33 -50.93
CA HIS F 2 3.03 -20.81 -50.78
C HIS F 2 4.11 -21.31 -49.80
N MET F 3 3.79 -22.39 -49.08
CA MET F 3 4.70 -22.99 -48.11
C MET F 3 4.66 -22.18 -46.81
N ALA F 4 3.48 -22.13 -46.19
CA ALA F 4 3.24 -21.39 -44.96
C ALA F 4 4.02 -21.85 -43.73
N GLY F 5 3.92 -21.06 -42.66
CA GLY F 5 4.58 -21.34 -41.41
C GLY F 5 3.70 -20.88 -40.26
N SER F 6 4.24 -20.90 -39.04
CA SER F 6 3.49 -20.48 -37.86
C SER F 6 4.30 -19.53 -36.99
N ALA F 7 3.67 -19.01 -35.95
CA ALA F 7 4.36 -18.11 -35.06
C ALA F 7 5.58 -18.84 -34.48
N GLU F 8 5.38 -20.11 -34.15
CA GLU F 8 6.41 -20.94 -33.57
C GLU F 8 7.60 -21.15 -34.52
N ASP F 9 7.33 -21.65 -35.72
CA ASP F 9 8.41 -21.90 -36.68
C ASP F 9 9.39 -20.74 -36.71
N ALA F 10 8.84 -19.53 -36.80
CA ALA F 10 9.65 -18.31 -36.84
C ALA F 10 10.53 -18.17 -35.61
N ALA F 11 9.96 -18.42 -34.44
CA ALA F 11 10.70 -18.34 -33.20
C ALA F 11 11.88 -19.29 -33.27
N PHE F 12 11.59 -20.53 -33.64
CA PHE F 12 12.60 -21.59 -33.75
C PHE F 12 13.64 -21.31 -34.81
N ILE F 13 13.23 -20.66 -35.90
CA ILE F 13 14.14 -20.37 -36.99
C ILE F 13 15.20 -19.31 -36.70
N MET F 14 14.82 -18.30 -35.91
CA MET F 14 15.75 -17.22 -35.59
C MET F 14 16.35 -17.27 -34.21
N LYS F 15 15.60 -17.82 -33.25
CA LYS F 15 16.18 -17.88 -31.93
C LYS F 15 17.46 -18.71 -32.05
N ASN F 16 17.56 -19.47 -33.15
CA ASN F 16 18.73 -20.32 -33.42
C ASN F 16 19.66 -19.72 -34.47
N ALA F 17 19.15 -18.74 -35.22
CA ALA F 17 19.91 -18.06 -36.26
C ALA F 17 21.17 -17.36 -35.77
N SER F 18 22.13 -17.21 -36.66
CA SER F 18 23.40 -16.58 -36.35
C SER F 18 23.40 -15.10 -36.72
N LYS F 19 22.98 -14.79 -37.95
CA LYS F 19 22.93 -13.42 -38.46
C LYS F 19 21.57 -13.19 -39.09
N VAL F 20 20.88 -12.10 -38.69
CA VAL F 20 19.56 -11.75 -39.20
C VAL F 20 19.46 -10.32 -39.77
N ILE F 21 18.70 -10.15 -40.84
CA ILE F 21 18.53 -8.85 -41.49
C ILE F 21 17.05 -8.45 -41.60
N ILE F 22 16.64 -7.49 -40.80
CA ILE F 22 15.26 -7.04 -40.84
C ILE F 22 15.07 -6.13 -42.03
N VAL F 23 14.10 -6.50 -42.85
CA VAL F 23 13.75 -5.76 -44.06
C VAL F 23 12.35 -5.23 -43.87
N PRO F 24 12.20 -4.05 -43.24
CA PRO F 24 10.90 -3.43 -42.99
C PRO F 24 10.26 -2.72 -44.18
N GLY F 25 9.21 -3.32 -44.74
CA GLY F 25 8.53 -2.70 -45.87
C GLY F 25 7.40 -1.78 -45.45
N TYR F 26 6.64 -1.26 -46.41
CA TYR F 26 5.54 -0.37 -46.11
C TYR F 26 4.53 -0.99 -45.16
N GLY F 27 4.33 -2.30 -45.30
CA GLY F 27 3.38 -3.00 -44.46
C GLY F 27 3.68 -2.90 -42.97
N MET F 28 4.94 -2.70 -42.62
CA MET F 28 5.31 -2.59 -41.21
C MET F 28 4.78 -1.27 -40.65
N ALA F 29 4.65 -0.29 -41.52
CA ALA F 29 4.16 1.02 -41.13
C ALA F 29 2.64 1.01 -40.95
N VAL F 30 1.95 0.33 -41.86
CA VAL F 30 0.49 0.25 -41.83
C VAL F 30 -0.05 -0.28 -40.51
N ALA F 31 0.66 -1.26 -39.97
CA ALA F 31 0.30 -1.89 -38.70
C ALA F 31 1.00 -1.29 -37.47
N GLN F 32 2.07 -0.56 -37.71
CA GLN F 32 2.85 0.06 -36.63
C GLN F 32 3.56 -1.02 -35.79
N ALA F 33 4.30 -1.87 -36.50
CA ALA F 33 5.03 -2.97 -35.87
C ALA F 33 6.35 -2.46 -35.31
N GLN F 34 6.71 -1.26 -35.72
CA GLN F 34 7.94 -0.61 -35.28
C GLN F 34 8.46 -1.06 -33.89
N HIS F 35 7.58 -1.14 -32.90
CA HIS F 35 8.01 -1.51 -31.57
C HIS F 35 8.17 -2.99 -31.36
N ALA F 36 7.20 -3.75 -31.85
CA ALA F 36 7.25 -5.20 -31.73
C ALA F 36 8.62 -5.62 -32.28
N LEU F 37 8.91 -5.12 -33.47
CA LEU F 37 10.14 -5.39 -34.17
C LEU F 37 11.34 -5.12 -33.27
N ARG F 38 11.49 -3.90 -32.79
CA ARG F 38 12.62 -3.58 -31.93
C ARG F 38 12.67 -4.55 -30.75
N GLU F 39 11.48 -4.90 -30.22
CA GLU F 39 11.38 -5.84 -29.10
C GLU F 39 12.00 -7.15 -29.51
N MET F 40 11.65 -7.62 -30.69
CA MET F 40 12.20 -8.87 -31.20
C MET F 40 13.72 -8.74 -31.41
N ALA F 41 14.16 -7.63 -31.98
CA ALA F 41 15.59 -7.41 -32.22
C ALA F 41 16.33 -7.40 -30.91
N ASP F 42 15.61 -7.09 -29.83
CA ASP F 42 16.23 -7.03 -28.50
C ASP F 42 16.43 -8.43 -27.96
N VAL F 43 15.56 -9.34 -28.39
CA VAL F 43 15.60 -10.72 -27.98
C VAL F 43 16.66 -11.54 -28.72
N LEU F 44 16.84 -11.22 -30.00
CA LEU F 44 17.84 -11.92 -30.82
C LEU F 44 19.24 -11.51 -30.39
N LYS F 45 19.45 -10.20 -30.22
CA LYS F 45 20.75 -9.67 -29.82
C LYS F 45 21.11 -10.22 -28.46
N LYS F 46 20.09 -10.37 -27.61
CA LYS F 46 20.21 -10.91 -26.26
C LYS F 46 20.83 -12.30 -26.36
N GLU F 47 20.28 -13.12 -27.26
CA GLU F 47 20.75 -14.48 -27.48
C GLU F 47 21.95 -14.58 -28.39
N GLY F 48 22.67 -13.48 -28.61
CA GLY F 48 23.85 -13.51 -29.46
C GLY F 48 23.59 -13.62 -30.95
N VAL F 49 22.45 -13.11 -31.39
CA VAL F 49 22.16 -13.15 -32.80
C VAL F 49 22.56 -11.80 -33.36
N GLU F 50 23.13 -11.81 -34.54
CA GLU F 50 23.56 -10.59 -35.19
C GLU F 50 22.32 -10.01 -35.84
N VAL F 51 22.05 -8.74 -35.62
CA VAL F 51 20.87 -8.10 -36.20
C VAL F 51 21.21 -6.83 -36.97
N SER F 52 20.47 -6.59 -38.05
CA SER F 52 20.68 -5.42 -38.89
C SER F 52 19.41 -5.17 -39.66
N TYR F 53 19.18 -3.91 -40.03
CA TYR F 53 17.99 -3.53 -40.78
C TYR F 53 18.43 -3.04 -42.16
N ALA F 54 17.78 -3.54 -43.21
CA ALA F 54 18.11 -3.16 -44.58
C ALA F 54 17.04 -2.29 -45.21
N ILE F 55 17.12 -0.99 -44.94
CA ILE F 55 16.18 -0.01 -45.45
C ILE F 55 16.37 0.28 -46.94
N HIS F 56 15.48 -0.26 -47.77
CA HIS F 56 15.51 -0.05 -49.21
C HIS F 56 15.18 1.42 -49.48
N PRO F 57 15.78 2.01 -50.52
CA PRO F 57 15.49 3.42 -50.82
C PRO F 57 14.02 3.83 -50.73
N VAL F 58 13.25 3.47 -51.75
CA VAL F 58 11.83 3.81 -51.86
C VAL F 58 10.84 3.01 -51.00
N ALA F 59 11.35 2.14 -50.14
CA ALA F 59 10.52 1.32 -49.29
C ALA F 59 9.57 2.16 -48.48
N GLY F 60 8.28 1.92 -48.66
CA GLY F 60 7.27 2.66 -47.93
C GLY F 60 6.45 3.46 -48.92
N ARG F 61 6.28 4.73 -48.64
CA ARG F 61 5.51 5.57 -49.54
C ARG F 61 6.01 7.00 -49.49
N MET F 62 7.17 7.18 -48.88
CA MET F 62 7.77 8.51 -48.76
C MET F 62 9.22 8.41 -48.32
N PRO F 63 10.04 9.40 -48.69
CA PRO F 63 11.45 9.38 -48.31
C PRO F 63 11.57 9.09 -46.81
N GLY F 64 12.47 8.19 -46.46
CA GLY F 64 12.68 7.83 -45.07
C GLY F 64 11.41 7.50 -44.32
N HIS F 65 10.59 6.64 -44.88
CA HIS F 65 9.34 6.25 -44.22
C HIS F 65 9.64 5.20 -43.14
N MET F 66 10.63 4.36 -43.39
CA MET F 66 11.01 3.36 -42.42
C MET F 66 11.89 3.97 -41.32
N ASN F 67 12.69 4.97 -41.68
CA ASN F 67 13.58 5.63 -40.72
C ASN F 67 12.79 6.35 -39.65
N VAL F 68 11.78 7.10 -40.04
CA VAL F 68 10.98 7.83 -39.08
C VAL F 68 10.53 6.86 -38.00
N LEU F 69 9.71 5.90 -38.44
CA LEU F 69 9.13 4.88 -37.57
C LEU F 69 10.09 4.09 -36.71
N LEU F 70 11.17 3.60 -37.30
CA LEU F 70 12.12 2.84 -36.53
C LEU F 70 12.74 3.69 -35.40
N ALA F 71 13.11 4.91 -35.74
CA ALA F 71 13.71 5.81 -34.78
C ALA F 71 12.75 6.13 -33.65
N GLU F 72 11.46 6.04 -33.93
CA GLU F 72 10.47 6.28 -32.89
C GLU F 72 10.61 5.12 -31.94
N ALA F 73 10.58 3.91 -32.50
CA ALA F 73 10.71 2.67 -31.73
C ALA F 73 12.06 2.55 -31.05
N ASN F 74 12.98 3.43 -31.37
CA ASN F 74 14.30 3.44 -30.73
C ASN F 74 15.30 2.38 -31.21
N VAL F 75 15.41 2.20 -32.52
CA VAL F 75 16.34 1.23 -33.09
C VAL F 75 17.68 1.94 -33.31
N PRO F 76 18.76 1.46 -32.69
CA PRO F 76 20.05 2.13 -32.89
C PRO F 76 20.27 2.56 -34.33
N TYR F 77 20.76 3.78 -34.52
CA TYR F 77 21.01 4.27 -35.86
C TYR F 77 22.08 3.45 -36.60
N ASP F 78 22.91 2.73 -35.87
CA ASP F 78 23.96 1.93 -36.50
C ASP F 78 23.62 0.48 -36.78
N GLU F 79 22.33 0.17 -36.78
CA GLU F 79 21.87 -1.18 -37.09
C GLU F 79 21.01 -1.07 -38.31
N VAL F 80 20.94 0.15 -38.84
CA VAL F 80 20.16 0.49 -40.03
C VAL F 80 21.13 0.71 -41.17
N PHE F 81 20.82 0.19 -42.35
CA PHE F 81 21.72 0.32 -43.49
C PHE F 81 21.04 0.65 -44.82
N GLU F 82 21.77 1.29 -45.73
CA GLU F 82 21.21 1.60 -47.03
C GLU F 82 21.47 0.44 -47.97
N LEU F 83 20.59 0.23 -48.94
CA LEU F 83 20.70 -0.87 -49.89
C LEU F 83 22.12 -1.24 -50.22
N GLU F 84 22.76 -0.42 -51.04
CA GLU F 84 24.14 -0.61 -51.49
C GLU F 84 25.20 -0.90 -50.42
N GLU F 85 24.89 -0.60 -49.17
CA GLU F 85 25.84 -0.83 -48.10
C GLU F 85 25.56 -2.06 -47.28
N ILE F 86 24.63 -2.89 -47.73
CA ILE F 86 24.28 -4.10 -47.00
C ILE F 86 23.81 -5.21 -47.92
N ASN F 87 23.43 -4.85 -49.14
CA ASN F 87 22.93 -5.77 -50.15
C ASN F 87 23.91 -6.92 -50.32
N SER F 88 25.13 -6.66 -49.89
CA SER F 88 26.19 -7.64 -49.97
C SER F 88 26.13 -8.66 -48.84
N SER F 89 25.55 -8.25 -47.71
CA SER F 89 25.44 -9.11 -46.55
C SER F 89 24.52 -10.30 -46.66
N PHE F 90 23.55 -10.23 -47.56
CA PHE F 90 22.57 -11.30 -47.74
C PHE F 90 23.17 -12.69 -47.95
N GLN F 91 24.27 -12.77 -48.67
CA GLN F 91 24.89 -14.08 -48.91
C GLN F 91 25.20 -14.74 -47.57
N THR F 92 25.87 -13.98 -46.70
CA THR F 92 26.25 -14.44 -45.36
C THR F 92 25.08 -14.38 -44.34
N ALA F 93 23.90 -13.99 -44.79
CA ALA F 93 22.75 -13.94 -43.91
C ALA F 93 22.07 -15.30 -43.92
N ASP F 94 21.63 -15.78 -42.76
CA ASP F 94 20.95 -17.07 -42.72
C ASP F 94 19.49 -16.93 -42.44
N VAL F 95 19.06 -15.70 -42.26
CA VAL F 95 17.65 -15.39 -42.04
C VAL F 95 17.47 -13.97 -42.55
N ALA F 96 16.42 -13.74 -43.32
CA ALA F 96 16.11 -12.42 -43.85
C ALA F 96 14.68 -12.22 -43.41
N PHE F 97 14.50 -11.40 -42.38
CA PHE F 97 13.17 -11.18 -41.82
C PHE F 97 12.43 -10.09 -42.55
N VAL F 98 11.84 -10.44 -43.69
CA VAL F 98 11.07 -9.49 -44.49
C VAL F 98 9.72 -9.33 -43.83
N ILE F 99 9.47 -8.13 -43.30
CA ILE F 99 8.22 -7.84 -42.61
C ILE F 99 7.41 -6.73 -43.28
N GLY F 100 6.35 -7.13 -43.96
CA GLY F 100 5.51 -6.16 -44.64
C GLY F 100 6.16 -5.56 -45.88
N ALA F 101 7.09 -6.28 -46.47
CA ALA F 101 7.74 -5.80 -47.67
C ALA F 101 7.34 -6.72 -48.82
N ASN F 102 7.52 -6.24 -50.04
CA ASN F 102 7.24 -7.02 -51.25
C ASN F 102 8.07 -6.47 -52.41
N ASP F 103 7.63 -5.34 -52.97
CA ASP F 103 8.33 -4.73 -54.08
C ASP F 103 9.86 -4.77 -53.88
N VAL F 104 10.33 -4.08 -52.86
CA VAL F 104 11.75 -3.96 -52.54
C VAL F 104 12.60 -5.24 -52.61
N THR F 105 11.95 -6.38 -52.84
CA THR F 105 12.66 -7.67 -52.91
C THR F 105 12.49 -8.39 -54.25
N ASN F 106 11.35 -8.15 -54.91
CA ASN F 106 10.98 -8.77 -56.20
C ASN F 106 12.07 -8.72 -57.25
N PRO F 107 12.64 -9.89 -57.64
CA PRO F 107 13.70 -10.02 -58.64
C PRO F 107 13.32 -9.60 -60.06
N ALA F 108 12.03 -9.38 -60.28
CA ALA F 108 11.52 -8.97 -61.59
C ALA F 108 12.17 -7.70 -62.13
N ALA F 109 12.73 -6.89 -61.24
CA ALA F 109 13.37 -5.65 -61.68
C ALA F 109 14.82 -5.89 -62.12
N LYS F 110 15.27 -7.14 -62.08
CA LYS F 110 16.62 -7.47 -62.48
C LYS F 110 16.58 -8.57 -63.55
N THR F 111 15.41 -8.73 -64.18
CA THR F 111 15.25 -9.74 -65.23
C THR F 111 14.18 -9.41 -66.27
N ASP F 112 12.91 -9.61 -65.88
CA ASP F 112 11.73 -9.38 -66.73
C ASP F 112 11.46 -7.92 -67.13
N PRO F 113 12.04 -7.47 -68.26
CA PRO F 113 11.86 -6.10 -68.74
C PRO F 113 10.44 -5.66 -68.98
N SER F 114 9.54 -6.64 -69.11
CA SER F 114 8.14 -6.31 -69.34
C SER F 114 7.46 -5.92 -68.04
N SER F 115 8.24 -5.79 -66.98
CA SER F 115 7.69 -5.46 -65.66
C SER F 115 7.57 -3.98 -65.33
N PRO F 116 6.43 -3.60 -64.72
CA PRO F 116 6.14 -2.23 -64.32
C PRO F 116 7.09 -1.74 -63.23
N ILE F 117 8.16 -2.50 -63.01
CA ILE F 117 9.17 -2.15 -62.01
C ILE F 117 10.57 -2.36 -62.59
N TYR F 118 10.72 -3.39 -63.41
CA TYR F 118 12.00 -3.71 -64.02
C TYR F 118 12.94 -2.51 -64.10
N GLY F 119 14.22 -2.74 -63.85
CA GLY F 119 15.21 -1.67 -63.90
C GLY F 119 15.54 -1.07 -62.54
N MET F 120 14.64 -1.26 -61.58
CA MET F 120 14.79 -0.75 -60.22
C MET F 120 15.67 -1.69 -59.36
N PRO F 121 16.34 -1.15 -58.32
CA PRO F 121 17.18 -1.98 -57.46
C PRO F 121 16.36 -2.71 -56.37
N ILE F 122 16.84 -3.87 -55.94
CA ILE F 122 16.15 -4.65 -54.93
C ILE F 122 17.10 -5.33 -53.97
N LEU F 123 16.62 -5.60 -52.77
CA LEU F 123 17.45 -6.28 -51.79
C LEU F 123 17.44 -7.78 -52.10
N ASP F 124 18.62 -8.38 -52.27
CA ASP F 124 18.71 -9.82 -52.57
C ASP F 124 18.36 -10.69 -51.36
N VAL F 125 17.14 -10.56 -50.86
CA VAL F 125 16.73 -11.36 -49.73
C VAL F 125 16.72 -12.84 -50.09
N GLU F 126 17.00 -13.16 -51.35
CA GLU F 126 17.02 -14.54 -51.81
C GLU F 126 18.33 -15.20 -51.37
N LYS F 127 19.41 -14.44 -51.46
CA LYS F 127 20.73 -14.94 -51.12
C LYS F 127 20.81 -15.36 -49.66
N ALA F 128 19.88 -14.89 -48.84
CA ALA F 128 19.86 -15.25 -47.44
C ALA F 128 19.67 -16.75 -47.37
N GLY F 129 19.95 -17.34 -46.22
CA GLY F 129 19.77 -18.77 -46.08
C GLY F 129 18.31 -19.12 -46.29
N THR F 130 17.47 -18.72 -45.34
CA THR F 130 16.05 -18.97 -45.40
C THR F 130 15.42 -17.59 -45.36
N VAL F 131 14.26 -17.41 -46.02
CA VAL F 131 13.58 -16.11 -46.07
C VAL F 131 12.16 -16.16 -45.52
N LEU F 132 11.86 -15.25 -44.59
CA LEU F 132 10.53 -15.17 -43.99
C LEU F 132 9.76 -13.91 -44.39
N PHE F 133 8.59 -14.08 -44.99
CA PHE F 133 7.77 -12.92 -45.35
C PHE F 133 6.62 -12.84 -44.39
N ILE F 134 6.30 -11.65 -43.93
CA ILE F 134 5.19 -11.48 -43.02
C ILE F 134 4.18 -10.54 -43.65
N LYS F 135 3.46 -11.03 -44.66
CA LYS F 135 2.44 -10.23 -45.31
C LYS F 135 1.11 -10.93 -45.08
N ARG F 136 0.00 -10.20 -45.11
CA ARG F 136 -1.31 -10.78 -44.88
C ARG F 136 -1.77 -11.89 -45.83
N SER F 137 -1.53 -11.72 -47.12
CA SER F 137 -1.93 -12.73 -48.11
C SER F 137 -0.84 -12.96 -49.14
N MET F 138 -1.26 -13.15 -50.38
CA MET F 138 -0.35 -13.35 -51.50
C MET F 138 -0.43 -12.11 -52.38
N ALA F 139 -1.18 -11.12 -51.88
CA ALA F 139 -1.44 -9.85 -52.56
C ALA F 139 -0.18 -9.07 -52.98
N SER F 140 -0.31 -8.32 -54.08
CA SER F 140 0.81 -7.55 -54.60
C SER F 140 1.19 -6.31 -53.78
N GLY F 141 2.11 -5.53 -54.35
CA GLY F 141 2.59 -4.32 -53.71
C GLY F 141 2.06 -3.07 -54.39
N TYR F 142 2.87 -2.06 -54.52
CA TYR F 142 2.46 -0.78 -55.01
C TYR F 142 2.45 -0.83 -56.52
N ALA F 143 3.30 -1.73 -57.05
CA ALA F 143 3.44 -2.03 -58.46
C ALA F 143 2.50 -3.12 -58.98
N GLY F 144 1.77 -3.77 -58.07
CA GLY F 144 0.85 -4.81 -58.45
C GLY F 144 1.38 -5.99 -59.26
N VAL F 145 2.48 -6.60 -58.83
CA VAL F 145 3.01 -7.76 -59.55
C VAL F 145 3.32 -8.88 -58.58
N GLU F 146 3.43 -10.09 -59.13
CA GLU F 146 3.72 -11.28 -58.33
C GLU F 146 5.20 -11.48 -58.06
N ASN F 147 5.50 -11.75 -56.81
CA ASN F 147 6.88 -11.97 -56.43
C ASN F 147 7.17 -13.46 -56.53
N GLU F 148 7.93 -13.79 -57.56
CA GLU F 148 8.33 -15.14 -57.82
C GLU F 148 9.10 -15.71 -56.63
N LEU F 149 9.13 -14.99 -55.52
CA LEU F 149 9.85 -15.45 -54.34
C LEU F 149 8.99 -16.13 -53.28
N PHE F 150 7.67 -15.93 -53.32
CA PHE F 150 6.84 -16.60 -52.35
C PHE F 150 6.77 -18.07 -52.76
N PHE F 151 7.51 -18.43 -53.82
CA PHE F 151 7.50 -19.81 -54.33
C PHE F 151 8.86 -20.46 -54.35
N ARG F 152 9.87 -19.80 -53.78
CA ARG F 152 11.20 -20.37 -53.77
C ARG F 152 11.34 -21.45 -52.73
N ASN F 153 12.25 -22.40 -52.97
CA ASN F 153 12.47 -23.52 -52.05
C ASN F 153 13.25 -23.18 -50.79
N ASN F 154 13.49 -21.90 -50.56
CA ASN F 154 14.22 -21.43 -49.38
C ASN F 154 13.43 -20.33 -48.68
N THR F 155 12.12 -20.41 -48.81
CA THR F 155 11.19 -19.44 -48.24
C THR F 155 10.05 -20.13 -47.50
N MET F 156 9.42 -19.37 -46.60
CA MET F 156 8.29 -19.81 -45.81
C MET F 156 7.53 -18.54 -45.55
N MET F 157 6.21 -18.56 -45.74
CA MET F 157 5.43 -17.35 -45.52
C MET F 157 4.80 -17.41 -44.14
N LEU F 158 4.75 -16.27 -43.47
CA LEU F 158 4.18 -16.19 -42.14
C LEU F 158 2.93 -15.34 -42.20
N PHE F 159 1.97 -15.77 -43.01
CA PHE F 159 0.73 -15.02 -43.16
C PHE F 159 0.11 -14.48 -41.87
N GLY F 160 -0.10 -13.17 -41.86
CA GLY F 160 -0.68 -12.50 -40.71
C GLY F 160 -0.32 -11.01 -40.76
N ASP F 161 -0.84 -10.25 -39.80
CA ASP F 161 -0.57 -8.82 -39.73
C ASP F 161 0.85 -8.68 -39.18
N ALA F 162 1.64 -7.80 -39.79
CA ALA F 162 3.03 -7.60 -39.37
C ALA F 162 3.22 -7.30 -37.89
N LYS F 163 2.28 -6.57 -37.29
CA LYS F 163 2.42 -6.24 -35.89
C LYS F 163 2.11 -7.38 -34.94
N LYS F 164 1.05 -8.15 -35.20
CA LYS F 164 0.75 -9.26 -34.30
C LYS F 164 1.75 -10.38 -34.55
N MET F 165 1.85 -10.82 -35.80
CA MET F 165 2.76 -11.88 -36.18
C MET F 165 4.09 -11.75 -35.43
N THR F 166 4.57 -10.52 -35.31
CA THR F 166 5.83 -10.28 -34.60
C THR F 166 5.63 -10.52 -33.13
N GLU F 167 4.63 -9.88 -32.54
CA GLU F 167 4.35 -10.07 -31.14
C GLU F 167 4.30 -11.55 -30.84
N GLN F 168 3.50 -12.29 -31.61
CA GLN F 168 3.37 -13.73 -31.42
C GLN F 168 4.74 -14.38 -31.46
N ILE F 169 5.63 -13.84 -32.29
CA ILE F 169 6.98 -14.38 -32.42
C ILE F 169 7.87 -14.06 -31.22
N VAL F 170 7.58 -12.95 -30.54
CA VAL F 170 8.38 -12.62 -29.37
C VAL F 170 7.84 -13.43 -28.21
N GLN F 171 6.62 -13.94 -28.40
CA GLN F 171 5.97 -14.77 -27.38
C GLN F 171 6.56 -16.17 -27.43
N ALA F 172 6.67 -16.74 -28.63
CA ALA F 172 7.22 -18.07 -28.79
C ALA F 172 8.73 -18.06 -28.52
N MET F 173 9.30 -16.87 -28.44
CA MET F 173 10.73 -16.73 -28.20
C MET F 173 11.08 -16.47 -26.75
N ASN F 174 10.08 -16.47 -25.89
CA ASN F 174 10.32 -16.24 -24.47
C ASN F 174 11.43 -17.16 -24.01
N MET G 1 -29.43 -15.56 46.31
CA MET G 1 -30.86 -15.16 46.10
C MET G 1 -31.41 -15.75 44.80
N LYS G 2 -32.73 -15.76 44.66
CA LYS G 2 -33.39 -16.29 43.47
C LYS G 2 -33.91 -15.14 42.60
N ILE G 3 -33.47 -15.13 41.35
CA ILE G 3 -33.89 -14.12 40.38
C ILE G 3 -34.58 -14.83 39.19
N ALA G 4 -35.60 -14.20 38.60
CA ALA G 4 -36.29 -14.85 37.50
C ALA G 4 -36.81 -13.94 36.40
N ILE G 5 -36.67 -14.42 35.17
CA ILE G 5 -37.12 -13.72 33.98
C ILE G 5 -38.20 -14.57 33.34
N PRO G 6 -39.41 -14.03 33.17
CA PRO G 6 -40.55 -14.74 32.56
C PRO G 6 -40.65 -14.41 31.08
N LYS G 7 -41.50 -15.13 30.38
CA LYS G 7 -41.74 -14.89 28.97
C LYS G 7 -42.76 -13.74 28.93
N GLU G 8 -42.56 -12.75 28.05
CA GLU G 8 -43.49 -11.63 27.98
C GLU G 8 -44.85 -12.08 27.43
N ARG G 9 -45.93 -11.63 28.08
CA ARG G 9 -47.31 -11.98 27.66
C ARG G 9 -47.91 -10.87 26.80
N ARG G 10 -47.47 -9.64 27.02
CA ARG G 10 -47.95 -8.51 26.23
C ARG G 10 -47.94 -8.99 24.78
N PRO G 11 -48.97 -8.61 24.02
CA PRO G 11 -49.05 -9.02 22.62
C PRO G 11 -48.03 -8.26 21.77
N GLY G 12 -47.22 -8.99 21.01
CA GLY G 12 -46.25 -8.32 20.16
C GLY G 12 -44.88 -8.13 20.80
N GLU G 13 -44.72 -8.66 22.01
CA GLU G 13 -43.46 -8.53 22.69
C GLU G 13 -42.58 -9.75 22.42
N ASP G 14 -41.52 -9.56 21.64
CA ASP G 14 -40.61 -10.66 21.35
C ASP G 14 -39.29 -10.50 22.08
N ARG G 15 -39.16 -9.41 22.83
CA ARG G 15 -37.97 -9.19 23.62
C ARG G 15 -38.10 -9.98 24.90
N VAL G 16 -36.97 -10.26 25.53
CA VAL G 16 -36.94 -10.98 26.79
C VAL G 16 -36.11 -10.12 27.74
N ALA G 17 -36.03 -10.48 29.01
CA ALA G 17 -35.25 -9.67 29.93
C ALA G 17 -34.06 -10.48 30.41
N ILE G 18 -33.38 -11.12 29.47
CA ILE G 18 -32.22 -11.94 29.82
C ILE G 18 -31.41 -12.39 28.61
N SER G 19 -30.11 -12.61 28.82
CA SER G 19 -29.19 -13.07 27.79
C SER G 19 -28.26 -14.09 28.42
N PRO G 20 -28.03 -15.23 27.75
CA PRO G 20 -27.14 -16.30 28.26
C PRO G 20 -25.90 -15.74 28.96
N GLU G 21 -25.38 -14.68 28.38
CA GLU G 21 -24.20 -14.01 28.90
C GLU G 21 -24.50 -13.51 30.29
N VAL G 22 -25.53 -12.67 30.40
CA VAL G 22 -25.94 -12.11 31.67
C VAL G 22 -26.36 -13.18 32.68
N VAL G 23 -26.89 -14.28 32.19
CA VAL G 23 -27.28 -15.36 33.08
C VAL G 23 -26.02 -15.85 33.78
N LYS G 24 -24.90 -15.84 33.07
CA LYS G 24 -23.63 -16.27 33.65
C LYS G 24 -23.14 -15.27 34.66
N LYS G 25 -23.13 -14.01 34.30
CA LYS G 25 -22.67 -13.00 35.25
C LYS G 25 -23.55 -12.96 36.50
N LEU G 26 -24.85 -13.16 36.34
CA LEU G 26 -25.75 -13.16 37.49
C LEU G 26 -25.36 -14.26 38.50
N VAL G 27 -25.18 -15.47 37.98
CA VAL G 27 -24.82 -16.60 38.81
C VAL G 27 -23.44 -16.42 39.43
N GLY G 28 -22.50 -15.89 38.65
CA GLY G 28 -21.18 -15.67 39.19
C GLY G 28 -21.26 -14.83 40.43
N LEU G 29 -22.39 -14.14 40.59
CA LEU G 29 -22.65 -13.27 41.73
C LEU G 29 -23.42 -14.03 42.82
N GLY G 30 -23.58 -15.33 42.64
CA GLY G 30 -24.33 -16.12 43.60
C GLY G 30 -25.81 -15.77 43.42
N PHE G 31 -26.39 -16.32 42.37
CA PHE G 31 -27.79 -16.07 42.02
C PHE G 31 -28.48 -17.27 41.41
N GLU G 32 -29.70 -17.50 41.84
CA GLU G 32 -30.51 -18.59 41.34
C GLU G 32 -31.29 -17.97 40.18
N VAL G 33 -30.79 -18.18 38.97
CA VAL G 33 -31.45 -17.65 37.79
C VAL G 33 -32.50 -18.62 37.26
N ILE G 34 -33.77 -18.21 37.33
CA ILE G 34 -34.89 -19.05 36.88
C ILE G 34 -35.65 -18.39 35.72
N VAL G 35 -35.50 -18.91 34.50
CA VAL G 35 -36.19 -18.35 33.34
C VAL G 35 -37.30 -19.26 32.83
N GLU G 36 -38.46 -18.67 32.58
CA GLU G 36 -39.60 -19.43 32.08
C GLU G 36 -39.15 -20.12 30.80
N GLN G 37 -39.86 -21.15 30.36
CA GLN G 37 -39.45 -21.83 29.15
C GLN G 37 -39.90 -21.16 27.86
N GLY G 38 -38.96 -21.02 26.94
CA GLY G 38 -39.25 -20.39 25.67
C GLY G 38 -39.53 -18.92 25.83
N ALA G 39 -38.90 -18.31 26.84
CA ALA G 39 -39.11 -16.89 27.12
C ALA G 39 -38.29 -16.05 26.15
N GLY G 40 -37.42 -16.72 25.39
CA GLY G 40 -36.61 -15.98 24.46
C GLY G 40 -36.60 -16.49 23.04
N VAL G 41 -37.44 -17.46 22.72
CA VAL G 41 -37.47 -17.98 21.36
C VAL G 41 -37.68 -16.79 20.42
N GLY G 42 -38.25 -15.72 20.97
CA GLY G 42 -38.50 -14.52 20.20
C GLY G 42 -37.23 -13.75 19.96
N ALA G 43 -36.37 -13.70 20.97
CA ALA G 43 -35.10 -12.98 20.86
C ALA G 43 -33.96 -13.91 20.50
N SER G 44 -34.30 -15.07 19.95
CA SER G 44 -33.32 -16.06 19.53
C SER G 44 -32.38 -16.50 20.64
N ILE G 45 -32.95 -17.14 21.65
CA ILE G 45 -32.20 -17.66 22.78
C ILE G 45 -32.97 -18.90 23.18
N THR G 46 -32.34 -20.07 23.08
CA THR G 46 -32.98 -21.33 23.41
C THR G 46 -32.94 -21.63 24.90
N ASP G 47 -33.86 -22.46 25.37
CA ASP G 47 -33.87 -22.82 26.77
C ASP G 47 -32.56 -23.56 27.05
N ASP G 48 -31.88 -23.97 25.98
CA ASP G 48 -30.59 -24.68 26.07
C ASP G 48 -29.43 -23.76 26.34
N ALA G 49 -29.36 -22.66 25.58
CA ALA G 49 -28.29 -21.70 25.78
C ALA G 49 -28.33 -21.20 27.23
N LEU G 50 -29.54 -20.93 27.71
CA LEU G 50 -29.76 -20.45 29.05
C LEU G 50 -29.32 -21.41 30.15
N THR G 51 -29.43 -22.71 29.92
CA THR G 51 -29.04 -23.67 30.95
C THR G 51 -27.52 -23.85 31.03
N ALA G 52 -26.82 -23.56 29.94
CA ALA G 52 -25.37 -23.68 29.96
C ALA G 52 -24.76 -22.47 30.64
N ALA G 53 -25.59 -21.64 31.26
CA ALA G 53 -25.07 -20.45 31.94
C ALA G 53 -25.26 -20.61 33.45
N GLY G 54 -26.11 -21.58 33.82
CA GLY G 54 -26.37 -21.82 35.23
C GLY G 54 -27.79 -21.50 35.59
N ALA G 55 -28.62 -21.30 34.58
CA ALA G 55 -30.00 -20.98 34.83
C ALA G 55 -30.80 -22.27 34.84
N THR G 56 -32.09 -22.15 35.15
CA THR G 56 -32.96 -23.30 35.22
C THR G 56 -34.23 -23.00 34.43
N ILE G 57 -34.84 -24.04 33.88
CA ILE G 57 -36.06 -23.86 33.10
C ILE G 57 -37.29 -24.29 33.88
N ALA G 58 -38.20 -23.35 34.11
CA ALA G 58 -39.43 -23.60 34.82
C ALA G 58 -40.48 -23.84 33.74
N SER G 59 -41.54 -24.57 34.05
CA SER G 59 -42.60 -24.83 33.08
C SER G 59 -43.45 -23.58 32.87
N THR G 60 -44.39 -23.34 33.76
CA THR G 60 -45.23 -22.16 33.65
C THR G 60 -44.44 -20.94 34.09
N ALA G 61 -45.10 -19.78 34.15
CA ALA G 61 -44.43 -18.56 34.55
C ALA G 61 -44.46 -18.41 36.07
N ALA G 62 -45.65 -18.51 36.64
CA ALA G 62 -45.83 -18.38 38.09
C ALA G 62 -45.01 -19.42 38.86
N GLN G 63 -44.41 -20.36 38.14
CA GLN G 63 -43.59 -21.39 38.78
C GLN G 63 -42.15 -20.94 38.75
N ALA G 64 -41.93 -19.79 38.13
CA ALA G 64 -40.60 -19.23 38.02
C ALA G 64 -40.59 -17.89 38.75
N LEU G 65 -41.76 -17.46 39.18
CA LEU G 65 -41.91 -16.21 39.89
C LEU G 65 -42.32 -16.45 41.33
N SER G 66 -42.95 -17.60 41.56
CA SER G 66 -43.43 -18.00 42.89
C SER G 66 -42.51 -17.57 44.02
N GLN G 67 -41.32 -18.13 44.04
CA GLN G 67 -40.31 -17.84 45.06
C GLN G 67 -39.18 -17.01 44.47
N ALA G 68 -39.55 -16.01 43.68
CA ALA G 68 -38.59 -15.13 43.04
C ALA G 68 -38.20 -13.96 43.94
N ASP G 69 -36.94 -13.91 44.35
CA ASP G 69 -36.48 -12.83 45.20
C ASP G 69 -36.63 -11.54 44.42
N VAL G 70 -35.90 -11.46 43.31
CA VAL G 70 -35.96 -10.31 42.43
C VAL G 70 -36.46 -10.79 41.06
N VAL G 71 -37.21 -9.92 40.39
CA VAL G 71 -37.80 -10.25 39.09
C VAL G 71 -37.50 -9.23 38.00
N TRP G 72 -37.03 -9.76 36.86
CA TRP G 72 -36.69 -8.96 35.68
C TRP G 72 -37.69 -9.18 34.55
N LYS G 73 -38.10 -8.09 33.92
CA LYS G 73 -39.04 -8.19 32.82
C LYS G 73 -38.72 -7.10 31.83
N VAL G 74 -39.55 -6.97 30.80
CA VAL G 74 -39.37 -5.95 29.77
C VAL G 74 -40.57 -5.02 29.77
N GLN G 75 -41.71 -5.57 29.39
CA GLN G 75 -42.94 -4.82 29.37
C GLN G 75 -43.48 -4.85 30.81
N ARG G 76 -44.16 -3.79 31.25
CA ARG G 76 -44.71 -3.77 32.61
C ARG G 76 -45.64 -4.96 32.76
N PRO G 77 -45.85 -5.43 34.00
CA PRO G 77 -46.73 -6.58 34.23
C PRO G 77 -48.18 -6.29 33.90
N MET G 78 -48.98 -7.33 33.78
CA MET G 78 -50.39 -7.17 33.49
C MET G 78 -51.25 -7.33 34.74
N THR G 79 -52.15 -6.38 34.95
CA THR G 79 -53.03 -6.43 36.10
C THR G 79 -54.24 -7.27 35.72
N ALA G 80 -55.00 -7.69 36.73
CA ALA G 80 -56.19 -8.50 36.47
C ALA G 80 -57.21 -7.65 35.71
N GLU G 81 -56.97 -6.34 35.71
CA GLU G 81 -57.79 -5.37 35.00
C GLU G 81 -57.45 -5.45 33.51
N GLU G 82 -56.43 -6.25 33.20
CA GLU G 82 -55.97 -6.43 31.84
C GLU G 82 -56.16 -7.87 31.37
N GLY G 83 -57.08 -8.58 32.01
CA GLY G 83 -57.38 -9.94 31.61
C GLY G 83 -56.51 -11.05 32.15
N THR G 84 -55.46 -10.67 32.87
CA THR G 84 -54.57 -11.67 33.46
C THR G 84 -53.73 -10.94 34.48
N ASP G 85 -53.66 -11.50 35.68
CA ASP G 85 -52.90 -10.88 36.74
C ASP G 85 -51.46 -11.38 36.73
N GLU G 86 -50.56 -10.52 36.26
CA GLU G 86 -49.13 -10.82 36.19
C GLU G 86 -48.47 -10.45 37.52
N VAL G 87 -48.87 -9.31 38.10
CA VAL G 87 -48.33 -8.88 39.38
C VAL G 87 -48.62 -9.94 40.46
N ALA G 88 -49.72 -10.66 40.27
CA ALA G 88 -50.12 -11.71 41.20
C ALA G 88 -49.04 -12.77 41.35
N LEU G 89 -48.36 -13.11 40.25
CA LEU G 89 -47.32 -14.14 40.27
C LEU G 89 -46.02 -13.79 40.99
N ILE G 90 -45.78 -12.50 41.24
CA ILE G 90 -44.58 -12.05 41.93
C ILE G 90 -44.80 -12.19 43.42
N LYS G 91 -43.91 -12.88 44.12
CA LYS G 91 -44.11 -13.05 45.56
C LYS G 91 -43.87 -11.74 46.30
N GLU G 92 -44.87 -11.37 47.09
CA GLU G 92 -44.85 -10.15 47.88
C GLU G 92 -43.48 -9.81 48.46
N GLY G 93 -43.20 -8.52 48.62
CA GLY G 93 -41.93 -8.10 49.18
C GLY G 93 -40.73 -8.34 48.27
N ALA G 94 -40.96 -8.86 47.07
CA ALA G 94 -39.88 -9.10 46.13
C ALA G 94 -39.57 -7.82 45.35
N VAL G 95 -38.50 -7.83 44.56
CA VAL G 95 -38.13 -6.66 43.76
C VAL G 95 -38.51 -6.85 42.29
N LEU G 96 -38.85 -5.74 41.64
CA LEU G 96 -39.25 -5.80 40.25
C LEU G 96 -38.57 -4.73 39.44
N MET G 97 -37.88 -5.15 38.40
CA MET G 97 -37.21 -4.20 37.54
C MET G 97 -37.69 -4.45 36.12
N CYS G 98 -38.06 -3.38 35.43
CA CYS G 98 -38.53 -3.48 34.06
C CYS G 98 -38.90 -2.10 33.60
N HIS G 99 -39.44 -1.99 32.39
CA HIS G 99 -39.88 -0.68 31.88
C HIS G 99 -41.34 -0.62 32.27
N LEU G 100 -41.55 -0.07 33.45
CA LEU G 100 -42.85 0.05 34.06
C LEU G 100 -43.79 1.03 33.40
N GLY G 101 -43.24 2.09 32.80
CA GLY G 101 -44.11 3.07 32.21
C GLY G 101 -45.05 3.47 33.34
N ALA G 102 -44.45 3.61 34.52
CA ALA G 102 -45.14 3.96 35.75
C ALA G 102 -45.78 5.34 35.73
N LEU G 103 -45.24 6.24 34.92
CA LEU G 103 -45.79 7.59 34.83
C LEU G 103 -47.03 7.71 33.94
N THR G 104 -47.62 6.58 33.57
CA THR G 104 -48.84 6.58 32.76
C THR G 104 -49.62 5.31 33.07
N ASN G 105 -49.28 4.67 34.18
CA ASN G 105 -49.94 3.44 34.59
C ASN G 105 -50.05 3.35 36.11
N ARG G 106 -50.69 4.37 36.68
CA ARG G 106 -50.92 4.51 38.12
C ARG G 106 -51.59 3.28 38.77
N PRO G 107 -52.44 2.55 38.02
CA PRO G 107 -53.12 1.37 38.53
C PRO G 107 -52.22 0.15 38.64
N VAL G 108 -51.23 0.09 37.75
CA VAL G 108 -50.28 -1.01 37.71
C VAL G 108 -49.33 -0.88 38.88
N VAL G 109 -49.11 0.36 39.31
CA VAL G 109 -48.22 0.64 40.42
C VAL G 109 -48.99 0.34 41.70
N GLU G 110 -50.26 0.69 41.72
CA GLU G 110 -51.10 0.44 42.89
C GLU G 110 -51.00 -1.05 43.25
N ALA G 111 -51.63 -1.89 42.42
CA ALA G 111 -51.65 -3.33 42.64
C ALA G 111 -50.28 -4.02 42.78
N LEU G 112 -49.21 -3.22 42.72
CA LEU G 112 -47.84 -3.73 42.88
C LEU G 112 -47.46 -3.33 44.29
N THR G 113 -47.93 -2.14 44.65
CA THR G 113 -47.73 -1.56 45.96
C THR G 113 -48.57 -2.39 46.94
N LYS G 114 -49.78 -2.72 46.50
CA LYS G 114 -50.72 -3.50 47.30
C LYS G 114 -50.07 -4.78 47.76
N ARG G 115 -49.46 -5.50 46.82
CA ARG G 115 -48.80 -6.75 47.15
C ARG G 115 -47.42 -6.43 47.72
N LYS G 116 -47.29 -5.18 48.15
CA LYS G 116 -46.07 -4.66 48.75
C LYS G 116 -44.81 -5.23 48.12
N ILE G 117 -44.60 -4.87 46.86
CA ILE G 117 -43.45 -5.29 46.10
C ILE G 117 -42.68 -4.05 45.66
N THR G 118 -41.46 -3.89 46.16
CA THR G 118 -40.67 -2.74 45.78
C THR G 118 -40.22 -2.95 44.34
N ALA G 119 -40.46 -1.95 43.51
CA ALA G 119 -40.10 -2.02 42.10
C ALA G 119 -39.53 -0.71 41.56
N TYR G 120 -38.60 -0.85 40.61
CA TYR G 120 -37.94 0.28 39.95
C TYR G 120 -38.33 0.34 38.47
N ALA G 121 -38.67 1.53 37.99
CA ALA G 121 -39.04 1.71 36.61
C ALA G 121 -37.84 2.18 35.82
N MET G 122 -37.21 1.27 35.08
CA MET G 122 -36.02 1.57 34.28
C MET G 122 -36.13 2.78 33.35
N GLU G 123 -37.35 3.16 32.97
CA GLU G 123 -37.54 4.29 32.07
C GLU G 123 -37.48 5.58 32.84
N LEU G 124 -37.10 5.49 34.11
CA LEU G 124 -36.99 6.67 34.94
C LEU G 124 -35.53 6.94 35.23
N MET G 125 -34.65 6.19 34.57
CA MET G 125 -33.21 6.33 34.77
C MET G 125 -32.79 7.76 34.60
N PRO G 126 -32.30 8.37 35.68
CA PRO G 126 -31.86 9.76 35.67
C PRO G 126 -30.84 9.95 34.53
N ARG G 127 -31.16 10.84 33.59
CA ARG G 127 -30.25 11.06 32.49
C ARG G 127 -28.93 11.76 32.88
N ILE G 128 -27.95 10.94 33.27
CA ILE G 128 -26.62 11.40 33.66
C ILE G 128 -25.53 10.51 33.07
N SER G 129 -24.48 11.16 32.56
CA SER G 129 -23.35 10.47 31.95
C SER G 129 -22.72 9.33 32.76
N ARG G 130 -23.33 8.92 33.86
CA ARG G 130 -22.75 7.83 34.63
C ARG G 130 -23.76 6.68 34.78
N ALA G 131 -25.00 6.96 34.41
CA ALA G 131 -26.08 5.96 34.39
C ALA G 131 -26.18 5.33 32.98
N GLN G 132 -25.44 5.81 32.03
CA GLN G 132 -25.35 5.48 30.63
C GLN G 132 -25.53 4.04 30.25
N SER G 133 -24.98 3.07 30.89
CA SER G 133 -25.24 1.65 30.53
C SER G 133 -26.43 1.06 31.25
N MET G 134 -27.19 1.88 31.92
CA MET G 134 -28.33 1.41 32.71
C MET G 134 -29.65 1.87 32.13
N ASP G 135 -29.58 2.79 31.18
CA ASP G 135 -30.78 3.35 30.58
C ASP G 135 -31.29 2.60 29.38
N ILE G 136 -32.41 1.89 29.55
CA ILE G 136 -33.00 1.10 28.47
C ILE G 136 -33.55 1.95 27.34
N LEU G 137 -34.20 3.07 27.67
CA LEU G 137 -34.77 3.94 26.63
C LEU G 137 -33.70 4.30 25.60
N SER G 138 -32.46 4.30 26.04
CA SER G 138 -31.33 4.67 25.19
C SER G 138 -30.81 3.53 24.36
N SER G 139 -30.83 2.30 24.89
CA SER G 139 -30.30 1.19 24.12
C SER G 139 -31.31 0.71 23.12
N GLN G 140 -32.59 0.72 23.51
CA GLN G 140 -33.65 0.25 22.63
C GLN G 140 -34.01 1.23 21.52
N SER G 141 -34.29 2.49 21.86
CA SER G 141 -34.64 3.46 20.84
C SER G 141 -33.53 3.57 19.80
N ASN G 142 -32.29 3.36 20.24
CA ASN G 142 -31.16 3.43 19.31
C ASN G 142 -31.34 2.44 18.16
N LEU G 143 -31.75 1.22 18.48
CA LEU G 143 -31.99 0.19 17.47
C LEU G 143 -33.30 0.50 16.76
N ALA G 144 -34.25 1.06 17.49
CA ALA G 144 -35.54 1.41 16.92
C ALA G 144 -35.31 2.43 15.82
N GLY G 145 -34.19 3.15 15.87
CA GLY G 145 -33.90 4.13 14.86
C GLY G 145 -33.35 3.46 13.62
N TYR G 146 -32.73 2.31 13.82
CA TYR G 146 -32.16 1.52 12.73
C TYR G 146 -33.29 0.77 12.05
N ARG G 147 -34.07 0.04 12.85
CA ARG G 147 -35.20 -0.72 12.35
C ARG G 147 -36.07 0.19 11.52
N ALA G 148 -35.91 1.49 11.74
CA ALA G 148 -36.68 2.50 11.02
C ALA G 148 -36.35 2.47 9.56
N VAL G 149 -35.13 2.91 9.24
CA VAL G 149 -34.68 2.95 7.86
C VAL G 149 -34.85 1.60 7.20
N ILE G 150 -34.75 0.51 7.97
CA ILE G 150 -34.94 -0.81 7.38
C ILE G 150 -36.39 -1.04 6.98
N ASP G 151 -37.34 -0.48 7.72
CA ASP G 151 -38.75 -0.65 7.37
C ASP G 151 -39.07 0.31 6.23
N GLY G 152 -38.29 1.38 6.11
CA GLY G 152 -38.49 2.34 5.04
C GLY G 152 -38.06 1.71 3.74
N ALA G 153 -36.76 1.41 3.62
CA ALA G 153 -36.22 0.79 2.42
C ALA G 153 -37.11 -0.36 1.98
N TYR G 154 -37.68 -1.06 2.94
CA TYR G 154 -38.54 -2.20 2.66
C TYR G 154 -39.86 -1.80 2.05
N GLU G 155 -40.46 -0.75 2.59
CA GLU G 155 -41.75 -0.29 2.08
C GLU G 155 -41.55 0.64 0.87
N PHE G 156 -40.30 0.88 0.51
CA PHE G 156 -40.02 1.76 -0.60
C PHE G 156 -39.97 0.98 -1.90
N ALA G 157 -40.69 1.50 -2.90
CA ALA G 157 -40.76 0.85 -4.20
C ALA G 157 -39.50 1.02 -5.05
N ARG G 158 -38.39 1.30 -4.41
CA ARG G 158 -37.16 1.47 -5.17
C ARG G 158 -35.90 1.48 -4.31
N ALA G 159 -34.74 1.45 -4.94
CA ALA G 159 -33.49 1.42 -4.21
C ALA G 159 -33.01 2.77 -3.72
N PHE G 160 -32.30 2.70 -2.59
CA PHE G 160 -31.74 3.83 -1.89
C PHE G 160 -30.52 4.45 -2.58
N PRO G 161 -29.49 3.64 -2.82
CA PRO G 161 -28.25 4.10 -3.45
C PRO G 161 -28.35 4.61 -4.87
N MET G 162 -27.54 5.60 -5.19
CA MET G 162 -27.50 6.13 -6.54
C MET G 162 -26.65 5.14 -7.31
N MET G 163 -27.04 4.84 -8.55
CA MET G 163 -26.27 3.89 -9.33
C MET G 163 -26.22 4.26 -10.79
N MET G 164 -25.04 4.63 -11.28
CA MET G 164 -24.93 4.93 -12.70
C MET G 164 -24.84 3.56 -13.35
N THR G 165 -25.70 3.29 -14.32
CA THR G 165 -25.68 2.00 -14.98
C THR G 165 -26.04 2.15 -16.46
N ALA G 166 -25.82 1.08 -17.24
CA ALA G 166 -26.13 1.08 -18.68
C ALA G 166 -27.55 1.57 -18.94
N ALA G 167 -28.50 0.97 -18.20
CA ALA G 167 -29.93 1.25 -18.30
C ALA G 167 -30.34 2.64 -17.85
N GLY G 168 -29.38 3.40 -17.37
CA GLY G 168 -29.67 4.74 -16.90
C GLY G 168 -29.23 4.84 -15.46
N THR G 169 -29.31 6.04 -14.91
CA THR G 169 -28.92 6.24 -13.54
C THR G 169 -30.10 6.03 -12.61
N VAL G 170 -29.94 5.15 -11.63
CA VAL G 170 -31.01 4.94 -10.67
C VAL G 170 -30.69 5.92 -9.55
N PRO G 171 -31.60 6.87 -9.31
CA PRO G 171 -31.45 7.90 -8.29
C PRO G 171 -31.46 7.42 -6.85
N PRO G 172 -30.75 8.17 -5.99
CA PRO G 172 -30.62 7.89 -4.57
C PRO G 172 -31.90 8.36 -3.92
N ALA G 173 -32.27 7.71 -2.82
CA ALA G 173 -33.46 8.09 -2.10
C ALA G 173 -33.09 9.30 -1.28
N ARG G 174 -34.09 10.08 -0.91
CA ARG G 174 -33.89 11.26 -0.10
C ARG G 174 -34.57 10.98 1.23
N VAL G 175 -33.81 10.99 2.31
CA VAL G 175 -34.35 10.72 3.63
C VAL G 175 -34.51 12.00 4.46
N LEU G 176 -35.58 12.08 5.24
CA LEU G 176 -35.81 13.23 6.10
C LEU G 176 -36.24 12.74 7.49
N VAL G 177 -35.31 12.82 8.44
CA VAL G 177 -35.56 12.41 9.80
C VAL G 177 -35.76 13.65 10.66
N PHE G 178 -36.91 13.67 11.35
CA PHE G 178 -37.28 14.77 12.23
C PHE G 178 -36.87 14.43 13.64
N GLY G 179 -36.04 15.29 14.21
CA GLY G 179 -35.61 15.05 15.56
C GLY G 179 -34.44 14.13 15.55
N VAL G 180 -33.29 14.68 15.83
CA VAL G 180 -32.08 13.92 15.85
C VAL G 180 -31.84 13.47 17.29
N GLY G 181 -32.73 12.61 17.77
CA GLY G 181 -32.58 12.07 19.10
C GLY G 181 -31.60 10.94 18.94
N VAL G 182 -31.65 9.94 19.83
CA VAL G 182 -30.72 8.82 19.72
C VAL G 182 -31.24 7.84 18.67
N ALA G 183 -32.52 7.94 18.35
CA ALA G 183 -33.10 7.08 17.34
C ALA G 183 -32.88 7.74 15.99
N GLY G 184 -33.10 9.05 15.93
CA GLY G 184 -32.91 9.75 14.68
C GLY G 184 -31.46 9.68 14.22
N LEU G 185 -30.53 9.74 15.16
CA LEU G 185 -29.11 9.66 14.85
C LEU G 185 -28.71 8.34 14.23
N GLN G 186 -29.37 7.27 14.66
CA GLN G 186 -29.09 5.95 14.13
C GLN G 186 -29.76 5.88 12.77
N ALA G 187 -30.97 6.43 12.70
CA ALA G 187 -31.72 6.46 11.45
C ALA G 187 -30.95 7.28 10.43
N ILE G 188 -30.27 8.33 10.89
CA ILE G 188 -29.47 9.15 9.99
C ILE G 188 -28.28 8.34 9.48
N ALA G 189 -27.45 7.89 10.41
CA ALA G 189 -26.26 7.12 10.09
C ALA G 189 -26.59 5.93 9.22
N THR G 190 -27.64 5.21 9.60
CA THR G 190 -28.05 4.02 8.88
C THR G 190 -28.45 4.28 7.44
N ALA G 191 -29.25 5.33 7.25
CA ALA G 191 -29.71 5.69 5.92
C ALA G 191 -28.56 6.12 5.02
N LYS G 192 -27.54 6.74 5.61
CA LYS G 192 -26.40 7.20 4.85
C LYS G 192 -25.54 6.02 4.41
N ARG G 193 -25.72 4.87 5.05
CA ARG G 193 -24.98 3.66 4.71
C ARG G 193 -25.52 3.19 3.38
N LEU G 194 -26.84 3.25 3.23
CA LEU G 194 -27.50 2.86 2.00
C LEU G 194 -27.36 3.92 0.90
N GLY G 195 -26.39 4.82 1.05
CA GLY G 195 -26.16 5.84 0.05
C GLY G 195 -27.29 6.83 -0.19
N ALA G 196 -28.21 6.93 0.77
CA ALA G 196 -29.33 7.86 0.67
C ALA G 196 -28.87 9.29 0.95
N VAL G 197 -29.68 10.26 0.52
CA VAL G 197 -29.34 11.65 0.79
C VAL G 197 -30.19 12.05 2.01
N VAL G 198 -29.54 12.19 3.16
CA VAL G 198 -30.24 12.51 4.38
C VAL G 198 -30.48 13.97 4.69
N MET G 199 -31.62 14.23 5.34
CA MET G 199 -32.03 15.57 5.75
C MET G 199 -32.47 15.49 7.21
N ALA G 200 -31.78 16.20 8.09
CA ALA G 200 -32.14 16.17 9.50
C ALA G 200 -32.54 17.54 10.01
N THR G 201 -33.62 17.59 10.78
CA THR G 201 -34.07 18.85 11.35
C THR G 201 -34.26 18.60 12.83
N ASP G 202 -34.22 19.67 13.61
CA ASP G 202 -34.40 19.54 15.05
C ASP G 202 -34.55 20.92 15.67
N VAL G 203 -34.41 20.97 16.99
CA VAL G 203 -34.49 22.20 17.77
C VAL G 203 -33.18 22.33 18.53
N ARG G 204 -32.89 21.33 19.34
CA ARG G 204 -31.67 21.31 20.15
C ARG G 204 -30.42 21.68 19.35
N ALA G 205 -30.01 22.93 19.46
CA ALA G 205 -28.86 23.45 18.76
C ALA G 205 -27.67 22.49 18.64
N ALA G 206 -27.32 21.83 19.74
CA ALA G 206 -26.19 20.89 19.73
C ALA G 206 -26.31 19.92 18.57
N THR G 207 -27.56 19.63 18.20
CA THR G 207 -27.92 18.72 17.11
C THR G 207 -27.12 18.87 15.82
N LYS G 208 -27.23 20.04 15.18
CA LYS G 208 -26.53 20.28 13.93
C LYS G 208 -25.20 19.57 13.84
N GLU G 209 -24.24 19.97 14.67
CA GLU G 209 -22.91 19.35 14.66
C GLU G 209 -22.95 17.85 14.42
N GLN G 210 -23.76 17.14 15.20
CA GLN G 210 -23.88 15.70 15.08
C GLN G 210 -24.34 15.29 13.68
N VAL G 211 -25.48 15.85 13.28
CA VAL G 211 -26.09 15.60 11.97
C VAL G 211 -25.11 15.82 10.81
N GLU G 212 -24.31 16.87 10.90
CA GLU G 212 -23.35 17.18 9.85
C GLU G 212 -22.19 16.19 9.83
N SER G 213 -21.64 15.92 11.02
CA SER G 213 -20.51 15.00 11.16
C SER G 213 -20.89 13.61 10.68
N LEU G 214 -22.18 13.31 10.72
CA LEU G 214 -22.65 12.03 10.25
C LEU G 214 -22.51 12.02 8.72
N GLY G 215 -22.86 13.13 8.10
CA GLY G 215 -22.77 13.23 6.66
C GLY G 215 -24.10 13.70 6.12
N GLY G 216 -24.92 14.27 7.01
CA GLY G 216 -26.22 14.76 6.60
C GLY G 216 -26.23 16.28 6.65
N LYS G 217 -27.32 16.86 6.14
CA LYS G 217 -27.46 18.31 6.13
C LYS G 217 -28.62 18.73 7.02
N PHE G 218 -28.34 19.60 7.99
CA PHE G 218 -29.34 20.06 8.95
C PHE G 218 -30.19 21.21 8.43
N ILE G 219 -31.51 21.04 8.51
CA ILE G 219 -32.47 22.07 8.09
C ILE G 219 -32.61 23.02 9.27
N THR G 220 -31.94 24.17 9.18
CA THR G 220 -31.94 25.17 10.26
C THR G 220 -33.26 25.93 10.54
N VAL G 221 -33.32 26.56 11.72
CA VAL G 221 -34.48 27.35 12.14
C VAL G 221 -34.08 28.67 12.85
N ASP G 222 -34.41 28.85 14.14
CA ASP G 222 -34.05 30.10 14.82
C ASP G 222 -32.99 29.94 15.92
N GLY G 240 -43.03 26.26 20.79
CA GLY G 240 -44.44 26.74 20.79
C GLY G 240 -45.23 26.36 19.55
N GLU G 241 -46.14 27.24 19.11
CA GLU G 241 -46.94 27.01 17.91
C GLU G 241 -46.51 27.98 16.80
N GLU G 242 -45.76 29.01 17.19
CA GLU G 242 -45.24 29.98 16.24
C GLU G 242 -44.17 29.22 15.48
N PHE G 243 -43.73 28.12 16.09
CA PHE G 243 -42.71 27.28 15.51
C PHE G 243 -43.35 26.25 14.59
N ARG G 244 -44.35 25.54 15.10
CA ARG G 244 -45.07 24.54 14.33
C ARG G 244 -45.77 25.21 13.15
N LYS G 245 -45.22 26.35 12.73
CA LYS G 245 -45.76 27.12 11.62
C LYS G 245 -44.64 27.91 10.97
N LYS G 246 -43.61 28.24 11.74
CA LYS G 246 -42.47 28.98 11.21
C LYS G 246 -41.39 27.94 10.95
N GLN G 247 -41.77 26.68 11.12
CA GLN G 247 -40.91 25.51 10.91
C GLN G 247 -41.23 24.82 9.60
N ALA G 248 -42.48 24.35 9.53
CA ALA G 248 -43.01 23.63 8.37
C ALA G 248 -42.84 24.31 7.01
N GLU G 249 -42.09 25.41 6.97
CA GLU G 249 -41.87 26.13 5.72
C GLU G 249 -40.53 25.75 5.10
N ALA G 250 -39.47 25.88 5.88
CA ALA G 250 -38.13 25.53 5.41
C ALA G 250 -38.11 24.03 5.21
N VAL G 251 -39.08 23.36 5.81
CA VAL G 251 -39.21 21.91 5.73
C VAL G 251 -39.99 21.46 4.50
N LEU G 252 -41.03 22.20 4.13
CA LEU G 252 -41.83 21.84 2.98
C LEU G 252 -40.91 21.77 1.77
N LYS G 253 -39.91 22.65 1.75
CA LYS G 253 -38.93 22.67 0.67
C LYS G 253 -38.47 21.25 0.34
N GLU G 254 -38.29 20.45 1.39
CA GLU G 254 -37.83 19.08 1.27
C GLU G 254 -38.94 18.04 1.28
N LEU G 255 -39.96 18.23 2.11
CA LEU G 255 -41.03 17.24 2.18
C LEU G 255 -41.52 16.84 0.79
N VAL G 256 -41.41 17.76 -0.16
CA VAL G 256 -41.85 17.48 -1.53
C VAL G 256 -40.82 16.68 -2.33
N LYS G 257 -39.56 16.75 -1.91
CA LYS G 257 -38.49 16.05 -2.60
C LYS G 257 -37.90 14.86 -1.83
N THR G 258 -38.45 14.54 -0.66
CA THR G 258 -37.94 13.42 0.13
C THR G 258 -38.91 12.26 0.00
N ASP G 259 -38.34 11.08 -0.23
CA ASP G 259 -39.14 9.88 -0.42
C ASP G 259 -39.45 9.15 0.88
N ILE G 260 -38.67 9.42 1.92
CA ILE G 260 -38.89 8.77 3.21
C ILE G 260 -38.77 9.80 4.32
N ALA G 261 -39.74 9.82 5.21
CA ALA G 261 -39.74 10.75 6.34
C ALA G 261 -39.71 9.93 7.61
N ILE G 262 -38.74 10.22 8.48
CA ILE G 262 -38.63 9.47 9.72
C ILE G 262 -38.84 10.37 10.93
N THR G 263 -40.07 10.37 11.45
CA THR G 263 -40.42 11.18 12.61
C THR G 263 -40.07 10.44 13.91
N THR G 264 -39.22 11.06 14.72
CA THR G 264 -38.79 10.46 15.99
C THR G 264 -39.05 11.37 17.18
N ALA G 265 -39.51 12.58 16.92
CA ALA G 265 -39.77 13.56 17.97
C ALA G 265 -40.71 13.12 19.10
N LEU G 266 -40.28 13.34 20.33
CA LEU G 266 -41.04 12.99 21.56
C LEU G 266 -40.74 14.02 22.64
N ILE G 267 -41.78 14.47 23.34
CA ILE G 267 -41.58 15.44 24.41
C ILE G 267 -42.38 15.03 25.66
N PRO G 268 -41.71 14.99 26.83
CA PRO G 268 -42.28 14.61 28.13
C PRO G 268 -43.59 15.32 28.52
N GLY G 269 -44.57 14.54 29.00
CA GLY G 269 -45.85 15.09 29.40
C GLY G 269 -46.89 15.26 28.29
N LYS G 270 -46.52 16.01 27.25
CA LYS G 270 -47.39 16.26 26.12
C LYS G 270 -47.32 15.06 25.17
N PRO G 271 -48.43 14.75 24.45
CA PRO G 271 -48.39 13.61 23.53
C PRO G 271 -47.58 13.98 22.29
N ALA G 272 -47.36 13.01 21.41
CA ALA G 272 -46.59 13.23 20.20
C ALA G 272 -46.81 14.60 19.56
N PRO G 273 -45.72 15.39 19.41
CA PRO G 273 -45.74 16.73 18.82
C PRO G 273 -45.87 16.76 17.31
N VAL G 274 -47.12 16.68 16.83
CA VAL G 274 -47.46 16.68 15.39
C VAL G 274 -46.47 17.40 14.46
N LEU G 275 -45.62 16.60 13.80
CA LEU G 275 -44.58 17.07 12.90
C LEU G 275 -44.92 17.20 11.41
N ILE G 276 -45.97 16.52 10.96
CA ILE G 276 -46.38 16.63 9.56
C ILE G 276 -47.90 16.60 9.45
N THR G 277 -48.48 17.74 9.08
CA THR G 277 -49.93 17.87 8.94
C THR G 277 -50.39 17.12 7.70
N GLU G 278 -51.58 16.52 7.76
CA GLU G 278 -52.10 15.79 6.61
C GLU G 278 -51.96 16.68 5.39
N GLU G 279 -51.94 17.98 5.62
CA GLU G 279 -51.80 18.94 4.53
C GLU G 279 -50.52 18.69 3.72
N MET G 280 -49.45 18.35 4.41
CA MET G 280 -48.18 18.10 3.74
C MET G 280 -48.18 16.70 3.18
N VAL G 281 -48.89 15.79 3.84
CA VAL G 281 -48.96 14.40 3.39
C VAL G 281 -49.73 14.35 2.07
N THR G 282 -49.99 15.54 1.52
CA THR G 282 -50.69 15.68 0.24
C THR G 282 -49.69 16.34 -0.69
N LYS G 283 -48.72 17.03 -0.08
CA LYS G 283 -47.68 17.76 -0.81
C LYS G 283 -46.45 16.94 -1.22
N MET G 284 -46.47 15.62 -1.03
CA MET G 284 -45.29 14.82 -1.40
C MET G 284 -45.47 13.78 -2.51
N LYS G 285 -44.33 13.26 -2.97
CA LYS G 285 -44.31 12.28 -4.04
C LYS G 285 -45.11 11.04 -3.69
N PRO G 286 -46.08 10.67 -4.52
CA PRO G 286 -46.88 9.48 -4.23
C PRO G 286 -45.95 8.26 -4.39
N GLY G 287 -45.95 7.39 -3.38
CA GLY G 287 -45.08 6.24 -3.39
C GLY G 287 -44.05 6.47 -2.30
N SER G 288 -44.13 7.66 -1.68
CA SER G 288 -43.23 8.02 -0.60
C SER G 288 -43.66 7.25 0.64
N VAL G 289 -42.84 7.29 1.68
CA VAL G 289 -43.17 6.58 2.90
C VAL G 289 -42.79 7.35 4.15
N ILE G 290 -43.61 7.21 5.19
CA ILE G 290 -43.39 7.88 6.45
C ILE G 290 -43.38 6.86 7.60
N ILE G 291 -42.27 6.83 8.32
CA ILE G 291 -42.11 5.95 9.48
C ILE G 291 -42.24 6.80 10.74
N ASP G 292 -43.44 6.82 11.30
CA ASP G 292 -43.73 7.57 12.52
C ASP G 292 -43.39 6.72 13.74
N LEU G 293 -42.19 6.90 14.27
CA LEU G 293 -41.79 6.12 15.41
C LEU G 293 -42.53 6.54 16.68
N ALA G 294 -43.05 7.77 16.70
CA ALA G 294 -43.79 8.27 17.85
C ALA G 294 -45.25 7.83 17.84
N VAL G 295 -45.62 7.07 16.81
CA VAL G 295 -46.98 6.58 16.64
C VAL G 295 -47.74 6.22 17.92
N GLU G 296 -47.02 5.71 18.93
CA GLU G 296 -47.69 5.34 20.17
C GLU G 296 -48.12 6.53 21.01
N ALA G 297 -47.37 7.62 20.91
CA ALA G 297 -47.72 8.82 21.65
C ALA G 297 -48.71 9.71 20.88
N GLY G 298 -49.39 9.14 19.89
CA GLY G 298 -50.32 9.92 19.08
C GLY G 298 -49.77 10.19 17.68
N GLY G 299 -48.45 10.04 17.55
CA GLY G 299 -47.78 10.23 16.28
C GLY G 299 -47.49 11.65 15.85
N ASN G 300 -46.32 11.86 15.24
CA ASN G 300 -45.88 13.16 14.73
C ASN G 300 -46.63 13.43 13.42
N CYS G 301 -47.68 12.64 13.22
CA CYS G 301 -48.50 12.70 12.05
C CYS G 301 -49.87 12.12 12.39
N PRO G 302 -50.91 12.97 12.41
CA PRO G 302 -52.28 12.56 12.73
C PRO G 302 -52.79 11.35 11.92
N LEU G 303 -52.29 11.20 10.70
CA LEU G 303 -52.70 10.10 9.82
C LEU G 303 -52.18 8.72 10.22
N SER G 304 -50.98 8.68 10.83
CA SER G 304 -50.38 7.41 11.25
C SER G 304 -51.23 6.72 12.31
N GLU G 305 -51.46 5.44 12.12
CA GLU G 305 -52.29 4.66 13.03
C GLU G 305 -51.49 3.54 13.73
N PRO G 306 -51.39 3.61 15.07
CA PRO G 306 -50.66 2.60 15.81
C PRO G 306 -51.16 1.22 15.46
N GLY G 307 -50.30 0.41 14.87
CA GLY G 307 -50.72 -0.93 14.53
C GLY G 307 -50.30 -1.38 13.17
N LYS G 308 -50.52 -0.54 12.16
CA LYS G 308 -50.17 -0.92 10.79
C LYS G 308 -49.81 0.21 9.81
N ILE G 309 -49.62 -0.18 8.55
CA ILE G 309 -49.27 0.73 7.46
C ILE G 309 -50.54 1.20 6.79
N VAL G 310 -50.85 2.48 6.94
CA VAL G 310 -52.05 3.03 6.34
C VAL G 310 -51.62 3.76 5.08
N VAL G 311 -52.41 3.62 4.01
CA VAL G 311 -52.08 4.29 2.75
C VAL G 311 -53.16 5.28 2.33
N LYS G 312 -52.81 6.56 2.27
CA LYS G 312 -53.75 7.60 1.88
C LYS G 312 -52.95 8.67 1.17
N HIS G 313 -53.56 9.36 0.22
CA HIS G 313 -52.87 10.43 -0.51
C HIS G 313 -51.60 9.91 -1.17
N GLY G 314 -51.61 8.61 -1.49
CA GLY G 314 -50.47 8.00 -2.14
C GLY G 314 -49.26 7.67 -1.27
N VAL G 315 -49.08 8.39 -0.17
CA VAL G 315 -47.94 8.12 0.68
C VAL G 315 -48.29 7.00 1.65
N LYS G 316 -47.28 6.22 2.03
CA LYS G 316 -47.49 5.12 2.97
C LYS G 316 -46.99 5.58 4.32
N ILE G 317 -47.93 5.67 5.28
CA ILE G 317 -47.64 6.12 6.64
C ILE G 317 -47.50 4.90 7.54
N VAL G 318 -46.27 4.49 7.84
CA VAL G 318 -46.07 3.33 8.71
C VAL G 318 -46.12 3.77 10.18
N GLY G 319 -46.87 3.03 10.99
CA GLY G 319 -46.98 3.37 12.39
C GLY G 319 -46.93 2.10 13.22
N HIS G 320 -45.74 1.53 13.32
CA HIS G 320 -45.52 0.29 14.05
C HIS G 320 -45.44 0.50 15.55
N THR G 321 -46.10 -0.38 16.29
CA THR G 321 -46.07 -0.28 17.73
C THR G 321 -44.87 -1.11 18.19
N ASN G 322 -44.29 -0.74 19.32
CA ASN G 322 -43.15 -1.47 19.89
C ASN G 322 -42.14 -1.91 18.83
N VAL G 323 -41.32 -0.97 18.42
CA VAL G 323 -40.31 -1.21 17.41
C VAL G 323 -39.09 -1.97 17.89
N PRO G 324 -38.62 -1.76 19.12
CA PRO G 324 -37.44 -2.54 19.49
C PRO G 324 -37.64 -4.05 19.36
N SER G 325 -38.87 -4.51 19.55
CA SER G 325 -39.19 -5.92 19.46
C SER G 325 -38.89 -6.41 18.03
N ARG G 326 -38.88 -5.48 17.07
CA ARG G 326 -38.61 -5.79 15.67
C ARG G 326 -37.12 -5.97 15.46
N VAL G 327 -36.36 -5.90 16.54
CA VAL G 327 -34.91 -6.07 16.52
C VAL G 327 -34.63 -6.86 17.80
N ALA G 328 -35.58 -7.71 18.15
CA ALA G 328 -35.59 -8.56 19.34
C ALA G 328 -34.33 -9.32 19.72
N ALA G 329 -33.63 -9.86 18.75
CA ALA G 329 -32.42 -10.63 19.05
C ALA G 329 -31.27 -9.79 19.57
N ASP G 330 -31.25 -8.50 19.21
CA ASP G 330 -30.20 -7.60 19.67
C ASP G 330 -30.71 -6.72 20.80
N ALA G 331 -32.00 -6.43 20.78
CA ALA G 331 -32.57 -5.60 21.83
C ALA G 331 -32.48 -6.32 23.17
N SER G 332 -32.83 -7.59 23.19
CA SER G 332 -32.79 -8.32 24.43
C SER G 332 -31.42 -8.32 25.10
N PRO G 333 -30.39 -8.81 24.41
CA PRO G 333 -29.09 -8.76 25.10
C PRO G 333 -28.88 -7.37 25.70
N LEU G 334 -28.92 -6.36 24.84
CA LEU G 334 -28.74 -4.98 25.28
C LEU G 334 -29.63 -4.62 26.50
N PHE G 335 -30.91 -4.98 26.46
CA PHE G 335 -31.81 -4.68 27.56
C PHE G 335 -31.27 -5.36 28.81
N ALA G 336 -31.14 -6.67 28.74
CA ALA G 336 -30.62 -7.45 29.86
C ALA G 336 -29.43 -6.76 30.50
N LYS G 337 -28.37 -6.50 29.73
CA LYS G 337 -27.20 -5.85 30.30
C LYS G 337 -27.54 -4.57 31.08
N ASN G 338 -28.35 -3.69 30.51
CA ASN G 338 -28.73 -2.46 31.23
C ASN G 338 -29.10 -2.86 32.66
N LEU G 339 -30.02 -3.80 32.80
CA LEU G 339 -30.43 -4.23 34.12
C LEU G 339 -29.27 -4.76 34.99
N LEU G 340 -28.46 -5.66 34.44
CA LEU G 340 -27.36 -6.21 35.21
C LEU G 340 -26.46 -5.08 35.72
N ASN G 341 -26.42 -3.98 34.97
CA ASN G 341 -25.58 -2.85 35.34
C ASN G 341 -26.20 -2.00 36.45
N PHE G 342 -27.51 -2.13 36.62
CA PHE G 342 -28.23 -1.38 37.64
C PHE G 342 -28.22 -2.24 38.88
N LEU G 343 -27.89 -3.52 38.72
CA LEU G 343 -27.90 -4.43 39.85
C LEU G 343 -26.55 -4.69 40.50
N THR G 344 -25.63 -5.31 39.77
CA THR G 344 -24.31 -5.64 40.31
C THR G 344 -23.70 -4.65 41.31
N PRO G 345 -23.94 -3.32 41.16
CA PRO G 345 -23.38 -2.34 42.09
C PRO G 345 -23.87 -2.51 43.52
N HIS G 346 -24.95 -3.16 43.73
CA HIS G 346 -25.67 -2.97 45.02
C HIS G 346 -25.62 -4.31 45.74
N VAL G 347 -24.79 -5.15 45.08
CA VAL G 347 -24.59 -6.51 45.50
C VAL G 347 -23.25 -6.66 46.22
N ASP G 348 -23.41 -6.59 47.57
CA ASP G 348 -22.39 -7.22 48.46
C ASP G 348 -22.02 -8.53 47.70
N LYS G 349 -20.76 -8.88 48.01
CA LYS G 349 -20.01 -9.85 47.29
C LYS G 349 -20.04 -11.29 47.81
N ASP G 350 -19.88 -11.34 49.14
CA ASP G 350 -19.58 -12.52 49.89
C ASP G 350 -20.63 -13.04 50.81
N THR G 351 -21.28 -12.10 51.45
CA THR G 351 -22.50 -12.10 52.20
C THR G 351 -23.70 -12.42 51.35
N LYS G 352 -23.47 -12.54 50.03
CA LYS G 352 -24.44 -13.14 49.17
C LYS G 352 -25.81 -12.65 49.47
N THR G 353 -25.86 -11.30 49.61
CA THR G 353 -27.07 -10.55 49.83
C THR G 353 -27.22 -9.33 48.95
N LEU G 354 -28.42 -8.80 48.75
CA LEU G 354 -28.60 -7.59 47.92
C LEU G 354 -29.16 -6.51 48.78
N VAL G 355 -28.53 -5.34 48.63
CA VAL G 355 -29.17 -4.19 49.31
C VAL G 355 -29.22 -3.05 48.36
N MET G 356 -30.38 -2.57 47.96
CA MET G 356 -30.36 -1.36 47.13
C MET G 356 -30.06 -0.11 47.96
N LYS G 357 -28.95 0.55 47.65
CA LYS G 357 -28.46 1.79 48.19
C LYS G 357 -29.53 2.77 48.65
N LEU G 358 -29.88 3.88 48.12
CA LEU G 358 -30.86 4.89 48.32
C LEU G 358 -30.39 6.32 47.94
N GLU G 359 -29.20 6.63 48.42
CA GLU G 359 -28.59 7.92 48.17
C GLU G 359 -28.08 7.86 46.74
N ASP G 360 -28.26 6.70 46.10
CA ASP G 360 -27.85 6.47 44.71
C ASP G 360 -28.85 7.24 43.85
N GLU G 361 -28.38 8.30 43.18
CA GLU G 361 -29.24 9.12 42.32
C GLU G 361 -30.16 8.19 41.56
N THR G 362 -29.53 7.12 41.09
CA THR G 362 -30.15 6.08 40.32
C THR G 362 -31.30 5.40 41.04
N VAL G 363 -31.01 4.65 42.11
CA VAL G 363 -32.05 3.92 42.85
C VAL G 363 -33.18 4.76 43.41
N SER G 364 -32.88 6.01 43.75
CA SER G 364 -33.90 6.90 44.28
C SER G 364 -34.83 7.36 43.14
N GLY G 365 -34.23 7.94 42.10
CA GLY G 365 -35.02 8.42 40.98
C GLY G 365 -35.73 7.36 40.16
N THR G 366 -35.49 6.09 40.47
CA THR G 366 -36.12 5.03 39.72
C THR G 366 -37.24 4.34 40.51
N CYS G 367 -37.01 4.10 41.79
CA CYS G 367 -38.02 3.44 42.62
C CYS G 367 -39.37 4.18 42.68
N VAL G 368 -40.43 3.49 42.26
CA VAL G 368 -41.77 4.07 42.28
C VAL G 368 -42.67 3.48 43.39
N THR G 369 -42.17 2.47 44.10
CA THR G 369 -42.93 1.85 45.18
C THR G 369 -42.20 0.77 45.95
N ARG G 370 -41.61 1.13 47.09
CA ARG G 370 -40.89 0.16 47.92
C ARG G 370 -41.80 -0.46 48.98
N ASP G 371 -41.39 -1.61 49.50
CA ASP G 371 -42.17 -2.33 50.51
C ASP G 371 -43.13 -1.39 51.23
N GLY G 372 -44.40 -1.40 50.82
CA GLY G 372 -45.37 -0.52 51.45
C GLY G 372 -46.25 0.31 50.53
N ALA G 373 -45.73 1.45 50.06
CA ALA G 373 -46.50 2.31 49.17
C ALA G 373 -45.62 3.15 48.25
N ILE G 374 -46.27 3.87 47.33
CA ILE G 374 -45.59 4.74 46.36
C ILE G 374 -44.59 5.63 47.06
N VAL G 375 -43.51 5.97 46.36
CA VAL G 375 -42.48 6.81 46.96
C VAL G 375 -41.76 7.62 45.90
N HIS G 376 -42.52 8.15 44.94
CA HIS G 376 -41.91 8.93 43.86
C HIS G 376 -42.60 10.27 43.66
N PRO G 377 -41.82 11.37 43.67
CA PRO G 377 -42.36 12.72 43.48
C PRO G 377 -43.22 12.93 42.22
N ALA G 378 -43.39 11.86 41.43
CA ALA G 378 -44.19 11.92 40.22
C ALA G 378 -45.67 12.00 40.59
N LEU G 379 -46.27 10.86 40.93
CA LEU G 379 -47.68 10.81 41.31
C LEU G 379 -47.92 11.21 42.77
N THR G 380 -47.00 10.84 43.65
CA THR G 380 -47.11 11.17 45.07
C THR G 380 -46.59 12.60 45.34
N GLY G 381 -47.52 13.49 45.66
CA GLY G 381 -47.19 14.88 45.93
C GLY G 381 -48.22 15.84 45.35
N MET H 1 -46.63 4.25 -36.97
CA MET H 1 -45.52 4.12 -36.00
C MET H 1 -46.06 4.10 -34.56
N LYS H 2 -47.34 3.75 -34.41
CA LYS H 2 -47.93 3.70 -33.08
C LYS H 2 -47.15 2.72 -32.21
N ILE H 3 -47.28 2.91 -30.90
CA ILE H 3 -46.62 2.05 -29.95
C ILE H 3 -47.32 2.23 -28.61
N ALA H 4 -47.65 1.11 -27.98
CA ALA H 4 -48.34 1.18 -26.71
C ALA H 4 -47.72 0.27 -25.66
N ILE H 5 -48.20 0.45 -24.43
CA ILE H 5 -47.76 -0.34 -23.29
C ILE H 5 -48.98 -0.44 -22.39
N PRO H 6 -49.33 -1.66 -21.95
CA PRO H 6 -50.46 -1.97 -21.08
C PRO H 6 -50.03 -2.21 -19.62
N LYS H 7 -51.01 -2.41 -18.75
CA LYS H 7 -50.72 -2.71 -17.36
C LYS H 7 -50.86 -4.21 -17.20
N GLU H 8 -49.74 -4.93 -17.30
CA GLU H 8 -49.77 -6.38 -17.18
C GLU H 8 -50.61 -6.78 -15.99
N ARG H 9 -51.15 -7.99 -16.04
CA ARG H 9 -51.97 -8.49 -14.96
C ARG H 9 -51.45 -9.81 -14.42
N ARG H 10 -50.34 -10.29 -14.96
CA ARG H 10 -49.75 -11.55 -14.49
C ARG H 10 -49.68 -11.49 -12.95
N PRO H 11 -49.61 -12.66 -12.30
CA PRO H 11 -49.53 -12.79 -10.83
C PRO H 11 -48.63 -11.78 -10.15
N GLY H 12 -49.24 -10.73 -9.60
CA GLY H 12 -48.46 -9.72 -8.91
C GLY H 12 -47.30 -9.18 -9.71
N GLU H 13 -47.60 -8.36 -10.71
CA GLU H 13 -46.60 -7.75 -11.56
C GLU H 13 -46.87 -6.26 -11.44
N ASP H 14 -46.08 -5.58 -10.61
CA ASP H 14 -46.30 -4.17 -10.40
C ASP H 14 -45.52 -3.22 -11.29
N ARG H 15 -44.34 -3.62 -11.75
CA ARG H 15 -43.52 -2.82 -12.66
C ARG H 15 -44.12 -2.86 -14.08
N VAL H 16 -43.76 -1.85 -14.80
CA VAL H 16 -44.31 -1.45 -16.11
C VAL H 16 -43.23 -1.44 -17.14
N ALA H 17 -43.42 -0.87 -18.30
CA ALA H 17 -42.50 -0.97 -19.46
C ALA H 17 -42.35 0.35 -20.16
N ILE H 18 -42.50 1.45 -19.39
CA ILE H 18 -42.34 2.81 -19.91
C ILE H 18 -41.82 3.79 -18.84
N SER H 19 -41.32 4.94 -19.30
CA SER H 19 -40.80 5.98 -18.43
C SER H 19 -41.12 7.35 -19.03
N PRO H 20 -41.68 8.26 -18.24
CA PRO H 20 -42.00 9.60 -18.76
C PRO H 20 -40.93 10.14 -19.71
N GLU H 21 -39.67 9.99 -19.33
CA GLU H 21 -38.59 10.50 -20.16
C GLU H 21 -38.28 9.57 -21.33
N VAL H 22 -38.61 8.29 -21.18
CA VAL H 22 -38.42 7.31 -22.25
C VAL H 22 -39.45 7.66 -23.33
N VAL H 23 -40.64 8.06 -22.89
CA VAL H 23 -41.72 8.45 -23.80
C VAL H 23 -41.23 9.58 -24.71
N LYS H 24 -40.78 10.68 -24.11
CA LYS H 24 -40.26 11.82 -24.86
C LYS H 24 -39.24 11.32 -25.88
N LYS H 25 -38.38 10.43 -25.44
CA LYS H 25 -37.34 9.86 -26.30
C LYS H 25 -37.95 8.91 -27.33
N LEU H 26 -39.27 8.90 -27.39
CA LEU H 26 -40.00 8.05 -28.34
C LEU H 26 -40.77 8.97 -29.28
N VAL H 27 -41.64 9.83 -28.75
CA VAL H 27 -42.38 10.75 -29.62
C VAL H 27 -41.36 11.65 -30.30
N GLY H 28 -40.18 11.77 -29.67
CA GLY H 28 -39.12 12.57 -30.23
C GLY H 28 -38.55 11.91 -31.47
N LEU H 29 -39.09 10.73 -31.79
CA LEU H 29 -38.67 9.95 -32.96
C LEU H 29 -39.84 9.61 -33.89
N GLY H 30 -40.90 10.41 -33.83
CA GLY H 30 -42.07 10.17 -34.66
C GLY H 30 -43.15 9.40 -33.93
N PHE H 31 -42.72 8.37 -33.21
CA PHE H 31 -43.59 7.48 -32.43
C PHE H 31 -44.74 8.14 -31.68
N GLU H 32 -45.88 7.47 -31.71
CA GLU H 32 -47.07 7.93 -30.98
C GLU H 32 -47.31 6.88 -29.90
N VAL H 33 -47.12 7.28 -28.65
CA VAL H 33 -47.28 6.36 -27.55
C VAL H 33 -48.61 6.48 -26.81
N ILE H 34 -49.20 5.32 -26.55
CA ILE H 34 -50.46 5.20 -25.83
C ILE H 34 -50.29 4.10 -24.78
N VAL H 35 -50.53 4.45 -23.51
CA VAL H 35 -50.40 3.47 -22.44
C VAL H 35 -51.73 3.25 -21.76
N GLU H 36 -52.03 1.98 -21.48
CA GLU H 36 -53.27 1.66 -20.83
C GLU H 36 -53.34 2.48 -19.55
N GLN H 37 -54.54 2.87 -19.13
CA GLN H 37 -54.69 3.68 -17.93
C GLN H 37 -54.24 2.98 -16.63
N GLY H 38 -53.54 3.73 -15.78
CA GLY H 38 -53.06 3.21 -14.51
C GLY H 38 -52.14 2.01 -14.56
N ALA H 39 -51.24 1.97 -15.55
CA ALA H 39 -50.31 0.84 -15.70
C ALA H 39 -49.00 1.12 -14.98
N GLY H 40 -48.68 2.40 -14.83
CA GLY H 40 -47.45 2.78 -14.17
C GLY H 40 -47.61 2.98 -12.68
N VAL H 41 -48.83 3.33 -12.26
CA VAL H 41 -49.13 3.55 -10.85
C VAL H 41 -48.37 2.56 -9.97
N GLY H 42 -48.42 1.27 -10.31
CA GLY H 42 -47.72 0.27 -9.52
C GLY H 42 -46.25 0.57 -9.37
N ALA H 43 -45.66 1.15 -10.41
CA ALA H 43 -44.24 1.52 -10.41
C ALA H 43 -44.14 3.02 -10.17
N SER H 44 -45.15 3.53 -9.47
CA SER H 44 -45.24 4.93 -9.10
C SER H 44 -45.05 5.89 -10.27
N ILE H 45 -45.73 5.60 -11.37
CA ILE H 45 -45.68 6.44 -12.55
C ILE H 45 -47.12 6.78 -12.90
N THR H 46 -47.52 7.99 -12.54
CA THR H 46 -48.88 8.46 -12.78
C THR H 46 -49.16 8.55 -14.26
N ASP H 47 -50.36 8.14 -14.67
CA ASP H 47 -50.76 8.23 -16.08
C ASP H 47 -50.59 9.69 -16.46
N ASP H 48 -51.26 10.55 -15.70
CA ASP H 48 -51.21 11.98 -15.90
C ASP H 48 -49.80 12.53 -16.18
N ALA H 49 -48.80 12.04 -15.44
CA ALA H 49 -47.41 12.49 -15.62
C ALA H 49 -46.83 11.93 -16.90
N LEU H 50 -47.34 10.76 -17.28
CA LEU H 50 -46.89 10.06 -18.47
C LEU H 50 -47.35 10.79 -19.73
N THR H 51 -48.61 11.24 -19.73
CA THR H 51 -49.16 11.98 -20.87
C THR H 51 -48.35 13.25 -21.10
N ALA H 52 -48.03 13.93 -20.00
CA ALA H 52 -47.25 15.17 -20.04
C ALA H 52 -45.92 15.03 -20.75
N ALA H 53 -45.60 13.81 -21.17
CA ALA H 53 -44.34 13.55 -21.85
C ALA H 53 -44.53 13.53 -23.36
N GLY H 54 -45.75 13.29 -23.81
CA GLY H 54 -46.01 13.25 -25.24
C GLY H 54 -46.88 12.07 -25.64
N ALA H 55 -47.26 11.26 -24.66
CA ALA H 55 -48.10 10.10 -24.94
C ALA H 55 -49.50 10.36 -24.40
N THR H 56 -50.39 9.41 -24.61
CA THR H 56 -51.76 9.54 -24.13
C THR H 56 -52.26 8.25 -23.47
N ILE H 57 -52.97 8.43 -22.38
CA ILE H 57 -53.54 7.34 -21.61
C ILE H 57 -54.76 6.82 -22.40
N ALA H 58 -54.71 5.59 -22.85
CA ALA H 58 -55.83 4.88 -23.45
C ALA H 58 -56.52 4.18 -22.29
N SER H 59 -57.48 3.27 -22.54
CA SER H 59 -58.27 2.87 -21.36
C SER H 59 -58.60 1.43 -21.22
N THR H 60 -57.94 0.56 -22.00
CA THR H 60 -58.20 -0.85 -21.82
C THR H 60 -57.27 -1.78 -22.59
N ALA H 61 -57.50 -3.05 -22.25
CA ALA H 61 -56.81 -4.17 -22.89
C ALA H 61 -57.01 -4.17 -24.40
N ALA H 62 -57.92 -3.34 -24.89
CA ALA H 62 -58.18 -3.25 -26.33
C ALA H 62 -57.84 -1.87 -26.88
N GLN H 63 -58.57 -0.85 -26.42
CA GLN H 63 -58.36 0.53 -26.87
C GLN H 63 -56.94 1.01 -26.64
N ALA H 64 -56.27 0.44 -25.64
CA ALA H 64 -54.89 0.80 -25.33
C ALA H 64 -53.94 -0.04 -26.19
N LEU H 65 -54.52 -0.85 -27.06
CA LEU H 65 -53.79 -1.71 -27.96
C LEU H 65 -54.27 -1.38 -29.38
N SER H 66 -55.46 -1.86 -29.72
CA SER H 66 -56.06 -1.62 -31.03
C SER H 66 -55.00 -1.36 -32.10
N GLN H 67 -54.93 -0.10 -32.55
CA GLN H 67 -53.97 0.33 -33.56
C GLN H 67 -52.53 0.31 -33.03
N ALA H 68 -52.13 -0.80 -32.43
CA ALA H 68 -50.80 -0.94 -31.86
C ALA H 68 -49.74 -1.42 -32.85
N ASP H 69 -49.12 -0.49 -33.56
CA ASP H 69 -48.07 -0.83 -34.53
C ASP H 69 -46.97 -1.69 -33.87
N VAL H 70 -46.50 -1.23 -32.71
CA VAL H 70 -45.49 -1.95 -31.94
C VAL H 70 -45.80 -1.79 -30.46
N VAL H 71 -45.77 -2.89 -29.72
CA VAL H 71 -46.10 -2.85 -28.29
C VAL H 71 -45.15 -3.69 -27.44
N TRP H 72 -44.87 -3.20 -26.23
CA TRP H 72 -44.00 -3.91 -25.29
C TRP H 72 -44.56 -3.94 -23.85
N LYS H 73 -44.01 -4.85 -23.05
CA LYS H 73 -44.44 -5.00 -21.67
C LYS H 73 -43.36 -5.68 -20.84
N VAL H 74 -43.77 -6.45 -19.84
CA VAL H 74 -42.83 -7.12 -18.96
C VAL H 74 -42.66 -8.63 -19.17
N GLN H 75 -43.64 -9.41 -18.70
CA GLN H 75 -43.59 -10.87 -18.85
C GLN H 75 -44.49 -11.30 -20.03
N ARG H 76 -44.13 -12.42 -20.68
CA ARG H 76 -44.91 -12.93 -21.80
C ARG H 76 -46.40 -12.70 -21.55
N PRO H 77 -47.14 -12.26 -22.57
CA PRO H 77 -48.59 -11.98 -22.50
C PRO H 77 -49.53 -13.10 -22.08
N MET H 78 -50.78 -12.70 -21.86
CA MET H 78 -51.83 -13.60 -21.41
C MET H 78 -52.57 -14.34 -22.52
N THR H 79 -53.19 -15.44 -22.12
CA THR H 79 -53.95 -16.30 -23.02
C THR H 79 -55.26 -16.68 -22.32
N ALA H 80 -56.13 -17.41 -23.03
CA ALA H 80 -57.39 -17.86 -22.44
C ALA H 80 -57.02 -18.99 -21.50
N GLU H 81 -55.88 -19.60 -21.81
CA GLU H 81 -55.29 -20.70 -21.04
C GLU H 81 -54.83 -20.18 -19.68
N GLU H 82 -54.04 -19.11 -19.71
CA GLU H 82 -53.49 -18.47 -18.52
C GLU H 82 -54.44 -17.38 -17.99
N GLY H 83 -55.75 -17.58 -18.14
CA GLY H 83 -56.73 -16.62 -17.68
C GLY H 83 -57.46 -15.88 -18.80
N THR H 84 -57.31 -14.56 -18.84
CA THR H 84 -57.94 -13.71 -19.86
C THR H 84 -57.06 -13.65 -21.11
N ASP H 85 -57.63 -14.00 -22.25
CA ASP H 85 -56.88 -13.94 -23.49
C ASP H 85 -56.38 -12.51 -23.60
N GLU H 86 -55.12 -12.35 -24.02
CA GLU H 86 -54.55 -11.01 -24.14
C GLU H 86 -54.04 -10.69 -25.55
N VAL H 87 -53.19 -11.56 -26.10
CA VAL H 87 -52.64 -11.37 -27.44
C VAL H 87 -53.68 -10.81 -28.42
N ALA H 88 -54.87 -11.42 -28.42
CA ALA H 88 -55.95 -11.00 -29.31
C ALA H 88 -56.59 -9.67 -28.92
N LEU H 89 -55.77 -8.72 -28.50
CA LEU H 89 -56.29 -7.40 -28.12
C LEU H 89 -55.50 -6.30 -28.84
N ILE H 90 -54.39 -6.71 -29.47
CA ILE H 90 -53.54 -5.79 -30.24
C ILE H 90 -53.77 -6.02 -31.73
N LYS H 91 -53.41 -5.01 -32.53
CA LYS H 91 -53.56 -5.09 -33.98
C LYS H 91 -52.87 -6.37 -34.48
N GLU H 92 -53.52 -7.06 -35.43
CA GLU H 92 -52.97 -8.30 -36.00
C GLU H 92 -51.86 -8.04 -37.01
N GLY H 93 -50.69 -8.60 -36.73
CA GLY H 93 -49.53 -8.40 -37.59
C GLY H 93 -48.59 -7.46 -36.86
N ALA H 94 -48.87 -7.31 -35.56
CA ALA H 94 -48.16 -6.43 -34.64
C ALA H 94 -46.71 -6.76 -34.31
N VAL H 95 -46.07 -5.79 -33.66
CA VAL H 95 -44.68 -5.90 -33.21
C VAL H 95 -44.74 -6.12 -31.69
N LEU H 96 -43.75 -6.81 -31.12
CA LEU H 96 -43.74 -7.07 -29.68
C LEU H 96 -42.37 -6.95 -29.04
N MET H 97 -42.36 -6.52 -27.77
CA MET H 97 -41.09 -6.36 -27.04
C MET H 97 -41.41 -6.65 -25.56
N CYS H 98 -40.65 -7.49 -24.93
CA CYS H 98 -40.62 -7.91 -23.55
C CYS H 98 -39.77 -9.10 -23.25
N HIS H 99 -39.72 -9.58 -22.02
CA HIS H 99 -39.26 -10.92 -21.62
C HIS H 99 -40.32 -11.95 -22.06
N LEU H 100 -39.98 -12.82 -23.00
CA LEU H 100 -40.90 -13.85 -23.51
C LEU H 100 -40.80 -15.17 -22.75
N GLY H 101 -39.56 -15.62 -22.51
CA GLY H 101 -39.34 -16.87 -21.80
C GLY H 101 -39.65 -18.05 -22.68
N ALA H 102 -39.42 -17.88 -23.98
CA ALA H 102 -39.66 -18.92 -24.96
C ALA H 102 -38.90 -20.21 -24.66
N LEU H 103 -37.64 -20.06 -24.23
CA LEU H 103 -36.76 -21.19 -23.92
C LEU H 103 -37.34 -22.30 -23.03
N THR H 104 -38.47 -22.05 -22.38
CA THR H 104 -39.13 -23.06 -21.53
C THR H 104 -40.62 -23.06 -21.85
N ASN H 105 -41.17 -21.88 -22.06
CA ASN H 105 -42.58 -21.75 -22.40
C ASN H 105 -42.67 -21.56 -23.92
N ARG H 106 -42.91 -22.66 -24.63
CA ARG H 106 -43.02 -22.65 -26.10
C ARG H 106 -44.47 -22.53 -26.61
N PRO H 107 -45.42 -23.26 -25.98
CA PRO H 107 -46.82 -23.20 -26.41
C PRO H 107 -47.41 -21.79 -26.37
N VAL H 108 -46.67 -20.87 -25.77
CA VAL H 108 -47.12 -19.48 -25.67
C VAL H 108 -46.69 -18.64 -26.88
N VAL H 109 -45.53 -18.96 -27.45
CA VAL H 109 -44.98 -18.24 -28.61
C VAL H 109 -45.85 -18.38 -29.87
N GLU H 110 -46.47 -19.54 -30.01
CA GLU H 110 -47.34 -19.87 -31.13
C GLU H 110 -48.60 -19.00 -31.17
N ALA H 111 -49.21 -18.78 -30.00
CA ALA H 111 -50.43 -17.98 -29.82
C ALA H 111 -50.48 -16.65 -30.56
N LEU H 112 -49.40 -15.89 -30.43
CA LEU H 112 -49.30 -14.57 -31.06
C LEU H 112 -49.02 -14.71 -32.56
N THR H 113 -47.97 -15.46 -32.88
CA THR H 113 -47.52 -15.72 -34.25
C THR H 113 -48.71 -15.88 -35.21
N LYS H 114 -49.63 -16.77 -34.84
CA LYS H 114 -50.82 -17.02 -35.65
C LYS H 114 -51.77 -15.83 -35.60
N ARG H 115 -51.19 -14.64 -35.77
CA ARG H 115 -51.89 -13.36 -35.80
C ARG H 115 -50.98 -12.34 -36.49
N LYS H 116 -49.85 -12.84 -36.98
CA LYS H 116 -48.86 -12.03 -37.70
C LYS H 116 -47.92 -11.24 -36.78
N ILE H 117 -47.52 -11.88 -35.69
CA ILE H 117 -46.66 -11.24 -34.69
C ILE H 117 -45.14 -11.32 -34.93
N THR H 118 -44.45 -10.26 -34.47
CA THR H 118 -43.00 -10.08 -34.57
C THR H 118 -42.47 -9.91 -33.13
N ALA H 119 -42.24 -11.03 -32.43
CA ALA H 119 -41.80 -10.99 -31.03
C ALA H 119 -40.31 -10.94 -30.72
N TYR H 120 -39.97 -10.14 -29.69
CA TYR H 120 -38.59 -9.95 -29.22
C TYR H 120 -38.46 -10.21 -27.71
N ALA H 121 -37.63 -11.18 -27.32
CA ALA H 121 -37.41 -11.51 -25.91
C ALA H 121 -35.98 -11.16 -25.48
N MET H 122 -35.84 -10.02 -24.79
CA MET H 122 -34.52 -9.54 -24.36
C MET H 122 -33.78 -10.38 -23.32
N GLU H 123 -34.30 -11.52 -22.95
CA GLU H 123 -33.58 -12.36 -21.97
C GLU H 123 -32.40 -13.00 -22.68
N LEU H 124 -32.23 -12.56 -23.94
CA LEU H 124 -31.25 -13.18 -24.82
C LEU H 124 -30.05 -12.32 -25.13
N MET H 125 -30.37 -11.03 -25.20
CA MET H 125 -29.37 -10.00 -25.45
C MET H 125 -27.95 -10.59 -25.17
N PRO H 126 -27.46 -10.83 -26.38
CA PRO H 126 -26.06 -11.40 -26.30
C PRO H 126 -25.13 -10.59 -25.44
N ARG H 127 -24.86 -11.20 -24.34
CA ARG H 127 -24.08 -10.64 -23.21
C ARG H 127 -22.65 -10.30 -23.71
N ILE H 128 -22.57 -8.95 -23.84
CA ILE H 128 -21.51 -8.27 -24.61
C ILE H 128 -21.14 -6.94 -24.08
N SER H 129 -20.81 -5.92 -24.83
CA SER H 129 -20.58 -4.55 -24.55
C SER H 129 -21.61 -3.65 -25.29
N ARG H 130 -21.71 -3.87 -26.61
CA ARG H 130 -22.64 -3.09 -27.39
C ARG H 130 -23.98 -3.18 -26.68
N ALA H 131 -24.53 -4.40 -26.67
CA ALA H 131 -25.85 -4.78 -26.05
C ALA H 131 -25.96 -4.70 -24.55
N GLN H 132 -24.79 -4.28 -23.98
CA GLN H 132 -24.73 -3.92 -22.56
C GLN H 132 -25.83 -2.90 -22.20
N SER H 133 -25.93 -1.80 -22.87
CA SER H 133 -26.86 -0.67 -22.65
C SER H 133 -28.27 -0.94 -23.09
N MET H 134 -28.66 -2.20 -23.04
CA MET H 134 -29.99 -2.60 -23.47
C MET H 134 -30.41 -3.98 -22.94
N ASP H 135 -29.60 -4.53 -22.05
CA ASP H 135 -29.85 -5.83 -21.45
C ASP H 135 -30.84 -5.76 -20.29
N ILE H 136 -32.08 -6.19 -20.52
CA ILE H 136 -33.05 -6.13 -19.43
C ILE H 136 -32.59 -6.99 -18.26
N LEU H 137 -32.25 -8.25 -18.54
CA LEU H 137 -31.81 -9.20 -17.52
C LEU H 137 -30.90 -8.61 -16.46
N SER H 138 -29.84 -7.93 -16.93
CA SER H 138 -28.86 -7.31 -16.06
C SER H 138 -29.48 -6.26 -15.11
N SER H 139 -30.08 -5.23 -15.68
CA SER H 139 -30.71 -4.18 -14.88
C SER H 139 -31.62 -4.75 -13.80
N GLN H 140 -32.53 -5.62 -14.22
CA GLN H 140 -33.50 -6.23 -13.32
C GLN H 140 -32.94 -7.17 -12.27
N SER H 141 -31.82 -7.80 -12.55
CA SER H 141 -31.26 -8.71 -11.56
C SER H 141 -30.36 -7.94 -10.60
N ASN H 142 -29.83 -6.81 -11.06
CA ASN H 142 -28.99 -5.97 -10.21
C ASN H 142 -29.89 -5.37 -9.15
N LEU H 143 -31.16 -5.15 -9.46
CA LEU H 143 -32.08 -4.60 -8.49
C LEU H 143 -32.51 -5.72 -7.58
N ALA H 144 -32.36 -6.95 -8.06
CA ALA H 144 -32.72 -8.12 -7.29
C ALA H 144 -31.64 -8.39 -6.26
N GLY H 145 -30.50 -7.74 -6.42
CA GLY H 145 -29.42 -7.91 -5.47
C GLY H 145 -29.72 -6.99 -4.31
N TYR H 146 -30.01 -5.75 -4.63
CA TYR H 146 -30.33 -4.77 -3.62
C TYR H 146 -31.43 -5.43 -2.75
N ARG H 147 -32.60 -5.61 -3.37
CA ARG H 147 -33.73 -6.21 -2.69
C ARG H 147 -33.41 -7.49 -1.95
N ALA H 148 -32.32 -8.15 -2.30
CA ALA H 148 -32.00 -9.38 -1.59
C ALA H 148 -31.65 -9.06 -0.15
N VAL H 149 -30.89 -7.98 0.03
CA VAL H 149 -30.46 -7.58 1.35
C VAL H 149 -31.57 -6.83 2.09
N ILE H 150 -32.28 -5.94 1.39
CA ILE H 150 -33.35 -5.22 2.04
C ILE H 150 -34.35 -6.20 2.59
N ASP H 151 -34.68 -7.21 1.81
CA ASP H 151 -35.62 -8.22 2.25
C ASP H 151 -34.97 -9.07 3.33
N GLY H 152 -33.65 -9.17 3.30
CA GLY H 152 -32.97 -9.92 4.33
C GLY H 152 -33.09 -9.18 5.65
N ALA H 153 -32.52 -7.98 5.73
CA ALA H 153 -32.57 -7.15 6.94
C ALA H 153 -33.95 -7.10 7.57
N TYR H 154 -34.98 -6.98 6.73
CA TYR H 154 -36.36 -6.92 7.21
C TYR H 154 -36.78 -8.12 8.06
N GLU H 155 -36.32 -9.31 7.68
CA GLU H 155 -36.68 -10.53 8.40
C GLU H 155 -35.84 -10.85 9.62
N PHE H 156 -34.62 -10.33 9.65
CA PHE H 156 -33.64 -10.56 10.73
C PHE H 156 -33.96 -9.76 12.00
N ALA H 157 -33.90 -10.43 13.15
CA ALA H 157 -34.19 -9.79 14.44
C ALA H 157 -32.92 -9.17 15.04
N ARG H 158 -31.98 -8.77 14.20
CA ARG H 158 -30.75 -8.18 14.69
C ARG H 158 -30.33 -7.12 13.69
N ALA H 159 -29.46 -6.21 14.13
CA ALA H 159 -28.96 -5.13 13.30
C ALA H 159 -27.82 -5.63 12.46
N PHE H 160 -27.68 -5.05 11.27
CA PHE H 160 -26.63 -5.46 10.37
C PHE H 160 -25.25 -4.96 10.77
N PRO H 161 -25.08 -3.65 11.03
CA PRO H 161 -23.80 -3.09 11.42
C PRO H 161 -23.38 -3.24 12.85
N MET H 162 -22.10 -3.05 13.11
CA MET H 162 -21.55 -3.13 14.44
C MET H 162 -21.82 -1.78 15.07
N MET H 163 -22.39 -1.78 16.26
CA MET H 163 -22.72 -0.53 16.95
C MET H 163 -22.13 -0.40 18.35
N MET H 164 -21.25 0.56 18.56
CA MET H 164 -20.67 0.76 19.87
C MET H 164 -21.68 1.40 20.79
N THR H 165 -22.50 0.57 21.42
CA THR H 165 -23.50 1.05 22.36
C THR H 165 -22.83 1.25 23.71
N ALA H 166 -23.47 1.98 24.61
CA ALA H 166 -22.91 2.19 25.93
C ALA H 166 -23.18 0.99 26.81
N ALA H 167 -23.74 -0.07 26.22
CA ALA H 167 -24.06 -1.30 26.93
C ALA H 167 -23.33 -2.43 26.27
N GLY H 168 -22.23 -2.09 25.61
CA GLY H 168 -21.45 -3.09 24.94
C GLY H 168 -21.34 -2.77 23.47
N THR H 169 -21.32 -3.81 22.65
CA THR H 169 -21.25 -3.58 21.23
C THR H 169 -22.00 -4.68 20.52
N VAL H 170 -23.04 -4.29 19.79
CA VAL H 170 -23.83 -5.23 19.03
C VAL H 170 -23.04 -5.49 17.75
N PRO H 171 -22.46 -6.69 17.64
CA PRO H 171 -21.66 -7.17 16.51
C PRO H 171 -22.37 -7.28 15.16
N PRO H 172 -21.62 -7.06 14.09
CA PRO H 172 -22.06 -7.11 12.70
C PRO H 172 -22.71 -8.43 12.35
N ALA H 173 -23.50 -8.41 11.29
CA ALA H 173 -24.18 -9.60 10.80
C ALA H 173 -23.28 -10.25 9.77
N ARG H 174 -23.27 -11.57 9.73
CA ARG H 174 -22.45 -12.26 8.75
C ARG H 174 -23.40 -12.61 7.61
N VAL H 175 -22.96 -12.38 6.38
CA VAL H 175 -23.79 -12.66 5.22
C VAL H 175 -22.97 -13.38 4.17
N LEU H 176 -23.43 -14.54 3.75
CA LEU H 176 -22.75 -15.33 2.73
C LEU H 176 -23.64 -15.33 1.47
N VAL H 177 -23.08 -14.82 0.36
CA VAL H 177 -23.80 -14.77 -0.92
C VAL H 177 -23.40 -15.94 -1.79
N PHE H 178 -24.40 -16.59 -2.38
CA PHE H 178 -24.18 -17.72 -3.26
C PHE H 178 -24.52 -17.31 -4.69
N GLY H 179 -23.48 -17.08 -5.48
CA GLY H 179 -23.73 -16.68 -6.86
C GLY H 179 -23.27 -15.29 -7.22
N VAL H 180 -21.97 -15.07 -7.12
CA VAL H 180 -21.37 -13.79 -7.44
C VAL H 180 -21.59 -13.42 -8.89
N GLY H 181 -22.86 -13.20 -9.25
CA GLY H 181 -23.20 -12.81 -10.60
C GLY H 181 -23.41 -11.30 -10.58
N VAL H 182 -24.46 -10.81 -11.22
CA VAL H 182 -24.70 -9.38 -11.18
C VAL H 182 -25.43 -9.14 -9.87
N ALA H 183 -26.57 -9.82 -9.71
CA ALA H 183 -27.39 -9.73 -8.51
C ALA H 183 -26.53 -10.06 -7.30
N GLY H 184 -25.87 -11.20 -7.36
CA GLY H 184 -25.04 -11.62 -6.26
C GLY H 184 -24.02 -10.57 -5.88
N LEU H 185 -23.48 -9.90 -6.88
CA LEU H 185 -22.47 -8.87 -6.65
C LEU H 185 -23.05 -7.61 -6.02
N GLN H 186 -24.30 -7.31 -6.33
CA GLN H 186 -25.00 -6.16 -5.77
C GLN H 186 -25.39 -6.46 -4.31
N ALA H 187 -25.92 -7.67 -4.09
CA ALA H 187 -26.33 -8.12 -2.77
C ALA H 187 -25.11 -8.17 -1.89
N ILE H 188 -23.95 -8.27 -2.50
CA ILE H 188 -22.71 -8.27 -1.74
C ILE H 188 -22.44 -6.80 -1.45
N ALA H 189 -22.75 -5.97 -2.44
CA ALA H 189 -22.53 -4.54 -2.38
C ALA H 189 -23.37 -3.80 -1.36
N THR H 190 -24.63 -4.20 -1.18
CA THR H 190 -25.43 -3.49 -0.22
C THR H 190 -25.36 -4.17 1.14
N ALA H 191 -25.08 -5.46 1.16
CA ALA H 191 -24.96 -6.16 2.45
C ALA H 191 -23.78 -5.54 3.18
N LYS H 192 -22.77 -5.21 2.41
CA LYS H 192 -21.55 -4.64 2.92
C LYS H 192 -21.67 -3.21 3.39
N ARG H 193 -22.24 -2.35 2.54
CA ARG H 193 -22.37 -0.95 2.91
C ARG H 193 -23.19 -0.77 4.17
N LEU H 194 -24.09 -1.73 4.38
CA LEU H 194 -24.96 -1.72 5.55
C LEU H 194 -24.21 -2.17 6.81
N GLY H 195 -22.93 -2.48 6.67
CA GLY H 195 -22.16 -2.89 7.84
C GLY H 195 -21.85 -4.36 8.02
N ALA H 196 -22.57 -5.24 7.35
CA ALA H 196 -22.34 -6.68 7.50
C ALA H 196 -20.92 -7.06 7.20
N VAL H 197 -20.56 -8.30 7.52
CA VAL H 197 -19.23 -8.82 7.22
C VAL H 197 -19.51 -9.91 6.20
N VAL H 198 -19.52 -9.48 4.94
CA VAL H 198 -19.82 -10.33 3.81
C VAL H 198 -18.69 -11.27 3.44
N MET H 199 -19.08 -12.44 2.95
CA MET H 199 -18.14 -13.48 2.56
C MET H 199 -18.92 -14.36 1.60
N ALA H 200 -18.52 -14.37 0.33
CA ALA H 200 -19.24 -15.16 -0.66
C ALA H 200 -18.40 -16.24 -1.34
N THR H 201 -19.09 -17.17 -1.99
CA THR H 201 -18.45 -18.26 -2.72
C THR H 201 -18.90 -18.26 -4.16
N ASP H 202 -17.98 -18.68 -5.03
CA ASP H 202 -18.20 -18.73 -6.48
C ASP H 202 -17.18 -19.70 -7.10
N VAL H 203 -17.53 -20.28 -8.25
CA VAL H 203 -16.65 -21.20 -8.95
C VAL H 203 -15.56 -20.46 -9.73
N ARG H 204 -15.97 -19.51 -10.57
CA ARG H 204 -15.04 -18.74 -11.39
C ARG H 204 -13.98 -17.96 -10.60
N ALA H 205 -12.75 -18.45 -10.59
CA ALA H 205 -11.66 -17.80 -9.86
C ALA H 205 -11.46 -16.34 -10.29
N ALA H 206 -12.26 -15.90 -11.25
CA ALA H 206 -12.19 -14.52 -11.73
C ALA H 206 -12.99 -13.70 -10.72
N THR H 207 -13.87 -14.41 -10.02
CA THR H 207 -14.73 -13.85 -9.00
C THR H 207 -13.99 -13.50 -7.71
N LYS H 208 -13.07 -14.37 -7.28
CA LYS H 208 -12.31 -14.11 -6.06
C LYS H 208 -11.85 -12.65 -6.03
N GLU H 209 -11.62 -12.10 -7.21
CA GLU H 209 -11.18 -10.71 -7.35
C GLU H 209 -12.38 -9.82 -7.18
N GLN H 210 -13.45 -10.12 -7.93
CA GLN H 210 -14.69 -9.35 -7.86
C GLN H 210 -15.26 -9.31 -6.45
N VAL H 211 -15.38 -10.46 -5.80
CA VAL H 211 -15.88 -10.50 -4.44
C VAL H 211 -14.94 -9.69 -3.55
N GLU H 212 -13.65 -9.77 -3.82
CA GLU H 212 -12.66 -9.02 -3.04
C GLU H 212 -12.59 -7.62 -3.62
N SER H 213 -13.42 -7.37 -4.62
CA SER H 213 -13.47 -6.08 -5.32
C SER H 213 -14.50 -5.14 -4.73
N LEU H 214 -15.51 -5.74 -4.08
CA LEU H 214 -16.62 -5.03 -3.43
C LEU H 214 -16.38 -4.86 -1.95
N GLY H 215 -15.24 -5.37 -1.48
CA GLY H 215 -14.89 -5.29 -0.08
C GLY H 215 -15.03 -6.64 0.58
N GLY H 216 -15.79 -7.52 -0.06
CA GLY H 216 -16.01 -8.86 0.48
C GLY H 216 -14.79 -9.74 0.62
N LYS H 217 -15.06 -11.03 0.90
CA LYS H 217 -14.02 -12.04 1.05
C LYS H 217 -14.47 -13.35 0.42
N PHE H 218 -13.52 -14.03 -0.22
CA PHE H 218 -13.80 -15.27 -0.92
C PHE H 218 -13.47 -16.55 -0.16
N ILE H 219 -14.38 -17.51 -0.28
CA ILE H 219 -14.23 -18.84 0.31
C ILE H 219 -13.63 -19.66 -0.82
N THR H 220 -12.34 -19.94 -0.72
CA THR H 220 -11.61 -20.69 -1.74
C THR H 220 -11.32 -22.12 -1.29
N GLU H 241 -15.79 -35.58 -6.40
CA GLU H 241 -16.03 -34.11 -6.59
C GLU H 241 -15.28 -33.29 -5.53
N GLU H 242 -13.95 -33.34 -5.58
CA GLU H 242 -13.10 -32.61 -4.62
C GLU H 242 -13.52 -31.15 -4.46
N PHE H 243 -14.22 -30.62 -5.46
CA PHE H 243 -14.71 -29.25 -5.42
C PHE H 243 -15.89 -29.24 -4.45
N ARG H 244 -17.02 -29.81 -4.87
CA ARG H 244 -18.19 -29.86 -4.01
C ARG H 244 -17.92 -30.73 -2.77
N LYS H 245 -16.69 -30.69 -2.27
CA LYS H 245 -16.28 -31.43 -1.07
C LYS H 245 -15.54 -30.52 -0.12
N LYS H 246 -14.22 -30.44 -0.24
CA LYS H 246 -13.42 -29.57 0.64
C LYS H 246 -13.88 -28.13 0.48
N GLN H 247 -14.82 -27.93 -0.44
CA GLN H 247 -15.40 -26.62 -0.70
C GLN H 247 -16.79 -26.58 -0.09
N ALA H 248 -17.62 -27.58 -0.37
CA ALA H 248 -18.95 -27.63 0.20
C ALA H 248 -18.77 -27.83 1.70
N GLU H 249 -17.53 -28.07 2.10
CA GLU H 249 -17.16 -28.27 3.49
C GLU H 249 -16.73 -26.95 4.09
N ALA H 250 -15.76 -26.31 3.43
CA ALA H 250 -15.24 -25.02 3.85
C ALA H 250 -16.35 -23.96 3.76
N VAL H 251 -17.54 -24.38 3.35
CA VAL H 251 -18.68 -23.48 3.26
C VAL H 251 -19.49 -23.75 4.52
N LEU H 252 -19.38 -24.97 5.04
CA LEU H 252 -20.09 -25.30 6.26
C LEU H 252 -19.38 -24.63 7.43
N LYS H 253 -18.11 -24.29 7.23
CA LYS H 253 -17.34 -23.60 8.27
C LYS H 253 -17.63 -22.09 8.13
N GLU H 254 -18.84 -21.79 7.67
CA GLU H 254 -19.29 -20.41 7.48
C GLU H 254 -20.82 -20.38 7.61
N LEU H 255 -21.50 -21.19 6.82
CA LEU H 255 -22.95 -21.23 6.87
C LEU H 255 -23.40 -21.39 8.32
N VAL H 256 -22.59 -22.12 9.07
CA VAL H 256 -22.85 -22.37 10.47
C VAL H 256 -22.83 -21.04 11.24
N LYS H 257 -21.78 -20.26 11.01
CA LYS H 257 -21.62 -18.96 11.67
C LYS H 257 -22.37 -17.82 10.95
N THR H 258 -23.01 -18.14 9.82
CA THR H 258 -23.72 -17.14 9.02
C THR H 258 -25.11 -16.80 9.51
N ASP H 259 -25.47 -15.53 9.41
CA ASP H 259 -26.78 -15.02 9.83
C ASP H 259 -27.75 -14.94 8.65
N ILE H 260 -27.32 -14.33 7.55
CA ILE H 260 -28.17 -14.22 6.36
C ILE H 260 -27.48 -14.96 5.21
N ALA H 261 -28.29 -15.57 4.36
CA ALA H 261 -27.77 -16.30 3.21
C ALA H 261 -28.61 -15.95 2.01
N ILE H 262 -27.95 -15.34 1.04
CA ILE H 262 -28.60 -14.94 -0.18
C ILE H 262 -28.10 -15.87 -1.28
N THR H 263 -29.02 -16.48 -1.99
CA THR H 263 -28.67 -17.39 -3.07
C THR H 263 -29.16 -16.83 -4.41
N THR H 264 -28.25 -16.79 -5.37
CA THR H 264 -28.56 -16.31 -6.70
C THR H 264 -28.16 -17.42 -7.65
N ALA H 265 -27.00 -18.01 -7.39
CA ALA H 265 -26.42 -19.11 -8.18
C ALA H 265 -27.47 -19.76 -9.07
N LEU H 266 -27.27 -19.65 -10.38
CA LEU H 266 -28.25 -20.20 -11.33
C LEU H 266 -27.71 -20.79 -12.65
N ILE H 267 -28.66 -21.39 -13.39
CA ILE H 267 -28.49 -22.00 -14.71
C ILE H 267 -29.95 -22.20 -15.21
N PRO H 268 -30.35 -21.44 -16.26
CA PRO H 268 -31.64 -21.34 -16.96
C PRO H 268 -32.25 -22.56 -17.68
N GLY H 269 -33.51 -22.40 -18.11
CA GLY H 269 -34.23 -23.44 -18.83
C GLY H 269 -34.70 -24.62 -18.00
N LYS H 270 -34.07 -24.80 -16.85
CA LYS H 270 -34.40 -25.91 -15.96
C LYS H 270 -34.13 -25.46 -14.51
N PRO H 271 -34.22 -26.39 -13.55
CA PRO H 271 -33.97 -26.00 -12.15
C PRO H 271 -32.48 -25.67 -11.86
N ALA H 272 -32.29 -24.93 -10.75
CA ALA H 272 -30.96 -24.46 -10.30
C ALA H 272 -30.18 -25.34 -9.32
N PRO H 273 -28.84 -25.17 -9.31
CA PRO H 273 -27.86 -25.88 -8.47
C PRO H 273 -27.98 -25.69 -6.97
N VAL H 274 -28.57 -26.71 -6.33
CA VAL H 274 -28.77 -26.71 -4.88
C VAL H 274 -27.46 -26.53 -4.08
N LEU H 275 -27.34 -25.39 -3.41
CA LEU H 275 -26.16 -25.07 -2.60
C LEU H 275 -26.41 -25.19 -1.09
N ILE H 276 -27.67 -25.34 -0.70
CA ILE H 276 -28.03 -25.52 0.71
C ILE H 276 -29.07 -26.63 0.79
N THR H 277 -28.87 -27.58 1.71
CA THR H 277 -29.81 -28.70 1.90
C THR H 277 -30.33 -28.76 3.32
N GLU H 278 -31.44 -29.47 3.52
CA GLU H 278 -32.01 -29.57 4.86
C GLU H 278 -30.89 -29.79 5.85
N GLU H 279 -30.01 -30.74 5.56
CA GLU H 279 -28.89 -31.01 6.46
C GLU H 279 -28.15 -29.73 6.79
N MET H 280 -27.75 -29.02 5.74
CA MET H 280 -27.02 -27.78 5.90
C MET H 280 -27.85 -26.80 6.75
N VAL H 281 -29.09 -26.57 6.35
CA VAL H 281 -29.92 -25.63 7.09
C VAL H 281 -29.96 -25.92 8.58
N THR H 282 -30.13 -27.18 8.96
CA THR H 282 -30.18 -27.53 10.37
C THR H 282 -28.90 -27.13 11.09
N LYS H 283 -27.84 -26.90 10.33
CA LYS H 283 -26.56 -26.54 10.92
C LYS H 283 -26.42 -25.04 11.08
N MET H 284 -27.45 -24.30 10.66
CA MET H 284 -27.46 -22.83 10.74
C MET H 284 -28.11 -22.30 12.02
N LYS H 285 -27.36 -21.51 12.77
CA LYS H 285 -27.84 -20.90 14.01
C LYS H 285 -29.28 -20.38 13.93
N PRO H 286 -29.99 -20.32 15.06
CA PRO H 286 -31.38 -19.87 15.25
C PRO H 286 -31.72 -18.40 14.94
N GLY H 287 -32.83 -18.20 14.24
CA GLY H 287 -33.23 -16.86 13.89
C GLY H 287 -32.55 -16.37 12.62
N SER H 288 -31.71 -17.21 12.04
CA SER H 288 -31.01 -16.88 10.80
C SER H 288 -31.98 -16.93 9.67
N VAL H 289 -31.62 -16.31 8.55
CA VAL H 289 -32.50 -16.25 7.38
C VAL H 289 -31.82 -16.50 6.03
N ILE H 290 -32.57 -17.15 5.13
CA ILE H 290 -32.15 -17.48 3.76
C ILE H 290 -33.14 -16.96 2.71
N ILE H 291 -32.65 -16.21 1.73
CA ILE H 291 -33.49 -15.70 0.66
C ILE H 291 -33.02 -16.49 -0.56
N ASP H 292 -33.95 -17.11 -1.28
CA ASP H 292 -33.57 -17.87 -2.48
C ASP H 292 -34.13 -17.14 -3.69
N LEU H 293 -33.26 -16.42 -4.40
CA LEU H 293 -33.69 -15.69 -5.59
C LEU H 293 -34.00 -16.64 -6.75
N ALA H 294 -33.61 -17.89 -6.58
CA ALA H 294 -33.83 -18.95 -7.57
C ALA H 294 -34.97 -19.84 -7.10
N VAL H 295 -35.75 -19.36 -6.15
CA VAL H 295 -36.86 -20.13 -5.61
C VAL H 295 -37.98 -20.27 -6.65
N GLU H 296 -37.59 -20.26 -7.93
CA GLU H 296 -38.52 -20.43 -9.03
C GLU H 296 -37.91 -21.40 -10.02
N ALA H 297 -36.88 -22.08 -9.52
CA ALA H 297 -36.12 -23.11 -10.25
C ALA H 297 -35.73 -24.13 -9.16
N GLY H 298 -36.72 -24.57 -8.39
CA GLY H 298 -36.47 -25.50 -7.30
C GLY H 298 -35.78 -24.74 -6.17
N GLY H 299 -34.77 -23.95 -6.58
CA GLY H 299 -34.01 -23.13 -5.66
C GLY H 299 -32.61 -23.67 -5.41
N ASN H 300 -31.79 -22.89 -4.72
CA ASN H 300 -30.44 -23.32 -4.38
C ASN H 300 -30.57 -23.95 -2.99
N CYS H 301 -31.82 -24.02 -2.54
CA CYS H 301 -32.19 -24.62 -1.26
C CYS H 301 -33.57 -25.21 -1.43
N PRO H 302 -33.66 -26.56 -1.45
CA PRO H 302 -34.90 -27.33 -1.63
C PRO H 302 -36.11 -26.92 -0.77
N LEU H 303 -35.82 -26.52 0.48
CA LEU H 303 -36.85 -26.11 1.44
C LEU H 303 -37.70 -24.91 1.05
N SER H 304 -37.17 -24.05 0.17
CA SER H 304 -37.88 -22.86 -0.26
C SER H 304 -39.22 -23.16 -0.92
N GLU H 305 -40.07 -22.16 -1.00
CA GLU H 305 -41.38 -22.32 -1.60
C GLU H 305 -41.87 -21.08 -2.34
N PRO H 306 -42.11 -21.20 -3.65
CA PRO H 306 -42.58 -20.13 -4.53
C PRO H 306 -43.68 -19.26 -3.96
N GLY H 307 -43.32 -18.02 -3.64
CA GLY H 307 -44.26 -17.06 -3.12
C GLY H 307 -44.54 -17.05 -1.64
N LYS H 308 -43.67 -17.64 -0.84
CA LYS H 308 -43.91 -17.66 0.59
C LYS H 308 -42.66 -17.75 1.48
N ILE H 309 -42.83 -17.39 2.75
CA ILE H 309 -41.73 -17.44 3.73
C ILE H 309 -41.95 -18.60 4.67
N VAL H 310 -41.31 -19.72 4.38
CA VAL H 310 -41.44 -20.90 5.22
C VAL H 310 -40.27 -20.98 6.17
N VAL H 311 -40.57 -21.28 7.43
CA VAL H 311 -39.55 -21.39 8.47
C VAL H 311 -39.33 -22.85 8.93
N LYS H 312 -38.09 -23.31 8.81
CA LYS H 312 -37.72 -24.67 9.18
C LYS H 312 -36.47 -24.64 10.07
N HIS H 313 -36.53 -25.33 11.21
CA HIS H 313 -35.40 -25.37 12.15
C HIS H 313 -35.04 -24.01 12.72
N GLY H 314 -36.04 -23.18 12.98
CA GLY H 314 -35.76 -21.86 13.52
C GLY H 314 -35.05 -20.98 12.51
N VAL H 315 -35.16 -21.36 11.24
CA VAL H 315 -34.55 -20.62 10.15
C VAL H 315 -35.66 -20.17 9.21
N LYS H 316 -35.50 -18.99 8.62
CA LYS H 316 -36.50 -18.49 7.69
C LYS H 316 -35.96 -18.60 6.30
N ILE H 317 -36.77 -19.14 5.41
CA ILE H 317 -36.41 -19.32 4.01
C ILE H 317 -37.37 -18.47 3.17
N VAL H 318 -36.88 -17.30 2.76
CA VAL H 318 -37.66 -16.36 1.97
C VAL H 318 -37.58 -16.65 0.46
N GLY H 319 -38.72 -16.99 -0.14
CA GLY H 319 -38.73 -17.26 -1.56
C GLY H 319 -39.70 -16.37 -2.32
N HIS H 320 -39.35 -15.09 -2.46
CA HIS H 320 -40.23 -14.16 -3.16
C HIS H 320 -40.13 -14.30 -4.67
N THR H 321 -41.23 -14.04 -5.34
CA THR H 321 -41.30 -14.10 -6.79
C THR H 321 -41.36 -12.69 -7.33
N ASN H 322 -40.65 -12.42 -8.43
CA ASN H 322 -40.66 -11.09 -9.04
C ASN H 322 -39.87 -10.10 -8.21
N VAL H 323 -38.80 -10.57 -7.56
CA VAL H 323 -37.99 -9.67 -6.75
C VAL H 323 -37.77 -8.33 -7.45
N PRO H 324 -37.72 -8.31 -8.81
CA PRO H 324 -37.51 -7.01 -9.48
C PRO H 324 -38.69 -6.07 -9.33
N SER H 325 -39.90 -6.62 -9.19
CA SER H 325 -41.10 -5.82 -9.03
C SER H 325 -41.11 -5.14 -7.65
N ARG H 326 -40.48 -5.79 -6.68
CA ARG H 326 -40.37 -5.27 -5.32
C ARG H 326 -39.53 -4.00 -5.35
N VAL H 327 -39.06 -3.66 -6.54
CA VAL H 327 -38.25 -2.47 -6.74
C VAL H 327 -38.84 -1.77 -7.95
N ALA H 328 -40.09 -2.11 -8.24
CA ALA H 328 -40.85 -1.59 -9.37
C ALA H 328 -40.50 -0.18 -9.82
N ALA H 329 -40.79 0.80 -8.99
CA ALA H 329 -40.53 2.23 -9.24
C ALA H 329 -39.17 2.56 -9.75
N ASP H 330 -38.14 1.84 -9.39
CA ASP H 330 -36.80 2.08 -9.97
C ASP H 330 -36.53 1.10 -11.13
N ALA H 331 -36.99 -0.12 -10.96
CA ALA H 331 -36.94 -1.23 -11.95
C ALA H 331 -37.52 -0.83 -13.31
N SER H 332 -38.78 -0.44 -13.29
CA SER H 332 -39.47 0.00 -14.49
C SER H 332 -38.77 1.06 -15.34
N PRO H 333 -38.28 2.15 -14.73
CA PRO H 333 -37.63 3.09 -15.64
C PRO H 333 -36.39 2.47 -16.32
N LEU H 334 -35.69 1.57 -15.62
CA LEU H 334 -34.53 0.92 -16.20
C LEU H 334 -34.99 0.02 -17.34
N PHE H 335 -36.12 -0.63 -17.16
CA PHE H 335 -36.65 -1.52 -18.18
C PHE H 335 -37.04 -0.67 -19.39
N ALA H 336 -37.80 0.39 -19.15
CA ALA H 336 -38.25 1.27 -20.22
C ALA H 336 -37.14 1.57 -21.22
N LYS H 337 -35.96 1.91 -20.70
CA LYS H 337 -34.80 2.22 -21.53
C LYS H 337 -34.36 1.01 -22.35
N ASN H 338 -33.94 -0.05 -21.66
CA ASN H 338 -33.48 -1.30 -22.28
C ASN H 338 -34.17 -1.54 -23.60
N LEU H 339 -35.47 -1.24 -23.64
CA LEU H 339 -36.25 -1.38 -24.86
C LEU H 339 -35.76 -0.26 -25.78
N LEU H 340 -36.13 0.98 -25.49
CA LEU H 340 -35.71 2.13 -26.29
C LEU H 340 -34.23 2.06 -26.70
N ASN H 341 -33.33 1.88 -25.75
CA ASN H 341 -31.90 1.81 -26.03
C ASN H 341 -31.54 0.68 -26.99
N PHE H 342 -32.51 -0.13 -27.35
CA PHE H 342 -32.31 -1.25 -28.28
C PHE H 342 -32.96 -0.92 -29.59
N LEU H 343 -34.22 -0.43 -29.46
CA LEU H 343 -35.06 -0.12 -30.61
C LEU H 343 -34.46 0.94 -31.54
N THR H 344 -34.39 2.08 -31.22
CA THR H 344 -33.94 3.29 -31.80
C THR H 344 -33.05 3.42 -33.06
N PRO H 345 -31.99 2.59 -33.01
CA PRO H 345 -31.31 2.42 -34.35
C PRO H 345 -32.03 1.47 -35.34
N HIS H 346 -32.87 0.59 -34.81
CA HIS H 346 -33.67 -0.33 -35.61
C HIS H 346 -35.00 0.32 -36.00
N VAL H 347 -34.95 1.61 -36.34
CA VAL H 347 -36.15 2.30 -36.74
C VAL H 347 -35.89 3.45 -37.72
N ASP H 348 -36.51 3.33 -38.89
CA ASP H 348 -36.39 4.32 -39.96
C ASP H 348 -37.23 5.53 -39.51
N LYS H 349 -36.57 6.45 -38.83
CA LYS H 349 -37.19 7.66 -38.30
C LYS H 349 -37.55 8.68 -39.37
N ASP H 350 -36.70 8.81 -40.38
CA ASP H 350 -36.94 9.75 -41.47
C ASP H 350 -38.22 9.37 -42.22
N THR H 351 -38.46 8.07 -42.35
CA THR H 351 -39.65 7.57 -43.06
C THR H 351 -40.74 7.01 -42.15
N LYS H 352 -40.45 6.94 -40.84
CA LYS H 352 -41.40 6.41 -39.85
C LYS H 352 -41.71 4.93 -40.04
N THR H 353 -40.72 4.07 -39.78
CA THR H 353 -40.92 2.63 -39.93
C THR H 353 -39.77 1.78 -39.37
N LEU H 354 -40.09 0.56 -38.94
CA LEU H 354 -39.14 -0.38 -38.35
C LEU H 354 -37.97 -0.86 -39.22
N VAL H 355 -36.90 -0.06 -39.28
CA VAL H 355 -35.72 -0.40 -40.08
C VAL H 355 -34.72 -1.24 -39.29
N MET H 356 -35.24 -2.18 -38.52
CA MET H 356 -34.38 -3.05 -37.71
C MET H 356 -33.37 -3.84 -38.55
N LYS H 357 -32.09 -3.70 -38.20
CA LYS H 357 -31.02 -4.41 -38.89
C LYS H 357 -31.46 -5.88 -38.93
N LEU H 358 -32.04 -6.28 -40.05
CA LEU H 358 -32.55 -7.64 -40.26
C LEU H 358 -31.47 -8.68 -40.07
N GLU H 359 -30.26 -8.22 -39.76
CA GLU H 359 -29.12 -9.10 -39.53
C GLU H 359 -28.23 -8.46 -38.45
N ASP H 360 -28.80 -8.28 -37.26
CA ASP H 360 -28.07 -7.68 -36.13
C ASP H 360 -28.12 -8.56 -34.86
N GLU H 361 -26.95 -8.68 -34.22
CA GLU H 361 -26.79 -9.48 -32.99
C GLU H 361 -28.00 -9.41 -32.05
N THR H 362 -28.77 -8.34 -32.18
CA THR H 362 -29.95 -8.15 -31.38
C THR H 362 -31.09 -8.94 -32.01
N VAL H 363 -31.63 -8.44 -33.11
CA VAL H 363 -32.74 -9.11 -33.81
C VAL H 363 -32.38 -10.56 -34.10
N SER H 364 -31.09 -10.81 -34.29
CA SER H 364 -30.52 -12.13 -34.60
C SER H 364 -30.73 -13.04 -33.42
N GLY H 365 -30.44 -12.44 -32.26
CA GLY H 365 -30.65 -13.10 -31.01
C GLY H 365 -32.11 -13.15 -30.51
N THR H 366 -33.00 -12.35 -30.95
CA THR H 366 -34.31 -11.95 -30.55
C THR H 366 -35.52 -12.69 -31.00
N CYS H 367 -36.04 -12.15 -32.13
CA CYS H 367 -37.32 -12.37 -32.74
C CYS H 367 -37.51 -13.84 -33.04
N VAL H 368 -38.67 -14.32 -32.58
CA VAL H 368 -38.94 -15.76 -32.81
C VAL H 368 -40.12 -15.92 -33.81
N THR H 369 -40.92 -14.86 -33.95
CA THR H 369 -42.08 -14.88 -34.83
C THR H 369 -42.11 -13.70 -35.80
N ARG H 370 -42.41 -14.04 -37.02
CA ARG H 370 -42.45 -13.11 -38.12
C ARG H 370 -43.72 -13.38 -38.93
N ASP H 371 -44.56 -12.40 -38.90
CA ASP H 371 -45.74 -12.45 -39.77
C ASP H 371 -46.42 -13.76 -39.83
N GLY H 372 -47.07 -14.21 -38.71
CA GLY H 372 -47.80 -15.48 -38.89
C GLY H 372 -46.97 -16.72 -38.80
N ALA H 373 -45.72 -16.67 -39.16
CA ALA H 373 -44.81 -17.81 -38.99
C ALA H 373 -43.80 -17.64 -37.83
N ILE H 374 -43.38 -18.81 -37.30
CA ILE H 374 -42.41 -18.85 -36.19
C ILE H 374 -41.02 -19.15 -36.79
N VAL H 375 -40.12 -18.37 -36.15
CA VAL H 375 -38.80 -18.13 -36.54
C VAL H 375 -37.48 -18.65 -36.05
N HIS H 376 -37.47 -18.64 -34.71
CA HIS H 376 -36.14 -18.80 -34.04
C HIS H 376 -35.82 -20.31 -34.11
N PRO H 377 -34.52 -20.83 -34.05
CA PRO H 377 -34.25 -22.27 -33.82
C PRO H 377 -34.49 -22.69 -32.35
N HIS I 2 3.58 3.89 -24.13
CA HIS I 2 4.87 4.63 -23.98
C HIS I 2 4.78 5.86 -23.08
N MET I 3 5.95 6.41 -22.78
CA MET I 3 6.09 7.59 -21.94
C MET I 3 5.52 7.38 -20.55
N ALA I 4 6.37 6.97 -19.63
CA ALA I 4 5.95 6.72 -18.28
C ALA I 4 6.27 7.92 -17.39
N GLY I 5 5.53 8.06 -16.29
CA GLY I 5 5.73 9.14 -15.34
C GLY I 5 5.68 8.60 -13.93
N SER I 6 6.02 9.41 -12.95
CA SER I 6 6.00 8.95 -11.57
C SER I 6 5.00 9.70 -10.71
N ALA I 7 5.13 9.51 -9.40
CA ALA I 7 4.25 10.15 -8.43
C ALA I 7 4.42 11.66 -8.48
N GLU I 8 5.67 12.10 -8.60
CA GLU I 8 5.98 13.53 -8.64
C GLU I 8 5.50 14.16 -9.94
N ASP I 9 5.70 13.45 -11.05
CA ASP I 9 5.28 13.94 -12.35
C ASP I 9 3.78 14.21 -12.26
N ALA I 10 3.05 13.19 -11.82
CA ALA I 10 1.61 13.28 -11.68
C ALA I 10 1.20 14.33 -10.65
N ALA I 11 1.95 14.42 -9.57
CA ALA I 11 1.62 15.41 -8.54
C ALA I 11 1.69 16.83 -9.10
N PHE I 12 2.71 17.09 -9.93
CA PHE I 12 2.88 18.41 -10.54
C PHE I 12 1.76 18.69 -11.53
N ILE I 13 1.52 17.72 -12.41
CA ILE I 13 0.49 17.84 -13.42
C ILE I 13 -0.83 18.27 -12.81
N MET I 14 -1.10 17.83 -11.58
CA MET I 14 -2.38 18.17 -10.96
C MET I 14 -2.51 19.29 -9.92
N LYS I 15 -1.58 19.39 -8.97
CA LYS I 15 -1.70 20.48 -8.01
C LYS I 15 -1.45 21.76 -8.79
N ASN I 16 -1.28 21.60 -10.10
CA ASN I 16 -1.05 22.74 -10.99
C ASN I 16 -2.18 22.90 -11.99
N ALA I 17 -3.03 21.89 -12.10
CA ALA I 17 -4.13 21.98 -13.03
C ALA I 17 -5.17 23.03 -12.60
N SER I 18 -6.21 23.17 -13.39
CA SER I 18 -7.27 24.12 -13.12
C SER I 18 -8.54 23.32 -12.95
N LYS I 19 -8.69 22.33 -13.82
CA LYS I 19 -9.84 21.45 -13.81
C LYS I 19 -9.32 20.05 -14.00
N VAL I 20 -9.88 19.11 -13.24
CA VAL I 20 -9.49 17.71 -13.31
C VAL I 20 -10.77 16.85 -13.28
N ILE I 21 -10.88 15.92 -14.21
CA ILE I 21 -12.04 15.04 -14.25
C ILE I 21 -11.52 13.65 -13.94
N ILE I 22 -11.99 13.07 -12.85
CA ILE I 22 -11.52 11.75 -12.48
C ILE I 22 -12.33 10.63 -13.12
N VAL I 23 -11.63 9.69 -13.73
CA VAL I 23 -12.29 8.57 -14.39
C VAL I 23 -11.83 7.29 -13.71
N PRO I 24 -12.68 6.73 -12.84
CA PRO I 24 -12.40 5.50 -12.10
C PRO I 24 -12.92 4.25 -12.80
N GLY I 25 -12.21 3.13 -12.63
CA GLY I 25 -12.63 1.87 -13.24
C GLY I 25 -12.37 0.67 -12.34
N TYR I 26 -12.80 -0.51 -12.78
CA TYR I 26 -12.63 -1.75 -12.00
C TYR I 26 -11.33 -1.73 -11.21
N GLY I 27 -10.31 -1.17 -11.85
CA GLY I 27 -9.00 -1.08 -11.24
C GLY I 27 -8.98 -0.52 -9.83
N MET I 28 -9.56 0.65 -9.62
CA MET I 28 -9.54 1.23 -8.28
C MET I 28 -10.27 0.30 -7.33
N ALA I 29 -11.38 -0.26 -7.79
CA ALA I 29 -12.16 -1.20 -7.00
C ALA I 29 -11.30 -2.36 -6.55
N VAL I 30 -10.52 -2.91 -7.49
CA VAL I 30 -9.66 -4.05 -7.22
C VAL I 30 -8.58 -3.73 -6.20
N ALA I 31 -8.30 -2.44 -6.05
CA ALA I 31 -7.28 -1.99 -5.14
C ALA I 31 -7.87 -1.28 -3.94
N GLN I 32 -9.17 -1.01 -4.02
CA GLN I 32 -9.85 -0.28 -2.95
C GLN I 32 -9.18 1.08 -2.78
N ALA I 33 -9.06 1.82 -3.89
CA ALA I 33 -8.42 3.13 -3.88
C ALA I 33 -9.32 4.20 -3.27
N GLN I 34 -10.60 4.15 -3.63
CA GLN I 34 -11.62 5.10 -3.17
C GLN I 34 -11.21 6.09 -2.09
N HIS I 35 -10.59 5.60 -1.03
CA HIS I 35 -10.18 6.49 0.05
C HIS I 35 -8.95 7.30 -0.29
N ALA I 36 -8.04 6.70 -1.06
CA ALA I 36 -6.82 7.37 -1.48
C ALA I 36 -7.25 8.49 -2.37
N LEU I 37 -8.00 8.10 -3.39
CA LEU I 37 -8.53 9.00 -4.40
C LEU I 37 -9.17 10.21 -3.79
N ARG I 38 -10.26 9.98 -3.06
CA ARG I 38 -11.02 11.06 -2.44
C ARG I 38 -10.14 11.99 -1.65
N GLU I 39 -8.96 11.52 -1.26
CA GLU I 39 -8.06 12.36 -0.51
C GLU I 39 -7.35 13.26 -1.49
N MET I 40 -6.89 12.67 -2.60
CA MET I 40 -6.22 13.44 -3.64
C MET I 40 -7.22 14.48 -4.06
N ALA I 41 -8.45 14.05 -4.29
CA ALA I 41 -9.53 14.94 -4.68
C ALA I 41 -9.66 16.10 -3.71
N ASP I 42 -9.20 15.93 -2.49
CA ASP I 42 -9.27 17.00 -1.50
C ASP I 42 -8.02 17.89 -1.57
N VAL I 43 -6.87 17.24 -1.56
CA VAL I 43 -5.62 17.97 -1.68
C VAL I 43 -5.86 18.97 -2.79
N LEU I 44 -6.15 18.45 -3.99
CA LEU I 44 -6.44 19.26 -5.15
C LEU I 44 -7.46 20.35 -4.85
N LYS I 45 -8.69 19.94 -4.53
CA LYS I 45 -9.78 20.89 -4.25
C LYS I 45 -9.38 22.09 -3.41
N LYS I 46 -8.73 21.83 -2.28
CA LYS I 46 -8.32 22.92 -1.40
C LYS I 46 -7.38 23.86 -2.16
N GLU I 47 -6.25 23.36 -2.67
CA GLU I 47 -5.33 24.26 -3.37
C GLU I 47 -5.67 24.61 -4.81
N GLY I 48 -6.90 25.07 -5.02
CA GLY I 48 -7.34 25.49 -6.34
C GLY I 48 -8.19 24.58 -7.22
N VAL I 49 -7.57 23.56 -7.81
CA VAL I 49 -8.26 22.65 -8.70
C VAL I 49 -9.74 22.37 -8.51
N GLU I 50 -10.47 22.41 -9.62
CA GLU I 50 -11.90 22.16 -9.67
C GLU I 50 -11.94 20.65 -9.89
N VAL I 51 -12.74 19.91 -9.12
CA VAL I 51 -12.75 18.45 -9.27
C VAL I 51 -14.14 17.82 -9.48
N SER I 52 -14.19 16.80 -10.33
CA SER I 52 -15.44 16.07 -10.62
C SER I 52 -15.12 14.67 -11.08
N TYR I 53 -16.09 13.77 -10.99
CA TYR I 53 -15.87 12.38 -11.38
C TYR I 53 -16.70 11.96 -12.59
N ALA I 54 -16.12 11.09 -13.43
CA ALA I 54 -16.81 10.61 -14.62
C ALA I 54 -17.11 9.13 -14.54
N ILE I 55 -18.24 8.79 -13.95
CA ILE I 55 -18.58 7.39 -13.83
C ILE I 55 -19.14 6.92 -15.16
N HIS I 56 -18.58 5.84 -15.67
CA HIS I 56 -19.04 5.26 -16.93
C HIS I 56 -20.07 4.17 -16.58
N PRO I 57 -21.19 4.12 -17.33
CA PRO I 57 -22.25 3.12 -17.09
C PRO I 57 -21.85 1.66 -16.83
N VAL I 58 -20.64 1.30 -17.27
CA VAL I 58 -20.13 -0.06 -17.09
C VAL I 58 -18.78 -0.17 -16.41
N ALA I 59 -18.30 0.93 -15.89
CA ALA I 59 -17.03 0.95 -15.18
C ALA I 59 -17.19 -0.03 -14.03
N GLY I 60 -16.26 -0.98 -13.95
CA GLY I 60 -16.39 -1.94 -12.90
C GLY I 60 -17.17 -3.15 -13.35
N ARG I 61 -17.64 -3.97 -12.42
CA ARG I 61 -18.10 -5.31 -12.82
C ARG I 61 -19.61 -5.39 -12.69
N MET I 62 -20.14 -4.46 -11.88
CA MET I 62 -21.54 -4.39 -11.52
C MET I 62 -22.14 -3.00 -11.66
N PRO I 63 -23.42 -2.86 -12.01
CA PRO I 63 -24.06 -1.56 -12.06
C PRO I 63 -23.82 -0.74 -10.78
N GLY I 64 -23.04 0.32 -10.88
CA GLY I 64 -22.79 1.15 -9.71
C GLY I 64 -21.59 0.74 -8.87
N HIS I 65 -20.72 -0.09 -9.43
CA HIS I 65 -19.55 -0.54 -8.71
C HIS I 65 -18.70 0.64 -8.24
N MET I 66 -18.64 1.71 -9.02
CA MET I 66 -17.86 2.87 -8.65
C MET I 66 -18.55 3.69 -7.58
N ASN I 67 -19.87 3.79 -7.67
CA ASN I 67 -20.66 4.55 -6.71
C ASN I 67 -20.46 4.02 -5.30
N VAL I 68 -20.75 2.74 -5.09
CA VAL I 68 -20.58 2.13 -3.77
C VAL I 68 -19.23 2.54 -3.20
N LEU I 69 -18.18 2.09 -3.88
CA LEU I 69 -16.82 2.37 -3.48
C LEU I 69 -16.50 3.85 -3.33
N LEU I 70 -17.23 4.71 -4.04
CA LEU I 70 -16.96 6.13 -3.93
C LEU I 70 -17.74 6.70 -2.75
N ALA I 71 -18.94 6.17 -2.54
CA ALA I 71 -19.79 6.61 -1.45
C ALA I 71 -19.22 6.08 -0.15
N GLU I 72 -18.39 5.06 -0.25
CA GLU I 72 -17.77 4.48 0.92
C GLU I 72 -16.64 5.39 1.36
N ALA I 73 -16.07 6.13 0.42
CA ALA I 73 -15.00 7.07 0.70
C ALA I 73 -15.61 8.42 1.06
N ASN I 74 -16.91 8.54 0.79
CA ASN I 74 -17.69 9.74 1.07
C ASN I 74 -17.55 10.89 0.10
N VAL I 75 -17.30 10.55 -1.17
CA VAL I 75 -17.16 11.53 -2.23
C VAL I 75 -18.53 12.16 -2.43
N PRO I 76 -18.61 13.49 -2.37
CA PRO I 76 -19.91 14.13 -2.55
C PRO I 76 -20.62 13.69 -3.82
N TYR I 77 -21.88 13.30 -3.67
CA TYR I 77 -22.70 12.86 -4.78
C TYR I 77 -22.75 13.92 -5.87
N ASP I 78 -22.46 15.16 -5.51
CA ASP I 78 -22.53 16.24 -6.49
C ASP I 78 -21.27 16.49 -7.28
N GLU I 79 -20.21 15.78 -6.94
CA GLU I 79 -18.96 15.91 -7.69
C GLU I 79 -18.96 14.71 -8.62
N VAL I 80 -20.04 13.92 -8.54
CA VAL I 80 -20.19 12.72 -9.34
C VAL I 80 -21.25 12.87 -10.44
N PHE I 81 -20.82 12.78 -11.69
CA PHE I 81 -21.71 12.92 -12.85
C PHE I 81 -21.72 11.66 -13.75
N GLU I 82 -22.80 11.48 -14.52
CA GLU I 82 -22.92 10.33 -15.41
C GLU I 82 -22.09 10.53 -16.67
N LEU I 83 -21.95 9.45 -17.44
CA LEU I 83 -21.20 9.53 -18.67
C LEU I 83 -21.88 10.46 -19.63
N GLU I 84 -23.16 10.19 -19.84
CA GLU I 84 -23.99 10.94 -20.76
C GLU I 84 -24.08 12.45 -20.56
N GLU I 85 -23.33 13.00 -19.60
CA GLU I 85 -23.38 14.45 -19.38
C GLU I 85 -22.09 15.12 -18.95
N ILE I 86 -21.30 14.46 -18.12
CA ILE I 86 -20.04 15.08 -17.70
C ILE I 86 -19.15 15.12 -18.96
N ASN I 87 -19.30 14.08 -19.79
CA ASN I 87 -18.52 13.92 -21.01
C ASN I 87 -18.20 15.18 -21.81
N SER I 88 -19.22 15.76 -22.41
CA SER I 88 -19.05 16.99 -23.19
C SER I 88 -18.45 18.08 -22.31
N SER I 89 -17.21 17.88 -21.88
CA SER I 89 -16.54 18.84 -21.03
C SER I 89 -15.08 18.45 -20.81
N PHE I 90 -14.74 17.22 -21.17
CA PHE I 90 -13.34 16.79 -21.02
C PHE I 90 -12.59 17.81 -21.84
N GLN I 91 -13.28 18.27 -22.89
CA GLN I 91 -12.78 19.27 -23.83
C GLN I 91 -12.00 20.37 -23.10
N THR I 92 -12.64 20.97 -22.11
CA THR I 92 -12.06 22.05 -21.32
C THR I 92 -11.27 21.53 -20.12
N ALA I 93 -11.19 20.21 -19.97
CA ALA I 93 -10.48 19.60 -18.86
C ALA I 93 -8.96 19.78 -19.00
N ASP I 94 -8.35 20.22 -17.91
CA ASP I 94 -6.91 20.43 -17.82
C ASP I 94 -6.21 19.08 -17.80
N VAL I 95 -6.81 18.18 -17.02
CA VAL I 95 -6.28 16.85 -16.82
C VAL I 95 -7.40 15.82 -16.69
N ALA I 96 -7.19 14.64 -17.26
CA ALA I 96 -8.15 13.55 -17.17
C ALA I 96 -7.38 12.51 -16.37
N PHE I 97 -7.87 12.23 -15.18
CA PHE I 97 -7.23 11.28 -14.27
C PHE I 97 -7.86 9.91 -14.32
N VAL I 98 -7.36 9.02 -15.17
CA VAL I 98 -7.96 7.69 -15.24
C VAL I 98 -7.25 6.75 -14.30
N ILE I 99 -8.02 6.14 -13.40
CA ILE I 99 -7.46 5.23 -12.43
C ILE I 99 -8.16 3.89 -12.47
N GLY I 100 -7.46 2.89 -12.98
CA GLY I 100 -8.05 1.57 -13.05
C GLY I 100 -9.08 1.40 -14.14
N ALA I 101 -9.02 2.23 -15.16
CA ALA I 101 -9.98 2.08 -16.24
C ALA I 101 -9.27 2.01 -17.61
N ASN I 102 -9.93 1.34 -18.55
CA ASN I 102 -9.40 1.17 -19.89
C ASN I 102 -10.57 1.32 -20.86
N ASP I 103 -11.23 0.20 -21.14
CA ASP I 103 -12.36 0.16 -22.07
C ASP I 103 -13.22 1.41 -22.09
N VAL I 104 -13.68 1.83 -20.92
CA VAL I 104 -14.54 3.00 -20.81
C VAL I 104 -13.92 4.25 -21.44
N THR I 105 -12.62 4.17 -21.74
CA THR I 105 -11.88 5.28 -22.36
C THR I 105 -11.54 4.95 -23.79
N ASN I 106 -11.33 3.66 -24.08
CA ASN I 106 -10.92 3.12 -25.38
C ASN I 106 -11.76 3.71 -26.51
N PRO I 107 -11.09 4.48 -27.40
CA PRO I 107 -11.66 5.13 -28.58
C PRO I 107 -12.11 4.23 -29.73
N ALA I 108 -11.53 3.04 -29.85
CA ALA I 108 -11.85 2.05 -30.87
C ALA I 108 -13.33 1.78 -31.08
N ALA I 109 -14.12 1.69 -30.06
CA ALA I 109 -15.58 1.52 -30.12
C ALA I 109 -16.36 2.60 -30.80
N LYS I 110 -15.71 3.68 -31.19
CA LYS I 110 -16.42 4.69 -32.01
C LYS I 110 -16.07 4.52 -33.48
N THR I 111 -14.84 4.13 -33.77
CA THR I 111 -14.14 4.11 -35.02
C THR I 111 -13.86 2.73 -35.60
N ASP I 112 -13.39 1.80 -34.84
CA ASP I 112 -12.96 0.44 -35.09
C ASP I 112 -14.08 -0.55 -35.09
N PRO I 113 -14.81 -0.38 -36.21
CA PRO I 113 -16.06 -1.14 -36.47
C PRO I 113 -16.00 -2.62 -36.56
N SER I 114 -14.72 -3.08 -36.45
CA SER I 114 -14.28 -4.38 -36.09
C SER I 114 -14.33 -4.72 -34.62
N SER I 115 -13.67 -3.91 -33.77
CA SER I 115 -13.53 -4.16 -32.32
C SER I 115 -14.84 -4.57 -31.64
N PRO I 116 -14.78 -5.57 -30.75
CA PRO I 116 -15.96 -6.05 -30.03
C PRO I 116 -16.77 -4.91 -29.42
N ILE I 117 -16.06 -3.96 -28.82
CA ILE I 117 -16.70 -2.81 -28.19
C ILE I 117 -17.29 -1.82 -29.18
N TYR I 118 -16.84 -1.87 -30.43
CA TYR I 118 -17.34 -0.92 -31.42
C TYR I 118 -18.84 -0.72 -31.35
N GLY I 119 -19.26 0.33 -30.66
CA GLY I 119 -20.68 0.59 -30.56
C GLY I 119 -21.19 0.80 -29.14
N MET I 120 -20.39 1.45 -28.31
CA MET I 120 -20.76 1.78 -26.93
C MET I 120 -20.10 3.10 -26.52
N PRO I 121 -20.92 4.15 -26.31
CA PRO I 121 -20.38 5.46 -25.93
C PRO I 121 -19.34 5.34 -24.83
N ILE I 122 -18.25 6.08 -24.98
CA ILE I 122 -17.16 6.05 -24.02
C ILE I 122 -16.87 7.45 -23.55
N LEU I 123 -15.99 7.60 -22.57
CA LEU I 123 -15.65 8.93 -22.10
C LEU I 123 -14.58 9.53 -23.01
N ASP I 124 -14.86 10.72 -23.54
CA ASP I 124 -13.95 11.41 -24.44
C ASP I 124 -12.65 11.86 -23.81
N VAL I 125 -12.12 11.09 -22.87
CA VAL I 125 -10.88 11.46 -22.19
C VAL I 125 -9.84 12.21 -23.06
N GLU I 126 -9.50 11.63 -24.21
CA GLU I 126 -8.51 12.21 -25.12
C GLU I 126 -8.72 13.70 -25.40
N LYS I 127 -9.97 14.15 -25.31
CA LYS I 127 -10.26 15.55 -25.57
C LYS I 127 -9.76 16.48 -24.47
N ALA I 128 -9.21 15.90 -23.40
CA ALA I 128 -8.68 16.68 -22.27
C ALA I 128 -7.27 17.09 -22.59
N GLY I 129 -6.70 17.98 -21.80
CA GLY I 129 -5.34 18.41 -22.05
C GLY I 129 -4.36 17.27 -21.98
N THR I 130 -4.07 16.85 -20.75
CA THR I 130 -3.16 15.76 -20.50
C THR I 130 -3.95 14.59 -19.91
N VAL I 131 -3.70 13.39 -20.43
CA VAL I 131 -4.38 12.19 -19.97
C VAL I 131 -3.45 11.33 -19.15
N LEU I 132 -3.85 11.00 -17.94
CA LEU I 132 -3.07 10.16 -17.04
C LEU I 132 -3.77 8.82 -16.85
N PHE I 133 -3.01 7.74 -17.04
CA PHE I 133 -3.56 6.39 -16.86
C PHE I 133 -2.79 5.70 -15.76
N ILE I 134 -3.52 5.30 -14.71
CA ILE I 134 -2.89 4.59 -13.61
C ILE I 134 -3.34 3.16 -13.75
N LYS I 135 -2.38 2.25 -13.56
CA LYS I 135 -2.63 0.81 -13.65
C LYS I 135 -1.40 0.06 -13.23
N ARG I 136 -1.42 -1.25 -13.39
CA ARG I 136 -0.26 -2.02 -13.03
C ARG I 136 0.72 -1.98 -14.21
N SER I 137 0.10 -2.33 -15.34
CA SER I 137 0.82 -2.75 -16.56
C SER I 137 0.20 -2.14 -17.78
N MET I 138 0.58 -2.54 -18.97
CA MET I 138 0.00 -2.19 -20.23
C MET I 138 -1.09 -3.21 -20.61
N ALA I 139 -1.37 -4.16 -19.72
CA ALA I 139 -2.38 -5.18 -19.95
C ALA I 139 -3.66 -4.57 -20.55
N SER I 140 -4.33 -5.35 -21.40
CA SER I 140 -5.56 -4.91 -22.05
C SER I 140 -6.75 -4.90 -21.10
N GLY I 141 -7.84 -4.27 -21.54
CA GLY I 141 -9.04 -4.16 -20.73
C GLY I 141 -9.81 -5.45 -20.47
N TYR I 142 -11.06 -5.46 -20.92
CA TYR I 142 -11.92 -6.62 -20.73
C TYR I 142 -12.16 -7.22 -22.10
N ALA I 143 -12.51 -6.37 -23.06
CA ALA I 143 -12.75 -6.83 -24.42
C ALA I 143 -11.39 -7.23 -24.99
N GLY I 144 -10.42 -7.38 -24.08
CA GLY I 144 -9.09 -7.80 -24.46
C GLY I 144 -8.38 -6.88 -25.43
N VAL I 145 -9.15 -6.04 -26.13
CA VAL I 145 -8.57 -5.13 -27.10
C VAL I 145 -7.49 -4.28 -26.43
N GLU I 146 -6.64 -3.66 -27.25
CA GLU I 146 -5.57 -2.81 -26.76
C GLU I 146 -6.20 -1.43 -26.85
N ASN I 147 -5.68 -0.48 -26.08
CA ASN I 147 -6.25 0.86 -26.14
C ASN I 147 -5.30 1.78 -26.90
N GLU I 148 -5.75 2.23 -28.06
CA GLU I 148 -4.94 3.09 -28.90
C GLU I 148 -4.70 4.44 -28.29
N LEU I 149 -4.91 4.54 -26.99
CA LEU I 149 -4.71 5.81 -26.31
C LEU I 149 -3.37 5.86 -25.59
N PHE I 150 -2.95 4.73 -25.02
CA PHE I 150 -1.69 4.70 -24.31
C PHE I 150 -0.54 5.07 -25.20
N PHE I 151 -0.83 5.50 -26.42
CA PHE I 151 0.21 5.87 -27.37
C PHE I 151 0.08 7.27 -27.94
N ARG I 152 -0.96 8.00 -27.56
CA ARG I 152 -1.15 9.34 -28.08
C ARG I 152 -0.22 10.34 -27.40
N ASN I 153 0.08 11.43 -28.11
CA ASN I 153 0.99 12.46 -27.60
C ASN I 153 0.44 13.45 -26.58
N ASN I 154 -0.27 12.94 -25.58
CA ASN I 154 -0.81 13.74 -24.48
C ASN I 154 -1.21 12.80 -23.35
N THR I 155 -0.78 11.55 -23.50
CA THR I 155 -1.04 10.50 -22.52
C THR I 155 0.25 10.19 -21.78
N MET I 156 0.13 9.90 -20.49
CA MET I 156 1.27 9.55 -19.65
C MET I 156 0.88 8.30 -18.85
N MET I 157 1.85 7.47 -18.51
CA MET I 157 1.56 6.26 -17.76
C MET I 157 2.14 6.36 -16.37
N LEU I 158 1.38 5.95 -15.37
CA LEU I 158 1.86 5.98 -14.00
C LEU I 158 1.58 4.61 -13.42
N PHE I 159 2.42 3.65 -13.78
CA PHE I 159 2.30 2.25 -13.34
C PHE I 159 2.40 2.00 -11.83
N GLY I 160 1.43 1.25 -11.32
CA GLY I 160 1.39 0.95 -9.90
C GLY I 160 -0.01 0.51 -9.50
N ASP I 161 -0.13 0.06 -8.26
CA ASP I 161 -1.41 -0.39 -7.76
C ASP I 161 -2.26 0.83 -7.42
N ALA I 162 -3.30 1.04 -8.23
CA ALA I 162 -4.23 2.16 -8.07
C ALA I 162 -4.14 2.65 -6.66
N LYS I 163 -4.42 1.76 -5.73
CA LYS I 163 -4.37 2.10 -4.33
C LYS I 163 -3.05 2.78 -3.92
N LYS I 164 -1.93 2.08 -4.08
CA LYS I 164 -0.65 2.65 -3.68
C LYS I 164 -0.20 3.84 -4.53
N MET I 165 -0.18 3.66 -5.84
CA MET I 165 0.23 4.72 -6.73
C MET I 165 -0.41 6.07 -6.33
N THR I 166 -1.71 6.05 -6.08
CA THR I 166 -2.40 7.27 -5.70
C THR I 166 -1.89 7.85 -4.38
N GLU I 167 -1.51 6.98 -3.44
CA GLU I 167 -1.02 7.42 -2.13
C GLU I 167 0.30 8.18 -2.25
N GLN I 168 1.16 7.73 -3.16
CA GLN I 168 2.44 8.36 -3.41
C GLN I 168 2.17 9.71 -4.06
N ILE I 169 1.15 9.73 -4.92
CA ILE I 169 0.76 10.96 -5.59
C ILE I 169 0.43 11.98 -4.52
N VAL I 170 -0.49 11.60 -3.64
CA VAL I 170 -0.95 12.45 -2.54
C VAL I 170 0.16 12.82 -1.57
N GLN I 171 1.08 11.90 -1.35
CA GLN I 171 2.18 12.15 -0.44
C GLN I 171 3.08 13.18 -1.12
N ALA I 172 3.39 12.90 -2.38
CA ALA I 172 4.21 13.79 -3.18
C ALA I 172 3.60 15.19 -3.09
N MET I 173 2.38 15.33 -3.61
CA MET I 173 1.66 16.60 -3.64
C MET I 173 1.92 17.57 -2.52
N ASN I 174 1.08 17.56 -1.49
CA ASN I 174 1.19 18.49 -0.36
C ASN I 174 0.79 19.91 -0.78
#